data_9ELF
#
_entry.id   9ELF
#
_cell.length_a   1.00
_cell.length_b   1.00
_cell.length_c   1.00
_cell.angle_alpha   90.00
_cell.angle_beta   90.00
_cell.angle_gamma   90.00
#
_symmetry.space_group_name_H-M   'P 1'
#
loop_
_entity.id
_entity.type
_entity.pdbx_description
1 polymer 'Processed angiotensin-converting enzyme 2'
2 polymer 'Spike glycoprotein'
3 branched 2-acetamido-2-deoxy-beta-D-glucopyranose-(1-4)-2-acetamido-2-deoxy-beta-D-glucopyranose
4 branched beta-D-mannopyranose-(1-4)-2-acetamido-2-deoxy-beta-D-glucopyranose-(1-4)-2-acetamido-2-deoxy-beta-D-glucopyranose
5 non-polymer 2-acetamido-2-deoxy-beta-D-glucopyranose
#
loop_
_entity_poly.entity_id
_entity_poly.type
_entity_poly.pdbx_seq_one_letter_code
_entity_poly.pdbx_strand_id
1 'polypeptide(L)'
;STIEEQAKTFLDKFNHEAEDLFYQSSLASWNYNTNITEENVQNMNNAGDKWSAFLKEQSTLAQMYPLQEIQNLTVKLQLQ
ALQQNGSSVLSEDKSKRLNTILNTMSTIYSTGKVCNPDNPQECLLLEPGLNEIMANSLDYNERLWAWESWRSEVGKQLRP
LYEEYVVLKNEMARANHYEDYGDYWRGDYEVNGVDGYDYSRGQLIEDVEHTFEEIKPLYEHLHAYVRAKLMNAYPSYISP
IGCLPAHLLGDMWGRFWTNLYSLTVPFGQKPNIDVTDAMVDQAWDAQRIFKEAEKFFVSVGLPNMTQGFWENSMLTDPGN
VQKAVCHPTAWDLGKGDFRILMCTKVTMDDFLTAHHEMGHIQYDMAYAAQPFLLRNGANEGFHEAVGEIMSLSAATPKHL
KSIGLLSPDFQEDNETEINFLLKQALTIVGTLPFTYMLEKWRWMVFKGEIPKDQWMKKWWEMKREIVGVVEPVPHDETYC
DPASLFHVSNDYSFIRYYTRTLYQFQFQEALCQAAKHEGPLHKCDISNSTEAGQKLFNMLRLGKSEPWTLALENVVGAKN
MNVRPLLNYFEPLFTWLKDQNKNSFVGWSTDWSPYADHHHHHH
;
A,C
2 'polypeptide(L)'
;MFVFLVLLPLVSSQCVNLITTTQSYTNFTRGVYYPDKVFRSSVLHLTQDLFLPFFSNVTWFHAISGTNGTKRFDNPVLPF
NDGVYFASTEKSNIIRGWIFGTTLDSKTQSLLIVNNATNVFIKVCEFQFCNDPFLDVYHKNNKSWMESESGVYSSANNCT
FEYVSQPFLMDLEGKQGNFKNLREFVFKNIDGYFKIYSKHTPIIGRDFPQGFSALEPLVDLPIGINITRFQTLLALNRSY
LTPGDSSSGWTAGAADYYVGYLQPRTFLLKYNENGTITDAVDCALDPLSETKCTLKSFTVEKGIYQTSNFRVQPTESIVR
FPNVTNLCPFHEVFNATRFASVYAWNRTRISNCVADYSVLYNFAPFFAFKCYGVSPTKLNDLCFTNVYADSFVIKGNEVS
QIAPGQTGNIADYNYKLPDDFTGCVIAWNSNKLDSKHSGNYDYWYRSLRKSKLKPFERDISTEIYQAGNKPCKGKGPNCY
FPLESYGFRPTYGVGHQPYRVVVLSFELLHAPATVCGPKKSTNLVKNKCVNFNFNGLTGTGVLTKSNKKFLPFQQFGRDI
VDTTDAVRDPQTLEILDITPCSFGGVSVITPGTNTSNQVAVLYQGVNCTEVSVAIHADQLTPTWRVYSTGSNVFQTRAGC
LIGAEYVNNSYECDIPIGAGICASYQTQTKSRGSASSVASQSIIAYTMSLGAENSVAYSNNSIAIPTNFTISVTTEILPV
SMTKTSVDCTMYICGDSTECSNLLLQYGSFCTQLKRALTGIAVEQDKNTQEVFAQVKQIYKTPPIKYFGGFNFSQILPDP
SKPSKRSPIEDLLFNKVTLADAGFIKQYGDCLGDIAARDLICAQKFNGLTVLPPLLTDEMIAQYTSALLAGTITSGWTFG
AGPALQIPFPMQMAYRFNGIGVTQNVLYENQKLIANQFNSAIGKIQDSLFSTPSALGKLQDVVNHNAQALNTLVKQLSSK
FGAISSVLNDILSRLDPPEAEVQIDRLITGRLQSLQTYVTQQLIRAAEIRASANLAATKMSECVLGQSKRVDFCGKGYHL
MSFPQSAPHGVVFLHVTYVPAQEKNFTTAPAICHDGKAHFPREGVFVSNGTHWFLTQRNFYEPQIITTDNTFVSGNCDVV
IGIVNNTVYDPLQLELDSFKEELDKYFKNHTSPDVDLGDISGINASVVNIQKEIDRLNEVAKNLNESLIDLQELGKYEQ
;
E,F,G
#
loop_
_chem_comp.id
_chem_comp.type
_chem_comp.name
_chem_comp.formula
BMA D-saccharide, beta linking beta-D-mannopyranose 'C6 H12 O6'
NAG D-saccharide, beta linking 2-acetamido-2-deoxy-beta-D-glucopyranose 'C8 H15 N O6'
#
# COMPACT_ATOMS: atom_id res chain seq x y z
N SER A 1 -29.04 -29.35 -44.62
CA SER A 1 -29.45 -29.82 -45.95
C SER A 1 -30.89 -30.36 -45.95
N THR A 2 -31.66 -30.03 -44.91
CA THR A 2 -33.06 -30.43 -44.80
C THR A 2 -33.92 -29.32 -45.38
N ILE A 3 -35.23 -29.51 -45.34
CA ILE A 3 -36.15 -28.59 -46.00
C ILE A 3 -36.11 -27.21 -45.36
N GLU A 4 -36.14 -27.12 -44.02
CA GLU A 4 -36.12 -25.80 -43.37
C GLU A 4 -34.86 -24.98 -43.68
N GLU A 5 -33.68 -25.60 -43.67
CA GLU A 5 -32.44 -24.83 -43.91
C GLU A 5 -32.31 -24.42 -45.37
N GLN A 6 -32.73 -25.31 -46.28
CA GLN A 6 -32.65 -24.97 -47.69
C GLN A 6 -33.69 -23.92 -48.00
N ALA A 7 -34.84 -24.00 -47.32
CA ALA A 7 -35.90 -23.02 -47.52
C ALA A 7 -35.42 -21.65 -47.06
N LYS A 8 -34.67 -21.61 -45.96
CA LYS A 8 -34.13 -20.34 -45.43
C LYS A 8 -33.18 -19.72 -46.45
N THR A 9 -32.29 -20.53 -47.05
CA THR A 9 -31.32 -20.03 -48.03
C THR A 9 -32.04 -19.53 -49.29
N PHE A 10 -33.00 -20.32 -49.76
CA PHE A 10 -33.80 -19.99 -50.94
C PHE A 10 -34.55 -18.67 -50.76
N LEU A 11 -35.28 -18.50 -49.65
CA LEU A 11 -36.02 -17.26 -49.48
C LEU A 11 -35.10 -16.06 -49.31
N ASP A 12 -33.95 -16.19 -48.64
CA ASP A 12 -33.10 -15.01 -48.51
C ASP A 12 -32.63 -14.55 -49.89
N LYS A 13 -32.28 -15.51 -50.75
CA LYS A 13 -31.84 -15.14 -52.10
C LYS A 13 -32.99 -14.49 -52.86
N PHE A 14 -34.19 -15.05 -52.70
CA PHE A 14 -35.38 -14.55 -53.37
C PHE A 14 -35.65 -13.13 -52.91
N ASN A 15 -35.55 -12.86 -51.61
CA ASN A 15 -35.82 -11.51 -51.12
C ASN A 15 -34.81 -10.53 -51.70
N HIS A 16 -33.55 -10.91 -51.87
CA HIS A 16 -32.60 -9.94 -52.42
C HIS A 16 -32.93 -9.63 -53.88
N GLU A 17 -33.12 -10.69 -54.68
CA GLU A 17 -33.42 -10.49 -56.09
C GLU A 17 -34.78 -9.85 -56.27
N ALA A 18 -35.73 -10.20 -55.42
CA ALA A 18 -37.07 -9.64 -55.50
C ALA A 18 -37.05 -8.16 -55.24
N GLU A 19 -36.23 -7.71 -54.28
CA GLU A 19 -36.18 -6.27 -54.04
C GLU A 19 -35.63 -5.57 -55.27
N ASP A 20 -34.59 -6.14 -55.89
CA ASP A 20 -34.04 -5.41 -57.02
C ASP A 20 -34.95 -5.47 -58.24
N LEU A 21 -35.55 -6.63 -58.52
CA LEU A 21 -36.41 -6.76 -59.69
C LEU A 21 -37.75 -6.05 -59.55
N PHE A 22 -38.40 -6.14 -58.38
CA PHE A 22 -39.64 -5.41 -58.21
C PHE A 22 -39.33 -3.93 -58.32
N TYR A 23 -38.23 -3.49 -57.68
CA TYR A 23 -37.87 -2.07 -57.73
C TYR A 23 -37.77 -1.62 -59.17
N GLN A 24 -37.12 -2.41 -60.03
CA GLN A 24 -37.02 -1.99 -61.43
C GLN A 24 -38.43 -1.84 -62.02
N SER A 25 -39.33 -2.76 -61.67
CA SER A 25 -40.71 -2.66 -62.18
C SER A 25 -41.45 -1.44 -61.60
N SER A 26 -41.30 -1.21 -60.30
CA SER A 26 -41.99 -0.11 -59.64
C SER A 26 -41.46 1.23 -60.11
N LEU A 27 -40.18 1.29 -60.46
CA LEU A 27 -39.62 2.51 -61.00
C LEU A 27 -40.20 2.74 -62.38
N ALA A 28 -40.25 1.68 -63.20
CA ALA A 28 -40.77 1.84 -64.55
C ALA A 28 -42.22 2.30 -64.50
N SER A 29 -43.00 1.77 -63.54
CA SER A 29 -44.40 2.15 -63.42
C SER A 29 -44.55 3.59 -62.97
N TRP A 30 -43.80 4.00 -61.94
CA TRP A 30 -43.85 5.39 -61.48
C TRP A 30 -43.47 6.33 -62.60
N ASN A 31 -42.33 6.07 -63.24
CA ASN A 31 -41.79 6.96 -64.26
C ASN A 31 -42.79 7.07 -65.40
N TYR A 32 -43.43 5.94 -65.77
CA TYR A 32 -44.42 5.96 -66.83
C TYR A 32 -45.60 6.84 -66.46
N ASN A 33 -46.19 6.63 -65.26
CA ASN A 33 -47.36 7.42 -64.91
C ASN A 33 -46.99 8.90 -64.85
N THR A 34 -45.78 9.18 -64.39
CA THR A 34 -45.28 10.56 -64.32
C THR A 34 -45.10 11.17 -65.71
N ASN A 35 -44.53 10.38 -66.65
CA ASN A 35 -44.24 10.82 -68.01
C ASN A 35 -44.54 9.69 -68.98
N ILE A 36 -45.62 9.84 -69.76
CA ILE A 36 -46.12 8.81 -70.68
C ILE A 36 -45.34 8.86 -71.99
N THR A 37 -44.51 7.85 -72.21
CA THR A 37 -43.66 7.77 -73.39
C THR A 37 -43.66 6.33 -73.88
N GLU A 38 -43.21 6.15 -75.12
CA GLU A 38 -43.06 4.80 -75.67
C GLU A 38 -42.01 4.02 -74.89
N GLU A 39 -40.93 4.70 -74.50
CA GLU A 39 -39.84 4.07 -73.76
C GLU A 39 -40.32 3.60 -72.40
N ASN A 40 -41.16 4.38 -71.75
CA ASN A 40 -41.62 4.02 -70.43
C ASN A 40 -42.55 2.82 -70.52
N VAL A 41 -43.27 2.67 -71.64
CA VAL A 41 -44.08 1.48 -71.82
C VAL A 41 -43.17 0.27 -71.93
N GLN A 42 -42.08 0.38 -72.71
CA GLN A 42 -41.16 -0.75 -72.81
C GLN A 42 -40.53 -1.06 -71.47
N ASN A 43 -40.21 -0.04 -70.66
CA ASN A 43 -39.61 -0.32 -69.36
C ASN A 43 -40.62 -1.06 -68.48
N MET A 44 -41.89 -0.65 -68.54
CA MET A 44 -42.91 -1.33 -67.75
C MET A 44 -43.09 -2.76 -68.21
N ASN A 45 -43.11 -2.98 -69.53
CA ASN A 45 -43.36 -4.32 -70.05
C ASN A 45 -42.19 -5.24 -69.79
N ASN A 46 -40.96 -4.73 -69.93
CA ASN A 46 -39.80 -5.58 -69.74
C ASN A 46 -39.60 -5.90 -68.28
N ALA A 47 -39.78 -4.91 -67.40
CA ALA A 47 -39.60 -5.16 -65.98
C ALA A 47 -40.71 -6.09 -65.49
N GLY A 48 -41.93 -5.88 -65.99
CA GLY A 48 -43.05 -6.71 -65.58
C GLY A 48 -42.88 -8.15 -65.99
N ASP A 49 -42.52 -8.39 -67.25
CA ASP A 49 -42.41 -9.78 -67.71
C ASP A 49 -41.21 -10.48 -67.07
N LYS A 50 -40.11 -9.77 -66.87
CA LYS A 50 -38.94 -10.41 -66.26
C LYS A 50 -39.26 -10.75 -64.81
N TRP A 51 -39.87 -9.81 -64.08
CA TRP A 51 -40.25 -10.03 -62.70
C TRP A 51 -41.27 -11.17 -62.60
N SER A 52 -42.27 -11.19 -63.48
CA SER A 52 -43.27 -12.26 -63.43
C SER A 52 -42.63 -13.62 -63.69
N ALA A 53 -41.73 -13.70 -64.68
CA ALA A 53 -41.05 -14.97 -64.98
C ALA A 53 -40.24 -15.40 -63.76
N PHE A 54 -39.62 -14.42 -63.11
CA PHE A 54 -38.86 -14.65 -61.89
C PHE A 54 -39.78 -15.24 -60.81
N LEU A 55 -40.95 -14.63 -60.61
CA LEU A 55 -41.87 -15.14 -59.58
C LEU A 55 -42.36 -16.55 -59.90
N LYS A 56 -42.63 -16.83 -61.18
CA LYS A 56 -43.10 -18.15 -61.57
C LYS A 56 -42.02 -19.21 -61.34
N GLU A 57 -40.79 -18.88 -61.70
CA GLU A 57 -39.69 -19.82 -61.50
C GLU A 57 -39.44 -20.06 -60.03
N GLN A 58 -39.53 -19.01 -59.22
CA GLN A 58 -39.25 -19.21 -57.81
C GLN A 58 -40.39 -19.96 -57.14
N SER A 59 -41.63 -19.77 -57.61
CA SER A 59 -42.74 -20.55 -57.06
C SER A 59 -42.52 -22.02 -57.36
N THR A 60 -42.08 -22.33 -58.60
CA THR A 60 -41.81 -23.72 -58.95
C THR A 60 -40.72 -24.29 -58.05
N LEU A 61 -39.66 -23.52 -57.80
CA LEU A 61 -38.63 -24.02 -56.89
C LEU A 61 -39.15 -24.10 -55.46
N ALA A 62 -40.06 -23.21 -55.08
CA ALA A 62 -40.64 -23.24 -53.74
C ALA A 62 -41.35 -24.56 -53.50
N GLN A 63 -41.91 -25.15 -54.56
CA GLN A 63 -42.66 -26.39 -54.42
C GLN A 63 -41.83 -27.58 -53.94
N MET A 64 -40.50 -27.52 -54.00
CA MET A 64 -39.65 -28.63 -53.57
C MET A 64 -39.32 -28.56 -52.09
N TYR A 65 -39.90 -27.60 -51.35
CA TYR A 65 -39.68 -27.41 -49.91
C TYR A 65 -41.02 -27.50 -49.20
N PRO A 66 -41.52 -28.73 -48.94
CA PRO A 66 -42.88 -28.91 -48.40
C PRO A 66 -43.14 -28.12 -47.13
N LEU A 67 -44.33 -27.49 -47.09
CA LEU A 67 -44.71 -26.65 -45.97
C LEU A 67 -44.85 -27.42 -44.67
N GLN A 68 -45.36 -28.65 -44.73
CA GLN A 68 -45.61 -29.45 -43.53
C GLN A 68 -44.37 -29.96 -42.82
N GLU A 69 -43.18 -29.89 -43.43
CA GLU A 69 -41.96 -30.37 -42.80
C GLU A 69 -41.18 -29.28 -42.09
N ILE A 70 -41.58 -28.01 -42.24
CA ILE A 70 -40.84 -26.86 -41.73
C ILE A 70 -41.32 -26.44 -40.35
N GLN A 71 -40.39 -26.35 -39.39
CA GLN A 71 -40.68 -26.02 -38.00
C GLN A 71 -40.39 -24.55 -37.68
N ASN A 72 -39.92 -23.77 -38.66
CA ASN A 72 -39.50 -22.38 -38.44
C ASN A 72 -40.67 -21.41 -38.33
N LEU A 73 -41.79 -21.71 -39.01
CA LEU A 73 -42.99 -20.87 -39.11
C LEU A 73 -42.83 -19.62 -39.97
N THR A 74 -41.78 -18.81 -39.77
CA THR A 74 -41.65 -17.60 -40.58
C THR A 74 -41.46 -17.93 -42.07
N VAL A 75 -40.58 -18.88 -42.39
CA VAL A 75 -40.38 -19.25 -43.78
C VAL A 75 -41.61 -20.02 -44.25
N LYS A 76 -42.20 -20.81 -43.37
CA LYS A 76 -43.43 -21.51 -43.77
C LYS A 76 -44.38 -20.46 -44.36
N LEU A 77 -44.69 -19.43 -43.58
CA LEU A 77 -45.65 -18.42 -44.01
C LEU A 77 -45.20 -17.77 -45.31
N GLN A 78 -43.90 -17.49 -45.44
CA GLN A 78 -43.40 -16.89 -46.69
C GLN A 78 -43.62 -17.84 -47.86
N LEU A 79 -43.41 -19.14 -47.63
CA LEU A 79 -43.70 -20.11 -48.67
C LEU A 79 -45.19 -20.16 -48.96
N GLN A 80 -46.05 -20.07 -47.94
CA GLN A 80 -47.47 -20.12 -48.24
C GLN A 80 -47.85 -18.97 -49.17
N ALA A 81 -47.23 -17.80 -48.96
CA ALA A 81 -47.46 -16.69 -49.87
C ALA A 81 -46.99 -17.00 -51.29
N LEU A 82 -45.89 -17.78 -51.41
CA LEU A 82 -45.28 -18.14 -52.70
C LEU A 82 -45.77 -19.42 -53.40
N GLN A 83 -46.22 -20.42 -52.63
CA GLN A 83 -46.60 -21.75 -53.12
C GLN A 83 -47.81 -21.80 -54.03
N GLN A 84 -48.74 -20.85 -53.96
CA GLN A 84 -49.96 -20.99 -54.75
C GLN A 84 -49.65 -21.09 -56.24
N ASN A 85 -50.22 -22.13 -56.86
CA ASN A 85 -49.93 -22.46 -58.26
C ASN A 85 -50.34 -21.37 -59.22
N GLY A 86 -51.50 -20.77 -59.00
CA GLY A 86 -52.00 -19.78 -59.94
C GLY A 86 -52.27 -20.43 -61.29
N SER A 87 -51.63 -19.93 -62.34
CA SER A 87 -51.80 -20.44 -63.70
C SER A 87 -50.99 -21.69 -64.04
N SER A 88 -50.10 -22.18 -63.16
CA SER A 88 -49.27 -23.31 -63.56
C SER A 88 -50.02 -24.64 -63.68
N VAL A 89 -51.18 -24.78 -63.03
CA VAL A 89 -51.94 -26.04 -63.12
C VAL A 89 -52.97 -25.96 -64.24
N LEU A 90 -53.56 -24.79 -64.44
CA LEU A 90 -54.58 -24.60 -65.46
C LEU A 90 -54.03 -24.85 -66.86
N SER A 91 -54.82 -25.54 -67.68
CA SER A 91 -54.44 -25.86 -69.05
C SER A 91 -54.05 -24.59 -69.81
N GLU A 92 -53.06 -24.74 -70.70
CA GLU A 92 -52.53 -23.60 -71.43
C GLU A 92 -53.59 -22.85 -72.23
N ASP A 93 -54.55 -23.57 -72.83
CA ASP A 93 -55.54 -22.85 -73.62
C ASP A 93 -56.51 -22.11 -72.71
N LYS A 94 -56.79 -22.67 -71.54
CA LYS A 94 -57.69 -22.00 -70.61
C LYS A 94 -56.99 -20.79 -69.99
N SER A 95 -55.69 -20.90 -69.72
CA SER A 95 -54.95 -19.78 -69.17
C SER A 95 -54.89 -18.64 -70.18
N LYS A 96 -54.58 -18.98 -71.44
CA LYS A 96 -54.52 -17.94 -72.48
C LYS A 96 -55.88 -17.28 -72.66
N ARG A 97 -56.96 -18.08 -72.64
CA ARG A 97 -58.28 -17.49 -72.80
C ARG A 97 -58.66 -16.67 -71.57
N LEU A 98 -58.27 -17.11 -70.38
CA LEU A 98 -58.59 -16.36 -69.17
C LEU A 98 -57.90 -15.00 -69.19
N ASN A 99 -56.65 -14.94 -69.62
CA ASN A 99 -55.99 -13.63 -69.67
C ASN A 99 -56.61 -12.79 -70.78
N THR A 100 -56.99 -13.42 -71.89
CA THR A 100 -57.60 -12.68 -72.99
C THR A 100 -58.95 -12.12 -72.58
N ILE A 101 -59.76 -12.92 -71.88
CA ILE A 101 -61.10 -12.47 -71.50
C ILE A 101 -61.01 -11.40 -70.43
N LEU A 102 -60.05 -11.50 -69.50
CA LEU A 102 -59.92 -10.41 -68.53
C LEU A 102 -59.55 -9.11 -69.22
N ASN A 103 -58.60 -9.17 -70.17
CA ASN A 103 -58.22 -7.97 -70.87
C ASN A 103 -59.37 -7.42 -71.70
N THR A 104 -60.17 -8.33 -72.27
CA THR A 104 -61.32 -7.93 -73.08
C THR A 104 -62.39 -7.27 -72.22
N MET A 105 -62.71 -7.86 -71.05
CA MET A 105 -63.70 -7.28 -70.17
C MET A 105 -63.27 -5.89 -69.71
N SER A 106 -61.99 -5.74 -69.38
CA SER A 106 -61.50 -4.44 -68.95
C SER A 106 -61.59 -3.44 -70.10
N THR A 107 -61.19 -3.87 -71.29
CA THR A 107 -61.23 -3.01 -72.47
C THR A 107 -62.66 -2.57 -72.78
N ILE A 108 -63.61 -3.51 -72.76
CA ILE A 108 -64.99 -3.14 -73.09
C ILE A 108 -65.53 -2.18 -72.05
N TYR A 109 -65.32 -2.48 -70.77
CA TYR A 109 -65.78 -1.60 -69.70
C TYR A 109 -65.26 -0.18 -69.85
N SER A 110 -63.95 -0.04 -70.10
CA SER A 110 -63.32 1.27 -70.18
C SER A 110 -63.46 1.97 -71.52
N THR A 111 -63.85 1.26 -72.59
CA THR A 111 -64.01 1.88 -73.90
C THR A 111 -65.46 1.89 -74.38
N GLY A 112 -66.33 1.06 -73.80
CA GLY A 112 -67.72 1.09 -74.22
C GLY A 112 -68.39 2.31 -73.61
N LYS A 113 -69.16 3.01 -74.44
CA LYS A 113 -69.81 4.25 -74.03
C LYS A 113 -71.32 4.15 -74.19
N VAL A 114 -72.01 5.02 -73.47
CA VAL A 114 -73.47 5.10 -73.50
C VAL A 114 -73.82 6.37 -74.26
N CYS A 115 -74.50 6.21 -75.39
CA CYS A 115 -74.81 7.34 -76.25
C CYS A 115 -75.88 8.23 -75.62
N ASN A 116 -75.65 9.55 -75.66
CA ASN A 116 -76.51 10.53 -75.03
C ASN A 116 -77.93 10.46 -75.62
N PRO A 117 -78.97 10.91 -74.84
CA PRO A 117 -80.37 10.84 -75.28
C PRO A 117 -80.64 11.33 -76.70
N CYS A 123 -70.71 9.71 -77.95
CA CYS A 123 -71.31 8.90 -76.91
C CYS A 123 -70.46 9.08 -75.64
N LEU A 124 -71.05 8.86 -74.47
CA LEU A 124 -70.43 9.16 -73.18
C LEU A 124 -70.01 7.91 -72.42
N LEU A 125 -68.78 7.94 -71.89
CA LEU A 125 -68.29 6.84 -71.07
C LEU A 125 -68.97 6.87 -69.71
N LEU A 126 -69.35 5.70 -69.22
CA LEU A 126 -69.98 5.60 -67.90
C LEU A 126 -69.11 6.16 -66.78
N GLU A 127 -67.83 5.76 -66.72
CA GLU A 127 -66.93 6.19 -65.64
C GLU A 127 -65.97 7.28 -66.09
N PRO A 128 -66.00 8.51 -65.53
CA PRO A 128 -66.94 9.13 -64.57
C PRO A 128 -68.10 9.93 -65.18
N GLY A 129 -68.18 10.05 -66.50
CA GLY A 129 -69.09 10.99 -67.14
C GLY A 129 -70.56 10.88 -66.79
N LEU A 130 -71.14 9.72 -67.14
CA LEU A 130 -72.57 9.51 -66.93
C LEU A 130 -72.89 9.49 -65.43
N ASN A 131 -72.00 8.92 -64.62
CA ASN A 131 -72.23 8.91 -63.18
C ASN A 131 -72.28 10.34 -62.64
N GLU A 132 -71.40 11.21 -63.14
CA GLU A 132 -71.40 12.60 -62.70
C GLU A 132 -72.68 13.30 -63.12
N ILE A 133 -73.16 13.01 -64.33
CA ILE A 133 -74.38 13.65 -64.80
C ILE A 133 -75.55 13.23 -63.91
N MET A 134 -75.63 11.92 -63.63
CA MET A 134 -76.72 11.43 -62.81
C MET A 134 -76.66 12.04 -61.42
N ALA A 135 -75.44 12.16 -60.89
CA ALA A 135 -75.26 12.70 -59.55
C ALA A 135 -75.69 14.15 -59.47
N ASN A 136 -75.44 14.93 -60.52
CA ASN A 136 -75.80 16.34 -60.50
C ASN A 136 -77.18 16.62 -61.06
N SER A 137 -77.72 15.73 -61.88
CA SER A 137 -79.04 15.95 -62.46
C SER A 137 -80.14 15.89 -61.41
N LEU A 138 -81.17 16.73 -61.60
CA LEU A 138 -82.36 16.74 -60.74
C LEU A 138 -83.57 16.05 -61.37
N ASP A 139 -83.44 15.41 -62.53
CA ASP A 139 -84.55 14.75 -63.22
C ASP A 139 -84.38 13.23 -63.17
N TYR A 140 -85.21 12.57 -62.38
CA TYR A 140 -85.09 11.11 -62.22
C TYR A 140 -85.29 10.38 -63.54
N ASN A 141 -85.98 11.00 -64.51
CA ASN A 141 -86.23 10.31 -65.77
C ASN A 141 -84.92 10.17 -66.55
N GLU A 142 -83.98 11.09 -66.34
CA GLU A 142 -82.71 11.00 -67.04
C GLU A 142 -81.88 9.89 -66.42
N ARG A 143 -81.92 9.74 -65.09
CA ARG A 143 -81.19 8.66 -64.45
C ARG A 143 -81.76 7.31 -64.88
N LEU A 144 -83.09 7.23 -64.98
CA LEU A 144 -83.74 5.99 -65.41
C LEU A 144 -83.32 5.65 -66.83
N TRP A 145 -83.36 6.66 -67.71
CA TRP A 145 -82.91 6.47 -69.07
C TRP A 145 -81.46 6.01 -69.09
N ALA A 146 -80.60 6.65 -68.29
CA ALA A 146 -79.19 6.31 -68.28
C ALA A 146 -78.98 4.85 -67.92
N TRP A 147 -79.75 4.34 -66.95
CA TRP A 147 -79.59 2.95 -66.57
C TRP A 147 -80.02 2.04 -67.71
N GLU A 148 -81.17 2.33 -68.33
CA GLU A 148 -81.62 1.49 -69.43
C GLU A 148 -80.67 1.59 -70.63
N SER A 149 -80.20 2.79 -70.93
CA SER A 149 -79.32 2.99 -72.07
C SER A 149 -78.01 2.23 -71.88
N TRP A 150 -77.43 2.28 -70.66
CA TRP A 150 -76.21 1.52 -70.42
C TRP A 150 -76.46 0.03 -70.62
N ARG A 151 -77.58 -0.49 -70.09
CA ARG A 151 -77.81 -1.92 -70.26
C ARG A 151 -77.94 -2.27 -71.73
N SER A 152 -78.65 -1.42 -72.48
CA SER A 152 -78.84 -1.64 -73.91
C SER A 152 -77.54 -1.54 -74.71
N GLU A 153 -76.69 -0.56 -74.40
CA GLU A 153 -75.45 -0.29 -75.12
C GLU A 153 -74.22 -1.07 -74.68
N VAL A 154 -74.00 -1.28 -73.37
CA VAL A 154 -72.79 -1.92 -72.88
C VAL A 154 -73.07 -3.26 -72.21
N GLY A 155 -74.16 -3.37 -71.44
CA GLY A 155 -74.42 -4.60 -70.69
C GLY A 155 -74.48 -5.83 -71.60
N LYS A 156 -75.03 -5.65 -72.81
CA LYS A 156 -75.10 -6.74 -73.77
C LYS A 156 -73.73 -7.17 -74.26
N GLN A 157 -72.71 -6.32 -74.11
CA GLN A 157 -71.37 -6.65 -74.58
C GLN A 157 -70.60 -7.41 -73.52
N LEU A 158 -70.87 -7.11 -72.25
CA LEU A 158 -70.18 -7.72 -71.13
C LEU A 158 -70.79 -9.05 -70.67
N ARG A 159 -72.13 -9.21 -70.74
CA ARG A 159 -72.76 -10.45 -70.26
C ARG A 159 -72.20 -11.78 -70.76
N PRO A 160 -72.12 -12.04 -72.07
CA PRO A 160 -71.69 -13.39 -72.49
C PRO A 160 -70.24 -13.65 -72.12
N LEU A 161 -69.48 -12.56 -72.03
CA LEU A 161 -68.08 -12.69 -71.68
C LEU A 161 -68.00 -12.83 -70.17
N TYR A 162 -68.90 -12.15 -69.44
CA TYR A 162 -68.92 -12.30 -68.00
C TYR A 162 -69.17 -13.77 -67.64
N GLU A 163 -70.13 -14.41 -68.32
CA GLU A 163 -70.43 -15.81 -68.03
C GLU A 163 -69.22 -16.68 -68.32
N GLU A 164 -68.54 -16.44 -69.46
CA GLU A 164 -67.36 -17.24 -69.77
C GLU A 164 -66.25 -16.95 -68.76
N TYR A 165 -66.11 -15.68 -68.36
CA TYR A 165 -65.12 -15.26 -67.37
C TYR A 165 -65.32 -16.01 -66.06
N VAL A 166 -66.58 -16.09 -65.61
CA VAL A 166 -66.91 -16.82 -64.39
C VAL A 166 -66.50 -18.28 -64.52
N VAL A 167 -66.81 -18.91 -65.65
CA VAL A 167 -66.43 -20.31 -65.81
C VAL A 167 -64.91 -20.48 -65.82
N LEU A 168 -64.19 -19.62 -66.54
CA LEU A 168 -62.74 -19.73 -66.62
C LEU A 168 -62.08 -19.51 -65.26
N LYS A 169 -62.59 -18.54 -64.48
CA LYS A 169 -62.06 -18.33 -63.14
C LYS A 169 -62.37 -19.51 -62.24
N ASN A 170 -63.54 -20.12 -62.40
CA ASN A 170 -63.84 -21.29 -61.60
C ASN A 170 -62.88 -22.42 -61.94
N GLU A 171 -62.57 -22.57 -63.23
CA GLU A 171 -61.64 -23.62 -63.65
C GLU A 171 -60.27 -23.41 -63.02
N MET A 172 -59.83 -22.14 -62.97
CA MET A 172 -58.56 -21.85 -62.29
C MET A 172 -58.67 -22.19 -60.81
N ALA A 173 -59.80 -21.85 -60.20
CA ALA A 173 -59.99 -22.14 -58.78
C ALA A 173 -59.91 -23.62 -58.50
N ARG A 174 -60.44 -24.45 -59.42
CA ARG A 174 -60.35 -25.89 -59.19
C ARG A 174 -58.89 -26.30 -59.32
N ALA A 175 -58.19 -25.70 -60.29
CA ALA A 175 -56.78 -25.97 -60.48
C ALA A 175 -56.00 -25.63 -59.21
N ASN A 176 -56.45 -24.63 -58.45
CA ASN A 176 -55.84 -24.20 -57.21
C ASN A 176 -56.44 -24.89 -55.98
N HIS A 177 -57.24 -25.94 -56.19
CA HIS A 177 -57.89 -26.77 -55.17
C HIS A 177 -58.95 -26.05 -54.33
N TYR A 178 -59.72 -25.14 -54.94
CA TYR A 178 -60.88 -24.49 -54.30
C TYR A 178 -62.15 -24.81 -55.07
N GLU A 179 -63.28 -24.71 -54.36
CA GLU A 179 -64.57 -25.03 -54.97
C GLU A 179 -64.92 -24.07 -56.10
N ASP A 180 -64.55 -22.80 -55.97
CA ASP A 180 -64.85 -21.82 -57.02
C ASP A 180 -63.92 -20.63 -56.82
N TYR A 181 -63.97 -19.66 -57.73
CA TYR A 181 -63.11 -18.49 -57.57
C TYR A 181 -63.56 -17.63 -56.40
N GLY A 182 -64.85 -17.66 -56.04
CA GLY A 182 -65.28 -16.87 -54.90
C GLY A 182 -64.63 -17.42 -53.65
N ASP A 183 -64.54 -18.76 -53.57
CA ASP A 183 -63.88 -19.39 -52.44
C ASP A 183 -62.39 -19.06 -52.46
N TYR A 184 -61.81 -19.01 -53.67
CA TYR A 184 -60.41 -18.63 -53.84
C TYR A 184 -60.20 -17.27 -53.20
N TRP A 185 -61.09 -16.32 -53.49
CA TRP A 185 -60.98 -15.00 -52.87
C TRP A 185 -61.15 -15.09 -51.35
N ARG A 186 -62.07 -15.94 -50.89
CA ARG A 186 -62.26 -16.09 -49.44
C ARG A 186 -60.99 -16.64 -48.78
N GLY A 187 -60.23 -17.46 -49.50
CA GLY A 187 -59.01 -18.05 -48.99
C GLY A 187 -57.93 -17.06 -48.61
N ASP A 188 -58.05 -15.81 -49.05
CA ASP A 188 -57.07 -14.78 -48.71
C ASP A 188 -57.10 -14.46 -47.21
N TYR A 189 -58.17 -14.83 -46.52
CA TYR A 189 -58.35 -14.55 -45.11
C TYR A 189 -58.04 -15.74 -44.20
N GLU A 190 -57.52 -16.83 -44.73
CA GLU A 190 -57.23 -17.99 -43.91
C GLU A 190 -55.83 -17.90 -43.31
N VAL A 191 -55.70 -18.44 -42.09
CA VAL A 191 -54.45 -18.57 -41.37
C VAL A 191 -54.35 -20.01 -40.89
N ASN A 192 -53.13 -20.42 -40.52
CA ASN A 192 -52.93 -21.75 -39.96
C ASN A 192 -51.70 -21.72 -39.07
N GLY A 193 -51.55 -22.78 -38.26
CA GLY A 193 -50.40 -22.88 -37.39
C GLY A 193 -50.47 -21.92 -36.22
N VAL A 194 -51.68 -21.59 -35.78
CA VAL A 194 -51.94 -20.60 -34.74
C VAL A 194 -52.77 -21.22 -33.61
N ASP A 195 -52.73 -20.54 -32.45
CA ASP A 195 -53.41 -20.99 -31.23
C ASP A 195 -54.90 -20.58 -31.20
N GLY A 196 -55.67 -21.22 -32.07
CA GLY A 196 -57.10 -21.00 -32.16
C GLY A 196 -57.57 -19.75 -32.87
N TYR A 197 -56.77 -19.25 -33.80
CA TYR A 197 -57.04 -18.06 -34.59
C TYR A 197 -57.47 -18.37 -36.03
N ASP A 198 -57.70 -19.63 -36.36
CA ASP A 198 -58.07 -19.99 -37.72
C ASP A 198 -59.49 -19.52 -38.01
N TYR A 199 -59.68 -18.90 -39.17
CA TYR A 199 -61.02 -18.62 -39.68
C TYR A 199 -61.12 -19.39 -40.99
N SER A 200 -62.29 -20.00 -41.22
CA SER A 200 -62.55 -20.68 -42.47
C SER A 200 -63.20 -19.70 -43.44
N ARG A 201 -63.27 -20.12 -44.71
CA ARG A 201 -63.93 -19.28 -45.73
C ARG A 201 -65.41 -19.18 -45.34
N GLY A 202 -66.00 -20.30 -44.96
CA GLY A 202 -67.40 -20.30 -44.59
C GLY A 202 -67.64 -19.41 -43.39
N GLN A 203 -66.69 -19.42 -42.44
CA GLN A 203 -66.84 -18.56 -41.28
C GLN A 203 -66.74 -17.10 -41.70
N LEU A 204 -65.87 -16.77 -42.65
CA LEU A 204 -65.80 -15.38 -43.10
C LEU A 204 -67.16 -14.93 -43.62
N ILE A 205 -67.82 -15.79 -44.40
CA ILE A 205 -69.15 -15.43 -44.91
C ILE A 205 -70.15 -15.31 -43.75
N GLU A 206 -70.11 -16.28 -42.83
CA GLU A 206 -71.04 -16.27 -41.71
C GLU A 206 -70.82 -15.03 -40.84
N ASP A 207 -69.56 -14.66 -40.64
CA ASP A 207 -69.24 -13.51 -39.81
C ASP A 207 -69.81 -12.25 -40.44
N VAL A 208 -69.72 -12.16 -41.78
CA VAL A 208 -70.28 -10.99 -42.45
C VAL A 208 -71.80 -10.96 -42.26
N GLU A 209 -72.47 -12.10 -42.44
CA GLU A 209 -73.92 -12.10 -42.29
C GLU A 209 -74.37 -11.81 -40.85
N HIS A 210 -73.64 -12.32 -39.86
CA HIS A 210 -74.02 -12.06 -38.47
C HIS A 210 -73.74 -10.59 -38.14
N THR A 211 -72.65 -10.06 -38.68
CA THR A 211 -72.32 -8.68 -38.44
C THR A 211 -73.41 -7.80 -39.04
N PHE A 212 -73.90 -8.15 -40.24
CA PHE A 212 -75.00 -7.41 -40.85
C PHE A 212 -76.26 -7.47 -39.99
N GLU A 213 -76.54 -8.62 -39.39
CA GLU A 213 -77.71 -8.67 -38.52
C GLU A 213 -77.55 -7.70 -37.37
N GLU A 214 -76.32 -7.54 -36.88
CA GLU A 214 -76.03 -6.56 -35.84
C GLU A 214 -76.04 -5.11 -36.35
N ILE A 215 -75.61 -4.90 -37.60
CA ILE A 215 -75.57 -3.57 -38.23
C ILE A 215 -76.96 -3.06 -38.55
N LYS A 216 -77.83 -3.92 -39.06
CA LYS A 216 -79.17 -3.66 -39.56
C LYS A 216 -79.92 -2.53 -38.87
N PRO A 217 -80.05 -2.45 -37.54
CA PRO A 217 -80.79 -1.31 -36.97
C PRO A 217 -80.33 0.06 -37.47
N LEU A 218 -79.02 0.27 -37.68
CA LEU A 218 -78.59 1.58 -38.17
C LEU A 218 -78.91 1.69 -39.65
N TYR A 219 -78.69 0.60 -40.39
CA TYR A 219 -79.00 0.64 -41.82
C TYR A 219 -80.47 0.90 -42.06
N GLU A 220 -81.34 0.25 -41.32
CA GLU A 220 -82.76 0.45 -41.52
C GLU A 220 -83.19 1.84 -41.09
N HIS A 221 -82.68 2.38 -39.97
CA HIS A 221 -83.12 3.72 -39.61
C HIS A 221 -82.58 4.76 -40.60
N LEU A 222 -81.35 4.53 -41.09
CA LEU A 222 -80.74 5.41 -42.07
C LEU A 222 -81.49 5.31 -43.39
N HIS A 223 -81.80 4.08 -43.81
CA HIS A 223 -82.50 3.85 -45.06
C HIS A 223 -83.89 4.45 -45.01
N ALA A 224 -84.62 4.26 -43.91
CA ALA A 224 -85.95 4.81 -43.82
C ALA A 224 -85.89 6.32 -44.00
N TYR A 225 -84.88 6.96 -43.39
CA TYR A 225 -84.72 8.40 -43.57
C TYR A 225 -84.43 8.74 -45.05
N VAL A 226 -83.48 8.02 -45.67
CA VAL A 226 -83.10 8.29 -47.07
C VAL A 226 -84.28 8.05 -48.01
N ARG A 227 -84.95 6.92 -47.84
CA ARG A 227 -86.08 6.58 -48.69
C ARG A 227 -87.19 7.61 -48.57
N ALA A 228 -87.56 8.00 -47.34
CA ALA A 228 -88.60 9.00 -47.18
C ALA A 228 -88.20 10.35 -47.76
N LYS A 229 -86.94 10.78 -47.58
CA LYS A 229 -86.52 12.05 -48.15
C LYS A 229 -86.54 12.04 -49.67
N LEU A 230 -86.12 10.92 -50.27
CA LEU A 230 -86.14 10.86 -51.73
C LEU A 230 -87.58 10.78 -52.21
N MET A 231 -88.45 10.14 -51.44
CA MET A 231 -89.87 10.12 -51.75
C MET A 231 -90.44 11.52 -51.75
N ASN A 232 -90.05 12.32 -50.77
CA ASN A 232 -90.55 13.70 -50.72
C ASN A 232 -89.98 14.50 -51.88
N ALA A 233 -88.78 14.16 -52.33
CA ALA A 233 -88.22 14.82 -53.50
C ALA A 233 -89.00 14.49 -54.78
N TYR A 234 -89.45 13.25 -54.93
CA TYR A 234 -90.20 12.80 -56.11
C TYR A 234 -91.49 12.06 -55.73
N PRO A 235 -92.44 12.75 -55.09
CA PRO A 235 -93.59 12.06 -54.49
C PRO A 235 -94.57 11.45 -55.49
N SER A 236 -94.54 11.87 -56.77
CA SER A 236 -95.45 11.38 -57.79
C SER A 236 -95.02 10.04 -58.39
N TYR A 237 -93.80 9.60 -58.11
CA TYR A 237 -93.20 8.40 -58.68
C TYR A 237 -92.90 7.35 -57.62
N ILE A 238 -92.34 7.76 -56.48
CA ILE A 238 -91.87 6.84 -55.44
C ILE A 238 -92.99 6.62 -54.43
N SER A 239 -93.27 5.35 -54.15
CA SER A 239 -94.30 4.97 -53.18
C SER A 239 -93.88 5.35 -51.74
N PRO A 240 -94.80 5.84 -50.91
CA PRO A 240 -94.46 6.04 -49.49
C PRO A 240 -94.08 4.76 -48.74
N ILE A 241 -94.50 3.61 -49.25
CA ILE A 241 -94.21 2.32 -48.62
C ILE A 241 -93.12 1.57 -49.38
N GLY A 242 -93.12 1.68 -50.71
CA GLY A 242 -92.20 0.92 -51.51
C GLY A 242 -90.77 1.39 -51.36
N CYS A 243 -89.88 0.47 -51.71
CA CYS A 243 -88.44 0.71 -51.67
C CYS A 243 -88.06 1.71 -52.76
N LEU A 244 -86.81 2.16 -52.73
CA LEU A 244 -86.38 3.16 -53.70
C LEU A 244 -86.01 2.54 -55.06
N PRO A 245 -86.26 3.27 -56.17
CA PRO A 245 -85.77 2.79 -57.47
C PRO A 245 -84.26 2.92 -57.64
N ALA A 246 -83.67 1.95 -58.34
CA ALA A 246 -82.21 1.90 -58.51
C ALA A 246 -81.64 3.12 -59.20
N HIS A 247 -82.35 3.69 -60.19
CA HIS A 247 -81.72 4.78 -60.91
C HIS A 247 -81.58 6.01 -60.04
N LEU A 248 -82.36 6.08 -58.96
CA LEU A 248 -82.36 7.25 -58.11
C LEU A 248 -81.08 7.34 -57.32
N LEU A 249 -80.31 6.24 -57.23
CA LEU A 249 -79.10 6.26 -56.41
C LEU A 249 -78.07 7.25 -56.93
N GLY A 250 -78.06 7.53 -58.22
CA GLY A 250 -77.10 8.47 -58.75
C GLY A 250 -75.74 7.86 -58.99
N ASP A 251 -75.62 6.54 -58.83
CA ASP A 251 -74.37 5.81 -58.98
C ASP A 251 -74.78 4.55 -59.71
N MET A 252 -74.35 4.44 -60.96
CA MET A 252 -74.76 3.34 -61.81
C MET A 252 -74.37 2.00 -61.19
N TRP A 253 -73.30 2.02 -60.38
CA TRP A 253 -72.79 0.81 -59.77
C TRP A 253 -73.62 0.36 -58.59
N GLY A 254 -74.20 1.32 -57.86
CA GLY A 254 -74.90 1.06 -56.62
C GLY A 254 -74.00 1.10 -55.41
N ARG A 255 -72.68 1.25 -55.61
CA ARG A 255 -71.73 1.29 -54.50
C ARG A 255 -71.74 2.60 -53.73
N PHE A 256 -71.89 3.74 -54.40
CA PHE A 256 -71.77 5.04 -53.74
C PHE A 256 -73.12 5.69 -53.65
N TRP A 257 -73.52 5.97 -52.42
CA TRP A 257 -74.78 6.59 -52.06
C TRP A 257 -74.54 8.08 -51.83
N THR A 258 -73.37 8.58 -52.24
CA THR A 258 -72.93 9.96 -52.15
C THR A 258 -73.77 10.87 -53.02
N ASN A 259 -74.46 10.31 -54.01
CA ASN A 259 -75.23 11.05 -54.99
C ASN A 259 -76.68 11.24 -54.55
N LEU A 260 -77.07 10.68 -53.40
CA LEU A 260 -78.36 10.90 -52.79
C LEU A 260 -78.32 11.99 -51.74
N TYR A 261 -77.13 12.21 -51.15
CA TYR A 261 -76.93 13.19 -50.10
C TYR A 261 -77.52 14.57 -50.41
N SER A 262 -77.33 15.06 -51.63
CA SER A 262 -77.81 16.40 -51.95
C SER A 262 -79.33 16.51 -51.91
N LEU A 263 -80.04 15.38 -51.92
CA LEU A 263 -81.48 15.31 -51.87
C LEU A 263 -81.99 15.03 -50.47
N THR A 264 -81.14 14.44 -49.62
CA THR A 264 -81.44 14.03 -48.25
C THR A 264 -80.87 14.96 -47.19
N VAL A 265 -80.43 16.16 -47.56
CA VAL A 265 -79.76 17.05 -46.62
C VAL A 265 -80.74 17.36 -45.48
N PRO A 266 -80.35 17.08 -44.22
CA PRO A 266 -81.28 17.36 -43.09
C PRO A 266 -81.86 18.75 -43.09
N PHE A 267 -81.04 19.75 -43.35
CA PHE A 267 -81.46 21.13 -43.40
C PHE A 267 -80.74 21.75 -44.59
N GLY A 268 -81.48 22.39 -45.49
CA GLY A 268 -80.85 23.00 -46.62
C GLY A 268 -79.89 24.10 -46.20
N GLN A 269 -80.21 24.80 -45.12
CA GLN A 269 -79.41 25.90 -44.59
C GLN A 269 -78.20 25.47 -43.77
N LYS A 270 -78.02 24.13 -43.43
CA LYS A 270 -76.87 23.81 -42.58
C LYS A 270 -75.65 23.39 -43.41
N PRO A 271 -74.48 23.98 -43.15
CA PRO A 271 -73.27 23.61 -43.88
C PRO A 271 -72.68 22.30 -43.37
N ASN A 272 -71.76 21.76 -44.17
CA ASN A 272 -70.87 20.71 -43.73
C ASN A 272 -69.56 21.42 -43.43
N ILE A 273 -68.70 20.77 -42.66
CA ILE A 273 -67.41 21.39 -42.42
C ILE A 273 -66.61 21.34 -43.71
N ASP A 274 -66.13 22.50 -44.11
CA ASP A 274 -65.36 22.67 -45.34
C ASP A 274 -64.39 23.79 -45.03
N VAL A 275 -63.10 23.46 -45.03
CA VAL A 275 -62.05 24.39 -44.66
C VAL A 275 -61.23 24.83 -45.89
N THR A 276 -61.75 24.58 -47.09
CA THR A 276 -61.08 25.00 -48.32
C THR A 276 -60.88 26.50 -48.33
N ASP A 277 -61.91 27.24 -47.91
CA ASP A 277 -61.84 28.69 -47.93
C ASP A 277 -60.77 29.18 -46.97
N ALA A 278 -60.57 28.50 -45.84
CA ALA A 278 -59.55 28.96 -44.91
C ALA A 278 -58.17 28.79 -45.53
N MET A 279 -57.90 27.65 -46.17
CA MET A 279 -56.59 27.44 -46.78
C MET A 279 -56.34 28.50 -47.85
N VAL A 280 -57.36 28.81 -48.64
CA VAL A 280 -57.17 29.78 -49.71
C VAL A 280 -56.97 31.17 -49.11
N ASP A 281 -57.81 31.54 -48.12
CA ASP A 281 -57.68 32.84 -47.49
C ASP A 281 -56.34 32.97 -46.76
N GLN A 282 -55.83 31.87 -46.23
CA GLN A 282 -54.55 31.88 -45.52
C GLN A 282 -53.37 31.75 -46.47
N ALA A 283 -53.63 31.57 -47.77
CA ALA A 283 -52.60 31.37 -48.79
C ALA A 283 -51.68 30.19 -48.48
N TRP A 284 -52.26 29.08 -47.98
CA TRP A 284 -51.45 27.91 -47.72
C TRP A 284 -51.22 27.14 -49.02
N ASP A 285 -49.99 26.67 -49.20
CA ASP A 285 -49.66 25.81 -50.33
C ASP A 285 -50.23 24.40 -50.08
N ALA A 286 -50.47 23.67 -51.18
CA ALA A 286 -50.92 22.29 -51.02
C ALA A 286 -49.83 21.46 -50.36
N GLN A 287 -48.57 21.81 -50.60
CA GLN A 287 -47.51 21.06 -49.97
C GLN A 287 -47.43 21.43 -48.50
N ARG A 288 -48.09 22.52 -48.08
CA ARG A 288 -48.05 22.85 -46.66
C ARG A 288 -49.09 22.00 -45.95
N ILE A 289 -50.25 21.77 -46.56
CA ILE A 289 -51.23 20.93 -45.88
C ILE A 289 -50.66 19.52 -45.82
N PHE A 290 -49.80 19.16 -46.78
CA PHE A 290 -49.09 17.89 -46.68
C PHE A 290 -48.09 17.92 -45.52
N LYS A 291 -47.36 19.02 -45.36
CA LYS A 291 -46.43 19.17 -44.25
C LYS A 291 -47.17 19.17 -42.90
N GLU A 292 -48.39 19.72 -42.87
CA GLU A 292 -49.16 19.70 -41.64
C GLU A 292 -49.59 18.28 -41.33
N ALA A 293 -49.92 17.51 -42.37
CA ALA A 293 -50.22 16.11 -42.13
C ALA A 293 -49.00 15.40 -41.58
N GLU A 294 -47.80 15.78 -42.06
CA GLU A 294 -46.56 15.20 -41.54
C GLU A 294 -46.46 15.51 -40.05
N LYS A 295 -46.75 16.76 -39.67
CA LYS A 295 -46.70 17.16 -38.27
C LYS A 295 -47.66 16.34 -37.45
N PHE A 296 -48.86 16.07 -37.99
CA PHE A 296 -49.83 15.21 -37.32
C PHE A 296 -49.23 13.84 -37.07
N PHE A 297 -48.63 13.23 -38.09
CA PHE A 297 -48.06 11.90 -37.91
C PHE A 297 -46.95 11.89 -36.87
N VAL A 298 -46.14 12.94 -36.83
CA VAL A 298 -45.11 12.98 -35.81
C VAL A 298 -45.78 13.07 -34.43
N SER A 299 -46.83 13.89 -34.32
CA SER A 299 -47.55 14.08 -33.06
C SER A 299 -48.24 12.81 -32.57
N VAL A 300 -48.76 11.98 -33.48
CA VAL A 300 -49.41 10.73 -33.05
C VAL A 300 -48.40 9.84 -32.34
N GLY A 301 -47.15 9.84 -32.78
CA GLY A 301 -46.13 8.99 -32.23
C GLY A 301 -45.62 7.94 -33.18
N LEU A 302 -45.85 8.12 -34.47
CA LEU A 302 -45.39 7.24 -35.52
C LEU A 302 -44.08 7.76 -36.09
N PRO A 303 -43.31 6.93 -36.82
CA PRO A 303 -42.03 7.41 -37.36
C PRO A 303 -42.21 8.63 -38.25
N ASN A 304 -41.19 9.50 -38.23
CA ASN A 304 -41.19 10.68 -39.06
C ASN A 304 -40.92 10.31 -40.52
N MET A 305 -41.37 11.16 -41.43
CA MET A 305 -41.21 10.90 -42.85
C MET A 305 -39.77 11.14 -43.29
N THR A 306 -39.30 10.28 -44.18
CA THR A 306 -37.94 10.32 -44.70
C THR A 306 -37.77 11.44 -45.74
N GLN A 307 -36.53 11.94 -45.83
CA GLN A 307 -36.20 12.95 -46.82
C GLN A 307 -36.37 12.38 -48.23
N GLY A 308 -36.12 11.08 -48.38
CA GLY A 308 -36.26 10.44 -49.67
C GLY A 308 -37.68 10.55 -50.19
N PHE A 309 -38.67 10.52 -49.29
CA PHE A 309 -40.05 10.68 -49.70
C PHE A 309 -40.25 12.04 -50.34
N TRP A 310 -39.81 13.10 -49.66
CA TRP A 310 -40.02 14.46 -50.15
C TRP A 310 -39.29 14.68 -51.48
N GLU A 311 -38.09 14.11 -51.63
CA GLU A 311 -37.36 14.33 -52.87
C GLU A 311 -37.89 13.46 -54.00
N ASN A 312 -38.30 12.23 -53.71
CA ASN A 312 -38.78 11.33 -54.76
C ASN A 312 -40.25 11.54 -55.08
N SER A 313 -41.04 12.02 -54.12
CA SER A 313 -42.46 12.16 -54.40
C SER A 313 -42.70 13.27 -55.41
N MET A 314 -43.83 13.16 -56.10
CA MET A 314 -44.30 14.17 -57.06
C MET A 314 -45.74 14.43 -56.65
N LEU A 315 -45.96 15.48 -55.86
CA LEU A 315 -47.26 15.77 -55.27
C LEU A 315 -48.14 16.68 -56.12
N THR A 316 -47.58 17.46 -57.02
CA THR A 316 -48.39 18.39 -57.81
C THR A 316 -48.82 17.74 -59.12
N ASP A 317 -49.86 18.32 -59.71
CA ASP A 317 -50.39 17.82 -60.96
C ASP A 317 -49.35 17.97 -62.07
N PRO A 318 -49.12 16.94 -62.91
CA PRO A 318 -48.19 17.11 -64.04
C PRO A 318 -48.56 18.23 -64.99
N GLY A 319 -49.81 18.69 -64.99
CA GLY A 319 -50.22 19.77 -65.86
C GLY A 319 -50.05 19.45 -67.33
N ASN A 320 -49.38 20.36 -68.05
CA ASN A 320 -49.14 20.20 -69.49
C ASN A 320 -47.67 20.07 -69.84
N VAL A 321 -46.81 19.64 -68.91
CA VAL A 321 -45.39 19.50 -69.18
C VAL A 321 -45.05 18.06 -69.53
N GLN A 322 -45.44 17.13 -68.68
CA GLN A 322 -45.25 15.70 -68.90
C GLN A 322 -46.60 15.09 -69.24
N LYS A 323 -46.67 14.32 -70.32
CA LYS A 323 -47.91 13.59 -70.58
C LYS A 323 -48.06 12.62 -69.43
N ALA A 324 -49.23 12.62 -68.77
CA ALA A 324 -49.29 11.83 -67.54
C ALA A 324 -50.70 11.39 -67.18
N VAL A 325 -50.71 10.35 -66.36
CA VAL A 325 -51.89 9.81 -65.68
C VAL A 325 -51.69 10.19 -64.22
N CYS A 326 -52.68 10.89 -63.65
CA CYS A 326 -52.55 11.40 -62.29
C CYS A 326 -53.83 11.14 -61.50
N HIS A 327 -53.62 10.58 -60.31
CA HIS A 327 -54.63 10.28 -59.31
C HIS A 327 -53.91 10.11 -57.98
N PRO A 328 -54.59 10.29 -56.84
CA PRO A 328 -53.92 10.03 -55.56
C PRO A 328 -53.62 8.55 -55.36
N THR A 329 -52.38 8.27 -54.98
CA THR A 329 -51.95 6.90 -54.67
C THR A 329 -50.61 6.93 -53.94
N ALA A 330 -50.42 5.97 -53.05
CA ALA A 330 -49.18 5.81 -52.30
C ALA A 330 -48.39 4.65 -52.90
N TRP A 331 -47.08 4.84 -53.04
CA TRP A 331 -46.18 3.85 -53.61
C TRP A 331 -45.12 3.43 -52.60
N ASP A 332 -44.80 2.13 -52.65
CA ASP A 332 -43.67 1.52 -51.98
C ASP A 332 -42.86 0.83 -53.07
N LEU A 333 -41.70 1.40 -53.41
CA LEU A 333 -40.96 0.88 -54.55
C LEU A 333 -39.97 -0.19 -54.15
N GLY A 334 -39.75 -0.40 -52.85
CA GLY A 334 -38.78 -1.32 -52.32
C GLY A 334 -37.50 -0.62 -51.89
N LYS A 335 -36.76 -1.31 -51.02
CA LYS A 335 -35.46 -0.86 -50.52
C LYS A 335 -35.50 0.56 -49.96
N GLY A 336 -36.55 0.86 -49.21
CA GLY A 336 -36.65 2.14 -48.53
C GLY A 336 -37.15 3.29 -49.38
N ASP A 337 -37.52 3.05 -50.64
CA ASP A 337 -37.98 4.09 -51.54
C ASP A 337 -39.50 4.21 -51.45
N PHE A 338 -39.97 5.22 -50.72
CA PHE A 338 -41.40 5.45 -50.48
C PHE A 338 -41.78 6.78 -51.12
N ARG A 339 -42.92 6.81 -51.81
CA ARG A 339 -43.35 8.06 -52.46
C ARG A 339 -44.86 8.08 -52.67
N ILE A 340 -45.41 9.27 -52.86
CA ILE A 340 -46.83 9.47 -53.17
C ILE A 340 -47.01 10.26 -54.46
N LEU A 341 -47.97 9.81 -55.29
CA LEU A 341 -48.37 10.48 -56.52
C LEU A 341 -49.72 11.12 -56.27
N MET A 342 -49.80 12.44 -56.47
CA MET A 342 -51.03 13.19 -56.28
C MET A 342 -51.17 14.32 -57.30
N CYS A 343 -52.42 14.80 -57.38
CA CYS A 343 -52.81 15.92 -58.22
C CYS A 343 -53.25 16.95 -57.19
N THR A 344 -52.35 17.34 -56.30
CA THR A 344 -52.77 18.05 -55.10
C THR A 344 -53.32 19.43 -55.39
N LYS A 345 -54.39 19.77 -54.65
CA LYS A 345 -55.14 21.01 -54.74
C LYS A 345 -55.31 21.56 -53.34
N VAL A 346 -55.50 22.87 -53.24
CA VAL A 346 -55.72 23.53 -51.97
C VAL A 346 -57.21 23.42 -51.64
N THR A 347 -57.60 22.26 -51.11
CA THR A 347 -58.99 21.97 -50.80
C THR A 347 -59.03 20.87 -49.73
N MET A 348 -60.14 20.84 -48.97
CA MET A 348 -60.28 19.88 -47.88
C MET A 348 -60.24 18.44 -48.39
N ASP A 349 -60.78 18.18 -49.60
CA ASP A 349 -60.79 16.82 -50.10
C ASP A 349 -59.36 16.34 -50.34
N ASP A 350 -58.49 17.24 -50.76
CA ASP A 350 -57.13 16.81 -51.01
C ASP A 350 -56.40 16.61 -49.69
N PHE A 351 -56.74 17.40 -48.68
CA PHE A 351 -56.17 17.22 -47.35
C PHE A 351 -56.51 15.82 -46.79
N LEU A 352 -57.81 15.43 -46.82
CA LEU A 352 -58.14 14.11 -46.26
C LEU A 352 -57.45 13.02 -47.09
N THR A 353 -57.37 13.22 -48.41
CA THR A 353 -56.69 12.25 -49.26
C THR A 353 -55.21 12.18 -48.91
N ALA A 354 -54.58 13.33 -48.66
CA ALA A 354 -53.18 13.37 -48.27
C ALA A 354 -52.95 12.59 -46.99
N HIS A 355 -53.89 12.67 -46.06
CA HIS A 355 -53.74 11.88 -44.83
C HIS A 355 -53.88 10.39 -45.13
N HIS A 356 -54.81 10.05 -46.02
CA HIS A 356 -55.01 8.66 -46.42
C HIS A 356 -53.74 8.08 -47.06
N GLU A 357 -53.21 8.77 -48.07
CA GLU A 357 -52.05 8.26 -48.78
C GLU A 357 -50.77 8.33 -47.96
N MET A 358 -50.58 9.37 -47.13
CA MET A 358 -49.38 9.36 -46.30
C MET A 358 -49.46 8.23 -45.27
N GLY A 359 -50.65 7.98 -44.70
CA GLY A 359 -50.78 6.88 -43.76
C GLY A 359 -50.36 5.59 -44.43
N HIS A 360 -50.72 5.44 -45.72
CA HIS A 360 -50.32 4.24 -46.45
C HIS A 360 -48.81 4.10 -46.50
N ILE A 361 -48.08 5.22 -46.35
CA ILE A 361 -46.63 5.18 -46.41
C ILE A 361 -46.12 4.94 -45.01
N GLN A 362 -46.89 5.33 -43.99
CA GLN A 362 -46.46 5.02 -42.63
C GLN A 362 -46.45 3.51 -42.49
N TYR A 363 -47.42 2.87 -43.15
CA TYR A 363 -47.50 1.41 -43.14
C TYR A 363 -46.44 0.80 -44.01
N ASP A 364 -46.19 1.33 -45.20
CA ASP A 364 -45.15 0.72 -46.02
C ASP A 364 -43.78 0.87 -45.34
N MET A 365 -43.56 1.99 -44.63
CA MET A 365 -42.31 2.21 -43.91
C MET A 365 -42.14 1.21 -42.79
N ALA A 366 -43.25 0.82 -42.15
CA ALA A 366 -43.15 -0.17 -41.08
C ALA A 366 -43.08 -1.57 -41.65
N TYR A 367 -43.69 -1.80 -42.82
CA TYR A 367 -43.67 -3.10 -43.45
C TYR A 367 -42.27 -3.44 -43.90
N ALA A 368 -41.46 -2.41 -44.18
CA ALA A 368 -40.08 -2.64 -44.61
C ALA A 368 -39.25 -3.44 -43.61
N ALA A 369 -39.68 -3.54 -42.35
CA ALA A 369 -38.95 -4.36 -41.39
C ALA A 369 -39.01 -5.85 -41.70
N GLN A 370 -40.01 -6.30 -42.49
CA GLN A 370 -40.24 -7.69 -42.84
C GLN A 370 -39.64 -8.05 -44.19
N PRO A 371 -39.41 -9.35 -44.44
CA PRO A 371 -38.95 -9.77 -45.77
C PRO A 371 -39.92 -9.31 -46.85
N PHE A 372 -39.36 -9.04 -48.03
CA PHE A 372 -40.15 -8.53 -49.16
C PHE A 372 -41.42 -9.32 -49.42
N LEU A 373 -41.33 -10.65 -49.42
CA LEU A 373 -42.52 -11.42 -49.76
C LEU A 373 -43.62 -11.26 -48.73
N LEU A 374 -43.27 -10.90 -47.50
CA LEU A 374 -44.26 -10.67 -46.46
C LEU A 374 -44.38 -9.17 -46.20
N ARG A 375 -43.83 -8.35 -47.09
CA ARG A 375 -43.81 -6.90 -46.93
C ARG A 375 -45.12 -6.33 -47.43
N ASN A 376 -46.16 -6.61 -46.67
CA ASN A 376 -47.53 -6.24 -47.00
C ASN A 376 -48.27 -6.13 -45.68
N GLY A 377 -49.55 -5.78 -45.76
CA GLY A 377 -50.34 -5.65 -44.57
C GLY A 377 -50.86 -6.98 -44.11
N ALA A 378 -51.51 -6.95 -42.96
CA ALA A 378 -52.04 -8.16 -42.36
C ALA A 378 -53.05 -8.81 -43.30
N ASN A 379 -53.82 -8.02 -44.03
CA ASN A 379 -54.80 -8.54 -44.96
C ASN A 379 -55.08 -7.49 -46.03
N GLU A 380 -55.96 -7.86 -46.97
CA GLU A 380 -56.22 -7.02 -48.14
C GLU A 380 -56.89 -5.71 -47.78
N GLY A 381 -57.76 -5.70 -46.77
CA GLY A 381 -58.49 -4.52 -46.40
C GLY A 381 -57.83 -3.61 -45.39
N PHE A 382 -56.64 -3.94 -44.88
CA PHE A 382 -56.06 -3.11 -43.85
C PHE A 382 -55.53 -1.79 -44.40
N HIS A 383 -54.96 -1.79 -45.61
CA HIS A 383 -54.32 -0.57 -46.12
C HIS A 383 -55.30 0.58 -46.24
N GLU A 384 -56.43 0.34 -46.90
CA GLU A 384 -57.42 1.40 -47.03
C GLU A 384 -58.06 1.72 -45.68
N ALA A 385 -58.27 0.71 -44.84
CA ALA A 385 -58.89 0.94 -43.53
C ALA A 385 -58.04 1.86 -42.66
N VAL A 386 -56.72 1.71 -42.75
CA VAL A 386 -55.86 2.57 -41.93
C VAL A 386 -55.75 3.95 -42.56
N GLY A 387 -55.76 4.02 -43.90
CA GLY A 387 -55.83 5.33 -44.53
C GLY A 387 -57.09 6.05 -44.12
N GLU A 388 -58.19 5.29 -44.03
CA GLU A 388 -59.49 5.88 -43.60
C GLU A 388 -59.36 6.32 -42.14
N ILE A 389 -58.55 5.61 -41.34
CA ILE A 389 -58.31 6.01 -39.93
C ILE A 389 -57.64 7.40 -39.94
N MET A 390 -56.70 7.61 -40.85
CA MET A 390 -56.05 8.94 -40.98
C MET A 390 -57.10 9.95 -41.46
N SER A 391 -58.02 9.51 -42.33
CA SER A 391 -59.04 10.40 -42.87
C SER A 391 -60.03 10.83 -41.80
N LEU A 392 -60.45 9.89 -40.93
CA LEU A 392 -61.42 10.20 -39.89
C LEU A 392 -60.84 11.21 -38.91
N SER A 393 -59.55 11.07 -38.58
CA SER A 393 -59.00 12.06 -37.67
C SER A 393 -58.79 13.37 -38.39
N ALA A 394 -58.57 13.32 -39.70
CA ALA A 394 -58.47 14.56 -40.48
C ALA A 394 -59.80 15.31 -40.53
N ALA A 395 -60.91 14.58 -40.61
CA ALA A 395 -62.26 15.15 -40.73
C ALA A 395 -62.81 15.78 -39.44
N THR A 396 -62.49 15.25 -38.27
CA THR A 396 -63.07 15.79 -37.04
C THR A 396 -62.71 17.27 -36.85
N PRO A 397 -63.64 18.10 -36.32
CA PRO A 397 -63.31 19.52 -36.07
C PRO A 397 -62.19 19.77 -35.07
N LYS A 398 -61.89 18.84 -34.15
CA LYS A 398 -60.81 19.09 -33.20
C LYS A 398 -59.48 19.23 -33.95
N HIS A 399 -59.24 18.31 -34.88
CA HIS A 399 -58.01 18.32 -35.68
C HIS A 399 -57.90 19.60 -36.48
N LEU A 400 -58.98 19.94 -37.20
CA LEU A 400 -58.93 21.08 -38.09
C LEU A 400 -58.79 22.38 -37.29
N LYS A 401 -59.48 22.47 -36.16
CA LYS A 401 -59.43 23.69 -35.35
C LYS A 401 -58.04 23.88 -34.73
N SER A 402 -57.44 22.79 -34.24
CA SER A 402 -56.13 22.93 -33.62
C SER A 402 -55.06 23.29 -34.65
N ILE A 403 -55.14 22.74 -35.86
CA ILE A 403 -54.16 23.15 -36.88
C ILE A 403 -54.37 24.60 -37.28
N GLY A 404 -55.63 25.00 -37.44
CA GLY A 404 -55.99 26.32 -37.92
C GLY A 404 -56.66 26.31 -39.28
N LEU A 405 -57.06 25.12 -39.78
CA LEU A 405 -57.77 25.03 -41.05
C LEU A 405 -59.22 25.44 -40.81
N LEU A 406 -59.75 25.07 -39.67
CA LEU A 406 -61.11 25.40 -39.26
C LEU A 406 -61.00 26.58 -38.30
N SER A 407 -61.84 27.59 -38.50
CA SER A 407 -61.84 28.86 -37.77
C SER A 407 -61.63 28.73 -36.26
N PRO A 408 -60.81 29.61 -35.65
CA PRO A 408 -60.62 29.52 -34.18
C PRO A 408 -61.86 29.83 -33.36
N ASP A 409 -62.89 30.43 -33.96
CA ASP A 409 -64.13 30.77 -33.27
C ASP A 409 -65.23 29.76 -33.50
N PHE A 410 -64.93 28.63 -34.14
CA PHE A 410 -65.92 27.58 -34.38
C PHE A 410 -66.32 26.93 -33.06
N GLN A 411 -67.62 26.68 -32.93
CA GLN A 411 -68.18 25.95 -31.81
C GLN A 411 -69.07 24.88 -32.42
N GLU A 412 -69.18 23.75 -31.72
CA GLU A 412 -70.00 22.67 -32.22
C GLU A 412 -71.47 23.04 -32.27
N ASP A 413 -72.13 22.58 -33.33
CA ASP A 413 -73.56 22.77 -33.57
C ASP A 413 -74.08 21.38 -33.87
N ASN A 414 -74.87 20.83 -32.95
CA ASN A 414 -75.31 19.43 -33.05
C ASN A 414 -75.95 19.15 -34.41
N GLU A 415 -76.69 20.12 -34.96
CA GLU A 415 -77.30 19.90 -36.27
C GLU A 415 -76.23 19.85 -37.37
N THR A 416 -75.13 20.58 -37.20
CA THR A 416 -74.05 20.48 -38.18
C THR A 416 -73.38 19.13 -38.08
N GLU A 417 -73.23 18.63 -36.84
CA GLU A 417 -72.65 17.32 -36.63
C GLU A 417 -73.54 16.26 -37.27
N ILE A 418 -74.86 16.45 -37.18
CA ILE A 418 -75.79 15.54 -37.83
C ILE A 418 -75.63 15.60 -39.34
N ASN A 419 -75.49 16.80 -39.90
CA ASN A 419 -75.34 16.88 -41.36
C ASN A 419 -74.07 16.16 -41.81
N PHE A 420 -72.97 16.36 -41.09
CA PHE A 420 -71.73 15.64 -41.39
C PHE A 420 -71.91 14.14 -41.24
N LEU A 421 -72.49 13.71 -40.12
CA LEU A 421 -72.66 12.29 -39.88
C LEU A 421 -73.59 11.68 -40.89
N LEU A 422 -74.64 12.38 -41.32
CA LEU A 422 -75.50 11.78 -42.33
C LEU A 422 -74.73 11.57 -43.62
N LYS A 423 -74.01 12.60 -44.07
CA LYS A 423 -73.28 12.44 -45.33
C LYS A 423 -72.30 11.27 -45.24
N GLN A 424 -71.62 11.17 -44.08
CA GLN A 424 -70.66 10.09 -43.87
C GLN A 424 -71.34 8.73 -43.75
N ALA A 425 -72.47 8.64 -43.03
CA ALA A 425 -73.12 7.35 -42.90
C ALA A 425 -73.69 6.91 -44.23
N LEU A 426 -74.22 7.85 -45.00
CA LEU A 426 -74.81 7.51 -46.29
C LEU A 426 -73.75 6.96 -47.22
N THR A 427 -72.56 7.55 -47.20
CA THR A 427 -71.49 7.03 -48.05
C THR A 427 -70.93 5.71 -47.50
N ILE A 428 -70.54 5.72 -46.23
CA ILE A 428 -69.86 4.59 -45.59
C ILE A 428 -70.82 3.43 -45.29
N VAL A 429 -72.04 3.72 -44.79
CA VAL A 429 -72.98 2.66 -44.42
C VAL A 429 -73.86 2.25 -45.59
N GLY A 430 -74.33 3.20 -46.39
CA GLY A 430 -75.20 2.87 -47.51
C GLY A 430 -74.56 1.85 -48.44
N THR A 431 -73.25 1.90 -48.57
CA THR A 431 -72.50 0.96 -49.41
C THR A 431 -72.35 -0.43 -48.78
N LEU A 432 -72.51 -0.56 -47.45
CA LEU A 432 -72.21 -1.85 -46.82
C LEU A 432 -73.09 -2.99 -47.28
N PRO A 433 -74.43 -2.90 -47.27
CA PRO A 433 -75.22 -4.02 -47.77
C PRO A 433 -75.08 -4.21 -49.27
N PHE A 434 -74.70 -3.16 -50.01
CA PHE A 434 -74.45 -3.33 -51.43
C PHE A 434 -73.23 -4.20 -51.62
N THR A 435 -72.14 -3.87 -50.91
CA THR A 435 -70.89 -4.59 -51.06
C THR A 435 -71.13 -6.06 -50.72
N TYR A 436 -71.85 -6.28 -49.63
CA TYR A 436 -72.21 -7.64 -49.24
C TYR A 436 -73.03 -8.37 -50.30
N MET A 437 -74.10 -7.77 -50.82
CA MET A 437 -74.87 -8.57 -51.75
C MET A 437 -74.06 -8.81 -53.02
N LEU A 438 -73.19 -7.86 -53.37
CA LEU A 438 -72.38 -8.08 -54.56
C LEU A 438 -71.36 -9.19 -54.34
N GLU A 439 -70.65 -9.19 -53.21
CA GLU A 439 -69.66 -10.26 -52.94
C GLU A 439 -70.37 -11.61 -52.92
N LYS A 440 -71.53 -11.66 -52.26
CA LYS A 440 -72.29 -12.89 -52.13
C LYS A 440 -72.83 -13.33 -53.47
N TRP A 441 -73.29 -12.37 -54.30
CA TRP A 441 -73.77 -12.72 -55.62
C TRP A 441 -72.61 -13.29 -56.43
N ARG A 442 -71.45 -12.64 -56.39
CA ARG A 442 -70.30 -13.12 -57.14
C ARG A 442 -69.93 -14.52 -56.67
N TRP A 443 -69.97 -14.75 -55.35
CA TRP A 443 -69.66 -16.06 -54.79
C TRP A 443 -70.61 -17.13 -55.30
N MET A 444 -71.93 -16.85 -55.26
CA MET A 444 -72.90 -17.83 -55.76
C MET A 444 -72.72 -18.04 -57.26
N VAL A 445 -72.38 -16.97 -57.98
CA VAL A 445 -72.13 -17.01 -59.41
C VAL A 445 -70.93 -17.89 -59.74
N PHE A 446 -69.85 -17.73 -58.99
CA PHE A 446 -68.68 -18.58 -59.20
C PHE A 446 -68.97 -20.02 -58.78
N LYS A 447 -69.71 -20.20 -57.68
CA LYS A 447 -70.02 -21.54 -57.22
C LYS A 447 -70.79 -22.34 -58.27
N GLY A 448 -71.71 -21.68 -58.96
CA GLY A 448 -72.51 -22.33 -59.99
C GLY A 448 -73.83 -22.84 -59.50
N GLU A 449 -74.22 -22.50 -58.27
CA GLU A 449 -75.49 -22.92 -57.70
C GLU A 449 -76.68 -22.30 -58.44
N ILE A 450 -76.51 -21.08 -58.93
CA ILE A 450 -77.56 -20.37 -59.65
C ILE A 450 -77.33 -20.51 -61.16
N PRO A 451 -78.32 -20.97 -61.94
CA PRO A 451 -78.14 -21.03 -63.40
C PRO A 451 -77.85 -19.65 -63.97
N LYS A 452 -77.11 -19.63 -65.09
CA LYS A 452 -76.70 -18.37 -65.73
C LYS A 452 -77.86 -17.44 -66.04
N ASP A 453 -79.00 -17.97 -66.48
CA ASP A 453 -80.11 -17.08 -66.82
C ASP A 453 -80.75 -16.49 -65.57
N GLN A 454 -80.89 -17.29 -64.51
CA GLN A 454 -81.51 -16.82 -63.29
C GLN A 454 -80.67 -15.73 -62.61
N TRP A 455 -79.33 -15.71 -62.86
CA TRP A 455 -78.40 -14.75 -62.23
C TRP A 455 -78.93 -13.32 -62.26
N MET A 456 -79.60 -12.95 -63.34
CA MET A 456 -80.08 -11.58 -63.43
C MET A 456 -81.27 -11.41 -62.50
N LYS A 457 -82.11 -12.44 -62.43
CA LYS A 457 -83.21 -12.40 -61.44
C LYS A 457 -82.60 -12.22 -60.07
N LYS A 458 -81.65 -13.09 -59.73
CA LYS A 458 -81.12 -13.08 -58.38
C LYS A 458 -80.54 -11.72 -58.04
N TRP A 459 -79.84 -11.08 -58.99
CA TRP A 459 -79.31 -9.77 -58.71
C TRP A 459 -80.43 -8.77 -58.42
N TRP A 460 -81.48 -8.80 -59.26
CA TRP A 460 -82.59 -7.88 -59.04
C TRP A 460 -83.25 -8.12 -57.68
N GLU A 461 -83.48 -9.39 -57.36
CA GLU A 461 -84.09 -9.76 -56.08
C GLU A 461 -83.22 -9.35 -54.91
N MET A 462 -81.91 -9.56 -55.01
CA MET A 462 -81.02 -9.18 -53.92
C MET A 462 -81.01 -7.67 -53.72
N LYS A 463 -81.02 -6.89 -54.81
CA LYS A 463 -81.06 -5.44 -54.64
C LYS A 463 -82.30 -5.04 -53.86
N ARG A 464 -83.43 -5.63 -54.22
CA ARG A 464 -84.69 -5.29 -53.56
C ARG A 464 -84.75 -5.78 -52.12
N GLU A 465 -84.33 -7.02 -51.88
CA GLU A 465 -84.45 -7.64 -50.57
C GLU A 465 -83.42 -7.08 -49.58
N ILE A 466 -82.19 -6.83 -50.03
CA ILE A 466 -81.12 -6.46 -49.11
C ILE A 466 -80.97 -4.95 -48.92
N VAL A 467 -81.06 -4.13 -49.98
CA VAL A 467 -80.83 -2.68 -49.82
C VAL A 467 -82.06 -1.84 -50.08
N GLY A 468 -83.18 -2.43 -50.47
CA GLY A 468 -84.33 -1.60 -50.74
C GLY A 468 -84.20 -0.87 -52.05
N VAL A 469 -83.58 -1.50 -53.04
CA VAL A 469 -83.37 -0.91 -54.35
C VAL A 469 -84.00 -1.82 -55.40
N VAL A 470 -84.86 -1.24 -56.22
CA VAL A 470 -85.58 -1.94 -57.27
C VAL A 470 -85.21 -1.34 -58.61
N GLU A 471 -84.83 -2.19 -59.55
CA GLU A 471 -84.49 -1.73 -60.88
C GLU A 471 -85.76 -1.15 -61.52
N PRO A 472 -85.73 0.08 -62.03
CA PRO A 472 -86.98 0.65 -62.59
C PRO A 472 -87.41 0.00 -63.90
N VAL A 473 -86.52 -0.72 -64.57
CA VAL A 473 -86.77 -1.30 -65.88
C VAL A 473 -86.44 -2.79 -65.84
N PRO A 474 -87.32 -3.70 -66.28
CA PRO A 474 -86.94 -5.12 -66.27
C PRO A 474 -85.86 -5.34 -67.30
N HIS A 475 -84.98 -6.31 -67.02
CA HIS A 475 -83.92 -6.67 -67.95
C HIS A 475 -83.89 -8.17 -68.18
N ASP A 476 -83.45 -8.55 -69.37
CA ASP A 476 -83.31 -9.94 -69.78
C ASP A 476 -81.92 -10.45 -69.41
N GLU A 477 -81.63 -11.69 -69.81
CA GLU A 477 -80.34 -12.30 -69.53
C GLU A 477 -79.22 -11.59 -70.29
N THR A 478 -79.51 -11.09 -71.49
CA THR A 478 -78.50 -10.42 -72.31
C THR A 478 -77.84 -9.26 -71.57
N TYR A 479 -78.60 -8.49 -70.83
CA TYR A 479 -78.05 -7.37 -70.09
C TYR A 479 -77.46 -7.90 -68.78
N CYS A 480 -76.39 -7.27 -68.31
CA CYS A 480 -75.79 -7.60 -67.02
C CYS A 480 -75.60 -6.35 -66.15
N ASP A 481 -76.32 -6.30 -65.01
CA ASP A 481 -76.26 -5.10 -64.16
C ASP A 481 -74.94 -5.02 -63.38
N PRO A 482 -74.49 -6.06 -62.67
CA PRO A 482 -73.24 -5.94 -61.89
C PRO A 482 -72.02 -5.55 -62.71
N ALA A 483 -72.02 -5.84 -64.00
CA ALA A 483 -70.88 -5.53 -64.87
C ALA A 483 -70.67 -4.02 -65.05
N SER A 484 -71.60 -3.18 -64.63
CA SER A 484 -71.43 -1.74 -64.69
C SER A 484 -70.35 -1.22 -63.75
N LEU A 485 -69.90 -2.03 -62.80
CA LEU A 485 -68.83 -1.67 -61.89
C LEU A 485 -67.51 -2.25 -62.40
N PHE A 486 -66.49 -1.38 -62.46
CA PHE A 486 -65.16 -1.74 -62.96
C PHE A 486 -64.68 -3.04 -62.36
N HIS A 487 -64.83 -3.17 -61.04
CA HIS A 487 -64.30 -4.31 -60.31
C HIS A 487 -65.07 -5.60 -60.58
N VAL A 488 -66.26 -5.54 -61.19
CA VAL A 488 -66.98 -6.78 -61.49
C VAL A 488 -66.48 -7.32 -62.82
N SER A 489 -66.28 -6.45 -63.81
CA SER A 489 -65.73 -6.89 -65.09
C SER A 489 -64.29 -7.32 -64.93
N ASN A 490 -63.56 -6.67 -64.02
CA ASN A 490 -62.17 -6.99 -63.72
C ASN A 490 -62.11 -8.08 -62.64
N ASP A 491 -60.87 -8.46 -62.28
CA ASP A 491 -60.60 -9.50 -61.29
C ASP A 491 -60.45 -8.83 -59.93
N TYR A 492 -61.55 -8.74 -59.18
CA TYR A 492 -61.52 -8.04 -57.90
C TYR A 492 -62.48 -8.65 -56.88
N SER A 493 -61.98 -8.82 -55.66
CA SER A 493 -62.72 -9.34 -54.52
C SER A 493 -63.31 -8.17 -53.72
N PHE A 494 -64.63 -8.18 -53.51
CA PHE A 494 -65.26 -7.05 -52.83
C PHE A 494 -65.39 -7.26 -51.33
N ILE A 495 -64.98 -8.43 -50.82
CA ILE A 495 -65.08 -8.71 -49.35
C ILE A 495 -64.22 -7.68 -48.60
N ARG A 496 -63.10 -7.28 -49.20
CA ARG A 496 -62.17 -6.37 -48.56
C ARG A 496 -62.71 -4.97 -48.34
N TYR A 497 -63.73 -4.50 -49.06
CA TYR A 497 -64.20 -3.15 -48.75
C TYR A 497 -65.02 -3.17 -47.46
N TYR A 498 -65.83 -4.21 -47.32
CA TYR A 498 -66.61 -4.37 -46.11
C TYR A 498 -65.67 -4.56 -44.94
N THR A 499 -64.71 -5.48 -45.11
CA THR A 499 -63.77 -5.76 -44.05
C THR A 499 -62.96 -4.51 -43.69
N ARG A 500 -62.48 -3.76 -44.71
CA ARG A 500 -61.72 -2.52 -44.45
C ARG A 500 -62.51 -1.59 -43.54
N THR A 501 -63.78 -1.37 -43.87
CA THR A 501 -64.56 -0.45 -43.05
C THR A 501 -64.75 -0.97 -41.63
N LEU A 502 -65.01 -2.27 -41.45
CA LEU A 502 -65.14 -2.73 -40.06
C LEU A 502 -63.81 -2.57 -39.33
N TYR A 503 -62.69 -2.82 -40.01
CA TYR A 503 -61.39 -2.64 -39.38
C TYR A 503 -61.24 -1.18 -38.98
N GLN A 504 -61.63 -0.29 -39.88
CA GLN A 504 -61.56 1.15 -39.74
C GLN A 504 -62.30 1.63 -38.48
N PHE A 505 -63.51 1.14 -38.26
CA PHE A 505 -64.24 1.62 -37.09
C PHE A 505 -63.73 0.97 -35.81
N GLN A 506 -63.30 -0.29 -35.90
CA GLN A 506 -62.73 -0.96 -34.75
C GLN A 506 -61.42 -0.28 -34.36
N PHE A 507 -60.68 0.21 -35.35
CA PHE A 507 -59.43 0.90 -35.07
C PHE A 507 -59.73 2.23 -34.41
N GLN A 508 -60.75 2.95 -34.90
CA GLN A 508 -61.01 4.26 -34.33
C GLN A 508 -61.33 4.06 -32.84
N GLU A 509 -62.06 2.99 -32.51
CA GLU A 509 -62.37 2.74 -31.10
C GLU A 509 -61.13 2.32 -30.31
N ALA A 510 -60.29 1.44 -30.88
CA ALA A 510 -59.09 0.99 -30.17
C ALA A 510 -58.14 2.15 -29.88
N LEU A 511 -58.03 3.08 -30.82
CA LEU A 511 -57.12 4.20 -30.64
C LEU A 511 -57.77 5.24 -29.76
N CYS A 512 -59.10 5.35 -29.79
CA CYS A 512 -59.79 6.25 -28.89
C CYS A 512 -59.58 5.82 -27.45
N GLN A 513 -59.61 4.50 -27.21
CA GLN A 513 -59.39 3.97 -25.87
C GLN A 513 -57.94 4.21 -25.44
N ALA A 514 -56.99 4.05 -26.35
CA ALA A 514 -55.61 4.37 -26.00
C ALA A 514 -55.43 5.86 -25.75
N ALA A 515 -56.13 6.70 -26.54
CA ALA A 515 -56.05 8.14 -26.43
C ALA A 515 -56.70 8.66 -25.14
N LYS A 516 -57.66 7.91 -24.59
CA LYS A 516 -58.39 8.30 -23.38
C LYS A 516 -59.28 9.52 -23.62
N HIS A 517 -59.99 9.53 -24.74
CA HIS A 517 -60.94 10.59 -25.08
C HIS A 517 -62.35 10.14 -24.75
N GLU A 518 -63.22 11.11 -24.46
CA GLU A 518 -64.62 10.85 -24.13
C GLU A 518 -65.54 11.55 -25.11
N GLY A 519 -66.76 11.01 -25.23
CA GLY A 519 -67.79 11.57 -26.06
C GLY A 519 -68.06 10.70 -27.27
N PRO A 520 -68.90 11.18 -28.20
CA PRO A 520 -69.23 10.39 -29.40
C PRO A 520 -67.95 9.99 -30.12
N LEU A 521 -67.95 8.80 -30.72
CA LEU A 521 -66.71 8.36 -31.33
C LEU A 521 -66.30 9.24 -32.50
N HIS A 522 -67.24 9.90 -33.19
CA HIS A 522 -66.81 10.83 -34.23
C HIS A 522 -66.15 12.06 -33.62
N LYS A 523 -66.46 12.37 -32.36
CA LYS A 523 -65.82 13.50 -31.67
C LYS A 523 -64.40 13.13 -31.29
N CYS A 524 -64.22 11.87 -30.87
CA CYS A 524 -62.92 11.37 -30.46
C CYS A 524 -61.92 11.41 -31.60
N ASP A 525 -60.72 11.92 -31.30
CA ASP A 525 -59.63 12.06 -32.25
C ASP A 525 -58.48 11.14 -31.80
N ILE A 526 -57.40 11.15 -32.58
CA ILE A 526 -56.18 10.42 -32.27
C ILE A 526 -54.95 11.32 -32.29
N SER A 527 -55.12 12.61 -32.59
CA SER A 527 -54.00 13.55 -32.60
C SER A 527 -53.32 13.57 -31.24
N ASN A 528 -52.00 13.74 -31.25
CA ASN A 528 -51.16 13.60 -30.05
C ASN A 528 -51.44 12.18 -29.56
N SER A 529 -51.95 11.97 -28.34
CA SER A 529 -52.35 10.64 -27.87
C SER A 529 -51.28 9.58 -28.15
N THR A 530 -50.06 9.81 -27.65
CA THR A 530 -48.94 8.96 -28.03
C THR A 530 -49.10 7.52 -27.54
N GLU A 531 -50.02 7.25 -26.61
CA GLU A 531 -50.30 5.87 -26.26
C GLU A 531 -50.93 5.16 -27.45
N ALA A 532 -51.79 5.87 -28.19
CA ALA A 532 -52.43 5.29 -29.36
C ALA A 532 -51.39 5.11 -30.45
N GLY A 533 -50.43 6.04 -30.51
CA GLY A 533 -49.36 5.94 -31.50
C GLY A 533 -48.57 4.66 -31.29
N GLN A 534 -48.10 4.43 -30.06
CA GLN A 534 -47.31 3.23 -29.80
C GLN A 534 -48.17 1.97 -29.99
N LYS A 535 -49.43 2.01 -29.56
CA LYS A 535 -50.32 0.86 -29.71
C LYS A 535 -50.45 0.50 -31.19
N LEU A 536 -50.58 1.51 -32.05
CA LEU A 536 -50.69 1.27 -33.49
C LEU A 536 -49.36 0.81 -34.08
N PHE A 537 -48.27 1.40 -33.58
CA PHE A 537 -46.93 1.09 -34.08
C PHE A 537 -46.61 -0.37 -33.81
N ASN A 538 -47.16 -0.93 -32.72
CA ASN A 538 -46.92 -2.34 -32.44
C ASN A 538 -47.50 -3.32 -33.48
N MET A 539 -48.52 -2.95 -34.27
CA MET A 539 -49.03 -3.85 -35.32
C MET A 539 -48.42 -3.50 -36.67
N LEU A 540 -48.20 -2.21 -36.93
CA LEU A 540 -47.66 -1.77 -38.22
C LEU A 540 -46.38 -2.53 -38.55
N ARG A 541 -45.56 -2.77 -37.54
CA ARG A 541 -44.27 -3.42 -37.72
C ARG A 541 -44.45 -4.91 -38.02
N LEU A 542 -45.64 -5.48 -37.83
CA LEU A 542 -45.86 -6.90 -38.04
C LEU A 542 -46.36 -7.20 -39.46
N GLY A 543 -47.30 -6.39 -39.93
CA GLY A 543 -47.85 -6.53 -41.28
C GLY A 543 -48.41 -7.91 -41.60
N LYS A 544 -48.02 -8.42 -42.77
CA LYS A 544 -48.44 -9.73 -43.26
C LYS A 544 -47.76 -10.89 -42.54
N SER A 545 -46.67 -10.65 -41.80
CA SER A 545 -45.93 -11.77 -41.22
C SER A 545 -46.66 -12.43 -40.07
N GLU A 546 -47.50 -11.70 -39.36
CA GLU A 546 -48.25 -12.27 -38.25
C GLU A 546 -49.67 -12.57 -38.69
N PRO A 547 -50.36 -13.50 -38.03
CA PRO A 547 -51.76 -13.76 -38.39
C PRO A 547 -52.57 -12.47 -38.32
N TRP A 548 -53.40 -12.24 -39.34
CA TRP A 548 -54.12 -10.97 -39.36
C TRP A 548 -55.15 -10.91 -38.23
N THR A 549 -55.66 -12.05 -37.82
CA THR A 549 -56.66 -12.06 -36.76
C THR A 549 -55.97 -11.68 -35.45
N LEU A 550 -54.76 -12.20 -35.24
CA LEU A 550 -53.97 -11.85 -34.07
C LEU A 550 -53.45 -10.42 -34.19
N ALA A 551 -52.99 -10.05 -35.39
CA ALA A 551 -52.43 -8.72 -35.60
C ALA A 551 -53.45 -7.66 -35.23
N LEU A 552 -54.73 -7.90 -35.55
CA LEU A 552 -55.73 -6.94 -35.13
C LEU A 552 -56.05 -7.11 -33.65
N GLU A 553 -56.11 -8.37 -33.17
CA GLU A 553 -56.42 -8.67 -31.76
C GLU A 553 -55.54 -7.92 -30.77
N ASN A 554 -54.26 -7.77 -31.07
CA ASN A 554 -53.39 -7.07 -30.12
C ASN A 554 -53.79 -5.63 -29.90
N VAL A 555 -54.51 -5.05 -30.86
CA VAL A 555 -54.96 -3.67 -30.80
C VAL A 555 -56.41 -3.55 -30.36
N VAL A 556 -57.30 -4.37 -30.94
CA VAL A 556 -58.73 -4.20 -30.68
C VAL A 556 -59.25 -4.99 -29.48
N GLY A 557 -58.52 -6.00 -29.01
CA GLY A 557 -58.95 -6.74 -27.84
C GLY A 557 -60.11 -7.68 -28.07
N ALA A 558 -60.24 -8.27 -29.26
CA ALA A 558 -61.38 -9.13 -29.55
C ALA A 558 -61.00 -10.22 -30.55
N LYS A 559 -61.68 -11.36 -30.43
CA LYS A 559 -61.41 -12.49 -31.33
C LYS A 559 -61.90 -12.20 -32.74
N ASN A 560 -62.83 -11.26 -32.89
CA ASN A 560 -63.37 -10.89 -34.18
C ASN A 560 -63.80 -9.43 -34.08
N MET A 561 -64.33 -8.90 -35.19
CA MET A 561 -64.73 -7.50 -35.24
C MET A 561 -66.18 -7.29 -34.80
N ASN A 562 -66.40 -6.15 -34.15
CA ASN A 562 -67.69 -5.74 -33.63
C ASN A 562 -68.23 -4.51 -34.36
N VAL A 563 -69.56 -4.45 -34.43
CA VAL A 563 -70.27 -3.31 -35.01
C VAL A 563 -70.24 -2.08 -34.12
N ARG A 564 -70.21 -2.27 -32.79
CA ARG A 564 -70.32 -1.21 -31.78
C ARG A 564 -69.61 0.10 -32.15
N PRO A 565 -68.36 0.10 -32.65
CA PRO A 565 -67.77 1.40 -33.03
C PRO A 565 -68.50 2.08 -34.18
N LEU A 566 -69.29 1.33 -34.97
CA LEU A 566 -70.06 1.94 -36.05
C LEU A 566 -71.19 2.76 -35.47
N LEU A 567 -71.83 2.22 -34.44
CA LEU A 567 -72.93 2.94 -33.82
C LEU A 567 -72.38 4.08 -32.98
N ASN A 568 -71.21 3.89 -32.38
CA ASN A 568 -70.62 4.96 -31.59
C ASN A 568 -70.25 6.15 -32.46
N TYR A 569 -69.71 5.90 -33.66
CA TYR A 569 -69.33 7.00 -34.55
C TYR A 569 -70.54 7.85 -34.90
N PHE A 570 -71.63 7.18 -35.28
CA PHE A 570 -72.85 7.82 -35.74
C PHE A 570 -73.92 7.89 -34.65
N GLU A 571 -73.55 7.70 -33.38
CA GLU A 571 -74.52 7.72 -32.29
C GLU A 571 -75.47 8.92 -32.34
N PRO A 572 -75.00 10.17 -32.48
CA PRO A 572 -75.97 11.28 -32.58
C PRO A 572 -76.82 11.17 -33.83
N LEU A 573 -76.32 10.51 -34.86
CA LEU A 573 -77.07 10.37 -36.09
C LEU A 573 -78.10 9.28 -35.93
N PHE A 574 -77.70 8.18 -35.28
CA PHE A 574 -78.62 7.07 -35.07
C PHE A 574 -79.79 7.56 -34.22
N THR A 575 -79.48 8.29 -33.14
CA THR A 575 -80.53 8.84 -32.27
C THR A 575 -81.46 9.77 -33.04
N TRP A 576 -80.89 10.69 -33.84
CA TRP A 576 -81.69 11.63 -34.63
C TRP A 576 -82.58 10.88 -35.63
N LEU A 577 -82.01 9.89 -36.30
CA LEU A 577 -82.77 9.12 -37.28
C LEU A 577 -83.90 8.40 -36.60
N LYS A 578 -83.65 7.82 -35.42
CA LYS A 578 -84.73 7.15 -34.72
C LYS A 578 -85.84 8.13 -34.40
N ASP A 579 -85.46 9.33 -33.94
CA ASP A 579 -86.48 10.32 -33.57
C ASP A 579 -87.35 10.72 -34.77
N GLN A 580 -86.78 10.75 -35.97
CA GLN A 580 -87.64 11.07 -37.13
C GLN A 580 -88.40 9.84 -37.63
N ASN A 581 -87.78 8.66 -37.52
CA ASN A 581 -88.34 7.39 -37.97
C ASN A 581 -89.49 6.91 -37.11
N LYS A 582 -89.59 7.38 -35.86
CA LYS A 582 -90.76 7.05 -35.04
C LYS A 582 -92.06 7.50 -35.69
N ASN A 583 -92.00 8.53 -36.53
CA ASN A 583 -93.19 9.02 -37.22
C ASN A 583 -93.27 8.50 -38.65
N SER A 584 -92.14 8.28 -39.29
CA SER A 584 -92.09 7.84 -40.68
C SER A 584 -92.28 6.32 -40.74
N PHE A 585 -92.58 5.83 -41.94
CA PHE A 585 -92.60 4.39 -42.17
C PHE A 585 -91.18 3.84 -42.11
N VAL A 586 -91.00 2.73 -41.42
CA VAL A 586 -89.69 2.07 -41.26
C VAL A 586 -89.79 0.72 -41.94
N GLY A 587 -88.78 0.39 -42.76
CA GLY A 587 -88.80 -0.81 -43.57
C GLY A 587 -89.17 -0.45 -44.99
N TRP A 588 -89.28 -1.48 -45.83
CA TRP A 588 -89.63 -1.22 -47.22
C TRP A 588 -90.39 -2.43 -47.74
N SER A 589 -91.23 -2.17 -48.73
CA SER A 589 -91.95 -3.20 -49.46
C SER A 589 -91.15 -3.61 -50.69
N THR A 590 -90.99 -4.92 -50.87
CA THR A 590 -90.26 -5.47 -52.00
C THR A 590 -91.21 -5.82 -53.13
N ASP A 591 -92.51 -5.56 -52.98
CA ASP A 591 -93.49 -5.82 -54.02
C ASP A 591 -93.63 -4.61 -54.94
N TRP A 592 -93.38 -3.41 -54.44
CA TRP A 592 -93.50 -2.21 -55.26
C TRP A 592 -92.35 -2.13 -56.24
N SER A 593 -92.65 -1.76 -57.48
CA SER A 593 -91.62 -1.61 -58.50
C SER A 593 -92.17 -0.74 -59.61
N PRO A 594 -91.40 0.25 -60.14
CA PRO A 594 -91.91 1.02 -61.28
C PRO A 594 -92.38 0.12 -62.41
N TYR A 595 -91.68 -1.01 -62.58
CA TYR A 595 -92.08 -2.03 -63.54
C TYR A 595 -93.52 -2.49 -63.30
N ALA A 596 -93.89 -2.70 -62.05
CA ALA A 596 -95.20 -3.23 -61.70
C ALA A 596 -96.25 -2.12 -61.75
N SER B 1 -53.98 -11.27 -22.21
CA SER B 1 -54.83 -11.78 -23.28
C SER B 1 -54.86 -13.31 -23.33
N THR B 2 -53.85 -13.94 -22.73
CA THR B 2 -53.81 -15.39 -22.69
C THR B 2 -54.73 -15.89 -21.59
N ILE B 3 -55.47 -16.96 -21.89
CA ILE B 3 -56.44 -17.51 -20.95
C ILE B 3 -55.76 -18.00 -19.68
N GLU B 4 -54.60 -18.66 -19.80
CA GLU B 4 -53.89 -19.15 -18.62
C GLU B 4 -53.44 -18.02 -17.69
N GLU B 5 -52.94 -16.91 -18.25
CA GLU B 5 -52.47 -15.81 -17.41
C GLU B 5 -53.63 -15.16 -16.67
N GLN B 6 -54.77 -15.05 -17.35
CA GLN B 6 -55.90 -14.39 -16.73
C GLN B 6 -56.49 -15.31 -15.69
N ALA B 7 -56.45 -16.62 -15.96
CA ALA B 7 -56.96 -17.61 -15.02
C ALA B 7 -56.12 -17.62 -13.76
N LYS B 8 -54.80 -17.46 -13.90
CA LYS B 8 -53.95 -17.45 -12.70
C LYS B 8 -54.25 -16.22 -11.85
N THR B 9 -54.40 -15.05 -12.48
CA THR B 9 -54.67 -13.85 -11.68
C THR B 9 -56.01 -14.01 -10.95
N PHE B 10 -57.01 -14.51 -11.67
CA PHE B 10 -58.32 -14.80 -11.09
C PHE B 10 -58.25 -15.76 -9.92
N LEU B 11 -57.54 -16.87 -10.09
CA LEU B 11 -57.47 -17.86 -9.02
C LEU B 11 -56.74 -17.32 -7.81
N ASP B 12 -55.68 -16.52 -7.99
CA ASP B 12 -55.00 -15.97 -6.82
C ASP B 12 -55.95 -15.09 -6.02
N LYS B 13 -56.69 -14.23 -6.72
CA LYS B 13 -57.70 -13.39 -6.02
C LYS B 13 -58.66 -14.33 -5.30
N PHE B 14 -59.21 -15.31 -6.03
CA PHE B 14 -60.19 -16.22 -5.47
C PHE B 14 -59.66 -16.81 -4.18
N ASN B 15 -58.43 -17.31 -4.21
CA ASN B 15 -57.90 -18.03 -3.05
C ASN B 15 -57.84 -17.11 -1.85
N HIS B 16 -57.51 -15.84 -2.05
CA HIS B 16 -57.48 -14.96 -0.88
C HIS B 16 -58.88 -14.72 -0.33
N GLU B 17 -59.82 -14.35 -1.19
CA GLU B 17 -61.18 -14.05 -0.71
C GLU B 17 -61.82 -15.32 -0.14
N ALA B 18 -61.58 -16.45 -0.79
CA ALA B 18 -62.13 -17.72 -0.37
C ALA B 18 -61.62 -18.10 1.00
N GLU B 19 -60.32 -17.87 1.26
CA GLU B 19 -59.78 -18.23 2.55
C GLU B 19 -60.38 -17.36 3.65
N ASP B 20 -60.58 -16.07 3.39
CA ASP B 20 -61.12 -15.24 4.47
C ASP B 20 -62.59 -15.59 4.73
N LEU B 21 -63.36 -15.82 3.67
CA LEU B 21 -64.77 -16.16 3.85
C LEU B 21 -64.91 -17.56 4.44
N PHE B 22 -64.01 -18.46 4.06
CA PHE B 22 -63.98 -19.80 4.62
C PHE B 22 -63.81 -19.73 6.12
N TYR B 23 -62.84 -18.94 6.57
CA TYR B 23 -62.65 -18.78 8.00
C TYR B 23 -63.91 -18.27 8.66
N GLN B 24 -64.54 -17.24 8.08
CA GLN B 24 -65.75 -16.69 8.71
C GLN B 24 -66.85 -17.75 8.85
N SER B 25 -67.04 -18.56 7.81
CA SER B 25 -68.06 -19.61 7.84
C SER B 25 -67.72 -20.71 8.84
N SER B 26 -66.49 -21.22 8.76
CA SER B 26 -66.11 -22.32 9.64
C SER B 26 -66.08 -21.87 11.09
N LEU B 27 -65.67 -20.64 11.37
CA LEU B 27 -65.65 -20.17 12.76
C LEU B 27 -67.07 -20.05 13.29
N ALA B 28 -67.98 -19.47 12.50
CA ALA B 28 -69.35 -19.34 12.99
C ALA B 28 -69.99 -20.71 13.23
N SER B 29 -69.68 -21.67 12.35
CA SER B 29 -70.22 -23.01 12.51
C SER B 29 -69.59 -23.69 13.73
N TRP B 30 -68.29 -23.47 13.94
CA TRP B 30 -67.62 -23.99 15.12
C TRP B 30 -68.32 -23.48 16.36
N ASN B 31 -68.53 -22.16 16.43
CA ASN B 31 -69.12 -21.56 17.61
C ASN B 31 -70.50 -22.15 17.89
N TYR B 32 -71.31 -22.37 16.85
CA TYR B 32 -72.61 -22.98 17.08
C TYR B 32 -72.50 -24.40 17.62
N ASN B 33 -71.69 -25.25 16.99
CA ASN B 33 -71.62 -26.62 17.49
C ASN B 33 -70.94 -26.70 18.84
N THR B 34 -70.02 -25.77 19.09
CA THR B 34 -69.31 -25.67 20.36
C THR B 34 -70.20 -25.14 21.48
N ASN B 35 -71.03 -24.14 21.18
CA ASN B 35 -71.91 -23.48 22.14
C ASN B 35 -73.27 -23.33 21.45
N ILE B 36 -74.23 -24.16 21.85
CA ILE B 36 -75.55 -24.21 21.22
C ILE B 36 -76.41 -23.07 21.74
N THR B 37 -76.70 -22.10 20.88
CA THR B 37 -77.48 -20.91 21.23
C THR B 37 -77.95 -20.26 19.94
N GLU B 38 -79.03 -19.49 20.06
CA GLU B 38 -79.61 -18.81 18.90
C GLU B 38 -78.61 -17.83 18.25
N GLU B 39 -77.77 -17.17 19.05
CA GLU B 39 -76.83 -16.19 18.49
C GLU B 39 -75.84 -16.86 17.55
N ASN B 40 -75.37 -18.05 17.91
CA ASN B 40 -74.42 -18.74 17.04
C ASN B 40 -75.14 -19.28 15.81
N VAL B 41 -76.44 -19.61 15.94
CA VAL B 41 -77.19 -20.03 14.77
C VAL B 41 -77.26 -18.88 13.77
N GLN B 42 -77.50 -17.67 14.29
CA GLN B 42 -77.60 -16.50 13.42
C GLN B 42 -76.28 -16.26 12.70
N ASN B 43 -75.16 -16.41 13.43
CA ASN B 43 -73.87 -16.20 12.76
C ASN B 43 -73.55 -17.34 11.79
N MET B 44 -73.96 -18.57 12.13
CA MET B 44 -73.75 -19.72 11.26
C MET B 44 -74.45 -19.54 9.94
N ASN B 45 -75.72 -19.13 9.98
CA ASN B 45 -76.47 -18.99 8.75
C ASN B 45 -75.99 -17.81 7.93
N ASN B 46 -75.63 -16.70 8.58
CA ASN B 46 -75.21 -15.56 7.78
C ASN B 46 -73.87 -15.81 7.12
N ALA B 47 -72.93 -16.42 7.86
CA ALA B 47 -71.63 -16.69 7.27
C ALA B 47 -71.71 -17.75 6.18
N GLY B 48 -72.55 -18.79 6.39
CA GLY B 48 -72.68 -19.81 5.37
C GLY B 48 -73.26 -19.27 4.07
N ASP B 49 -74.28 -18.42 4.17
CA ASP B 49 -74.84 -17.88 2.94
C ASP B 49 -73.84 -16.96 2.26
N LYS B 50 -73.08 -16.18 3.04
CA LYS B 50 -72.08 -15.30 2.42
C LYS B 50 -71.02 -16.10 1.67
N TRP B 51 -70.52 -17.18 2.27
CA TRP B 51 -69.49 -18.00 1.63
C TRP B 51 -70.03 -18.62 0.35
N SER B 52 -71.26 -19.17 0.40
CA SER B 52 -71.84 -19.79 -0.79
C SER B 52 -72.07 -18.73 -1.87
N ALA B 53 -72.50 -17.53 -1.48
CA ALA B 53 -72.74 -16.47 -2.46
C ALA B 53 -71.44 -16.14 -3.18
N PHE B 54 -70.35 -16.10 -2.41
CA PHE B 54 -69.03 -15.85 -2.99
C PHE B 54 -68.69 -16.91 -4.01
N LEU B 55 -68.87 -18.18 -3.64
CA LEU B 55 -68.51 -19.24 -4.57
C LEU B 55 -69.37 -19.19 -5.84
N LYS B 56 -70.66 -18.86 -5.74
CA LYS B 56 -71.45 -18.83 -6.98
C LYS B 56 -70.93 -17.74 -7.90
N GLU B 57 -70.57 -16.57 -7.33
CA GLU B 57 -70.04 -15.50 -8.19
C GLU B 57 -68.72 -15.93 -8.82
N GLN B 58 -67.90 -16.63 -8.04
CA GLN B 58 -66.60 -17.06 -8.56
C GLN B 58 -66.74 -18.18 -9.58
N SER B 59 -67.79 -19.00 -9.48
CA SER B 59 -68.03 -20.00 -10.50
C SER B 59 -68.40 -19.32 -11.81
N THR B 60 -69.26 -18.29 -11.71
CA THR B 60 -69.67 -17.56 -12.90
C THR B 60 -68.45 -16.95 -13.59
N LEU B 61 -67.53 -16.39 -12.81
CA LEU B 61 -66.33 -15.81 -13.40
C LEU B 61 -65.37 -16.90 -13.91
N ALA B 62 -65.27 -18.02 -13.19
CA ALA B 62 -64.40 -19.11 -13.60
C ALA B 62 -64.79 -19.66 -14.97
N GLN B 63 -66.08 -19.64 -15.29
CA GLN B 63 -66.55 -20.17 -16.57
C GLN B 63 -66.07 -19.37 -17.78
N MET B 64 -65.50 -18.19 -17.57
CA MET B 64 -65.00 -17.35 -18.66
C MET B 64 -63.57 -17.70 -19.07
N TYR B 65 -62.94 -18.71 -18.45
CA TYR B 65 -61.57 -19.15 -18.74
C TYR B 65 -61.55 -20.62 -19.15
N PRO B 66 -61.79 -20.94 -20.43
CA PRO B 66 -61.91 -22.36 -20.84
C PRO B 66 -60.74 -23.24 -20.41
N LEU B 67 -61.08 -24.44 -19.95
CA LEU B 67 -60.12 -25.41 -19.43
C LEU B 67 -59.14 -25.93 -20.48
N GLN B 68 -59.58 -26.09 -21.73
CA GLN B 68 -58.71 -26.66 -22.75
C GLN B 68 -57.56 -25.74 -23.17
N GLU B 69 -57.59 -24.46 -22.81
CA GLU B 69 -56.54 -23.52 -23.17
C GLU B 69 -55.49 -23.37 -22.07
N ILE B 70 -55.65 -24.08 -20.94
CA ILE B 70 -54.76 -23.98 -19.80
C ILE B 70 -53.67 -25.04 -19.90
N GLN B 71 -52.40 -24.60 -19.80
CA GLN B 71 -51.27 -25.52 -19.89
C GLN B 71 -50.80 -25.98 -18.52
N ASN B 72 -51.14 -25.22 -17.47
CA ASN B 72 -50.79 -25.52 -16.08
C ASN B 72 -51.91 -26.36 -15.50
N LEU B 73 -51.63 -27.62 -15.16
CA LEU B 73 -52.73 -28.48 -14.71
C LEU B 73 -53.27 -28.05 -13.35
N THR B 74 -52.46 -27.39 -12.53
CA THR B 74 -52.96 -26.91 -11.24
C THR B 74 -54.04 -25.86 -11.47
N VAL B 75 -53.78 -24.93 -12.40
CA VAL B 75 -54.73 -23.88 -12.74
C VAL B 75 -55.97 -24.49 -13.37
N LYS B 76 -55.77 -25.43 -14.29
CA LYS B 76 -56.89 -26.05 -14.99
C LYS B 76 -57.80 -26.75 -13.98
N LEU B 77 -57.22 -27.45 -13.01
CA LEU B 77 -58.04 -28.14 -12.01
C LEU B 77 -58.78 -27.13 -11.14
N GLN B 78 -58.12 -26.04 -10.76
CA GLN B 78 -58.81 -25.04 -9.93
C GLN B 78 -59.99 -24.45 -10.69
N LEU B 79 -59.81 -24.21 -11.99
CA LEU B 79 -60.91 -23.72 -12.78
C LEU B 79 -62.00 -24.77 -12.85
N GLN B 80 -61.64 -26.05 -12.99
CA GLN B 80 -62.65 -27.09 -13.04
C GLN B 80 -63.44 -27.10 -11.74
N ALA B 81 -62.76 -26.90 -10.62
CA ALA B 81 -63.41 -26.87 -9.31
C ALA B 81 -64.46 -25.78 -9.24
N LEU B 82 -64.19 -24.63 -9.88
CA LEU B 82 -65.17 -23.54 -9.89
C LEU B 82 -66.20 -23.59 -11.03
N GLN B 83 -65.86 -24.13 -12.19
CA GLN B 83 -66.78 -24.10 -13.32
C GLN B 83 -68.04 -24.93 -13.09
N GLN B 84 -67.97 -26.00 -12.29
CA GLN B 84 -69.18 -26.80 -12.05
C GLN B 84 -70.25 -25.90 -11.46
N ASN B 85 -71.44 -25.95 -12.04
CA ASN B 85 -72.54 -25.09 -11.58
C ASN B 85 -73.18 -25.56 -10.29
N GLY B 86 -73.20 -26.88 -10.05
CA GLY B 86 -73.85 -27.38 -8.86
C GLY B 86 -75.31 -26.98 -8.83
N SER B 87 -75.74 -26.42 -7.70
CA SER B 87 -77.13 -26.04 -7.49
C SER B 87 -77.59 -24.86 -8.35
N SER B 88 -76.67 -24.13 -9.00
CA SER B 88 -77.06 -22.97 -9.79
C SER B 88 -77.60 -23.30 -11.17
N VAL B 89 -77.46 -24.53 -11.66
CA VAL B 89 -77.92 -24.85 -13.02
C VAL B 89 -79.43 -25.16 -13.06
N LEU B 90 -79.96 -25.74 -12.00
CA LEU B 90 -81.36 -26.15 -11.97
C LEU B 90 -82.30 -24.96 -11.95
N SER B 91 -83.39 -25.05 -12.70
CA SER B 91 -84.39 -24.01 -12.78
C SER B 91 -84.90 -23.64 -11.39
N GLU B 92 -85.25 -22.36 -11.23
CA GLU B 92 -85.63 -21.82 -9.92
C GLU B 92 -86.80 -22.55 -9.29
N ASP B 93 -87.81 -22.96 -10.07
CA ASP B 93 -88.94 -23.64 -9.40
C ASP B 93 -88.56 -25.06 -9.03
N LYS B 94 -87.66 -25.67 -9.80
CA LYS B 94 -87.22 -27.02 -9.49
C LYS B 94 -86.31 -26.97 -8.27
N SER B 95 -85.49 -25.92 -8.17
CA SER B 95 -84.62 -25.75 -7.01
C SER B 95 -85.45 -25.50 -5.75
N LYS B 96 -86.45 -24.61 -5.85
CA LYS B 96 -87.30 -24.34 -4.70
C LYS B 96 -87.96 -25.61 -4.19
N ARG B 97 -88.44 -26.45 -5.11
CA ARG B 97 -89.06 -27.69 -4.67
C ARG B 97 -88.00 -28.64 -4.12
N LEU B 98 -86.83 -28.69 -4.74
CA LEU B 98 -85.79 -29.60 -4.26
C LEU B 98 -85.38 -29.27 -2.83
N ASN B 99 -85.21 -27.98 -2.52
CA ASN B 99 -84.79 -27.61 -1.17
C ASN B 99 -85.92 -27.86 -0.19
N THR B 100 -87.16 -27.62 -0.62
CA THR B 100 -88.30 -27.90 0.25
C THR B 100 -88.31 -29.38 0.58
N ILE B 101 -88.07 -30.22 -0.42
CA ILE B 101 -88.06 -31.66 -0.22
C ILE B 101 -86.95 -32.07 0.73
N LEU B 102 -85.72 -31.56 0.54
CA LEU B 102 -84.64 -31.99 1.43
C LEU B 102 -84.96 -31.63 2.88
N ASN B 103 -85.48 -30.41 3.10
CA ASN B 103 -85.78 -30.02 4.47
C ASN B 103 -86.95 -30.83 5.02
N THR B 104 -87.91 -31.18 4.16
CA THR B 104 -89.06 -31.96 4.62
C THR B 104 -88.62 -33.37 4.96
N MET B 105 -87.77 -33.97 4.14
CA MET B 105 -87.27 -35.32 4.39
C MET B 105 -86.49 -35.38 5.70
N SER B 106 -85.64 -34.39 5.95
CA SER B 106 -84.91 -34.37 7.22
C SER B 106 -85.88 -34.22 8.39
N THR B 107 -86.88 -33.34 8.23
CA THR B 107 -87.87 -33.13 9.28
C THR B 107 -88.60 -34.43 9.55
N ILE B 108 -88.99 -35.15 8.50
CA ILE B 108 -89.71 -36.41 8.66
C ILE B 108 -88.85 -37.43 9.38
N TYR B 109 -87.56 -37.52 9.01
CA TYR B 109 -86.64 -38.44 9.67
C TYR B 109 -86.67 -38.20 11.18
N SER B 110 -86.54 -36.94 11.58
CA SER B 110 -86.50 -36.63 13.01
C SER B 110 -87.88 -36.73 13.65
N THR B 111 -88.94 -36.46 12.88
CA THR B 111 -90.30 -36.51 13.38
C THR B 111 -90.74 -37.94 13.67
N GLY B 112 -90.35 -38.89 12.83
CA GLY B 112 -90.78 -40.26 13.06
C GLY B 112 -90.11 -40.88 14.27
N LYS B 113 -90.71 -41.98 14.74
CA LYS B 113 -90.22 -42.68 15.92
C LYS B 113 -90.79 -44.09 15.95
N VAL B 114 -90.29 -44.87 16.90
CA VAL B 114 -90.76 -46.23 17.15
C VAL B 114 -91.80 -46.16 18.27
N CYS B 115 -93.06 -46.37 17.92
CA CYS B 115 -94.16 -46.20 18.86
C CYS B 115 -94.31 -47.44 19.74
N LEU B 125 -89.00 -41.58 21.34
CA LEU B 125 -88.24 -40.88 20.33
C LEU B 125 -87.39 -41.90 19.57
N LEU B 126 -87.04 -41.54 18.33
CA LEU B 126 -86.30 -42.46 17.47
C LEU B 126 -84.85 -42.67 17.90
N GLU B 127 -84.07 -41.55 18.16
CA GLU B 127 -82.64 -41.72 18.42
C GLU B 127 -82.27 -41.54 19.88
N PRO B 128 -81.31 -42.36 20.42
CA PRO B 128 -80.65 -43.61 19.84
C PRO B 128 -81.57 -44.82 20.18
N GLY B 129 -82.72 -44.62 20.86
CA GLY B 129 -83.50 -45.71 21.46
C GLY B 129 -83.89 -46.87 20.57
N LEU B 130 -84.17 -46.63 19.29
CA LEU B 130 -84.56 -47.76 18.44
C LEU B 130 -83.43 -48.78 18.30
N ASN B 131 -82.19 -48.29 18.16
CA ASN B 131 -81.08 -49.23 18.04
C ASN B 131 -80.75 -49.81 19.40
N GLU B 132 -80.99 -49.05 20.48
CA GLU B 132 -80.75 -49.61 21.81
C GLU B 132 -81.73 -50.75 22.08
N ILE B 133 -82.99 -50.58 21.65
CA ILE B 133 -84.00 -51.61 21.85
C ILE B 133 -83.62 -52.88 21.10
N MET B 134 -83.22 -52.75 19.84
CA MET B 134 -82.89 -53.96 19.09
C MET B 134 -81.58 -54.58 19.56
N ALA B 135 -80.54 -53.75 19.72
CA ALA B 135 -79.20 -54.23 20.06
C ALA B 135 -79.12 -54.91 21.42
N ASN B 136 -79.90 -54.45 22.40
CA ASN B 136 -79.83 -54.93 23.77
C ASN B 136 -80.85 -56.02 24.12
N SER B 137 -81.53 -56.61 23.15
CA SER B 137 -82.50 -57.65 23.46
C SER B 137 -82.51 -58.73 22.39
N LEU B 138 -82.46 -59.99 22.85
CA LEU B 138 -82.51 -61.16 22.00
C LEU B 138 -83.93 -61.65 21.74
N ASP B 139 -84.96 -60.98 22.24
CA ASP B 139 -86.31 -61.45 21.99
C ASP B 139 -86.61 -61.17 20.52
N TYR B 140 -86.79 -62.25 19.75
CA TYR B 140 -87.03 -62.17 18.32
C TYR B 140 -88.16 -61.18 18.01
N ASN B 141 -89.25 -61.28 18.78
CA ASN B 141 -90.45 -60.48 18.57
C ASN B 141 -90.26 -59.03 18.95
N GLU B 142 -89.36 -58.72 19.88
CA GLU B 142 -89.17 -57.33 20.28
C GLU B 142 -88.40 -56.58 19.19
N ARG B 143 -87.40 -57.25 18.63
CA ARG B 143 -86.62 -56.66 17.56
C ARG B 143 -87.50 -56.51 16.32
N LEU B 144 -88.38 -57.50 16.09
CA LEU B 144 -89.28 -57.46 14.94
C LEU B 144 -90.29 -56.34 15.08
N TRP B 145 -90.87 -56.21 16.28
CA TRP B 145 -91.84 -55.15 16.54
C TRP B 145 -91.21 -53.79 16.33
N ALA B 146 -90.01 -53.57 16.89
CA ALA B 146 -89.40 -52.25 16.74
C ALA B 146 -89.12 -51.93 15.28
N TRP B 147 -88.68 -52.94 14.50
CA TRP B 147 -88.39 -52.74 13.08
C TRP B 147 -89.64 -52.27 12.33
N GLU B 148 -90.72 -53.03 12.47
CA GLU B 148 -91.94 -52.73 11.75
C GLU B 148 -92.57 -51.44 12.26
N SER B 149 -92.56 -51.25 13.57
CA SER B 149 -93.20 -50.08 14.16
C SER B 149 -92.58 -48.79 13.67
N TRP B 150 -91.24 -48.71 13.60
CA TRP B 150 -90.68 -47.46 13.09
C TRP B 150 -90.94 -47.29 11.60
N ARG B 151 -90.62 -48.32 10.79
CA ARG B 151 -90.75 -48.10 9.34
C ARG B 151 -92.19 -47.78 8.95
N SER B 152 -93.16 -48.31 9.70
CA SER B 152 -94.58 -48.07 9.44
C SER B 152 -94.97 -46.63 9.65
N GLU B 153 -94.17 -45.87 10.38
CA GLU B 153 -94.43 -44.47 10.70
C GLU B 153 -93.65 -43.52 9.81
N VAL B 154 -92.41 -43.86 9.45
CA VAL B 154 -91.56 -42.93 8.73
C VAL B 154 -91.59 -43.14 7.21
N GLY B 155 -91.64 -44.39 6.72
CA GLY B 155 -91.48 -44.58 5.30
C GLY B 155 -92.64 -44.11 4.45
N LYS B 156 -93.82 -43.92 5.06
CA LYS B 156 -94.98 -43.51 4.29
C LYS B 156 -94.83 -42.08 3.82
N GLN B 157 -94.29 -41.22 4.68
CA GLN B 157 -94.09 -39.83 4.33
C GLN B 157 -92.80 -39.65 3.57
N LEU B 158 -91.79 -40.50 3.85
CA LEU B 158 -90.51 -40.34 3.15
C LEU B 158 -90.57 -40.73 1.67
N ARG B 159 -91.36 -41.77 1.29
CA ARG B 159 -91.32 -42.21 -0.10
C ARG B 159 -91.62 -41.13 -1.14
N PRO B 160 -92.79 -40.45 -1.13
CA PRO B 160 -93.07 -39.47 -2.21
C PRO B 160 -92.00 -38.40 -2.37
N LEU B 161 -91.46 -37.94 -1.25
CA LEU B 161 -90.43 -36.91 -1.27
C LEU B 161 -89.12 -37.46 -1.78
N TYR B 162 -88.76 -38.68 -1.37
CA TYR B 162 -87.54 -39.29 -1.86
C TYR B 162 -87.58 -39.41 -3.38
N GLU B 163 -88.71 -39.89 -3.91
CA GLU B 163 -88.85 -40.09 -5.34
C GLU B 163 -88.76 -38.77 -6.12
N GLU B 164 -89.41 -37.72 -5.59
CA GLU B 164 -89.33 -36.43 -6.28
C GLU B 164 -87.91 -35.88 -6.19
N TYR B 165 -87.25 -36.13 -5.05
CA TYR B 165 -85.86 -35.64 -4.84
C TYR B 165 -84.98 -36.26 -5.89
N VAL B 166 -85.14 -37.56 -6.11
CA VAL B 166 -84.33 -38.29 -7.08
C VAL B 166 -84.53 -37.72 -8.47
N VAL B 167 -85.80 -37.47 -8.85
CA VAL B 167 -86.05 -36.94 -10.19
C VAL B 167 -85.45 -35.54 -10.37
N LEU B 168 -85.64 -34.67 -9.38
CA LEU B 168 -85.12 -33.30 -9.50
C LEU B 168 -83.59 -33.29 -9.52
N LYS B 169 -82.94 -34.15 -8.74
CA LYS B 169 -81.49 -34.23 -8.78
C LYS B 169 -81.02 -34.76 -10.12
N ASN B 170 -81.78 -35.68 -10.71
CA ASN B 170 -81.40 -36.18 -12.03
C ASN B 170 -81.48 -35.06 -13.05
N GLU B 171 -82.49 -34.19 -12.93
CA GLU B 171 -82.59 -33.07 -13.86
C GLU B 171 -81.38 -32.15 -13.68
N MET B 172 -80.97 -31.95 -12.43
CA MET B 172 -79.79 -31.13 -12.15
C MET B 172 -78.56 -31.72 -12.83
N ALA B 173 -78.38 -33.03 -12.68
CA ALA B 173 -77.23 -33.71 -13.28
C ALA B 173 -77.24 -33.62 -14.80
N ARG B 174 -78.43 -33.74 -15.41
CA ARG B 174 -78.51 -33.64 -16.87
C ARG B 174 -78.12 -32.24 -17.31
N ALA B 175 -78.55 -31.24 -16.56
CA ALA B 175 -78.21 -29.86 -16.89
C ALA B 175 -76.70 -29.62 -16.80
N ASN B 176 -75.99 -30.40 -15.96
CA ASN B 176 -74.55 -30.32 -15.81
C ASN B 176 -73.78 -31.28 -16.72
N HIS B 177 -74.43 -31.85 -17.74
CA HIS B 177 -73.82 -32.76 -18.71
C HIS B 177 -73.44 -34.11 -18.12
N TYR B 178 -74.26 -34.62 -17.20
CA TYR B 178 -74.11 -35.96 -16.66
C TYR B 178 -75.35 -36.76 -17.05
N GLU B 179 -75.21 -38.10 -17.13
CA GLU B 179 -76.38 -38.89 -17.51
C GLU B 179 -77.46 -38.83 -16.44
N ASP B 180 -77.06 -38.82 -15.16
CA ASP B 180 -77.98 -38.80 -14.04
C ASP B 180 -77.20 -38.31 -12.82
N TYR B 181 -77.88 -38.20 -11.67
CA TYR B 181 -77.16 -37.73 -10.49
C TYR B 181 -76.17 -38.76 -9.99
N GLY B 182 -76.38 -40.05 -10.27
CA GLY B 182 -75.40 -41.03 -9.85
C GLY B 182 -74.14 -40.76 -10.65
N ASP B 183 -74.33 -40.42 -11.92
CA ASP B 183 -73.24 -40.09 -12.81
C ASP B 183 -72.60 -38.79 -12.35
N TYR B 184 -73.41 -37.83 -11.86
CA TYR B 184 -72.87 -36.59 -11.30
C TYR B 184 -71.91 -36.91 -10.17
N TRP B 185 -72.34 -37.77 -9.23
CA TRP B 185 -71.46 -38.15 -8.13
C TRP B 185 -70.18 -38.77 -8.65
N ARG B 186 -70.28 -39.66 -9.66
CA ARG B 186 -69.06 -40.25 -10.18
C ARG B 186 -68.19 -39.16 -10.82
N GLY B 187 -68.85 -38.15 -11.39
CA GLY B 187 -68.13 -37.00 -11.93
C GLY B 187 -67.35 -36.28 -10.86
N ASP B 188 -67.87 -36.30 -9.63
CA ASP B 188 -67.14 -35.67 -8.53
C ASP B 188 -66.02 -36.57 -8.04
N TYR B 189 -66.17 -37.89 -8.18
CA TYR B 189 -65.13 -38.82 -7.76
C TYR B 189 -64.10 -39.09 -8.84
N GLU B 190 -64.46 -38.95 -10.12
CA GLU B 190 -63.50 -39.20 -11.18
C GLU B 190 -62.45 -38.09 -11.17
N VAL B 191 -61.27 -38.43 -11.66
CA VAL B 191 -60.19 -37.46 -11.72
C VAL B 191 -60.41 -36.54 -12.91
N ASN B 192 -60.13 -35.26 -12.72
CA ASN B 192 -60.23 -34.28 -13.79
C ASN B 192 -59.11 -33.27 -13.58
N GLY B 193 -58.98 -32.32 -14.51
CA GLY B 193 -57.93 -31.34 -14.38
C GLY B 193 -56.56 -31.88 -14.76
N VAL B 194 -56.49 -33.12 -15.26
CA VAL B 194 -55.25 -33.81 -15.58
C VAL B 194 -55.36 -34.38 -17.00
N ASP B 195 -54.21 -34.76 -17.54
CA ASP B 195 -54.12 -35.38 -18.87
C ASP B 195 -53.37 -36.70 -18.81
N GLY B 196 -54.04 -37.76 -19.27
CA GLY B 196 -53.56 -39.12 -19.40
C GLY B 196 -53.87 -40.04 -18.24
N TYR B 197 -54.49 -39.54 -17.16
CA TYR B 197 -54.92 -40.33 -16.02
C TYR B 197 -56.43 -40.44 -15.94
N ASP B 198 -57.15 -39.98 -16.97
CA ASP B 198 -58.60 -39.92 -16.94
C ASP B 198 -59.18 -41.32 -16.78
N TYR B 199 -60.27 -41.40 -16.01
CA TYR B 199 -61.01 -42.64 -15.79
C TYR B 199 -62.45 -42.36 -16.17
N SER B 200 -63.12 -43.39 -16.65
CA SER B 200 -64.53 -43.26 -16.93
C SER B 200 -65.35 -43.55 -15.69
N ARG B 201 -66.50 -42.89 -15.60
CA ARG B 201 -67.38 -43.07 -14.46
C ARG B 201 -67.89 -44.50 -14.42
N GLY B 202 -68.16 -45.06 -15.60
CA GLY B 202 -68.60 -46.44 -15.68
C GLY B 202 -67.50 -47.36 -15.18
N GLN B 203 -66.24 -47.00 -15.45
CA GLN B 203 -65.15 -47.84 -14.99
C GLN B 203 -65.03 -47.76 -13.47
N LEU B 204 -65.24 -46.59 -12.87
CA LEU B 204 -65.16 -46.51 -11.41
C LEU B 204 -66.22 -47.40 -10.79
N ILE B 205 -67.41 -47.40 -11.41
CA ILE B 205 -68.53 -48.21 -10.93
C ILE B 205 -68.21 -49.70 -11.06
N GLU B 206 -67.70 -50.10 -12.22
CA GLU B 206 -67.39 -51.50 -12.44
C GLU B 206 -66.21 -51.95 -11.59
N ASP B 207 -65.22 -51.07 -11.38
CA ASP B 207 -64.07 -51.45 -10.56
C ASP B 207 -64.53 -51.75 -9.14
N VAL B 208 -65.48 -50.97 -8.65
CA VAL B 208 -66.02 -51.22 -7.31
C VAL B 208 -66.81 -52.53 -7.30
N GLU B 209 -67.65 -52.77 -8.32
CA GLU B 209 -68.41 -54.02 -8.39
C GLU B 209 -67.51 -55.24 -8.49
N HIS B 210 -66.43 -55.14 -9.26
CA HIS B 210 -65.53 -56.28 -9.42
C HIS B 210 -64.81 -56.54 -8.12
N THR B 211 -64.41 -55.47 -7.43
CA THR B 211 -63.74 -55.60 -6.16
C THR B 211 -64.66 -56.32 -5.18
N PHE B 212 -65.94 -55.94 -5.17
CA PHE B 212 -66.92 -56.60 -4.32
C PHE B 212 -66.99 -58.09 -4.63
N GLU B 213 -67.10 -58.43 -5.91
CA GLU B 213 -67.23 -59.83 -6.27
C GLU B 213 -65.98 -60.62 -5.91
N GLU B 214 -64.82 -59.99 -5.96
CA GLU B 214 -63.59 -60.69 -5.58
C GLU B 214 -63.49 -60.91 -4.06
N ILE B 215 -63.97 -59.97 -3.25
CA ILE B 215 -63.97 -60.17 -1.79
C ILE B 215 -65.06 -61.12 -1.28
N LYS B 216 -66.24 -61.12 -1.93
CA LYS B 216 -67.41 -61.91 -1.53
C LYS B 216 -67.18 -63.39 -1.18
N PRO B 217 -66.40 -64.18 -1.93
CA PRO B 217 -66.26 -65.63 -1.61
C PRO B 217 -65.86 -65.96 -0.17
N LEU B 218 -65.12 -65.11 0.53
CA LEU B 218 -64.78 -65.39 1.92
C LEU B 218 -65.81 -64.75 2.84
N TYR B 219 -66.51 -63.73 2.33
CA TYR B 219 -67.57 -63.14 3.12
C TYR B 219 -68.66 -64.16 3.30
N GLU B 220 -68.84 -65.04 2.31
CA GLU B 220 -69.81 -66.10 2.44
C GLU B 220 -69.45 -67.04 3.59
N HIS B 221 -68.16 -67.12 3.93
CA HIS B 221 -67.74 -68.00 5.03
C HIS B 221 -68.12 -67.34 6.35
N LEU B 222 -68.00 -66.00 6.40
CA LEU B 222 -68.44 -65.31 7.62
C LEU B 222 -69.95 -65.42 7.75
N HIS B 223 -70.64 -65.29 6.63
CA HIS B 223 -72.09 -65.29 6.61
C HIS B 223 -72.62 -66.64 7.05
N ALA B 224 -71.99 -67.73 6.61
CA ALA B 224 -72.41 -69.06 7.04
C ALA B 224 -72.18 -69.24 8.54
N TYR B 225 -71.06 -68.73 9.05
CA TYR B 225 -70.78 -68.81 10.49
C TYR B 225 -71.82 -68.06 11.30
N VAL B 226 -72.10 -66.82 10.91
CA VAL B 226 -73.06 -66.01 11.65
C VAL B 226 -74.45 -66.64 11.56
N ARG B 227 -74.85 -67.09 10.38
CA ARG B 227 -76.14 -67.73 10.23
C ARG B 227 -76.26 -68.94 11.16
N ALA B 228 -75.19 -69.73 11.30
CA ALA B 228 -75.23 -70.85 12.25
C ALA B 228 -75.38 -70.35 13.69
N LYS B 229 -74.77 -69.20 14.01
CA LYS B 229 -74.90 -68.69 15.37
C LYS B 229 -76.31 -68.19 15.63
N LEU B 230 -76.95 -67.63 14.60
CA LEU B 230 -78.32 -67.18 14.74
C LEU B 230 -79.21 -68.42 14.87
N MET B 231 -78.81 -69.50 14.19
CA MET B 231 -79.54 -70.75 14.32
C MET B 231 -79.54 -71.18 15.77
N ASN B 232 -78.39 -71.03 16.42
CA ASN B 232 -78.30 -71.42 17.82
C ASN B 232 -79.21 -70.54 18.68
N ALA B 233 -79.26 -69.24 18.36
CA ALA B 233 -80.15 -68.33 19.08
C ALA B 233 -81.63 -68.49 18.72
N TYR B 234 -81.95 -68.79 17.46
CA TYR B 234 -83.33 -68.87 16.98
C TYR B 234 -83.58 -70.15 16.18
N PRO B 235 -83.54 -71.32 16.83
CA PRO B 235 -83.72 -72.60 16.11
C PRO B 235 -84.96 -72.74 15.23
N SER B 236 -86.09 -72.13 15.59
CA SER B 236 -87.34 -72.24 14.84
C SER B 236 -87.56 -71.22 13.73
N TYR B 237 -86.73 -70.17 13.61
CA TYR B 237 -86.96 -69.08 12.66
C TYR B 237 -85.95 -68.92 11.53
N ILE B 238 -84.74 -69.46 11.67
CA ILE B 238 -83.64 -69.23 10.73
C ILE B 238 -83.47 -70.44 9.83
N SER B 239 -83.52 -70.21 8.50
CA SER B 239 -83.28 -71.32 7.59
C SER B 239 -81.78 -71.43 7.34
N PRO B 240 -81.18 -72.63 7.40
CA PRO B 240 -79.76 -72.75 7.03
C PRO B 240 -79.45 -72.39 5.58
N ILE B 241 -80.44 -72.39 4.69
CA ILE B 241 -80.22 -72.12 3.28
C ILE B 241 -80.59 -70.69 2.90
N GLY B 242 -81.68 -70.14 3.43
CA GLY B 242 -82.18 -68.85 2.99
C GLY B 242 -81.59 -67.65 3.73
N CYS B 243 -82.23 -66.51 3.50
CA CYS B 243 -81.79 -65.22 4.03
C CYS B 243 -82.05 -65.06 5.52
N LEU B 244 -81.16 -64.29 6.17
CA LEU B 244 -81.13 -64.02 7.60
C LEU B 244 -82.02 -62.80 7.93
N PRO B 245 -82.75 -62.76 9.06
CA PRO B 245 -83.49 -61.53 9.39
C PRO B 245 -82.59 -60.34 9.71
N ALA B 246 -82.93 -59.19 9.11
CA ALA B 246 -82.19 -57.94 9.32
C ALA B 246 -82.36 -57.36 10.71
N HIS B 247 -83.50 -57.60 11.36
CA HIS B 247 -83.72 -56.99 12.66
C HIS B 247 -82.86 -57.61 13.74
N LEU B 248 -82.24 -58.75 13.47
CA LEU B 248 -81.43 -59.43 14.45
C LEU B 248 -80.01 -58.90 14.44
N LEU B 249 -79.70 -57.94 13.57
CA LEU B 249 -78.37 -57.38 13.54
C LEU B 249 -78.15 -56.34 14.62
N GLY B 250 -79.21 -55.85 15.25
CA GLY B 250 -79.10 -54.79 16.23
C GLY B 250 -78.90 -53.44 15.59
N ASP B 251 -79.36 -53.29 14.34
CA ASP B 251 -79.19 -52.05 13.59
C ASP B 251 -80.40 -51.96 12.67
N MET B 252 -81.30 -51.00 12.96
CA MET B 252 -82.52 -50.91 12.15
C MET B 252 -82.19 -50.61 10.70
N TRP B 253 -81.03 -49.99 10.46
CA TRP B 253 -80.64 -49.57 9.14
C TRP B 253 -79.93 -50.65 8.35
N GLY B 254 -79.48 -51.73 8.99
CA GLY B 254 -78.75 -52.76 8.26
C GLY B 254 -77.29 -52.45 8.02
N ARG B 255 -76.79 -51.31 8.50
CA ARG B 255 -75.40 -50.94 8.23
C ARG B 255 -74.41 -51.87 8.90
N PHE B 256 -74.70 -52.33 10.12
CA PHE B 256 -73.73 -53.11 10.86
C PHE B 256 -74.25 -54.44 11.37
N TRP B 257 -73.33 -55.40 11.45
CA TRP B 257 -73.57 -56.70 12.05
C TRP B 257 -72.89 -56.79 13.42
N THR B 258 -72.40 -55.66 13.94
CA THR B 258 -71.58 -55.61 15.15
C THR B 258 -72.33 -55.98 16.43
N ASN B 259 -73.65 -55.84 16.46
CA ASN B 259 -74.38 -56.15 17.68
C ASN B 259 -74.72 -57.63 17.78
N LEU B 260 -74.20 -58.43 16.84
CA LEU B 260 -74.25 -59.88 16.92
C LEU B 260 -73.03 -60.42 17.64
N TYR B 261 -72.01 -59.56 17.88
CA TYR B 261 -70.74 -60.03 18.41
C TYR B 261 -70.91 -60.84 19.68
N SER B 262 -71.79 -60.39 20.59
CA SER B 262 -71.99 -61.07 21.87
C SER B 262 -72.59 -62.46 21.70
N LEU B 263 -73.12 -62.78 20.53
CA LEU B 263 -73.68 -64.07 20.18
C LEU B 263 -72.69 -64.92 19.41
N THR B 264 -71.85 -64.25 18.60
CA THR B 264 -70.96 -64.89 17.65
C THR B 264 -69.51 -65.00 18.13
N VAL B 265 -69.21 -64.72 19.40
CA VAL B 265 -67.82 -64.68 19.85
C VAL B 265 -67.15 -66.04 19.59
N PRO B 266 -66.07 -66.10 18.76
CA PRO B 266 -65.39 -67.38 18.50
C PRO B 266 -64.99 -68.15 19.75
N PHE B 267 -64.22 -67.50 20.61
CA PHE B 267 -63.71 -68.08 21.84
C PHE B 267 -64.20 -67.24 23.01
N GLY B 268 -65.27 -67.70 23.66
CA GLY B 268 -65.87 -66.93 24.75
C GLY B 268 -64.91 -66.71 25.89
N GLN B 269 -63.98 -67.64 26.09
CA GLN B 269 -62.98 -67.60 27.15
C GLN B 269 -61.81 -66.67 26.86
N LYS B 270 -61.75 -66.06 25.67
CA LYS B 270 -60.63 -65.21 25.27
C LYS B 270 -61.05 -63.74 25.18
N PRO B 271 -60.85 -62.94 26.23
CA PRO B 271 -61.31 -61.54 26.18
C PRO B 271 -60.46 -60.77 25.18
N ASN B 272 -61.05 -59.71 24.63
CA ASN B 272 -60.28 -58.94 23.66
C ASN B 272 -59.16 -58.19 24.40
N ILE B 273 -58.13 -57.85 23.64
CA ILE B 273 -56.97 -57.16 24.20
C ILE B 273 -57.34 -55.72 24.48
N ASP B 274 -57.12 -55.27 25.72
CA ASP B 274 -57.49 -53.92 26.09
C ASP B 274 -56.57 -53.35 27.17
N VAL B 275 -56.56 -52.03 27.19
CA VAL B 275 -55.83 -51.16 28.09
C VAL B 275 -56.72 -50.19 28.86
N THR B 276 -58.06 -50.26 28.68
CA THR B 276 -58.96 -49.28 29.30
C THR B 276 -58.68 -49.18 30.79
N ASP B 277 -58.43 -50.32 31.43
CA ASP B 277 -58.14 -50.33 32.85
C ASP B 277 -56.94 -49.43 33.13
N ALA B 278 -55.98 -49.38 32.20
CA ALA B 278 -54.81 -48.54 32.43
C ALA B 278 -55.18 -47.06 32.27
N MET B 279 -56.05 -46.70 31.31
CA MET B 279 -56.39 -45.29 31.22
C MET B 279 -57.19 -44.86 32.45
N VAL B 280 -58.03 -45.76 32.99
CA VAL B 280 -58.84 -45.43 34.15
C VAL B 280 -57.96 -45.27 35.39
N ASP B 281 -56.98 -46.17 35.58
CA ASP B 281 -56.09 -45.98 36.71
C ASP B 281 -55.22 -44.74 36.47
N GLN B 282 -54.84 -44.51 35.21
CA GLN B 282 -54.09 -43.32 34.83
C GLN B 282 -54.98 -42.09 34.80
N ALA B 283 -56.30 -42.29 34.59
CA ALA B 283 -57.28 -41.21 34.53
C ALA B 283 -56.94 -40.21 33.43
N TRP B 284 -56.66 -40.71 32.23
CA TRP B 284 -56.33 -39.81 31.13
C TRP B 284 -57.53 -38.92 30.81
N ASP B 285 -57.29 -37.60 30.75
CA ASP B 285 -58.37 -36.70 30.40
C ASP B 285 -58.42 -36.58 28.87
N ALA B 286 -59.40 -35.80 28.38
CA ALA B 286 -59.55 -35.67 26.93
C ALA B 286 -58.29 -35.14 26.27
N GLN B 287 -57.62 -34.20 26.94
CA GLN B 287 -56.44 -33.58 26.36
C GLN B 287 -55.23 -34.49 26.47
N ARG B 288 -55.21 -35.40 27.44
CA ARG B 288 -54.04 -36.25 27.54
C ARG B 288 -54.23 -37.44 26.61
N ILE B 289 -55.48 -37.86 26.39
CA ILE B 289 -55.74 -38.94 25.43
C ILE B 289 -55.28 -38.48 24.06
N PHE B 290 -55.63 -37.23 23.71
CA PHE B 290 -55.17 -36.69 22.43
C PHE B 290 -53.67 -36.44 22.42
N LYS B 291 -53.07 -35.93 23.51
CA LYS B 291 -51.62 -35.71 23.50
C LYS B 291 -50.82 -37.01 23.46
N GLU B 292 -51.30 -38.08 24.09
CA GLU B 292 -50.60 -39.36 23.98
C GLU B 292 -50.74 -39.87 22.55
N ALA B 293 -51.91 -39.64 21.96
CA ALA B 293 -52.09 -39.99 20.56
C ALA B 293 -51.13 -39.15 19.72
N GLU B 294 -50.92 -37.89 20.11
CA GLU B 294 -49.99 -37.04 19.38
C GLU B 294 -48.60 -37.61 19.43
N LYS B 295 -48.19 -38.11 20.60
CA LYS B 295 -46.87 -38.73 20.71
C LYS B 295 -46.74 -39.87 19.70
N PHE B 296 -47.78 -40.69 19.60
CA PHE B 296 -47.83 -41.77 18.61
C PHE B 296 -47.73 -41.21 17.19
N PHE B 297 -48.56 -40.20 16.87
CA PHE B 297 -48.59 -39.60 15.52
C PHE B 297 -47.25 -38.97 15.14
N VAL B 298 -46.61 -38.28 16.08
CA VAL B 298 -45.33 -37.62 15.79
C VAL B 298 -44.27 -38.70 15.54
N SER B 299 -44.26 -39.75 16.36
CA SER B 299 -43.30 -40.83 16.18
C SER B 299 -43.53 -41.53 14.84
N VAL B 300 -44.79 -41.63 14.42
CA VAL B 300 -45.12 -42.22 13.12
C VAL B 300 -44.51 -41.40 12.01
N GLY B 301 -44.49 -40.08 12.14
CA GLY B 301 -43.91 -39.20 11.14
C GLY B 301 -44.94 -38.22 10.61
N LEU B 302 -46.13 -38.23 11.20
CA LEU B 302 -47.16 -37.30 10.80
C LEU B 302 -46.92 -35.98 11.53
N PRO B 303 -47.41 -34.87 10.96
CA PRO B 303 -47.07 -33.55 11.50
C PRO B 303 -47.58 -33.34 12.92
N ASN B 304 -46.80 -32.60 13.70
CA ASN B 304 -47.17 -32.33 15.07
C ASN B 304 -48.35 -31.36 15.12
N MET B 305 -49.17 -31.51 16.16
CA MET B 305 -50.31 -30.62 16.38
C MET B 305 -49.80 -29.46 17.22
N THR B 306 -50.04 -28.25 16.74
CA THR B 306 -49.47 -27.03 17.28
C THR B 306 -50.28 -26.57 18.52
N GLN B 307 -49.70 -25.61 19.26
CA GLN B 307 -50.31 -25.08 20.48
C GLN B 307 -51.65 -24.40 20.21
N GLY B 308 -51.81 -23.77 19.04
CA GLY B 308 -53.06 -23.13 18.72
C GLY B 308 -54.22 -24.11 18.77
N PHE B 309 -54.05 -25.27 18.13
CA PHE B 309 -55.08 -26.30 18.18
C PHE B 309 -55.41 -26.64 19.63
N TRP B 310 -54.37 -26.89 20.44
CA TRP B 310 -54.60 -27.35 21.81
C TRP B 310 -55.38 -26.33 22.63
N GLU B 311 -55.13 -25.04 22.46
CA GLU B 311 -55.90 -24.08 23.26
C GLU B 311 -57.29 -23.85 22.68
N ASN B 312 -57.43 -23.90 21.35
CA ASN B 312 -58.71 -23.60 20.72
C ASN B 312 -59.70 -24.76 20.77
N SER B 313 -59.20 -26.00 20.76
CA SER B 313 -60.08 -27.16 20.77
C SER B 313 -60.73 -27.34 22.13
N MET B 314 -61.84 -28.08 22.12
CA MET B 314 -62.55 -28.47 23.33
C MET B 314 -62.90 -29.93 23.16
N LEU B 315 -62.19 -30.76 23.91
CA LEU B 315 -62.23 -32.20 23.83
C LEU B 315 -63.06 -32.81 24.94
N THR B 316 -63.72 -31.97 25.74
CA THR B 316 -64.51 -32.37 26.90
C THR B 316 -65.93 -31.85 26.74
N ASP B 317 -66.86 -32.42 27.50
CA ASP B 317 -68.23 -31.94 27.54
C ASP B 317 -68.30 -30.73 28.48
N PRO B 318 -68.60 -29.52 27.98
CA PRO B 318 -68.58 -28.34 28.87
C PRO B 318 -69.70 -28.29 29.90
N GLY B 319 -70.73 -29.12 29.76
CA GLY B 319 -71.87 -29.09 30.65
C GLY B 319 -73.05 -28.35 30.04
N ASN B 320 -74.10 -28.20 30.85
CA ASN B 320 -75.34 -27.63 30.35
C ASN B 320 -75.30 -26.12 30.16
N VAL B 321 -74.41 -25.41 30.84
CA VAL B 321 -74.40 -23.95 30.73
C VAL B 321 -74.04 -23.52 29.30
N GLN B 322 -73.04 -24.17 28.69
CA GLN B 322 -72.63 -23.90 27.30
C GLN B 322 -72.61 -25.26 26.60
N LYS B 323 -73.78 -25.86 26.36
CA LYS B 323 -73.79 -27.23 25.87
C LYS B 323 -73.22 -27.33 24.45
N ALA B 324 -72.40 -28.36 24.25
CA ALA B 324 -71.76 -28.65 22.98
C ALA B 324 -72.54 -29.74 22.24
N VAL B 325 -72.36 -29.78 20.93
CA VAL B 325 -72.86 -30.90 20.14
C VAL B 325 -71.82 -32.02 20.23
N CYS B 326 -72.17 -33.11 20.93
CA CYS B 326 -71.23 -34.20 21.22
C CYS B 326 -71.19 -35.24 20.10
N HIS B 327 -70.64 -34.81 18.96
CA HIS B 327 -70.46 -35.66 17.77
C HIS B 327 -68.99 -35.47 17.40
N PRO B 328 -68.10 -36.45 17.63
CA PRO B 328 -66.67 -36.20 17.36
C PRO B 328 -66.46 -35.78 15.92
N THR B 329 -65.90 -34.58 15.74
CA THR B 329 -65.59 -34.08 14.41
C THR B 329 -64.33 -33.24 14.40
N ALA B 330 -63.64 -33.29 13.26
CA ALA B 330 -62.49 -32.44 12.98
C ALA B 330 -62.96 -31.25 12.17
N TRP B 331 -62.53 -30.05 12.56
CA TRP B 331 -62.89 -28.81 11.91
C TRP B 331 -61.62 -28.16 11.36
N ASP B 332 -61.71 -27.69 10.12
CA ASP B 332 -60.66 -26.93 9.47
C ASP B 332 -61.21 -25.52 9.26
N LEU B 333 -60.71 -24.54 10.00
CA LEU B 333 -61.23 -23.20 9.88
C LEU B 333 -60.41 -22.36 8.92
N GLY B 334 -59.21 -22.80 8.55
CA GLY B 334 -58.38 -22.03 7.66
C GLY B 334 -57.45 -21.07 8.38
N LYS B 335 -56.48 -20.57 7.62
CA LYS B 335 -55.50 -19.61 8.10
C LYS B 335 -54.80 -20.11 9.37
N GLY B 336 -54.55 -21.43 9.40
CA GLY B 336 -53.87 -22.08 10.49
C GLY B 336 -54.75 -22.45 11.66
N ASP B 337 -56.05 -22.14 11.60
CA ASP B 337 -56.97 -22.41 12.72
C ASP B 337 -57.58 -23.80 12.51
N PHE B 338 -57.07 -24.79 13.23
CA PHE B 338 -57.51 -26.18 13.16
C PHE B 338 -58.08 -26.52 14.53
N ARG B 339 -59.23 -27.20 14.58
CA ARG B 339 -59.84 -27.56 15.87
C ARG B 339 -60.53 -28.92 15.79
N ILE B 340 -60.65 -29.62 16.92
CA ILE B 340 -61.50 -30.82 17.02
C ILE B 340 -62.53 -30.61 18.12
N LEU B 341 -63.81 -30.86 17.79
CA LEU B 341 -64.90 -30.77 18.77
C LEU B 341 -65.29 -32.20 19.11
N MET B 342 -65.18 -32.57 20.37
CA MET B 342 -65.53 -33.94 20.74
C MET B 342 -65.88 -33.88 22.23
N CYS B 343 -66.60 -34.89 22.72
CA CYS B 343 -66.92 -35.04 24.15
C CYS B 343 -66.35 -36.35 24.65
N THR B 344 -65.06 -36.32 24.98
CA THR B 344 -64.27 -37.49 25.27
C THR B 344 -64.47 -38.07 26.67
N LYS B 345 -64.66 -39.38 26.71
CA LYS B 345 -64.76 -40.20 27.89
C LYS B 345 -63.55 -41.13 27.90
N VAL B 346 -63.25 -41.71 29.06
CA VAL B 346 -62.07 -42.58 29.20
C VAL B 346 -62.52 -44.00 28.83
N THR B 347 -62.61 -44.24 27.52
CA THR B 347 -63.03 -45.54 27.00
C THR B 347 -62.15 -45.91 25.80
N MET B 348 -62.25 -47.16 25.35
CA MET B 348 -61.55 -47.59 24.15
C MET B 348 -62.13 -46.97 22.89
N ASP B 349 -63.44 -46.71 22.90
CA ASP B 349 -64.07 -46.12 21.73
C ASP B 349 -63.64 -44.68 21.57
N ASP B 350 -63.39 -44.00 22.69
CA ASP B 350 -62.95 -42.61 22.65
C ASP B 350 -61.46 -42.51 22.33
N PHE B 351 -60.68 -43.48 22.78
CA PHE B 351 -59.26 -43.55 22.44
C PHE B 351 -59.12 -43.67 20.92
N LEU B 352 -59.85 -44.62 20.34
CA LEU B 352 -59.78 -44.84 18.90
C LEU B 352 -60.43 -43.67 18.15
N THR B 353 -61.48 -43.08 18.71
CA THR B 353 -62.11 -41.92 18.11
C THR B 353 -61.14 -40.73 18.09
N ALA B 354 -60.39 -40.54 19.18
CA ALA B 354 -59.42 -39.45 19.18
C ALA B 354 -58.43 -39.67 18.05
N HIS B 355 -58.02 -40.92 17.84
CA HIS B 355 -57.09 -41.17 16.74
C HIS B 355 -57.75 -40.93 15.37
N HIS B 356 -59.02 -41.31 15.22
CA HIS B 356 -59.71 -41.10 13.93
C HIS B 356 -59.82 -39.61 13.61
N GLU B 357 -60.34 -38.81 14.54
CA GLU B 357 -60.50 -37.38 14.25
C GLU B 357 -59.16 -36.66 14.15
N MET B 358 -58.15 -37.06 14.94
CA MET B 358 -56.86 -36.40 14.80
C MET B 358 -56.30 -36.66 13.41
N GLY B 359 -56.33 -37.92 12.94
CA GLY B 359 -55.82 -38.19 11.61
C GLY B 359 -56.61 -37.42 10.56
N HIS B 360 -57.93 -37.30 10.76
CA HIS B 360 -58.78 -36.58 9.82
C HIS B 360 -58.32 -35.13 9.72
N ILE B 361 -58.19 -34.47 10.89
CA ILE B 361 -57.78 -33.07 10.87
C ILE B 361 -56.34 -32.97 10.41
N GLN B 362 -55.54 -34.01 10.62
CA GLN B 362 -54.17 -33.97 10.18
C GLN B 362 -54.15 -33.95 8.65
N TYR B 363 -55.11 -34.63 8.03
CA TYR B 363 -55.21 -34.55 6.58
C TYR B 363 -55.50 -33.09 6.22
N ASP B 364 -56.46 -32.50 6.95
CA ASP B 364 -56.84 -31.11 6.66
C ASP B 364 -55.63 -30.18 6.81
N MET B 365 -54.83 -30.44 7.84
CA MET B 365 -53.62 -29.66 8.10
C MET B 365 -52.67 -29.77 6.93
N ALA B 366 -52.50 -30.99 6.41
CA ALA B 366 -51.60 -31.14 5.28
C ALA B 366 -52.14 -30.46 4.02
N TYR B 367 -53.46 -30.57 3.76
CA TYR B 367 -53.94 -29.97 2.51
C TYR B 367 -53.95 -28.46 2.57
N ALA B 368 -53.93 -27.85 3.76
CA ALA B 368 -53.99 -26.39 3.86
C ALA B 368 -52.81 -25.67 3.19
N ALA B 369 -51.72 -26.38 2.88
CA ALA B 369 -50.57 -25.77 2.22
C ALA B 369 -50.80 -25.40 0.75
N GLN B 370 -51.84 -25.94 0.12
CA GLN B 370 -52.11 -25.75 -1.30
C GLN B 370 -53.06 -24.57 -1.53
N PRO B 371 -53.31 -24.20 -2.80
CA PRO B 371 -54.32 -23.17 -3.06
C PRO B 371 -55.68 -23.60 -2.53
N PHE B 372 -56.50 -22.60 -2.16
CA PHE B 372 -57.78 -22.86 -1.51
C PHE B 372 -58.61 -23.90 -2.24
N LEU B 373 -58.72 -23.78 -3.57
CA LEU B 373 -59.53 -24.75 -4.30
C LEU B 373 -58.97 -26.15 -4.15
N LEU B 374 -57.68 -26.26 -3.85
CA LEU B 374 -57.03 -27.53 -3.67
C LEU B 374 -56.84 -27.85 -2.18
N ARG B 375 -57.39 -27.01 -1.28
CA ARG B 375 -57.34 -27.29 0.16
C ARG B 375 -58.58 -28.12 0.52
N ASN B 376 -58.58 -29.29 -0.10
CA ASN B 376 -59.59 -30.32 -0.02
C ASN B 376 -58.80 -31.60 -0.10
N GLY B 377 -59.37 -32.69 0.35
CA GLY B 377 -58.60 -33.91 0.23
C GLY B 377 -58.68 -34.48 -1.16
N ALA B 378 -57.80 -35.44 -1.40
CA ALA B 378 -57.79 -36.09 -2.71
C ALA B 378 -59.10 -36.84 -2.90
N ASN B 379 -59.62 -37.42 -1.82
CA ASN B 379 -60.84 -38.20 -1.82
C ASN B 379 -61.48 -38.07 -0.45
N GLU B 380 -62.81 -37.98 -0.42
CA GLU B 380 -63.51 -37.89 0.86
C GLU B 380 -63.19 -39.10 1.72
N GLY B 381 -62.98 -40.26 1.09
CA GLY B 381 -62.67 -41.49 1.80
C GLY B 381 -61.27 -41.54 2.38
N PHE B 382 -60.36 -40.64 1.97
CA PHE B 382 -59.02 -40.71 2.53
C PHE B 382 -58.95 -40.05 3.90
N HIS B 383 -59.79 -39.06 4.19
CA HIS B 383 -59.72 -38.44 5.50
C HIS B 383 -60.10 -39.44 6.58
N GLU B 384 -61.18 -40.19 6.31
CA GLU B 384 -61.61 -41.22 7.25
C GLU B 384 -60.67 -42.40 7.20
N ALA B 385 -60.15 -42.74 6.02
CA ALA B 385 -59.24 -43.87 5.96
C ALA B 385 -57.97 -43.61 6.76
N VAL B 386 -57.42 -42.39 6.68
CA VAL B 386 -56.20 -42.09 7.44
C VAL B 386 -56.50 -42.14 8.94
N GLY B 387 -57.66 -41.59 9.34
CA GLY B 387 -58.05 -41.69 10.73
C GLY B 387 -58.15 -43.13 11.17
N GLU B 388 -58.87 -43.94 10.38
CA GLU B 388 -59.07 -45.35 10.69
C GLU B 388 -57.74 -46.10 10.74
N ILE B 389 -56.78 -45.74 9.90
CA ILE B 389 -55.48 -46.40 9.92
C ILE B 389 -54.78 -46.14 11.24
N MET B 390 -54.75 -44.87 11.67
CA MET B 390 -54.08 -44.61 12.94
C MET B 390 -54.85 -45.24 14.09
N SER B 391 -56.17 -45.34 13.95
CA SER B 391 -57.00 -46.00 14.95
C SER B 391 -56.65 -47.48 15.02
N LEU B 392 -56.55 -48.14 13.87
CA LEU B 392 -56.20 -49.55 13.81
C LEU B 392 -54.80 -49.79 14.35
N SER B 393 -53.86 -48.91 13.98
CA SER B 393 -52.50 -49.03 14.46
C SER B 393 -52.44 -48.91 15.97
N ALA B 394 -53.18 -47.96 16.53
CA ALA B 394 -53.23 -47.81 17.96
C ALA B 394 -53.89 -49.04 18.59
N ALA B 395 -54.88 -49.62 17.89
CA ALA B 395 -55.58 -50.81 18.36
C ALA B 395 -54.68 -52.04 18.35
N THR B 396 -53.69 -52.08 17.46
CA THR B 396 -52.82 -53.25 17.34
C THR B 396 -52.15 -53.59 18.67
N PRO B 397 -52.26 -54.84 19.17
CA PRO B 397 -51.63 -55.20 20.46
C PRO B 397 -50.18 -54.79 20.63
N LYS B 398 -49.40 -54.83 19.54
CA LYS B 398 -48.00 -54.43 19.63
C LYS B 398 -47.87 -52.97 20.00
N HIS B 399 -48.80 -52.13 19.55
CA HIS B 399 -48.75 -50.72 19.91
C HIS B 399 -49.02 -50.58 21.40
N LEU B 400 -50.05 -51.28 21.87
CA LEU B 400 -50.48 -51.16 23.26
C LEU B 400 -49.36 -51.61 24.18
N LYS B 401 -48.61 -52.64 23.76
CA LYS B 401 -47.45 -53.10 24.49
C LYS B 401 -46.33 -52.05 24.46
N SER B 402 -46.08 -51.44 23.30
CA SER B 402 -45.01 -50.45 23.18
C SER B 402 -45.26 -49.22 24.05
N ILE B 403 -46.49 -48.73 24.09
CA ILE B 403 -46.78 -47.56 24.92
C ILE B 403 -46.67 -47.89 26.40
N GLY B 404 -46.88 -49.15 26.79
CA GLY B 404 -46.67 -49.56 28.17
C GLY B 404 -47.93 -49.67 28.98
N LEU B 405 -49.09 -49.36 28.40
CA LEU B 405 -50.35 -49.46 29.10
C LEU B 405 -50.81 -50.90 29.22
N LEU B 406 -50.46 -51.74 28.24
CA LEU B 406 -50.83 -53.14 28.29
C LEU B 406 -49.95 -53.74 29.39
N SER B 407 -50.54 -54.59 30.21
CA SER B 407 -49.83 -55.14 31.36
C SER B 407 -48.48 -55.73 30.91
N PRO B 408 -47.39 -55.47 31.64
CA PRO B 408 -46.07 -56.04 31.26
C PRO B 408 -46.08 -57.54 31.00
N ASP B 409 -46.91 -58.29 31.72
CA ASP B 409 -46.99 -59.73 31.56
C ASP B 409 -48.17 -60.17 30.70
N PHE B 410 -48.82 -59.25 29.98
CA PHE B 410 -49.92 -59.63 29.11
C PHE B 410 -49.36 -60.46 27.97
N GLN B 411 -50.02 -61.57 27.65
CA GLN B 411 -49.60 -62.45 26.56
C GLN B 411 -50.70 -62.59 25.52
N GLU B 412 -50.41 -62.16 24.29
CA GLU B 412 -51.31 -62.27 23.17
C GLU B 412 -51.25 -63.67 22.58
N ASP B 413 -52.33 -64.08 21.92
CA ASP B 413 -52.32 -65.33 21.18
C ASP B 413 -53.23 -65.20 19.96
N ASN B 414 -53.27 -66.25 19.15
CA ASN B 414 -54.02 -66.19 17.90
C ASN B 414 -55.53 -66.19 18.12
N GLU B 415 -56.03 -66.90 19.14
CA GLU B 415 -57.48 -66.98 19.36
C GLU B 415 -58.06 -65.65 19.84
N THR B 416 -57.30 -64.90 20.64
CA THR B 416 -57.77 -63.59 21.03
C THR B 416 -57.82 -62.69 19.81
N GLU B 417 -56.83 -62.81 18.93
CA GLU B 417 -56.85 -62.04 17.70
C GLU B 417 -58.04 -62.46 16.84
N ILE B 418 -58.44 -63.73 16.88
CA ILE B 418 -59.63 -64.14 16.14
C ILE B 418 -60.86 -63.43 16.69
N ASN B 419 -60.98 -63.33 18.01
CA ASN B 419 -62.13 -62.61 18.57
C ASN B 419 -62.12 -61.13 18.15
N PHE B 420 -60.93 -60.54 18.14
CA PHE B 420 -60.77 -59.16 17.66
C PHE B 420 -61.20 -59.05 16.21
N LEU B 421 -60.70 -59.96 15.38
CA LEU B 421 -61.01 -59.93 13.97
C LEU B 421 -62.49 -60.14 13.73
N LEU B 422 -63.16 -60.97 14.53
CA LEU B 422 -64.59 -61.11 14.29
C LEU B 422 -65.28 -59.78 14.54
N LYS B 423 -64.93 -59.07 15.62
CA LYS B 423 -65.59 -57.78 15.82
C LYS B 423 -65.34 -56.88 14.61
N GLN B 424 -64.10 -56.93 14.11
CA GLN B 424 -63.74 -56.15 12.94
C GLN B 424 -64.50 -56.63 11.71
N ALA B 425 -64.79 -57.93 11.62
CA ALA B 425 -65.51 -58.48 10.48
C ALA B 425 -66.97 -58.09 10.54
N LEU B 426 -67.54 -58.08 11.73
CA LEU B 426 -68.93 -57.66 11.83
C LEU B 426 -69.03 -56.19 11.45
N THR B 427 -67.98 -55.41 11.77
CA THR B 427 -67.94 -54.00 11.38
C THR B 427 -67.69 -53.78 9.88
N ILE B 428 -66.75 -54.50 9.29
CA ILE B 428 -66.35 -54.31 7.87
C ILE B 428 -66.98 -55.31 6.92
N VAL B 429 -66.82 -56.61 7.18
CA VAL B 429 -67.31 -57.63 6.27
C VAL B 429 -68.83 -57.61 6.22
N GLY B 430 -69.47 -57.46 7.38
CA GLY B 430 -70.91 -57.39 7.41
C GLY B 430 -71.48 -56.13 6.78
N THR B 431 -70.76 -55.01 6.87
CA THR B 431 -71.27 -53.74 6.34
C THR B 431 -71.01 -53.56 4.86
N LEU B 432 -69.89 -54.06 4.33
CA LEU B 432 -69.56 -53.80 2.93
C LEU B 432 -70.58 -54.30 1.93
N PRO B 433 -71.12 -55.52 2.00
CA PRO B 433 -72.14 -55.87 1.01
C PRO B 433 -73.41 -55.07 1.20
N PHE B 434 -73.71 -54.63 2.42
CA PHE B 434 -74.92 -53.83 2.62
C PHE B 434 -74.73 -52.42 2.06
N THR B 435 -73.61 -51.77 2.40
CA THR B 435 -73.41 -50.42 1.91
C THR B 435 -73.24 -50.45 0.40
N TYR B 436 -72.53 -51.45 -0.11
CA TYR B 436 -72.38 -51.60 -1.55
C TYR B 436 -73.75 -51.70 -2.21
N MET B 437 -74.61 -52.57 -1.67
CA MET B 437 -75.94 -52.75 -2.19
C MET B 437 -76.74 -51.45 -2.16
N LEU B 438 -76.67 -50.73 -1.05
CA LEU B 438 -77.41 -49.47 -0.95
C LEU B 438 -76.91 -48.47 -1.98
N GLU B 439 -75.60 -48.39 -2.20
CA GLU B 439 -75.11 -47.45 -3.19
C GLU B 439 -75.56 -47.86 -4.59
N LYS B 440 -75.55 -49.16 -4.88
CA LYS B 440 -76.02 -49.60 -6.18
C LYS B 440 -77.51 -49.34 -6.32
N TRP B 441 -78.28 -49.54 -5.25
CA TRP B 441 -79.71 -49.28 -5.31
C TRP B 441 -79.96 -47.80 -5.61
N ARG B 442 -79.25 -46.93 -4.90
CA ARG B 442 -79.40 -45.49 -5.16
C ARG B 442 -78.98 -45.18 -6.59
N TRP B 443 -77.91 -45.80 -7.07
CA TRP B 443 -77.51 -45.55 -8.45
C TRP B 443 -78.64 -45.93 -9.40
N MET B 444 -79.30 -47.08 -9.17
CA MET B 444 -80.41 -47.43 -10.06
C MET B 444 -81.58 -46.44 -9.95
N VAL B 445 -81.85 -45.88 -8.76
CA VAL B 445 -82.98 -44.95 -8.68
C VAL B 445 -82.63 -43.63 -9.36
N PHE B 446 -81.38 -43.16 -9.21
CA PHE B 446 -81.02 -41.91 -9.89
C PHE B 446 -80.87 -42.14 -11.39
N LYS B 447 -80.23 -43.24 -11.77
CA LYS B 447 -80.05 -43.60 -13.18
C LYS B 447 -81.39 -43.75 -13.89
N GLY B 448 -82.40 -44.25 -13.18
CA GLY B 448 -83.71 -44.45 -13.77
C GLY B 448 -83.90 -45.82 -14.37
N GLU B 449 -83.11 -46.80 -13.93
CA GLU B 449 -83.22 -48.16 -14.44
C GLU B 449 -84.47 -48.85 -13.93
N ILE B 450 -84.91 -48.52 -12.73
CA ILE B 450 -86.05 -49.18 -12.08
C ILE B 450 -87.22 -48.20 -12.03
N PRO B 451 -88.43 -48.59 -12.45
CA PRO B 451 -89.59 -47.72 -12.27
C PRO B 451 -89.79 -47.42 -10.79
N LYS B 452 -90.31 -46.21 -10.50
CA LYS B 452 -90.46 -45.78 -9.11
C LYS B 452 -91.28 -46.77 -8.30
N ASP B 453 -92.26 -47.43 -8.93
CA ASP B 453 -93.13 -48.32 -8.18
C ASP B 453 -92.45 -49.64 -7.90
N GLN B 454 -91.27 -49.86 -8.50
CA GLN B 454 -90.48 -51.06 -8.33
C GLN B 454 -89.22 -50.80 -7.52
N TRP B 455 -89.00 -49.58 -7.00
CA TRP B 455 -87.73 -49.33 -6.33
C TRP B 455 -87.58 -50.21 -5.10
N MET B 456 -88.67 -50.48 -4.39
CA MET B 456 -88.57 -51.32 -3.21
C MET B 456 -88.47 -52.79 -3.61
N LYS B 457 -89.07 -53.16 -4.74
CA LYS B 457 -89.00 -54.56 -5.14
C LYS B 457 -87.58 -54.90 -5.56
N LYS B 458 -86.93 -53.96 -6.25
CA LYS B 458 -85.56 -54.23 -6.66
C LYS B 458 -84.68 -54.28 -5.43
N TRP B 459 -84.98 -53.41 -4.44
CA TRP B 459 -84.24 -53.46 -3.19
C TRP B 459 -84.33 -54.86 -2.61
N TRP B 460 -85.56 -55.37 -2.49
CA TRP B 460 -85.75 -56.70 -1.92
C TRP B 460 -84.95 -57.73 -2.71
N GLU B 461 -85.07 -57.68 -4.04
CA GLU B 461 -84.39 -58.69 -4.85
C GLU B 461 -82.88 -58.58 -4.72
N MET B 462 -82.36 -57.35 -4.78
CA MET B 462 -80.90 -57.26 -4.75
C MET B 462 -80.41 -57.44 -3.34
N LYS B 463 -81.27 -57.15 -2.35
CA LYS B 463 -80.87 -57.36 -0.98
C LYS B 463 -80.69 -58.86 -0.76
N ARG B 464 -81.58 -59.66 -1.37
CA ARG B 464 -81.43 -61.10 -1.26
C ARG B 464 -80.13 -61.59 -1.93
N GLU B 465 -79.81 -61.08 -3.13
CA GLU B 465 -78.62 -61.55 -3.85
C GLU B 465 -77.29 -60.99 -3.35
N ILE B 466 -77.25 -59.72 -2.95
CA ILE B 466 -75.98 -59.09 -2.59
C ILE B 466 -75.65 -59.16 -1.11
N VAL B 467 -76.60 -58.92 -0.24
CA VAL B 467 -76.34 -58.81 1.17
C VAL B 467 -76.58 -60.13 1.91
N GLY B 468 -77.70 -60.77 1.63
CA GLY B 468 -78.09 -62.03 2.24
C GLY B 468 -78.87 -61.91 3.53
N VAL B 469 -79.12 -60.69 4.00
CA VAL B 469 -79.90 -60.43 5.21
C VAL B 469 -81.03 -59.56 4.70
N VAL B 470 -82.27 -59.92 5.01
CA VAL B 470 -83.44 -59.26 4.45
C VAL B 470 -84.38 -58.78 5.54
N GLU B 471 -85.31 -57.92 5.12
CA GLU B 471 -86.30 -57.39 6.02
C GLU B 471 -87.08 -58.58 6.54
N PRO B 472 -87.46 -58.63 7.83
CA PRO B 472 -88.19 -59.82 8.28
C PRO B 472 -89.51 -59.99 7.54
N VAL B 473 -90.08 -58.89 7.06
CA VAL B 473 -91.30 -58.88 6.28
C VAL B 473 -91.03 -57.86 5.17
N PRO B 474 -91.15 -58.20 3.88
CA PRO B 474 -90.89 -57.17 2.85
C PRO B 474 -91.93 -56.08 2.95
N HIS B 475 -91.50 -54.86 2.72
CA HIS B 475 -92.40 -53.72 2.80
C HIS B 475 -93.25 -53.54 1.55
N ASP B 476 -94.39 -52.88 1.76
CA ASP B 476 -95.34 -52.50 0.73
C ASP B 476 -94.78 -51.39 -0.14
N GLU B 477 -95.29 -51.31 -1.37
CA GLU B 477 -94.88 -50.25 -2.28
C GLU B 477 -95.20 -48.87 -1.73
N THR B 478 -96.15 -48.77 -0.80
CA THR B 478 -96.48 -47.50 -0.16
C THR B 478 -95.27 -46.92 0.57
N TYR B 479 -94.47 -47.79 1.20
CA TYR B 479 -93.38 -47.38 2.07
C TYR B 479 -92.03 -47.49 1.38
N CYS B 480 -91.15 -46.49 1.64
CA CYS B 480 -89.75 -46.52 1.20
C CYS B 480 -88.85 -46.79 2.40
N ASP B 481 -88.59 -48.07 2.70
CA ASP B 481 -87.76 -48.36 3.86
C ASP B 481 -86.33 -47.84 3.73
N PRO B 482 -85.65 -47.94 2.56
CA PRO B 482 -84.29 -47.38 2.44
C PRO B 482 -84.17 -45.93 2.87
N ALA B 483 -85.20 -45.12 2.60
CA ALA B 483 -85.10 -43.70 2.93
C ALA B 483 -85.20 -43.43 4.42
N SER B 484 -85.54 -44.42 5.24
CA SER B 484 -85.58 -44.19 6.67
C SER B 484 -84.18 -43.98 7.23
N LEU B 485 -83.16 -44.43 6.50
CA LEU B 485 -81.77 -44.29 6.90
C LEU B 485 -81.36 -42.83 6.71
N PHE B 486 -80.67 -42.26 7.71
CA PHE B 486 -80.28 -40.85 7.66
C PHE B 486 -79.57 -40.48 6.37
N HIS B 487 -78.62 -41.32 5.95
CA HIS B 487 -77.80 -41.00 4.81
C HIS B 487 -78.46 -41.31 3.47
N VAL B 488 -79.68 -41.84 3.47
CA VAL B 488 -80.43 -42.10 2.24
C VAL B 488 -81.42 -40.97 2.00
N SER B 489 -82.05 -40.52 3.08
CA SER B 489 -83.00 -39.43 3.03
C SER B 489 -82.35 -38.17 2.48
N ASN B 490 -81.11 -37.89 2.91
CA ASN B 490 -80.33 -36.73 2.52
C ASN B 490 -79.51 -36.97 1.24
N ASP B 491 -78.78 -35.91 0.84
CA ASP B 491 -77.93 -35.93 -0.35
C ASP B 491 -76.56 -36.49 0.03
N TYR B 492 -76.36 -37.78 -0.25
CA TYR B 492 -75.13 -38.46 0.13
C TYR B 492 -74.86 -39.62 -0.82
N SER B 493 -73.60 -39.77 -1.20
CA SER B 493 -73.12 -40.87 -2.03
C SER B 493 -72.54 -41.90 -1.07
N PHE B 494 -72.94 -43.17 -1.20
CA PHE B 494 -72.41 -44.18 -0.29
C PHE B 494 -71.20 -44.90 -0.87
N ILE B 495 -70.74 -44.51 -2.06
CA ILE B 495 -69.58 -45.17 -2.66
C ILE B 495 -68.36 -44.91 -1.80
N ARG B 496 -68.32 -43.73 -1.18
CA ARG B 496 -67.18 -43.35 -0.35
C ARG B 496 -67.02 -44.21 0.89
N TYR B 497 -68.05 -44.90 1.38
CA TYR B 497 -67.81 -45.69 2.59
C TYR B 497 -67.08 -46.98 2.20
N TYR B 498 -67.59 -47.69 1.20
CA TYR B 498 -66.97 -48.93 0.73
C TYR B 498 -65.54 -48.64 0.29
N THR B 499 -65.41 -47.61 -0.55
CA THR B 499 -64.11 -47.33 -1.10
C THR B 499 -63.19 -46.82 0.00
N ARG B 500 -63.71 -46.08 0.99
CA ARG B 500 -62.87 -45.64 2.10
C ARG B 500 -62.26 -46.81 2.84
N THR B 501 -63.04 -47.87 3.03
CA THR B 501 -62.49 -49.09 3.69
C THR B 501 -61.27 -49.56 2.89
N LEU B 502 -61.41 -49.76 1.58
CA LEU B 502 -60.28 -50.26 0.74
C LEU B 502 -59.16 -49.22 0.74
N TYR B 503 -59.50 -47.93 0.67
CA TYR B 503 -58.46 -46.87 0.77
C TYR B 503 -57.65 -47.11 2.04
N GLN B 504 -58.33 -47.50 3.11
CA GLN B 504 -57.66 -47.74 4.38
C GLN B 504 -56.81 -49.00 4.32
N PHE B 505 -57.34 -50.05 3.71
CA PHE B 505 -56.56 -51.27 3.59
C PHE B 505 -55.34 -51.11 2.67
N GLN B 506 -55.48 -50.36 1.57
CA GLN B 506 -54.33 -50.16 0.67
C GLN B 506 -53.23 -49.35 1.35
N PHE B 507 -53.64 -48.33 2.11
CA PHE B 507 -52.68 -47.51 2.83
C PHE B 507 -52.04 -48.36 3.91
N GLN B 508 -52.86 -49.17 4.59
CA GLN B 508 -52.36 -50.03 5.64
C GLN B 508 -51.37 -51.03 5.08
N GLU B 509 -51.62 -51.51 3.85
CA GLU B 509 -50.71 -52.45 3.22
C GLU B 509 -49.36 -51.80 3.03
N ALA B 510 -49.35 -50.57 2.50
CA ALA B 510 -48.06 -49.92 2.27
C ALA B 510 -47.36 -49.62 3.58
N LEU B 511 -48.10 -49.22 4.60
CA LEU B 511 -47.48 -48.93 5.89
C LEU B 511 -46.93 -50.20 6.54
N CYS B 512 -47.64 -51.31 6.39
CA CYS B 512 -47.17 -52.60 6.90
C CYS B 512 -45.92 -53.05 6.14
N GLN B 513 -45.89 -52.86 4.83
CA GLN B 513 -44.71 -53.22 4.05
C GLN B 513 -43.53 -52.37 4.47
N ALA B 514 -43.78 -51.10 4.78
CA ALA B 514 -42.70 -50.24 5.27
C ALA B 514 -42.20 -50.76 6.61
N ALA B 515 -43.12 -51.24 7.46
CA ALA B 515 -42.72 -51.85 8.72
C ALA B 515 -41.92 -53.12 8.49
N LYS B 516 -42.23 -53.83 7.40
CA LYS B 516 -41.56 -55.07 7.00
C LYS B 516 -41.75 -56.20 8.02
N HIS B 517 -42.95 -56.27 8.61
CA HIS B 517 -43.30 -57.34 9.52
C HIS B 517 -43.94 -58.47 8.71
N GLU B 518 -43.56 -59.71 9.00
CA GLU B 518 -44.13 -60.87 8.33
C GLU B 518 -45.31 -61.39 9.15
N GLY B 519 -46.49 -61.43 8.53
CA GLY B 519 -47.69 -61.85 9.22
C GLY B 519 -48.94 -61.16 8.70
N PRO B 520 -50.07 -61.42 9.35
CA PRO B 520 -51.34 -60.81 8.91
C PRO B 520 -51.35 -59.31 9.15
N LEU B 521 -52.17 -58.61 8.35
CA LEU B 521 -52.19 -57.15 8.37
C LEU B 521 -52.62 -56.58 9.72
N HIS B 522 -53.42 -57.32 10.50
CA HIS B 522 -53.83 -56.76 11.79
C HIS B 522 -52.77 -56.95 12.86
N LYS B 523 -51.75 -57.78 12.60
CA LYS B 523 -50.71 -58.07 13.57
C LYS B 523 -49.54 -57.10 13.45
N CYS B 524 -49.13 -56.78 12.22
CA CYS B 524 -47.95 -55.94 12.05
C CYS B 524 -48.13 -54.56 12.69
N ASP B 525 -47.08 -54.16 13.39
CA ASP B 525 -47.02 -52.88 14.09
C ASP B 525 -46.44 -51.82 13.17
N ILE B 526 -47.24 -50.81 12.82
CA ILE B 526 -46.78 -49.74 11.94
C ILE B 526 -46.56 -48.46 12.73
N SER B 527 -46.40 -48.58 14.05
CA SER B 527 -46.03 -47.47 14.91
C SER B 527 -44.58 -47.09 14.62
N ASN B 528 -44.22 -45.86 14.93
CA ASN B 528 -42.88 -45.34 14.63
C ASN B 528 -42.72 -45.47 13.12
N SER B 529 -41.64 -46.05 12.58
CA SER B 529 -41.47 -46.12 11.12
C SER B 529 -41.66 -44.73 10.52
N THR B 530 -40.87 -43.78 11.03
CA THR B 530 -40.99 -42.36 10.69
C THR B 530 -41.09 -42.11 9.19
N GLU B 531 -40.29 -42.82 8.39
CA GLU B 531 -40.33 -42.60 6.95
C GLU B 531 -41.72 -42.91 6.38
N ALA B 532 -42.39 -43.94 6.91
CA ALA B 532 -43.69 -44.30 6.39
C ALA B 532 -44.72 -43.21 6.68
N GLY B 533 -44.67 -42.65 7.89
CA GLY B 533 -45.58 -41.56 8.21
C GLY B 533 -45.29 -40.33 7.38
N GLN B 534 -44.00 -40.04 7.16
CA GLN B 534 -43.66 -38.88 6.36
C GLN B 534 -44.14 -39.04 4.92
N LYS B 535 -44.04 -40.26 4.38
CA LYS B 535 -44.55 -40.50 3.03
C LYS B 535 -46.06 -40.34 3.00
N LEU B 536 -46.76 -40.83 4.04
CA LEU B 536 -48.20 -40.66 4.05
C LEU B 536 -48.55 -39.18 4.15
N PHE B 537 -47.78 -38.43 4.94
CA PHE B 537 -47.98 -36.99 5.04
C PHE B 537 -47.82 -36.33 3.68
N ASN B 538 -46.75 -36.68 2.95
CA ASN B 538 -46.58 -36.10 1.62
C ASN B 538 -47.75 -36.47 0.72
N MET B 539 -48.31 -37.67 0.89
CA MET B 539 -49.52 -38.02 0.13
C MET B 539 -50.70 -37.13 0.54
N LEU B 540 -50.75 -36.77 1.82
CA LEU B 540 -51.83 -35.91 2.33
C LEU B 540 -51.72 -34.53 1.73
N ARG B 541 -50.49 -34.04 1.59
CA ARG B 541 -50.22 -32.71 1.07
C ARG B 541 -50.73 -32.56 -0.35
N LEU B 542 -50.82 -33.67 -1.09
CA LEU B 542 -51.26 -33.61 -2.47
C LEU B 542 -52.65 -33.01 -2.58
N GLY B 543 -53.52 -33.21 -1.59
CA GLY B 543 -54.87 -32.65 -1.64
C GLY B 543 -55.52 -33.03 -2.95
N LYS B 544 -56.10 -32.04 -3.63
CA LYS B 544 -56.64 -32.26 -4.96
C LYS B 544 -55.60 -32.00 -6.03
N SER B 545 -54.39 -31.55 -5.67
CA SER B 545 -53.38 -31.18 -6.64
C SER B 545 -52.95 -32.39 -7.47
N GLU B 546 -52.90 -33.56 -6.84
CA GLU B 546 -52.57 -34.82 -7.50
C GLU B 546 -53.71 -35.79 -7.22
N PRO B 547 -54.37 -36.34 -8.25
CA PRO B 547 -55.56 -37.18 -8.01
C PRO B 547 -55.37 -38.36 -7.06
N TRP B 548 -56.45 -38.64 -6.31
CA TRP B 548 -56.49 -39.73 -5.34
C TRP B 548 -56.14 -41.08 -5.94
N THR B 549 -56.35 -41.25 -7.25
CA THR B 549 -56.05 -42.50 -7.90
C THR B 549 -54.55 -42.75 -7.94
N LEU B 550 -53.76 -41.67 -7.97
CA LEU B 550 -52.32 -41.85 -8.01
C LEU B 550 -51.79 -42.13 -6.61
N ALA B 551 -52.41 -41.55 -5.59
CA ALA B 551 -52.01 -41.84 -4.22
C ALA B 551 -52.23 -43.32 -3.94
N LEU B 552 -53.36 -43.85 -4.41
CA LEU B 552 -53.61 -45.26 -4.20
C LEU B 552 -52.67 -46.13 -5.04
N GLU B 553 -52.39 -45.70 -6.27
CA GLU B 553 -51.47 -46.47 -7.10
C GLU B 553 -50.09 -46.51 -6.45
N ASN B 554 -49.66 -45.39 -5.89
CA ASN B 554 -48.35 -45.32 -5.26
C ASN B 554 -48.27 -46.22 -4.03
N VAL B 555 -49.38 -46.41 -3.32
CA VAL B 555 -49.31 -47.31 -2.16
C VAL B 555 -49.36 -48.79 -2.56
N VAL B 556 -50.17 -49.19 -3.56
CA VAL B 556 -50.24 -50.61 -3.91
C VAL B 556 -49.70 -50.93 -5.30
N GLY B 557 -49.28 -49.94 -6.08
CA GLY B 557 -48.73 -50.25 -7.38
C GLY B 557 -49.78 -50.59 -8.41
N ALA B 558 -51.00 -50.09 -8.27
CA ALA B 558 -52.06 -50.43 -9.20
C ALA B 558 -53.14 -49.36 -9.21
N LYS B 559 -53.72 -49.12 -10.38
CA LYS B 559 -54.84 -48.19 -10.44
C LYS B 559 -56.10 -48.80 -9.85
N ASN B 560 -56.16 -50.13 -9.77
CA ASN B 560 -57.34 -50.83 -9.31
C ASN B 560 -57.34 -50.90 -7.79
N MET B 561 -58.53 -51.10 -7.24
CA MET B 561 -58.67 -51.29 -5.80
C MET B 561 -58.08 -52.66 -5.48
N ASN B 562 -57.37 -52.78 -4.35
CA ASN B 562 -56.66 -54.02 -4.01
C ASN B 562 -57.40 -54.90 -2.99
N VAL B 563 -57.87 -56.04 -3.48
CA VAL B 563 -58.60 -57.02 -2.69
C VAL B 563 -57.72 -57.65 -1.61
N ARG B 564 -56.45 -57.92 -1.93
CA ARG B 564 -55.55 -58.66 -1.06
C ARG B 564 -55.39 -58.15 0.37
N PRO B 565 -55.09 -56.89 0.66
CA PRO B 565 -54.90 -56.52 2.07
C PRO B 565 -56.11 -56.70 2.97
N LEU B 566 -57.34 -56.63 2.44
CA LEU B 566 -58.49 -56.88 3.32
C LEU B 566 -58.56 -58.36 3.67
N LEU B 567 -58.36 -59.21 2.66
CA LEU B 567 -58.50 -60.63 2.94
C LEU B 567 -57.31 -61.10 3.75
N ASN B 568 -56.15 -60.46 3.57
CA ASN B 568 -54.97 -60.84 4.34
C ASN B 568 -55.12 -60.40 5.79
N TYR B 569 -55.81 -59.28 6.02
CA TYR B 569 -56.10 -58.82 7.38
C TYR B 569 -56.97 -59.84 8.10
N PHE B 570 -58.02 -60.31 7.44
CA PHE B 570 -58.95 -61.25 8.07
C PHE B 570 -58.59 -62.72 7.85
N GLU B 571 -57.52 -63.03 7.11
CA GLU B 571 -57.13 -64.41 6.82
C GLU B 571 -57.12 -65.35 8.03
N PRO B 572 -56.55 -65.01 9.19
CA PRO B 572 -56.67 -65.93 10.33
C PRO B 572 -58.12 -66.14 10.74
N LEU B 573 -58.96 -65.14 10.47
CA LEU B 573 -60.37 -65.26 10.80
C LEU B 573 -61.04 -66.10 9.74
N PHE B 574 -60.67 -65.93 8.48
CA PHE B 574 -61.30 -66.73 7.46
C PHE B 574 -60.91 -68.19 7.66
N THR B 575 -59.69 -68.45 8.15
CA THR B 575 -59.28 -69.82 8.45
C THR B 575 -60.16 -70.41 9.56
N TRP B 576 -60.38 -69.62 10.61
CA TRP B 576 -61.32 -70.05 11.66
C TRP B 576 -62.68 -70.34 11.06
N LEU B 577 -63.16 -69.43 10.21
CA LEU B 577 -64.47 -69.60 9.60
C LEU B 577 -64.48 -70.85 8.73
N LYS B 578 -63.38 -71.12 8.03
CA LYS B 578 -63.29 -72.34 7.23
C LYS B 578 -63.47 -73.56 8.11
N ASP B 579 -62.89 -73.53 9.31
CA ASP B 579 -63.07 -74.68 10.20
C ASP B 579 -64.50 -74.80 10.67
N GLN B 580 -65.23 -73.68 10.78
CA GLN B 580 -66.63 -73.73 11.20
C GLN B 580 -67.59 -73.99 10.03
N ASN B 581 -67.20 -73.57 8.82
CA ASN B 581 -67.98 -73.69 7.59
C ASN B 581 -68.16 -75.12 7.16
N LYS B 582 -67.25 -76.01 7.54
CA LYS B 582 -67.39 -77.43 7.19
C LYS B 582 -68.69 -78.01 7.73
N ASN B 583 -69.22 -77.46 8.82
CA ASN B 583 -70.45 -77.99 9.40
C ASN B 583 -71.67 -77.22 8.93
N SER B 584 -71.53 -75.91 8.69
CA SER B 584 -72.63 -75.06 8.26
C SER B 584 -72.89 -75.20 6.76
N PHE B 585 -74.11 -74.86 6.36
CA PHE B 585 -74.42 -74.68 4.94
C PHE B 585 -73.83 -73.36 4.47
N VAL B 586 -73.21 -73.35 3.28
CA VAL B 586 -72.55 -72.17 2.75
C VAL B 586 -73.26 -71.70 1.48
N GLY B 587 -73.60 -70.43 1.44
CA GLY B 587 -74.26 -69.75 0.35
C GLY B 587 -75.66 -69.28 0.72
N TRP B 588 -76.09 -68.19 0.08
CA TRP B 588 -77.42 -67.62 0.31
C TRP B 588 -78.37 -67.97 -0.82
N SER B 589 -79.50 -68.56 -0.46
CA SER B 589 -80.59 -68.78 -1.41
C SER B 589 -81.50 -67.57 -1.36
N THR B 590 -82.05 -67.19 -2.51
CA THR B 590 -82.95 -66.05 -2.59
C THR B 590 -84.42 -66.47 -2.63
N ASP B 591 -84.69 -67.78 -2.60
CA ASP B 591 -86.06 -68.29 -2.68
C ASP B 591 -86.79 -68.20 -1.34
N TRP B 592 -86.07 -68.33 -0.22
CA TRP B 592 -86.66 -68.31 1.12
C TRP B 592 -86.30 -67.04 1.88
N SER B 593 -87.26 -66.52 2.62
CA SER B 593 -87.12 -65.36 3.50
C SER B 593 -87.80 -65.68 4.82
N PRO B 594 -87.41 -65.00 5.91
CA PRO B 594 -88.11 -65.22 7.19
C PRO B 594 -89.62 -65.13 7.12
N TYR B 595 -90.18 -64.23 6.32
CA TYR B 595 -91.65 -64.18 6.19
C TYR B 595 -92.15 -65.49 5.60
N ALA B 596 -91.50 -65.96 4.53
CA ALA B 596 -91.87 -67.19 3.86
C ALA B 596 -90.98 -68.34 4.29
N THR C 21 3.06 -39.35 48.03
CA THR C 21 2.81 -37.92 47.98
C THR C 21 3.78 -37.23 47.02
N THR C 22 3.45 -35.98 46.66
CA THR C 22 4.35 -35.16 45.87
C THR C 22 5.38 -34.55 46.81
N GLN C 23 6.65 -34.65 46.44
CA GLN C 23 7.75 -34.21 47.28
C GLN C 23 8.16 -32.78 46.96
N SER C 24 8.89 -32.18 47.89
CA SER C 24 9.35 -30.81 47.78
C SER C 24 10.12 -30.55 46.49
N TYR C 25 9.87 -29.38 45.91
CA TYR C 25 10.49 -29.00 44.65
C TYR C 25 12.00 -28.90 44.82
N THR C 26 12.73 -29.36 43.81
CA THR C 26 14.19 -29.27 43.78
C THR C 26 14.64 -28.18 42.81
N ASN C 27 15.90 -27.74 42.99
CA ASN C 27 16.51 -26.71 42.16
C ASN C 27 17.51 -27.31 41.16
N PHE C 28 17.13 -27.36 39.89
CA PHE C 28 17.93 -27.94 38.83
C PHE C 28 18.68 -26.89 38.01
N THR C 29 19.86 -27.29 37.55
CA THR C 29 20.70 -26.53 36.63
C THR C 29 20.94 -27.36 35.36
N ARG C 30 20.07 -28.33 35.11
CA ARG C 30 20.10 -29.27 34.00
C ARG C 30 18.90 -29.01 33.11
N GLY C 31 18.86 -29.70 31.97
CA GLY C 31 17.78 -29.52 31.01
C GLY C 31 18.18 -28.80 29.76
N VAL C 32 19.47 -28.56 29.55
CA VAL C 32 19.99 -27.92 28.35
C VAL C 32 20.19 -29.02 27.31
N TYR C 33 19.86 -28.67 26.07
CA TYR C 33 19.93 -29.59 24.94
C TYR C 33 20.42 -28.84 23.71
N TYR C 34 20.87 -29.60 22.73
CA TYR C 34 21.34 -29.01 21.49
C TYR C 34 20.12 -28.49 20.73
N PRO C 35 19.97 -27.18 20.52
CA PRO C 35 18.73 -26.68 19.90
C PRO C 35 18.60 -26.94 18.42
N ASP C 36 19.67 -27.36 17.74
CA ASP C 36 19.64 -27.50 16.29
C ASP C 36 20.58 -28.62 15.87
N LYS C 37 20.65 -28.84 14.56
CA LYS C 37 21.46 -29.86 13.93
C LYS C 37 22.76 -29.28 13.40
N VAL C 38 23.08 -28.05 13.80
CA VAL C 38 24.26 -27.32 13.35
C VAL C 38 25.43 -27.51 14.30
N PHE C 39 26.58 -27.86 13.73
CA PHE C 39 27.83 -28.05 14.46
C PHE C 39 28.52 -26.73 14.74
N ARG C 40 28.93 -26.55 15.99
CA ARG C 40 29.70 -25.38 16.41
C ARG C 40 30.81 -25.88 17.32
N SER C 41 31.96 -25.19 17.30
CA SER C 41 33.05 -25.54 18.20
C SER C 41 33.86 -24.32 18.58
N SER C 42 34.36 -24.34 19.81
CA SER C 42 35.17 -23.28 20.39
C SER C 42 34.49 -21.91 20.27
N VAL C 43 33.17 -21.88 20.51
CA VAL C 43 32.40 -20.64 20.48
C VAL C 43 31.53 -20.56 21.72
N LEU C 44 31.08 -19.34 22.00
CA LEU C 44 30.04 -19.08 23.00
C LEU C 44 28.90 -18.51 22.18
N HIS C 45 27.75 -19.19 22.21
CA HIS C 45 26.62 -18.82 21.37
C HIS C 45 25.40 -18.46 22.20
N LEU C 46 24.80 -17.30 21.91
CA LEU C 46 23.56 -16.91 22.57
C LEU C 46 22.41 -17.42 21.73
N THR C 47 21.46 -18.11 22.36
CA THR C 47 20.31 -18.63 21.65
C THR C 47 19.09 -18.46 22.53
N GLN C 48 17.94 -18.27 21.89
CA GLN C 48 16.65 -18.19 22.57
C GLN C 48 15.83 -19.42 22.20
N ASP C 49 15.43 -20.20 23.19
CA ASP C 49 14.68 -21.42 22.98
C ASP C 49 13.93 -21.71 24.27
N LEU C 50 13.21 -22.82 24.28
CA LEU C 50 12.49 -23.23 25.48
C LEU C 50 13.41 -24.15 26.28
N PHE C 51 13.78 -23.69 27.48
CA PHE C 51 14.71 -24.42 28.33
C PHE C 51 14.15 -24.47 29.75
N LEU C 52 14.61 -25.46 30.50
CA LEU C 52 14.31 -25.48 31.92
C LEU C 52 15.14 -24.38 32.54
N PRO C 53 14.57 -23.37 33.21
CA PRO C 53 15.42 -22.35 33.82
C PRO C 53 16.29 -22.94 34.91
N PHE C 54 17.45 -22.33 35.12
CA PHE C 54 18.32 -22.82 36.18
C PHE C 54 17.68 -22.43 37.49
N PHE C 55 17.74 -23.34 38.47
CA PHE C 55 17.16 -23.16 39.79
C PHE C 55 15.64 -23.07 39.74
N SER C 56 15.03 -23.54 38.66
CA SER C 56 13.58 -23.65 38.57
C SER C 56 13.08 -24.73 39.52
N ASN C 57 11.84 -24.59 39.97
CA ASN C 57 11.27 -25.57 40.88
C ASN C 57 10.86 -26.81 40.09
N VAL C 58 11.55 -27.92 40.36
CA VAL C 58 11.32 -29.19 39.68
C VAL C 58 10.57 -30.11 40.63
N THR C 59 9.41 -30.58 40.20
CA THR C 59 8.56 -31.38 41.07
C THR C 59 9.17 -32.77 41.21
N TRP C 60 9.30 -33.23 42.44
CA TRP C 60 9.89 -34.52 42.73
C TRP C 60 8.81 -35.49 43.22
N PHE C 61 8.85 -36.70 42.68
CA PHE C 61 7.94 -37.78 43.04
C PHE C 61 8.77 -38.95 43.50
N ALA C 63 9.48 -41.09 46.43
CA ALA C 63 8.09 -41.51 46.32
C ALA C 63 7.84 -42.19 44.99
N ILE C 64 7.92 -43.52 44.98
CA ILE C 64 7.66 -44.28 43.76
C ILE C 64 6.16 -44.27 43.50
N SER C 65 5.77 -43.88 42.28
CA SER C 65 4.40 -43.67 41.82
C SER C 65 3.83 -42.35 42.33
N GLY C 66 4.64 -41.50 42.95
CA GLY C 66 4.21 -40.18 43.38
C GLY C 66 3.16 -40.17 44.47
N THR C 67 1.97 -39.64 44.18
CA THR C 67 0.95 -39.56 45.21
C THR C 67 0.32 -40.91 45.54
N ASN C 68 0.52 -41.91 44.70
CA ASN C 68 0.02 -43.26 44.90
C ASN C 68 1.15 -44.17 45.38
N GLY C 69 0.76 -45.28 45.99
CA GLY C 69 1.72 -46.28 46.42
C GLY C 69 2.13 -47.18 45.28
N THR C 70 2.97 -48.16 45.61
CA THR C 70 3.51 -49.05 44.60
C THR C 70 2.58 -50.21 44.28
N LYS C 71 1.46 -50.34 44.99
CA LYS C 71 0.47 -51.39 44.74
C LYS C 71 -0.81 -50.85 44.11
N ARG C 72 -0.85 -49.57 43.74
CA ARG C 72 -2.03 -48.93 43.17
C ARG C 72 -1.60 -48.29 41.85
N PHE C 73 -2.51 -48.32 40.86
CA PHE C 73 -2.18 -47.89 39.51
C PHE C 73 -2.78 -46.54 39.12
N ASP C 74 -3.25 -45.76 40.10
CA ASP C 74 -3.74 -44.41 39.86
C ASP C 74 -2.55 -43.48 39.60
N ASN C 75 -2.80 -42.34 38.96
CA ASN C 75 -1.71 -41.42 38.65
C ASN C 75 -2.21 -39.98 38.64
N PRO C 76 -1.38 -39.01 39.08
CA PRO C 76 -1.73 -37.58 38.93
C PRO C 76 -2.06 -37.09 37.52
N VAL C 77 -1.53 -37.71 36.47
CA VAL C 77 -1.72 -37.25 35.09
C VAL C 77 -1.36 -35.78 35.02
N LEU C 78 -0.06 -35.50 35.16
CA LEU C 78 0.49 -34.16 35.33
C LEU C 78 0.31 -33.27 34.09
N PRO C 79 0.18 -31.94 34.27
CA PRO C 79 0.03 -31.03 33.13
C PRO C 79 1.30 -30.92 32.30
N PHE C 80 1.12 -30.68 30.99
CA PHE C 80 2.23 -30.49 30.03
C PHE C 80 2.25 -29.01 29.59
N ASN C 81 3.06 -28.19 30.27
CA ASN C 81 3.04 -26.74 30.06
C ASN C 81 3.99 -26.31 28.93
N ASP C 82 3.56 -26.55 27.69
CA ASP C 82 4.32 -26.16 26.50
C ASP C 82 5.77 -26.69 26.50
N GLY C 83 5.95 -27.94 26.86
CA GLY C 83 7.29 -28.58 26.88
C GLY C 83 7.63 -28.97 28.31
N VAL C 84 8.11 -30.20 28.48
CA VAL C 84 8.39 -30.75 29.81
C VAL C 84 9.73 -31.47 29.83
N TYR C 85 10.45 -31.29 30.95
CA TYR C 85 11.67 -31.98 31.29
C TYR C 85 11.34 -33.12 32.23
N PHE C 86 11.87 -34.31 31.95
CA PHE C 86 11.66 -35.51 32.75
C PHE C 86 12.98 -36.10 33.17
N ALA C 87 13.00 -36.76 34.33
CA ALA C 87 14.18 -37.52 34.69
C ALA C 87 13.79 -38.61 35.66
N SER C 88 14.58 -39.69 35.68
CA SER C 88 14.37 -40.76 36.65
C SER C 88 15.63 -41.61 36.73
N THR C 89 16.33 -41.58 37.86
CA THR C 89 17.59 -42.31 37.99
C THR C 89 17.24 -43.68 38.55
N GLU C 90 17.52 -44.73 37.77
CA GLU C 90 17.17 -46.08 38.19
C GLU C 90 17.99 -47.10 37.41
N LYS C 91 18.19 -48.27 38.01
CA LYS C 91 18.79 -49.42 37.33
C LYS C 91 17.76 -50.47 36.97
N SER C 92 16.65 -50.54 37.71
CA SER C 92 15.65 -51.58 37.59
C SER C 92 14.71 -51.40 36.40
N ASN C 93 14.72 -50.23 35.75
CA ASN C 93 13.82 -49.96 34.62
C ASN C 93 12.36 -50.18 35.00
N ILE C 94 11.98 -49.63 36.16
CA ILE C 94 10.60 -49.73 36.61
C ILE C 94 9.68 -48.95 35.69
N ILE C 95 10.11 -47.78 35.23
CA ILE C 95 9.30 -46.97 34.33
C ILE C 95 9.54 -47.53 32.92
N ARG C 96 8.49 -48.09 32.33
CA ARG C 96 8.59 -48.70 31.02
C ARG C 96 8.21 -47.74 29.90
N GLY C 97 7.53 -46.66 30.22
CA GLY C 97 7.11 -45.73 29.19
C GLY C 97 6.28 -44.62 29.80
N TRP C 98 5.61 -43.90 28.91
CA TRP C 98 4.78 -42.78 29.29
C TRP C 98 3.73 -42.54 28.22
N ILE C 99 2.60 -41.97 28.64
CA ILE C 99 1.51 -41.61 27.74
C ILE C 99 1.15 -40.15 27.97
N PHE C 100 1.12 -39.39 26.87
CA PHE C 100 0.81 -37.97 26.87
C PHE C 100 -0.46 -37.79 26.06
N GLY C 101 -1.25 -36.78 26.41
CA GLY C 101 -2.40 -36.50 25.56
C GLY C 101 -3.09 -35.22 25.95
N THR C 102 -4.08 -34.85 25.14
CA THR C 102 -4.86 -33.65 25.40
C THR C 102 -5.89 -33.93 26.50
N THR C 103 -6.59 -35.06 26.41
CA THR C 103 -7.60 -35.44 27.40
C THR C 103 -7.40 -36.87 27.89
N LEU C 104 -6.87 -37.76 27.04
CA LEU C 104 -6.72 -39.18 27.39
C LEU C 104 -8.07 -39.83 27.71
N ASP C 105 -9.13 -39.41 27.00
CA ASP C 105 -10.48 -39.94 27.22
C ASP C 105 -11.20 -40.39 25.95
N SER C 106 -10.46 -40.69 24.87
CA SER C 106 -10.94 -41.15 23.57
C SER C 106 -11.56 -40.06 22.71
N LYS C 107 -11.77 -38.84 23.21
CA LYS C 107 -12.37 -37.82 22.38
C LYS C 107 -11.38 -37.23 21.39
N THR C 108 -10.08 -37.25 21.71
CA THR C 108 -9.06 -36.67 20.86
C THR C 108 -7.81 -37.54 20.90
N GLN C 109 -6.76 -37.05 20.24
CA GLN C 109 -5.53 -37.78 20.02
C GLN C 109 -4.74 -38.02 21.31
N SER C 110 -4.22 -39.24 21.45
CA SER C 110 -3.43 -39.67 22.61
C SER C 110 -2.18 -40.42 22.14
N LEU C 111 -1.02 -39.97 22.66
CA LEU C 111 0.32 -40.47 22.31
C LEU C 111 0.87 -41.43 23.38
N LEU C 112 1.07 -42.69 23.01
CA LEU C 112 1.56 -43.72 23.92
C LEU C 112 2.96 -44.13 23.48
N ILE C 113 3.95 -43.97 24.36
CA ILE C 113 5.37 -44.30 24.12
C ILE C 113 5.76 -45.42 25.08
N VAL C 114 6.05 -46.62 24.57
CA VAL C 114 6.40 -47.76 25.43
C VAL C 114 7.71 -48.40 24.97
N ASN C 115 8.62 -48.61 25.92
CA ASN C 115 9.92 -49.26 25.74
C ASN C 115 9.82 -50.71 26.19
N ASN C 116 9.94 -51.66 25.27
CA ASN C 116 9.80 -53.09 25.58
C ASN C 116 11.14 -53.81 25.73
N ALA C 117 12.24 -53.06 25.80
CA ALA C 117 13.63 -53.49 25.93
C ALA C 117 14.21 -54.08 24.65
N THR C 118 13.46 -54.11 23.55
CA THR C 118 13.93 -54.51 22.24
C THR C 118 13.79 -53.37 21.25
N ASN C 119 12.79 -52.51 21.47
CA ASN C 119 12.48 -51.37 20.63
C ASN C 119 11.63 -50.44 21.48
N VAL C 120 11.39 -49.24 20.96
CA VAL C 120 10.40 -48.32 21.50
C VAL C 120 9.32 -48.28 20.45
N PHE C 121 8.07 -48.44 20.90
CA PHE C 121 6.88 -48.39 20.06
C PHE C 121 6.08 -47.16 20.48
N ILE C 122 5.93 -46.23 19.55
CA ILE C 122 5.24 -44.98 19.77
C ILE C 122 4.01 -45.00 18.88
N LYS C 123 2.83 -44.75 19.45
CA LYS C 123 1.61 -44.77 18.67
C LYS C 123 0.72 -43.59 19.07
N VAL C 124 -0.07 -43.12 18.11
CA VAL C 124 -1.09 -42.11 18.35
C VAL C 124 -2.42 -42.65 17.89
N CYS C 125 -3.39 -42.68 18.82
CA CYS C 125 -4.74 -43.18 18.57
C CYS C 125 -5.69 -42.36 19.44
N GLU C 126 -6.99 -42.51 19.20
CA GLU C 126 -8.02 -41.86 20.00
C GLU C 126 -8.68 -42.95 20.84
N PHE C 127 -8.28 -43.06 22.11
CA PHE C 127 -8.78 -44.14 22.94
C PHE C 127 -8.84 -43.73 24.42
N GLN C 128 -9.57 -44.52 25.20
CA GLN C 128 -9.63 -44.31 26.64
C GLN C 128 -8.37 -44.93 27.24
N PHE C 129 -7.76 -44.25 28.19
CA PHE C 129 -6.64 -44.87 28.90
C PHE C 129 -7.17 -46.11 29.60
N CYS C 130 -6.47 -47.23 29.45
CA CYS C 130 -6.95 -48.51 29.97
C CYS C 130 -6.36 -48.86 31.33
N ASN C 131 -5.79 -47.87 32.03
CA ASN C 131 -5.24 -48.09 33.38
C ASN C 131 -4.16 -49.17 33.38
N ASP C 132 -3.38 -49.25 32.30
CA ASP C 132 -2.28 -50.20 32.28
C ASP C 132 -1.15 -49.69 33.18
N PRO C 133 -0.35 -50.60 33.77
CA PRO C 133 0.74 -50.13 34.62
C PRO C 133 2.04 -49.92 33.85
N MET C 146 2.61 -56.50 39.84
CA MET C 146 3.84 -56.10 40.53
C MET C 146 5.06 -56.56 39.74
N GLU C 147 5.69 -55.60 39.06
CA GLU C 147 6.90 -55.85 38.25
C GLU C 147 6.72 -57.03 37.31
N SER C 148 5.53 -57.10 36.71
CA SER C 148 5.12 -58.18 35.82
C SER C 148 4.55 -57.55 34.57
N GLU C 149 4.50 -58.31 33.48
CA GLU C 149 3.90 -57.76 32.28
C GLU C 149 2.38 -57.73 32.43
N SER C 150 1.76 -56.76 31.76
CA SER C 150 0.32 -56.60 31.73
C SER C 150 -0.11 -56.27 30.32
N GLY C 151 -1.41 -56.40 30.06
CA GLY C 151 -1.94 -55.95 28.79
C GLY C 151 -1.97 -54.44 28.76
N VAL C 152 -1.89 -53.88 27.56
CA VAL C 152 -1.90 -52.44 27.36
C VAL C 152 -2.91 -52.07 26.28
N TYR C 153 -3.42 -50.84 26.37
CA TYR C 153 -4.38 -50.23 25.45
C TYR C 153 -5.38 -51.26 24.91
N SER C 154 -6.13 -51.85 25.85
CA SER C 154 -7.03 -52.94 25.54
C SER C 154 -8.13 -52.55 24.56
N SER C 155 -8.42 -51.26 24.43
CA SER C 155 -9.44 -50.77 23.49
C SER C 155 -8.89 -49.51 22.84
N ALA C 156 -8.71 -49.55 21.53
CA ALA C 156 -8.22 -48.38 20.80
C ALA C 156 -8.70 -48.42 19.36
N ASN C 157 -8.88 -47.23 18.80
CA ASN C 157 -9.31 -47.08 17.42
C ASN C 157 -8.81 -45.72 16.92
N ASN C 158 -9.12 -45.42 15.66
CA ASN C 158 -8.77 -44.15 15.02
C ASN C 158 -7.28 -43.85 15.16
N CYS C 159 -6.46 -44.86 14.90
CA CYS C 159 -5.01 -44.72 15.02
C CYS C 159 -4.44 -43.98 13.82
N THR C 160 -3.65 -42.94 14.12
CA THR C 160 -3.09 -42.07 13.11
C THR C 160 -1.57 -42.15 13.01
N PHE C 161 -0.86 -42.64 14.04
CA PHE C 161 0.60 -42.62 13.96
C PHE C 161 1.20 -43.87 14.59
N GLU C 162 2.23 -44.42 13.94
CA GLU C 162 3.04 -45.48 14.50
C GLU C 162 4.50 -45.24 14.16
N TYR C 163 5.38 -45.49 15.13
CA TYR C 163 6.82 -45.39 14.99
C TYR C 163 7.48 -46.50 15.81
N VAL C 164 8.51 -47.13 15.24
CA VAL C 164 9.30 -48.15 15.92
C VAL C 164 10.77 -47.81 15.75
N SER C 165 11.53 -47.86 16.85
CA SER C 165 12.97 -47.64 16.79
C SER C 165 13.64 -48.33 17.96
N GLN C 166 14.98 -48.25 18.03
CA GLN C 166 15.70 -48.80 19.18
C GLN C 166 15.12 -48.24 20.48
N PRO C 167 15.15 -48.99 21.58
CA PRO C 167 14.50 -48.51 22.81
C PRO C 167 15.12 -47.25 23.39
N PHE C 168 14.25 -46.34 23.86
CA PHE C 168 14.69 -45.07 24.43
C PHE C 168 15.42 -45.28 25.74
N LEU C 169 15.06 -46.31 26.49
CA LEU C 169 15.67 -46.58 27.78
C LEU C 169 16.89 -47.49 27.68
N MET C 170 17.18 -48.02 26.49
CA MET C 170 18.23 -49.00 26.24
C MET C 170 18.82 -48.77 24.85
N LYS C 180 21.88 -47.56 36.28
CA LYS C 180 22.23 -46.39 37.08
C LYS C 180 22.14 -45.10 36.26
N ASN C 181 21.57 -45.17 35.06
CA ASN C 181 21.51 -44.02 34.17
C ASN C 181 20.52 -42.98 34.69
N LEU C 182 20.87 -41.70 34.50
CA LEU C 182 19.99 -40.62 34.91
C LEU C 182 18.70 -40.59 34.11
N ARG C 183 18.74 -41.02 32.85
CA ARG C 183 17.54 -41.02 32.01
C ARG C 183 16.88 -39.64 31.93
N GLU C 184 17.69 -38.63 31.61
CA GLU C 184 17.18 -37.27 31.48
C GLU C 184 16.53 -37.19 30.11
N PHE C 185 15.33 -36.61 30.04
CA PHE C 185 14.62 -36.44 28.78
C PHE C 185 14.01 -35.05 28.68
N VAL C 186 13.94 -34.52 27.46
CA VAL C 186 13.20 -33.30 27.16
C VAL C 186 12.22 -33.62 26.05
N PHE C 187 10.96 -33.22 26.24
CA PHE C 187 9.89 -33.42 25.27
C PHE C 187 9.25 -32.07 24.98
N LYS C 188 9.29 -31.65 23.71
CA LYS C 188 8.64 -30.39 23.35
C LYS C 188 7.87 -30.58 22.05
N ASN C 189 6.77 -29.86 21.90
CA ASN C 189 5.91 -29.98 20.72
C ASN C 189 5.83 -28.63 20.01
N ILE C 190 6.59 -28.47 18.93
CA ILE C 190 6.69 -27.21 18.21
C ILE C 190 6.23 -27.40 16.77
N ASP C 191 5.21 -26.63 16.38
CA ASP C 191 4.64 -26.64 15.03
C ASP C 191 4.26 -28.05 14.57
N GLY C 192 3.74 -28.86 15.49
CA GLY C 192 3.30 -30.18 15.15
C GLY C 192 4.35 -31.27 15.34
N TYR C 193 5.61 -30.90 15.51
CA TYR C 193 6.69 -31.87 15.68
C TYR C 193 6.97 -32.09 17.15
N PHE C 194 6.91 -33.36 17.57
CA PHE C 194 7.16 -33.77 18.94
C PHE C 194 8.64 -34.16 19.00
N LYS C 195 9.45 -33.29 19.57
CA LYS C 195 10.90 -33.44 19.56
C LYS C 195 11.32 -34.05 20.88
N ILE C 196 12.04 -35.18 20.79
CA ILE C 196 12.48 -35.95 21.94
C ILE C 196 14.01 -35.88 22.00
N TYR C 197 14.52 -35.45 23.15
CA TYR C 197 15.94 -35.33 23.46
C TYR C 197 16.21 -36.16 24.72
N SER C 198 17.42 -36.70 24.86
CA SER C 198 17.72 -37.45 26.07
C SER C 198 19.21 -37.56 26.32
N LYS C 199 19.53 -38.01 27.54
CA LYS C 199 20.90 -38.35 27.95
C LYS C 199 20.80 -39.47 28.97
N HIS C 200 21.67 -40.47 28.81
CA HIS C 200 21.77 -41.64 29.70
C HIS C 200 23.20 -41.75 30.23
N THR C 201 23.48 -41.15 31.38
CA THR C 201 24.81 -41.22 32.01
C THR C 201 24.70 -41.85 33.39
N PRO C 202 25.48 -42.90 33.71
CA PRO C 202 25.33 -43.54 35.02
C PRO C 202 25.87 -42.70 36.17
N ILE C 203 25.24 -42.85 37.33
CA ILE C 203 25.73 -42.28 38.59
C ILE C 203 25.27 -43.22 39.70
N ILE C 204 26.10 -43.41 40.72
CA ILE C 204 25.79 -44.30 41.85
C ILE C 204 25.54 -43.54 43.15
N GLY C 205 26.44 -42.62 43.53
CA GLY C 205 26.34 -42.01 44.84
C GLY C 205 25.50 -40.75 44.96
N ARG C 206 24.91 -40.28 43.86
CA ARG C 206 24.10 -39.07 43.86
C ARG C 206 22.89 -39.31 42.97
N ASP C 207 21.82 -38.56 43.24
CA ASP C 207 20.65 -38.66 42.36
C ASP C 207 20.97 -37.98 41.04
N PHE C 208 21.71 -36.88 41.10
CA PHE C 208 22.15 -36.12 39.93
C PHE C 208 23.60 -35.69 40.14
N PRO C 209 24.39 -35.61 39.07
CA PRO C 209 25.75 -35.10 39.21
C PRO C 209 25.78 -33.59 39.45
N GLN C 210 26.88 -33.13 40.03
CA GLN C 210 27.07 -31.70 40.22
C GLN C 210 27.54 -31.02 38.94
N GLY C 211 27.94 -31.79 37.92
CA GLY C 211 28.46 -31.24 36.70
C GLY C 211 27.35 -30.96 35.69
N PHE C 212 27.76 -30.54 34.50
CA PHE C 212 26.85 -30.19 33.43
C PHE C 212 26.94 -31.23 32.32
N SER C 213 25.78 -31.60 31.78
CA SER C 213 25.71 -32.51 30.65
C SER C 213 24.50 -32.11 29.81
N ALA C 214 24.74 -31.84 28.53
CA ALA C 214 23.66 -31.45 27.63
C ALA C 214 23.01 -32.69 27.04
N LEU C 215 21.72 -32.55 26.72
CA LEU C 215 20.96 -33.65 26.13
C LEU C 215 21.06 -33.56 24.62
N GLU C 216 21.06 -34.72 23.97
CA GLU C 216 21.11 -34.79 22.52
C GLU C 216 19.75 -35.16 21.96
N PRO C 217 19.40 -34.72 20.75
CA PRO C 217 18.12 -35.13 20.19
C PRO C 217 18.11 -36.61 19.87
N LEU C 218 16.94 -37.23 20.03
CA LEU C 218 16.72 -38.60 19.62
C LEU C 218 15.83 -38.67 18.40
N VAL C 219 14.69 -37.98 18.41
CA VAL C 219 13.78 -38.12 17.27
C VAL C 219 12.85 -36.92 17.18
N ASP C 220 12.53 -36.54 15.93
CA ASP C 220 11.55 -35.50 15.62
C ASP C 220 10.34 -36.27 15.08
N LEU C 221 9.28 -36.44 15.91
CA LEU C 221 8.14 -37.27 15.53
C LEU C 221 7.01 -36.41 14.95
N PRO C 222 6.40 -36.78 13.81
CA PRO C 222 5.28 -35.97 13.26
C PRO C 222 3.97 -36.27 13.98
N ILE C 223 3.89 -35.88 15.25
CA ILE C 223 2.74 -36.23 16.09
C ILE C 223 1.58 -35.26 15.91
N GLY C 224 1.79 -33.96 16.02
CA GLY C 224 0.68 -33.04 15.82
C GLY C 224 -0.37 -32.98 16.92
N ILE C 225 -0.06 -33.25 18.20
CA ILE C 225 -1.07 -33.28 19.33
C ILE C 225 -0.90 -32.14 20.35
N ASN C 226 -1.95 -31.74 21.10
CA ASN C 226 -1.82 -30.72 22.21
C ASN C 226 -0.97 -31.19 23.42
N ILE C 227 -1.10 -32.44 23.87
CA ILE C 227 -0.40 -32.99 25.08
C ILE C 227 -0.63 -32.10 26.31
N THR C 228 -1.88 -31.78 26.62
CA THR C 228 -2.20 -30.89 27.75
C THR C 228 -1.71 -31.54 29.04
N ARG C 229 -1.82 -32.85 29.19
CA ARG C 229 -1.22 -33.45 30.41
C ARG C 229 -0.52 -34.79 30.06
N PHE C 230 -0.13 -35.55 31.09
CA PHE C 230 0.59 -36.81 30.91
C PHE C 230 0.74 -37.57 32.21
N GLN C 231 0.98 -38.87 32.07
CA GLN C 231 1.26 -39.78 33.17
C GLN C 231 2.32 -40.78 32.74
N THR C 232 3.09 -41.27 33.71
CA THR C 232 4.08 -42.31 33.49
C THR C 232 3.47 -43.70 33.60
N LEU C 233 4.21 -44.67 33.06
CA LEU C 233 3.84 -46.09 33.09
C LEU C 233 4.91 -46.84 33.89
N LEU C 234 4.53 -47.31 35.08
CA LEU C 234 5.44 -47.96 36.00
C LEU C 234 5.10 -49.44 36.11
N ALA C 235 6.13 -50.29 36.07
CA ALA C 235 5.95 -51.72 36.26
C ALA C 235 5.80 -52.04 37.75
N ASP C 256 12.57 -42.90 41.87
CA ASP C 256 12.59 -41.44 41.85
C ASP C 256 12.18 -40.94 40.46
N TYR C 257 11.37 -39.88 40.45
CA TYR C 257 10.88 -39.28 39.21
C TYR C 257 10.86 -37.76 39.37
N TYR C 258 11.35 -37.04 38.36
CA TYR C 258 11.40 -35.59 38.39
C TYR C 258 10.71 -35.04 37.16
N VAL C 259 9.98 -33.94 37.35
CA VAL C 259 9.31 -33.21 36.26
C VAL C 259 9.57 -31.71 36.40
N GLY C 260 10.07 -31.09 35.32
CA GLY C 260 10.29 -29.67 35.30
C GLY C 260 9.62 -29.14 34.05
N TYR C 261 9.52 -27.81 33.94
CA TYR C 261 8.83 -27.24 32.78
C TYR C 261 9.72 -26.25 32.04
N LEU C 262 9.58 -26.24 30.72
CA LEU C 262 10.36 -25.36 29.87
C LEU C 262 9.67 -24.01 29.73
N GLN C 263 10.48 -22.96 29.63
CA GLN C 263 10.00 -21.60 29.39
C GLN C 263 10.89 -20.94 28.37
N PRO C 264 10.39 -19.92 27.66
CA PRO C 264 11.25 -19.15 26.75
C PRO C 264 12.37 -18.46 27.51
N ARG C 265 13.60 -18.82 27.19
CA ARG C 265 14.76 -18.26 27.86
C ARG C 265 15.89 -18.14 26.84
N THR C 266 16.80 -17.21 27.15
CA THR C 266 18.01 -17.01 26.39
C THR C 266 19.15 -17.61 27.18
N PHE C 267 19.96 -18.44 26.54
CA PHE C 267 21.13 -19.06 27.13
C PHE C 267 22.39 -18.78 26.34
N LEU C 268 23.50 -18.65 27.07
CA LEU C 268 24.82 -18.56 26.48
C LEU C 268 25.39 -19.96 26.61
N LEU C 269 25.61 -20.64 25.48
CA LEU C 269 26.08 -22.02 25.44
C LEU C 269 27.55 -22.08 25.08
N LYS C 270 28.34 -22.77 25.92
CA LYS C 270 29.78 -22.92 25.71
C LYS C 270 30.08 -24.23 25.00
N TYR C 271 30.72 -24.14 23.84
CA TYR C 271 31.09 -25.32 23.06
C TYR C 271 32.57 -25.60 23.22
N ASN C 272 32.91 -26.89 23.17
CA ASN C 272 34.29 -27.36 23.22
C ASN C 272 34.89 -27.42 21.81
N GLU C 273 36.15 -27.86 21.72
CA GLU C 273 36.76 -28.04 20.40
C GLU C 273 35.96 -29.04 19.58
N ASN C 274 35.34 -30.02 20.25
CA ASN C 274 34.46 -30.98 19.63
C ASN C 274 33.04 -30.42 19.67
N GLY C 275 32.14 -31.05 18.92
CA GLY C 275 30.78 -30.57 18.84
C GLY C 275 29.91 -30.85 20.04
N THR C 276 30.31 -30.36 21.22
CA THR C 276 29.60 -30.63 22.46
C THR C 276 29.55 -29.37 23.31
N ILE C 277 28.50 -29.26 24.12
CA ILE C 277 28.27 -28.13 25.01
C ILE C 277 28.80 -28.50 26.39
N THR C 278 29.72 -27.69 26.92
CA THR C 278 30.31 -27.94 28.23
C THR C 278 29.64 -27.17 29.35
N ASP C 279 29.12 -25.98 29.09
CA ASP C 279 28.50 -25.18 30.14
C ASP C 279 27.40 -24.31 29.53
N ALA C 280 26.71 -23.57 30.40
CA ALA C 280 25.67 -22.66 29.95
C ALA C 280 25.39 -21.62 31.02
N VAL C 281 24.98 -20.43 30.56
CA VAL C 281 24.54 -19.33 31.43
C VAL C 281 23.09 -19.00 31.12
N ASP C 282 22.27 -18.96 32.16
CA ASP C 282 20.87 -18.56 32.09
C ASP C 282 20.85 -17.04 32.23
N CYS C 283 20.59 -16.34 31.12
CA CYS C 283 20.80 -14.90 31.03
C CYS C 283 19.88 -14.06 31.92
N ALA C 284 18.83 -14.65 32.51
CA ALA C 284 17.91 -13.91 33.37
C ALA C 284 17.90 -14.44 34.80
N LEU C 285 18.91 -15.22 35.16
CA LEU C 285 18.98 -15.81 36.50
C LEU C 285 19.52 -14.86 37.54
N ASP C 286 20.50 -14.04 37.17
CA ASP C 286 21.27 -13.27 38.14
C ASP C 286 21.91 -12.11 37.39
N PRO C 287 22.10 -10.94 38.03
CA PRO C 287 22.85 -9.86 37.35
C PRO C 287 24.19 -10.30 36.80
N LEU C 288 24.86 -11.23 37.47
CA LEU C 288 26.14 -11.70 36.97
C LEU C 288 25.94 -12.52 35.70
N SER C 289 24.88 -13.34 35.66
CA SER C 289 24.63 -14.13 34.47
C SER C 289 24.23 -13.23 33.32
N GLU C 290 23.43 -12.19 33.61
CA GLU C 290 23.02 -11.25 32.59
C GLU C 290 24.24 -10.55 32.02
N THR C 291 25.20 -10.19 32.89
CA THR C 291 26.43 -9.56 32.45
C THR C 291 27.22 -10.51 31.56
N LYS C 292 27.34 -11.77 31.98
CA LYS C 292 28.05 -12.75 31.17
C LYS C 292 27.44 -12.88 29.79
N CYS C 293 26.11 -12.86 29.70
CA CYS C 293 25.45 -12.93 28.40
C CYS C 293 25.68 -11.66 27.59
N THR C 294 25.67 -10.51 28.27
CA THR C 294 25.92 -9.24 27.59
C THR C 294 27.31 -9.22 26.97
N LEU C 295 28.30 -9.71 27.70
CA LEU C 295 29.68 -9.74 27.25
C LEU C 295 30.01 -10.98 26.43
N LYS C 296 29.15 -12.01 26.45
CA LYS C 296 29.39 -13.28 25.76
C LYS C 296 30.69 -13.89 26.28
N SER C 297 30.77 -14.02 27.59
CA SER C 297 31.94 -14.60 28.25
C SER C 297 31.51 -15.29 29.53
N PHE C 298 32.23 -16.33 29.91
CA PHE C 298 32.01 -16.99 31.18
C PHE C 298 32.94 -16.46 32.27
N THR C 299 33.77 -15.47 31.93
CA THR C 299 34.66 -14.81 32.87
C THR C 299 34.39 -13.32 32.71
N VAL C 300 34.17 -12.61 33.82
CA VAL C 300 33.91 -11.18 33.79
C VAL C 300 34.97 -10.46 34.59
N GLU C 301 35.58 -9.45 33.99
CA GLU C 301 36.63 -8.66 34.63
C GLU C 301 36.03 -7.63 35.58
N LYS C 302 36.83 -7.22 36.56
CA LYS C 302 36.39 -6.22 37.53
C LYS C 302 36.01 -4.93 36.82
N GLY C 303 34.87 -4.38 37.19
CA GLY C 303 34.40 -3.13 36.62
C GLY C 303 32.90 -3.04 36.71
N ILE C 304 32.37 -1.97 36.13
CA ILE C 304 30.93 -1.71 36.10
C ILE C 304 30.47 -1.82 34.65
N TYR C 305 29.44 -2.64 34.42
CA TYR C 305 28.93 -2.90 33.08
C TYR C 305 27.46 -2.55 32.99
N GLN C 306 27.06 -1.97 31.86
CA GLN C 306 25.67 -1.65 31.57
C GLN C 306 25.10 -2.80 30.77
N THR C 307 24.15 -3.55 31.35
CA THR C 307 23.66 -4.76 30.72
C THR C 307 22.23 -4.71 30.21
N SER C 308 21.37 -3.86 30.76
CA SER C 308 19.98 -3.84 30.33
C SER C 308 19.34 -2.54 30.79
N ASN C 309 18.01 -2.52 30.84
CA ASN C 309 17.25 -1.36 31.30
C ASN C 309 16.09 -1.80 32.15
N PHE C 310 15.92 -1.12 33.28
CA PHE C 310 14.79 -1.32 34.17
C PHE C 310 13.63 -0.48 33.66
N ARG C 311 12.46 -1.08 33.76
CA ARG C 311 11.21 -0.40 33.38
C ARG C 311 10.18 -0.88 34.37
N VAL C 312 9.26 -0.03 34.80
CA VAL C 312 8.18 -0.39 35.70
C VAL C 312 6.99 -0.63 34.79
N GLN C 313 6.43 -1.81 34.91
CA GLN C 313 5.34 -2.20 34.05
C GLN C 313 4.00 -1.65 34.53
N PRO C 314 3.07 -1.37 33.62
CA PRO C 314 1.72 -0.97 34.06
C PRO C 314 0.98 -2.15 34.65
N THR C 315 0.05 -1.84 35.56
CA THR C 315 -0.76 -2.86 36.21
C THR C 315 -2.23 -2.81 35.83
N GLU C 316 -2.66 -1.83 35.03
CA GLU C 316 -4.06 -1.64 34.70
C GLU C 316 -4.13 -0.90 33.37
N SER C 317 -5.29 -1.00 32.71
CA SER C 317 -5.57 -0.30 31.46
C SER C 317 -6.81 0.54 31.65
N ILE C 318 -6.66 1.87 31.58
CA ILE C 318 -7.72 2.82 31.86
C ILE C 318 -8.24 3.41 30.55
N VAL C 319 -9.52 3.21 30.30
CA VAL C 319 -10.15 3.67 29.06
C VAL C 319 -11.26 4.63 29.45
N ARG C 320 -10.93 5.90 29.26
CA ARG C 320 -11.90 6.95 29.62
C ARG C 320 -12.32 7.59 28.30
N PHE C 321 -13.61 7.61 28.02
CA PHE C 321 -14.20 8.16 26.78
C PHE C 321 -15.35 8.97 27.33
N PRO C 322 -15.98 9.92 26.63
CA PRO C 322 -16.96 10.88 27.25
C PRO C 322 -18.22 10.17 27.74
N ASN C 323 -18.98 10.80 28.63
CA ASN C 323 -20.27 10.23 29.07
C ASN C 323 -20.92 9.85 27.75
N VAL C 324 -21.60 8.69 27.64
CA VAL C 324 -22.08 8.28 26.29
C VAL C 324 -23.05 9.34 25.80
N THR C 325 -24.01 9.82 26.58
CA THR C 325 -24.79 11.06 26.30
C THR C 325 -25.78 10.91 25.19
N ASN C 326 -25.90 9.73 24.60
CA ASN C 326 -26.99 9.63 23.60
C ASN C 326 -27.43 8.19 23.40
N LEU C 327 -28.63 8.00 22.91
CA LEU C 327 -29.03 6.64 22.49
C LEU C 327 -29.50 6.85 21.06
N CYS C 328 -29.04 6.07 20.09
CA CYS C 328 -29.66 6.24 18.76
C CYS C 328 -31.12 5.83 18.94
N PRO C 329 -32.12 6.50 18.35
CA PRO C 329 -33.56 6.19 18.62
C PRO C 329 -33.99 4.90 17.94
N PHE C 330 -33.45 3.75 18.38
CA PHE C 330 -33.84 2.44 17.85
C PHE C 330 -35.06 1.89 18.59
N HIS C 331 -35.12 2.13 19.90
CA HIS C 331 -36.21 1.62 20.73
C HIS C 331 -37.57 2.13 20.25
N GLU C 332 -37.64 3.41 19.90
CA GLU C 332 -38.88 4.05 19.50
C GLU C 332 -39.43 3.52 18.18
N VAL C 333 -38.64 2.80 17.40
CA VAL C 333 -39.11 2.21 16.16
C VAL C 333 -39.73 0.85 16.43
N PHE C 334 -39.06 0.04 17.25
CA PHE C 334 -39.57 -1.27 17.61
C PHE C 334 -40.82 -1.14 18.48
N ASN C 335 -40.80 -0.18 19.42
CA ASN C 335 -41.89 0.06 20.36
C ASN C 335 -42.78 1.18 19.82
N ALA C 336 -43.90 0.81 19.19
CA ALA C 336 -44.77 1.80 18.57
C ALA C 336 -46.21 1.31 18.65
N THR C 337 -47.14 2.27 18.69
CA THR C 337 -48.57 1.92 18.73
C THR C 337 -48.99 1.20 17.46
N ARG C 338 -48.56 1.71 16.30
CA ARG C 338 -48.89 1.12 15.02
C ARG C 338 -47.67 1.08 14.12
N PHE C 339 -47.61 0.02 13.34
CA PHE C 339 -46.59 -0.21 12.33
C PHE C 339 -47.19 -0.01 10.94
N ALA C 340 -46.31 0.26 9.97
CA ALA C 340 -46.74 0.48 8.60
C ALA C 340 -47.18 -0.80 7.90
N SER C 341 -47.86 -0.61 6.78
CA SER C 341 -48.22 -1.69 5.88
C SER C 341 -46.96 -2.21 5.19
N VAL C 342 -47.06 -3.37 4.54
CA VAL C 342 -45.88 -3.95 3.92
C VAL C 342 -45.63 -3.29 2.57
N TYR C 343 -46.70 -2.98 1.86
CA TYR C 343 -46.54 -2.32 0.56
C TYR C 343 -45.76 -1.02 0.69
N ALA C 344 -46.10 -0.19 1.69
CA ALA C 344 -45.42 1.08 1.95
C ALA C 344 -44.69 1.09 3.29
N TRP C 345 -43.39 0.77 3.28
CA TRP C 345 -42.62 0.73 4.52
C TRP C 345 -42.43 2.14 5.09
N ASN C 346 -42.50 2.26 6.42
CA ASN C 346 -42.24 3.52 7.11
C ASN C 346 -40.77 3.57 7.50
N ARG C 347 -40.01 4.40 6.78
CA ARG C 347 -38.58 4.52 6.95
C ARG C 347 -38.23 5.68 7.89
N THR C 348 -37.51 5.36 8.97
CA THR C 348 -37.02 6.34 9.94
C THR C 348 -35.50 6.37 9.80
N ARG C 349 -34.93 7.56 9.64
CA ARG C 349 -33.47 7.67 9.57
C ARG C 349 -32.87 7.93 10.94
N ILE C 350 -31.85 7.13 11.25
CA ILE C 350 -31.05 7.24 12.47
C ILE C 350 -29.65 7.65 12.02
N SER C 351 -29.17 8.79 12.54
CA SER C 351 -27.86 9.31 12.17
C SER C 351 -27.39 10.26 13.25
N ASN C 352 -26.09 10.57 13.21
CA ASN C 352 -25.47 11.54 14.11
C ASN C 352 -25.78 11.24 15.58
N CYS C 353 -25.71 9.96 15.94
CA CYS C 353 -25.98 9.51 17.29
C CYS C 353 -25.18 8.25 17.59
N VAL C 354 -25.10 7.91 18.88
CA VAL C 354 -24.39 6.73 19.38
C VAL C 354 -25.42 5.63 19.66
N ALA C 355 -25.17 4.43 19.15
CA ALA C 355 -26.15 3.35 19.25
C ALA C 355 -25.77 2.28 20.26
N ASP C 356 -26.68 2.05 21.18
CA ASP C 356 -26.64 0.96 22.15
C ASP C 356 -27.42 -0.20 21.52
N TYR C 357 -26.73 -1.28 21.18
CA TYR C 357 -27.38 -2.36 20.47
C TYR C 357 -28.04 -3.35 21.42
N SER C 358 -27.88 -3.16 22.74
CA SER C 358 -28.49 -4.08 23.69
C SER C 358 -29.99 -3.87 23.75
N VAL C 359 -30.48 -2.72 23.26
CA VAL C 359 -31.91 -2.42 23.32
C VAL C 359 -32.68 -3.30 22.34
N LEU C 360 -31.99 -3.86 21.35
CA LEU C 360 -32.67 -4.70 20.37
C LEU C 360 -32.95 -6.06 20.97
N TYR C 361 -31.95 -6.63 21.66
CA TYR C 361 -32.11 -7.96 22.23
C TYR C 361 -33.05 -7.96 23.42
N ASN C 362 -33.13 -6.83 24.14
CA ASN C 362 -33.95 -6.71 25.34
C ASN C 362 -35.38 -6.24 25.06
N PHE C 363 -35.74 -6.01 23.79
CA PHE C 363 -37.09 -5.55 23.50
C PHE C 363 -38.13 -6.65 23.61
N ALA C 364 -37.90 -7.80 22.98
CA ALA C 364 -38.90 -8.86 22.94
C ALA C 364 -38.20 -10.15 22.55
N PRO C 365 -38.82 -11.31 22.84
CA PRO C 365 -38.37 -12.53 22.16
C PRO C 365 -38.60 -12.30 20.68
N PHE C 366 -37.70 -12.81 19.84
CA PHE C 366 -37.82 -12.60 18.39
C PHE C 366 -38.04 -13.86 17.57
N PHE C 367 -38.87 -13.66 16.54
CA PHE C 367 -39.16 -14.67 15.53
C PHE C 367 -37.94 -14.90 14.65
N ALA C 368 -37.26 -13.81 14.28
CA ALA C 368 -36.03 -13.89 13.49
C ALA C 368 -35.17 -12.68 13.84
N PHE C 369 -33.89 -12.91 14.09
CA PHE C 369 -32.94 -11.81 14.32
C PHE C 369 -31.69 -12.15 13.54
N LYS C 370 -31.65 -11.76 12.25
CA LYS C 370 -30.53 -12.13 11.39
C LYS C 370 -29.86 -10.89 10.82
N CYS C 371 -28.56 -10.76 11.10
CA CYS C 371 -27.74 -9.66 10.63
C CYS C 371 -26.84 -10.22 9.54
N TYR C 372 -26.78 -9.52 8.40
CA TYR C 372 -26.10 -10.05 7.22
C TYR C 372 -24.76 -9.37 6.93
N GLY C 373 -24.71 -8.03 6.98
CA GLY C 373 -23.49 -7.33 6.65
C GLY C 373 -22.47 -7.40 7.76
N VAL C 374 -22.95 -7.32 8.99
CA VAL C 374 -22.12 -7.27 10.19
C VAL C 374 -22.66 -8.32 11.15
N SER C 375 -21.75 -9.14 11.68
CA SER C 375 -22.14 -10.18 12.62
C SER C 375 -22.90 -9.58 13.81
N PRO C 376 -23.85 -10.33 14.40
CA PRO C 376 -24.65 -9.76 15.50
C PRO C 376 -23.82 -9.31 16.69
N THR C 377 -22.60 -9.80 16.82
CA THR C 377 -21.71 -9.43 17.91
C THR C 377 -20.78 -8.29 17.51
N LYS C 378 -20.68 -7.98 16.22
CA LYS C 378 -19.81 -6.96 15.68
C LYS C 378 -20.57 -5.68 15.36
N LEU C 379 -21.85 -5.59 15.75
CA LEU C 379 -22.65 -4.41 15.48
C LEU C 379 -22.20 -3.23 16.33
N ASN C 380 -21.43 -3.52 17.39
CA ASN C 380 -21.09 -2.43 18.34
C ASN C 380 -19.93 -1.58 17.83
N ASP C 381 -19.13 -2.07 16.88
CA ASP C 381 -18.01 -1.17 16.51
C ASP C 381 -18.50 0.16 15.90
N LEU C 382 -19.46 0.20 14.95
CA LEU C 382 -19.97 1.53 14.46
C LEU C 382 -21.21 1.45 13.55
N CYS C 383 -21.87 2.60 13.27
CA CYS C 383 -22.93 2.67 12.21
C CYS C 383 -22.43 3.76 11.26
N PHE C 384 -21.65 3.37 10.27
CA PHE C 384 -21.02 4.39 9.40
C PHE C 384 -22.11 5.30 8.87
N THR C 385 -21.86 6.61 8.78
CA THR C 385 -22.87 7.48 8.16
C THR C 385 -24.14 7.32 8.95
N ASN C 386 -25.25 6.95 8.32
CA ASN C 386 -26.58 6.85 8.97
C ASN C 386 -27.24 5.50 8.70
N VAL C 387 -28.19 5.06 9.53
CA VAL C 387 -28.93 3.78 9.29
C VAL C 387 -30.44 4.05 9.09
N TYR C 388 -31.13 3.28 8.22
CA TYR C 388 -32.56 3.40 7.95
C TYR C 388 -33.31 2.23 8.60
N ALA C 389 -34.33 2.56 9.39
CA ALA C 389 -35.16 1.59 10.10
C ALA C 389 -36.54 1.57 9.46
N ASP C 390 -36.85 0.48 8.75
CA ASP C 390 -38.10 0.31 8.04
C ASP C 390 -39.00 -0.56 8.90
N SER C 391 -40.13 0.00 9.36
CA SER C 391 -41.03 -0.64 10.32
C SER C 391 -42.38 -1.03 9.72
N PHE C 392 -42.71 -2.34 9.72
CA PHE C 392 -43.94 -2.81 9.06
C PHE C 392 -44.49 -4.11 9.70
N VAL C 393 -45.78 -4.40 9.43
CA VAL C 393 -46.45 -5.65 9.85
C VAL C 393 -46.65 -6.58 8.66
N ILE C 394 -46.09 -7.79 8.77
CA ILE C 394 -46.05 -8.80 7.72
C ILE C 394 -46.54 -10.15 8.26
N LYS C 395 -46.94 -11.07 7.37
CA LYS C 395 -47.30 -12.41 7.83
C LYS C 395 -46.09 -13.30 8.08
N GLY C 396 -46.30 -14.32 8.94
CA GLY C 396 -45.27 -15.29 9.26
C GLY C 396 -44.70 -16.03 8.07
N ASN C 397 -45.51 -16.28 7.04
CA ASN C 397 -45.04 -16.97 5.84
C ASN C 397 -44.45 -15.98 4.83
N GLU C 398 -44.43 -14.70 5.17
CA GLU C 398 -43.88 -13.62 4.38
C GLU C 398 -42.59 -13.09 4.99
N VAL C 399 -42.41 -13.21 6.32
CA VAL C 399 -41.19 -12.73 6.98
C VAL C 399 -39.98 -13.44 6.40
N SER C 400 -40.10 -14.73 6.12
CA SER C 400 -39.00 -15.52 5.61
C SER C 400 -38.55 -15.08 4.22
N GLN C 401 -39.34 -14.26 3.53
CA GLN C 401 -38.97 -13.78 2.21
C GLN C 401 -38.15 -12.49 2.23
N ILE C 402 -38.08 -11.79 3.36
CA ILE C 402 -37.34 -10.52 3.42
C ILE C 402 -35.92 -10.82 3.89
N ALA C 403 -35.04 -11.02 2.92
CA ALA C 403 -33.64 -11.30 3.16
C ALA C 403 -32.92 -11.20 1.82
N PRO C 404 -31.60 -10.96 1.83
CA PRO C 404 -30.85 -11.05 0.56
C PRO C 404 -30.98 -12.43 -0.06
N GLY C 405 -31.09 -12.46 -1.40
CA GLY C 405 -31.15 -13.71 -2.11
C GLY C 405 -32.52 -14.37 -2.17
N GLN C 406 -33.56 -13.76 -1.60
CA GLN C 406 -34.88 -14.34 -1.56
C GLN C 406 -35.78 -13.81 -2.68
N THR C 407 -36.79 -14.60 -3.00
CA THR C 407 -37.81 -14.29 -3.99
C THR C 407 -39.19 -14.55 -3.36
N GLY C 408 -40.22 -14.05 -4.03
CA GLY C 408 -41.59 -14.23 -3.59
C GLY C 408 -42.41 -12.98 -3.81
N ASN C 409 -43.73 -13.09 -3.70
CA ASN C 409 -44.59 -11.95 -4.00
C ASN C 409 -44.40 -10.78 -3.04
N ILE C 410 -44.03 -11.03 -1.78
CA ILE C 410 -43.95 -9.91 -0.86
C ILE C 410 -42.66 -9.13 -1.11
N ALA C 411 -41.57 -9.85 -1.38
CA ALA C 411 -40.29 -9.20 -1.65
C ALA C 411 -40.33 -8.48 -2.99
N ASP C 412 -41.01 -9.06 -3.97
CA ASP C 412 -41.04 -8.58 -5.34
C ASP C 412 -42.09 -7.51 -5.62
N TYR C 413 -43.23 -7.49 -4.93
CA TYR C 413 -44.28 -6.51 -5.23
C TYR C 413 -44.45 -5.43 -4.18
N ASN C 414 -43.95 -5.63 -2.96
CA ASN C 414 -44.12 -4.67 -1.87
C ASN C 414 -42.81 -3.96 -1.52
N TYR C 415 -41.74 -4.71 -1.27
CA TYR C 415 -40.45 -4.10 -0.98
C TYR C 415 -39.33 -5.14 -1.06
N LYS C 416 -38.33 -4.91 -1.90
CA LYS C 416 -37.18 -5.80 -2.05
C LYS C 416 -35.96 -5.22 -1.34
N LEU C 417 -35.10 -6.12 -0.83
CA LEU C 417 -33.80 -5.74 -0.31
C LEU C 417 -32.71 -6.17 -1.32
N PRO C 418 -31.57 -5.47 -1.38
CA PRO C 418 -30.52 -5.88 -2.31
C PRO C 418 -29.92 -7.21 -1.91
N ASP C 419 -29.28 -7.87 -2.89
CA ASP C 419 -28.66 -9.15 -2.57
C ASP C 419 -27.29 -8.91 -1.92
N ASP C 420 -26.63 -7.82 -2.31
CA ASP C 420 -25.39 -7.38 -1.66
C ASP C 420 -25.89 -6.37 -0.64
N PHE C 421 -26.14 -6.84 0.58
CA PHE C 421 -26.85 -6.06 1.60
C PHE C 421 -26.06 -5.97 2.89
N THR C 422 -25.92 -4.75 3.41
CA THR C 422 -25.32 -4.50 4.70
C THR C 422 -26.44 -4.05 5.63
N GLY C 423 -26.68 -4.81 6.69
CA GLY C 423 -27.79 -4.51 7.58
C GLY C 423 -28.26 -5.76 8.31
N CYS C 424 -29.42 -5.59 8.98
CA CYS C 424 -29.97 -6.66 9.80
C CYS C 424 -31.49 -6.61 9.75
N VAL C 425 -32.12 -7.78 9.69
CA VAL C 425 -33.58 -7.91 9.64
C VAL C 425 -34.05 -8.59 10.93
N ILE C 426 -34.90 -7.88 11.69
CA ILE C 426 -35.38 -8.33 12.99
C ILE C 426 -36.91 -8.42 12.94
N ALA C 427 -37.45 -9.58 13.36
CA ALA C 427 -38.88 -9.87 13.33
C ALA C 427 -39.33 -10.47 14.64
N TRP C 428 -40.56 -10.13 15.06
CA TRP C 428 -41.16 -10.74 16.24
C TRP C 428 -42.67 -10.87 16.09
N ASN C 429 -43.25 -11.82 16.82
CA ASN C 429 -44.69 -12.04 16.78
C ASN C 429 -45.44 -10.89 17.45
N SER C 430 -46.47 -10.38 16.75
CA SER C 430 -47.30 -9.29 17.25
C SER C 430 -48.77 -9.69 17.33
N ASN C 431 -49.07 -11.00 17.39
CA ASN C 431 -50.45 -11.46 17.42
C ASN C 431 -51.22 -10.82 18.57
N LYS C 432 -50.54 -10.63 19.71
CA LYS C 432 -51.14 -10.00 20.88
C LYS C 432 -51.62 -8.58 20.60
N LEU C 433 -50.93 -7.84 19.74
CA LEU C 433 -51.24 -6.43 19.48
C LEU C 433 -52.01 -6.19 18.19
N ASP C 434 -51.71 -6.90 17.10
CA ASP C 434 -52.34 -6.60 15.82
C ASP C 434 -53.61 -7.39 15.56
N SER C 435 -53.74 -8.59 16.12
CA SER C 435 -54.92 -9.41 15.81
C SER C 435 -56.11 -8.99 16.66
N LYS C 436 -57.30 -9.18 16.09
CA LYS C 436 -58.56 -8.89 16.76
C LYS C 436 -59.54 -10.02 16.44
N HIS C 437 -60.50 -10.26 17.33
CA HIS C 437 -61.51 -11.27 17.03
C HIS C 437 -62.48 -10.77 15.98
N SER C 438 -62.69 -9.45 15.91
CA SER C 438 -63.52 -8.88 14.86
C SER C 438 -62.77 -8.86 13.54
N GLY C 439 -61.44 -8.83 13.60
CA GLY C 439 -60.56 -8.89 12.45
C GLY C 439 -59.90 -7.57 12.17
N ASN C 440 -58.58 -7.60 12.03
CA ASN C 440 -57.77 -6.42 11.72
C ASN C 440 -57.65 -6.31 10.21
N TYR C 441 -58.38 -5.35 9.63
CA TYR C 441 -58.43 -5.15 8.18
C TYR C 441 -57.81 -3.81 7.79
N ASP C 442 -56.92 -3.28 8.63
CA ASP C 442 -56.26 -2.00 8.41
C ASP C 442 -54.97 -2.14 7.61
N TYR C 443 -54.32 -3.30 7.66
CA TYR C 443 -53.07 -3.52 6.95
C TYR C 443 -53.35 -4.03 5.54
N TRP C 444 -52.50 -3.62 4.60
CA TRP C 444 -52.61 -3.99 3.20
C TRP C 444 -51.27 -4.43 2.62
N TYR C 445 -51.33 -5.26 1.57
CA TYR C 445 -50.14 -5.67 0.86
C TYR C 445 -50.51 -5.86 -0.60
N ARG C 446 -49.51 -5.77 -1.49
CA ARG C 446 -49.72 -5.97 -2.91
C ARG C 446 -49.48 -7.42 -3.31
N SER C 447 -50.44 -7.99 -4.04
CA SER C 447 -50.37 -9.35 -4.54
C SER C 447 -50.09 -9.43 -6.03
N LEU C 448 -50.41 -8.37 -6.78
CA LEU C 448 -50.25 -8.32 -8.22
C LEU C 448 -49.60 -6.99 -8.59
N ARG C 449 -48.52 -7.05 -9.37
CA ARG C 449 -47.83 -5.85 -9.84
C ARG C 449 -47.39 -6.05 -11.28
N LYS C 450 -47.37 -4.95 -12.03
CA LYS C 450 -46.97 -4.99 -13.44
C LYS C 450 -45.54 -5.47 -13.62
N SER C 451 -44.64 -5.15 -12.68
CA SER C 451 -43.25 -5.55 -12.74
C SER C 451 -42.73 -5.68 -11.32
N LYS C 452 -41.53 -6.23 -11.17
CA LYS C 452 -40.98 -6.41 -9.84
C LYS C 452 -40.17 -5.19 -9.40
N LEU C 453 -40.06 -5.04 -8.08
CA LEU C 453 -39.34 -3.93 -7.46
C LEU C 453 -37.83 -4.14 -7.41
N LYS C 454 -37.11 -3.01 -7.46
CA LYS C 454 -35.68 -2.89 -7.32
C LYS C 454 -35.31 -2.81 -5.85
N PRO C 455 -34.05 -3.07 -5.48
CA PRO C 455 -33.63 -2.93 -4.08
C PRO C 455 -33.95 -1.55 -3.50
N PHE C 456 -34.57 -1.57 -2.32
CA PHE C 456 -35.01 -0.40 -1.56
C PHE C 456 -36.01 0.47 -2.31
N GLU C 457 -36.61 -0.02 -3.39
CA GLU C 457 -37.63 0.72 -4.10
C GLU C 457 -38.95 0.57 -3.37
N ARG C 458 -39.65 1.69 -3.15
CA ARG C 458 -40.96 1.66 -2.53
C ARG C 458 -41.98 2.12 -3.57
N ASP C 459 -43.15 1.51 -3.53
CA ASP C 459 -44.24 1.81 -4.45
C ASP C 459 -45.51 1.98 -3.62
N ILE C 460 -46.17 3.14 -3.78
CA ILE C 460 -47.39 3.45 -3.03
C ILE C 460 -48.58 3.61 -3.96
N SER C 461 -48.46 3.17 -5.21
CA SER C 461 -49.55 3.22 -6.18
C SER C 461 -50.56 2.10 -5.94
N THR C 462 -51.83 2.41 -6.24
CA THR C 462 -52.93 1.45 -6.18
C THR C 462 -53.60 1.30 -7.54
N GLU C 463 -52.89 1.65 -8.61
CA GLU C 463 -53.43 1.60 -9.97
C GLU C 463 -53.98 0.22 -10.31
N ILE C 464 -55.20 0.19 -10.81
CA ILE C 464 -55.85 -1.07 -11.15
C ILE C 464 -55.20 -1.66 -12.40
N TYR C 465 -54.88 -2.94 -12.31
CA TYR C 465 -54.25 -3.68 -13.40
C TYR C 465 -55.33 -4.25 -14.29
N GLN C 466 -55.19 -4.07 -15.60
CA GLN C 466 -56.12 -4.61 -16.57
C GLN C 466 -55.48 -5.86 -17.11
N ALA C 467 -56.18 -6.97 -16.95
CA ALA C 467 -55.66 -8.27 -17.33
C ALA C 467 -55.89 -8.61 -18.80
N GLY C 468 -56.64 -7.77 -19.52
CA GLY C 468 -56.93 -7.98 -20.92
C GLY C 468 -56.16 -6.99 -21.79
N ASN C 469 -56.71 -6.65 -22.96
CA ASN C 469 -56.08 -5.73 -23.89
C ASN C 469 -56.79 -4.37 -23.94
N LYS C 470 -57.70 -4.09 -23.00
CA LYS C 470 -58.48 -2.87 -22.99
C LYS C 470 -58.37 -2.14 -21.66
N PRO C 471 -58.59 -0.82 -21.65
CA PRO C 471 -58.64 -0.09 -20.38
C PRO C 471 -59.89 -0.47 -19.59
N CYS C 472 -59.82 -0.24 -18.27
CA CYS C 472 -60.92 -0.61 -17.39
C CYS C 472 -61.01 0.42 -16.27
N LYS C 473 -62.24 0.88 -16.00
CA LYS C 473 -62.52 1.85 -14.94
C LYS C 473 -63.07 1.13 -13.72
N GLY C 474 -62.24 1.00 -12.68
CA GLY C 474 -62.65 0.28 -11.49
C GLY C 474 -62.43 -1.22 -11.62
N LYS C 475 -63.14 -1.96 -10.77
CA LYS C 475 -62.98 -3.40 -10.69
C LYS C 475 -63.92 -4.08 -11.69
N GLY C 476 -63.58 -5.32 -12.04
CA GLY C 476 -64.39 -6.08 -12.96
C GLY C 476 -63.91 -7.50 -13.14
N PRO C 477 -64.60 -8.25 -14.01
CA PRO C 477 -64.29 -9.68 -14.22
C PRO C 477 -62.81 -9.98 -14.45
N ASN C 478 -62.10 -9.12 -15.19
CA ASN C 478 -60.66 -9.29 -15.42
C ASN C 478 -59.90 -8.00 -15.16
N CYS C 479 -60.40 -7.19 -14.22
CA CYS C 479 -59.79 -5.93 -13.82
C CYS C 479 -59.46 -6.17 -12.35
N TYR C 480 -58.18 -6.19 -12.02
CA TYR C 480 -57.72 -6.61 -10.70
C TYR C 480 -57.06 -5.46 -9.95
N PHE C 481 -57.58 -5.17 -8.77
CA PHE C 481 -56.98 -4.16 -7.91
C PHE C 481 -55.69 -4.76 -7.37
N PRO C 482 -54.54 -4.08 -7.48
CA PRO C 482 -53.28 -4.74 -7.12
C PRO C 482 -53.10 -5.07 -5.65
N LEU C 483 -53.82 -4.42 -4.75
CA LEU C 483 -53.63 -4.62 -3.32
C LEU C 483 -54.77 -5.41 -2.71
N GLU C 484 -54.41 -6.20 -1.71
CA GLU C 484 -55.36 -6.95 -0.92
C GLU C 484 -55.12 -6.62 0.53
N SER C 485 -56.19 -6.64 1.31
CA SER C 485 -56.08 -6.36 2.73
C SER C 485 -55.67 -7.61 3.50
N TYR C 486 -55.16 -7.38 4.70
CA TYR C 486 -54.92 -8.46 5.64
C TYR C 486 -56.14 -8.63 6.53
N GLY C 487 -56.24 -9.80 7.14
CA GLY C 487 -57.29 -10.08 8.09
C GLY C 487 -56.69 -10.97 9.14
N PHE C 488 -56.30 -10.41 10.30
CA PHE C 488 -55.63 -11.15 11.35
C PHE C 488 -56.58 -11.46 12.51
N ARG C 489 -56.50 -12.70 13.01
CA ARG C 489 -57.29 -13.16 14.14
C ARG C 489 -56.37 -13.85 15.15
N PRO C 490 -56.65 -13.74 16.46
CA PRO C 490 -55.77 -14.38 17.46
C PRO C 490 -55.60 -15.88 17.33
N THR C 491 -56.50 -16.58 16.63
CA THR C 491 -56.46 -18.03 16.53
C THR C 491 -55.65 -18.59 15.37
N TYR C 492 -55.02 -17.74 14.57
CA TYR C 492 -54.27 -18.20 13.42
C TYR C 492 -52.97 -18.90 13.78
N GLY C 493 -52.49 -19.70 12.83
CA GLY C 493 -51.27 -20.46 12.96
C GLY C 493 -50.02 -19.59 12.84
N VAL C 494 -48.87 -20.22 13.08
CA VAL C 494 -47.60 -19.50 13.16
C VAL C 494 -47.32 -18.75 11.85
N GLY C 495 -47.59 -19.37 10.70
CA GLY C 495 -47.30 -18.70 9.45
C GLY C 495 -48.34 -17.69 9.03
N HIS C 496 -49.48 -17.64 9.73
CA HIS C 496 -50.60 -16.77 9.42
C HIS C 496 -50.77 -15.60 10.38
N GLN C 497 -50.18 -15.67 11.57
CA GLN C 497 -50.28 -14.59 12.54
C GLN C 497 -49.48 -13.37 12.08
N PRO C 498 -49.87 -12.16 12.52
CA PRO C 498 -49.08 -10.99 12.18
C PRO C 498 -47.77 -10.95 12.95
N TYR C 499 -46.75 -10.41 12.29
CA TYR C 499 -45.44 -10.18 12.87
C TYR C 499 -45.01 -8.75 12.57
N ARG C 500 -44.33 -8.14 13.54
CA ARG C 500 -43.76 -6.82 13.41
C ARG C 500 -42.29 -6.96 13.07
N VAL C 501 -41.88 -6.37 11.96
CA VAL C 501 -40.53 -6.49 11.42
C VAL C 501 -39.92 -5.11 11.24
N VAL C 502 -38.68 -4.97 11.67
CA VAL C 502 -37.88 -3.77 11.51
C VAL C 502 -36.62 -4.17 10.75
N VAL C 503 -36.39 -3.51 9.61
CA VAL C 503 -35.21 -3.74 8.78
C VAL C 503 -34.26 -2.58 9.01
N LEU C 504 -33.03 -2.89 9.43
CA LEU C 504 -32.01 -1.88 9.69
C LEU C 504 -31.02 -1.93 8.55
N SER C 505 -31.08 -0.94 7.66
CA SER C 505 -30.23 -0.85 6.48
C SER C 505 -29.12 0.12 6.80
N PHE C 506 -27.87 -0.31 6.61
CA PHE C 506 -26.70 0.51 6.92
C PHE C 506 -26.10 1.01 5.62
N GLU C 507 -26.23 2.31 5.39
CA GLU C 507 -25.78 2.93 4.14
C GLU C 507 -24.29 3.20 4.25
N LEU C 508 -23.54 2.87 3.20
CA LEU C 508 -22.10 3.05 3.20
C LEU C 508 -21.80 4.29 2.37
N LEU C 509 -21.46 5.39 3.05
CA LEU C 509 -21.22 6.68 2.45
C LEU C 509 -19.84 7.21 2.81
N HIS C 510 -19.38 8.16 2.00
CA HIS C 510 -18.13 8.85 2.22
C HIS C 510 -18.23 9.95 3.27
N ALA C 511 -19.45 10.28 3.72
CA ALA C 511 -19.63 11.39 4.64
C ALA C 511 -18.86 11.18 5.96
N PRO C 512 -18.39 12.26 6.58
CA PRO C 512 -17.53 12.14 7.77
C PRO C 512 -18.16 11.50 9.01
N ALA C 513 -19.48 11.35 9.10
CA ALA C 513 -20.05 10.88 10.37
C ALA C 513 -19.61 9.53 10.92
N THR C 514 -20.00 8.40 10.33
CA THR C 514 -19.75 7.05 10.87
C THR C 514 -19.65 6.98 12.41
N VAL C 515 -20.74 7.27 13.13
CA VAL C 515 -20.67 7.67 14.54
C VAL C 515 -21.23 6.71 15.57
N CYS C 516 -21.91 5.60 15.20
CA CYS C 516 -22.73 5.03 16.28
C CYS C 516 -22.02 4.09 17.22
N GLY C 517 -20.78 3.67 16.95
CA GLY C 517 -20.15 2.68 17.79
C GLY C 517 -20.10 3.12 19.25
N PRO C 518 -20.68 2.34 20.18
CA PRO C 518 -20.60 2.73 21.59
C PRO C 518 -19.20 2.57 22.12
N LYS C 519 -18.85 3.40 23.10
CA LYS C 519 -17.54 3.35 23.74
C LYS C 519 -17.74 3.02 25.20
N LYS C 520 -17.08 1.95 25.65
CA LYS C 520 -17.16 1.49 27.03
C LYS C 520 -15.95 2.05 27.80
N SER C 521 -16.23 2.76 28.88
CA SER C 521 -15.19 3.34 29.72
C SER C 521 -14.91 2.46 30.94
N THR C 522 -13.80 2.73 31.60
CA THR C 522 -13.40 2.12 32.87
C THR C 522 -13.33 3.21 33.93
N ASN C 523 -13.04 2.81 35.17
CA ASN C 523 -12.85 3.78 36.23
C ASN C 523 -11.49 4.45 36.06
N LEU C 524 -11.33 5.63 36.65
CA LEU C 524 -10.07 6.37 36.60
C LEU C 524 -9.23 6.11 37.85
N VAL C 525 -8.01 5.59 37.65
CA VAL C 525 -7.07 5.29 38.74
C VAL C 525 -5.87 6.22 38.56
N LYS C 526 -5.55 6.98 39.60
CA LYS C 526 -4.47 7.95 39.58
C LYS C 526 -3.32 7.49 40.47
N ASN C 527 -2.13 8.06 40.19
CA ASN C 527 -0.90 7.79 40.94
C ASN C 527 -0.40 6.35 40.80
N LYS C 528 -0.69 5.68 39.69
CA LYS C 528 -0.16 4.34 39.42
C LYS C 528 0.27 4.29 37.96
N CYS C 529 1.22 3.41 37.66
CA CYS C 529 1.61 3.21 36.26
C CYS C 529 0.55 2.37 35.58
N VAL C 530 -0.12 2.96 34.59
CA VAL C 530 -1.19 2.30 33.87
C VAL C 530 -1.05 2.54 32.37
N ASN C 531 -1.74 1.71 31.60
CA ASN C 531 -1.92 1.96 30.19
C ASN C 531 -3.16 2.82 30.14
N PHE C 532 -3.27 3.66 29.11
CA PHE C 532 -4.49 4.45 29.01
C PHE C 532 -4.85 4.75 27.56
N ASN C 533 -6.13 5.08 27.39
CA ASN C 533 -6.72 5.52 26.13
C ASN C 533 -7.74 6.62 26.45
N PHE C 534 -7.40 7.88 26.17
CA PHE C 534 -8.29 9.03 26.39
C PHE C 534 -8.74 9.61 25.04
N ASN C 535 -9.99 9.32 24.66
CA ASN C 535 -10.57 9.76 23.39
C ASN C 535 -9.72 9.41 22.18
N GLY C 536 -9.11 8.23 22.21
CA GLY C 536 -8.25 7.78 21.13
C GLY C 536 -6.78 8.03 21.34
N LEU C 537 -6.42 8.85 22.32
CA LEU C 537 -5.01 9.11 22.63
C LEU C 537 -4.55 7.97 23.52
N THR C 538 -3.53 7.24 23.11
CA THR C 538 -3.08 6.09 23.90
C THR C 538 -1.66 6.29 24.39
N GLY C 539 -1.34 5.56 25.45
CA GLY C 539 0.01 5.59 25.98
C GLY C 539 0.09 4.87 27.30
N THR C 540 1.28 4.96 27.91
CA THR C 540 1.57 4.35 29.20
C THR C 540 2.14 5.44 30.10
N GLY C 541 1.67 5.50 31.35
CA GLY C 541 2.17 6.51 32.25
C GLY C 541 1.42 6.52 33.57
N VAL C 542 1.81 7.48 34.40
CA VAL C 542 1.23 7.69 35.72
C VAL C 542 0.41 8.97 35.65
N LEU C 543 -0.88 8.86 35.97
CA LEU C 543 -1.80 9.99 35.89
C LEU C 543 -1.91 10.63 37.27
N THR C 544 -1.66 11.93 37.35
CA THR C 544 -1.76 12.66 38.61
C THR C 544 -2.58 13.92 38.43
N LYS C 545 -3.11 14.43 39.54
CA LYS C 545 -3.86 15.69 39.49
C LYS C 545 -2.94 16.79 39.00
N SER C 546 -3.40 17.57 38.02
CA SER C 546 -2.61 18.63 37.43
C SER C 546 -3.01 20.02 37.93
N ASN C 547 -2.03 20.92 37.92
CA ASN C 547 -2.24 22.33 38.24
C ASN C 547 -2.32 23.19 36.99
N LYS C 548 -2.34 22.56 35.81
CA LYS C 548 -2.42 23.28 34.56
C LYS C 548 -3.85 23.72 34.36
N LYS C 549 -4.03 24.88 33.72
CA LYS C 549 -5.37 25.41 33.46
C LYS C 549 -5.60 25.42 31.96
N PHE C 550 -6.33 24.40 31.50
CA PHE C 550 -6.66 24.28 30.09
C PHE C 550 -7.85 25.18 29.81
N LEU C 551 -7.92 25.71 28.61
CA LEU C 551 -9.10 26.45 28.25
C LEU C 551 -10.22 25.43 28.08
N PRO C 552 -11.50 25.82 28.26
CA PRO C 552 -12.61 24.86 28.07
C PRO C 552 -12.48 24.12 26.74
N PHE C 553 -11.78 24.75 25.81
CA PHE C 553 -11.64 24.20 24.45
C PHE C 553 -10.55 23.18 24.43
N GLN C 554 -9.48 23.45 25.17
CA GLN C 554 -8.36 22.51 25.05
C GLN C 554 -8.59 21.17 25.75
N GLN C 555 -8.13 20.09 25.09
CA GLN C 555 -8.27 18.71 25.56
C GLN C 555 -6.96 18.02 25.93
N PHE C 556 -5.83 18.40 25.32
CA PHE C 556 -4.55 17.73 25.52
C PHE C 556 -3.48 18.79 25.79
N GLY C 557 -2.40 18.40 26.47
CA GLY C 557 -1.22 19.25 26.60
C GLY C 557 0.05 18.60 26.10
N ARG C 558 0.99 19.44 25.62
CA ARG C 558 2.30 19.01 25.14
C ARG C 558 3.45 19.85 25.71
N ASP C 559 4.63 19.25 25.62
CA ASP C 559 5.93 19.80 26.02
C ASP C 559 6.46 20.69 24.90
N ILE C 560 7.68 21.23 25.09
CA ILE C 560 8.32 22.01 24.03
C ILE C 560 8.54 21.06 22.84
N VAL C 561 8.60 19.76 23.11
CA VAL C 561 8.66 18.73 22.11
C VAL C 561 7.24 18.18 22.09
N ASP C 562 6.93 17.29 21.17
CA ASP C 562 5.54 16.92 21.03
C ASP C 562 5.08 15.85 22.00
N THR C 563 5.92 15.45 22.96
CA THR C 563 5.50 14.47 23.95
C THR C 563 4.26 15.00 24.68
N THR C 564 3.23 14.17 24.75
CA THR C 564 2.02 14.57 25.46
C THR C 564 2.27 14.48 26.96
N ASP C 565 1.89 15.52 27.72
CA ASP C 565 2.09 15.48 29.17
C ASP C 565 0.83 15.79 29.95
N ALA C 566 -0.32 15.96 29.30
CA ALA C 566 -1.54 16.18 30.06
C ALA C 566 -2.75 15.85 29.21
N VAL C 567 -3.81 15.42 29.89
CA VAL C 567 -5.11 15.18 29.25
C VAL C 567 -6.24 15.73 30.08
N ARG C 568 -7.35 16.00 29.40
CA ARG C 568 -8.63 16.35 30.01
C ARG C 568 -9.47 15.07 30.08
N ASP C 569 -9.91 14.70 31.27
CA ASP C 569 -10.73 13.51 31.44
C ASP C 569 -12.08 13.74 30.74
N PRO C 570 -12.49 12.88 29.80
CA PRO C 570 -13.72 13.17 29.05
C PRO C 570 -15.01 13.19 29.86
N GLN C 571 -15.04 12.67 31.10
CA GLN C 571 -16.27 12.66 31.88
C GLN C 571 -16.25 13.66 33.03
N THR C 572 -15.10 13.89 33.64
CA THR C 572 -14.98 14.79 34.78
C THR C 572 -14.40 16.14 34.37
N LEU C 573 -13.73 16.19 33.21
CA LEU C 573 -13.08 17.38 32.67
C LEU C 573 -11.92 17.84 33.56
N GLU C 574 -11.43 16.95 34.43
CA GLU C 574 -10.26 17.23 35.24
C GLU C 574 -9.02 17.13 34.36
N ILE C 575 -8.05 18.01 34.61
CA ILE C 575 -6.78 17.95 33.87
C ILE C 575 -5.82 17.10 34.69
N LEU C 576 -5.25 16.11 34.03
CA LEU C 576 -4.30 15.17 34.62
C LEU C 576 -2.95 15.28 33.94
N ASP C 577 -1.87 15.22 34.72
CA ASP C 577 -0.53 15.20 34.14
C ASP C 577 -0.16 13.74 33.93
N ILE C 578 0.61 13.50 32.87
CA ILE C 578 1.12 12.18 32.53
C ILE C 578 2.61 12.16 32.79
N THR C 579 3.01 11.39 33.77
CA THR C 579 4.41 11.22 34.13
C THR C 579 4.88 9.92 33.51
N PRO C 580 5.98 9.86 32.76
CA PRO C 580 6.42 8.57 32.25
C PRO C 580 6.67 7.60 33.39
N CYS C 581 6.42 6.32 33.14
CA CYS C 581 6.67 5.34 34.19
C CYS C 581 8.18 5.22 34.33
N SER C 582 8.63 4.93 35.55
CA SER C 582 10.06 4.88 35.82
C SER C 582 10.78 3.93 34.89
N PHE C 583 11.93 4.37 34.41
CA PHE C 583 12.75 3.63 33.47
C PHE C 583 14.16 4.16 33.63
N GLY C 584 15.13 3.28 33.43
CA GLY C 584 16.52 3.72 33.42
C GLY C 584 17.42 2.53 33.23
N GLY C 585 18.67 2.82 32.95
CA GLY C 585 19.60 1.75 32.68
C GLY C 585 20.01 1.04 33.96
N VAL C 586 20.56 -0.15 33.80
CA VAL C 586 21.07 -0.92 34.93
C VAL C 586 22.54 -1.22 34.71
N SER C 587 23.33 -0.93 35.74
CA SER C 587 24.76 -1.20 35.70
C SER C 587 25.04 -2.25 36.77
N VAL C 588 25.95 -3.18 36.48
CA VAL C 588 26.29 -4.24 37.43
C VAL C 588 27.74 -4.03 37.84
N ILE C 589 27.96 -3.95 39.14
CA ILE C 589 29.27 -3.73 39.74
C ILE C 589 29.78 -5.09 40.17
N THR C 590 30.86 -5.55 39.54
CA THR C 590 31.39 -6.88 39.73
C THR C 590 32.83 -6.84 40.22
N PRO C 591 33.17 -7.49 41.34
CA PRO C 591 34.58 -7.56 41.75
C PRO C 591 35.45 -8.31 40.75
N GLY C 592 34.85 -9.10 39.88
CA GLY C 592 35.52 -9.94 38.90
C GLY C 592 35.26 -11.37 39.34
N THR C 593 35.04 -12.25 38.37
CA THR C 593 34.70 -13.64 38.68
C THR C 593 35.88 -14.46 39.15
N ASN C 594 37.08 -13.90 39.12
CA ASN C 594 38.25 -14.59 39.66
C ASN C 594 38.48 -14.23 41.11
N THR C 595 37.60 -13.39 41.68
CA THR C 595 37.65 -12.94 43.07
C THR C 595 36.40 -13.37 43.82
N SER C 596 35.22 -12.99 43.32
CA SER C 596 33.96 -13.27 43.98
C SER C 596 32.83 -13.18 42.97
N ASN C 597 31.76 -13.94 43.21
CA ASN C 597 30.58 -13.90 42.37
C ASN C 597 29.49 -13.00 42.96
N GLN C 598 29.83 -12.23 43.99
CA GLN C 598 28.91 -11.27 44.59
C GLN C 598 28.93 -10.03 43.71
N VAL C 599 27.74 -9.51 43.37
CA VAL C 599 27.65 -8.29 42.58
C VAL C 599 26.66 -7.32 43.22
N ALA C 600 26.81 -6.05 42.84
CA ALA C 600 25.90 -4.99 43.24
C ALA C 600 25.24 -4.47 41.96
N VAL C 601 24.00 -3.99 42.09
CA VAL C 601 23.25 -3.48 40.95
C VAL C 601 22.87 -2.02 41.18
N LEU C 602 23.17 -1.20 40.19
CA LEU C 602 22.85 0.22 40.18
C LEU C 602 21.65 0.44 39.27
N TYR C 603 20.60 1.05 39.82
CA TYR C 603 19.37 1.42 39.12
C TYR C 603 19.57 2.88 38.76
N GLN C 604 19.81 3.18 37.49
CA GLN C 604 20.23 4.53 37.12
C GLN C 604 19.06 5.50 37.04
N GLY C 605 19.19 6.64 37.70
CA GLY C 605 18.22 7.70 37.62
C GLY C 605 16.91 7.50 38.35
N VAL C 606 16.86 6.63 39.37
CA VAL C 606 15.61 6.36 40.08
C VAL C 606 15.81 6.52 41.58
N ASN C 607 14.68 6.67 42.28
CA ASN C 607 14.63 6.72 43.73
C ASN C 607 14.63 5.30 44.29
N CYS C 608 15.26 5.11 45.46
CA CYS C 608 15.21 3.79 46.07
C CYS C 608 13.80 3.45 46.55
N THR C 609 12.98 4.45 46.87
CA THR C 609 11.60 4.16 47.26
C THR C 609 10.84 3.60 46.07
N GLU C 610 11.03 4.22 44.90
CA GLU C 610 10.32 3.78 43.70
C GLU C 610 10.74 2.36 43.33
N VAL C 611 12.02 2.05 43.50
CA VAL C 611 12.49 0.70 43.20
C VAL C 611 11.90 -0.29 44.18
N SER C 612 11.91 0.05 45.47
CA SER C 612 11.38 -0.87 46.47
C SER C 612 9.90 -1.17 46.19
N VAL C 613 9.14 -0.14 45.84
CA VAL C 613 7.72 -0.35 45.56
C VAL C 613 7.56 -1.21 44.31
N ALA C 614 8.32 -0.92 43.25
CA ALA C 614 8.23 -1.72 42.03
C ALA C 614 8.58 -3.18 42.28
N ILE C 615 9.53 -3.44 43.19
CA ILE C 615 9.88 -4.81 43.54
C ILE C 615 8.74 -5.48 44.29
N HIS C 616 8.19 -4.80 45.29
CA HIS C 616 7.13 -5.41 46.10
C HIS C 616 5.86 -5.61 45.29
N ALA C 617 5.60 -4.73 44.32
CA ALA C 617 4.43 -4.82 43.47
C ALA C 617 4.62 -5.76 42.28
N ASP C 618 5.81 -6.35 42.12
CA ASP C 618 6.12 -7.21 40.98
C ASP C 618 5.87 -6.48 39.66
N GLN C 619 6.31 -5.23 39.59
CA GLN C 619 6.22 -4.39 38.40
C GLN C 619 7.53 -4.24 37.66
N LEU C 620 8.66 -4.45 38.32
CA LEU C 620 9.97 -4.22 37.72
C LEU C 620 10.18 -5.24 36.60
N THR C 621 10.60 -4.75 35.42
CA THR C 621 10.66 -5.62 34.25
C THR C 621 11.63 -6.80 34.34
N PRO C 622 12.92 -6.63 34.65
CA PRO C 622 13.78 -7.83 34.77
C PRO C 622 13.26 -8.79 35.82
N THR C 623 13.40 -10.09 35.54
CA THR C 623 12.84 -11.09 36.44
C THR C 623 13.74 -11.43 37.61
N TRP C 624 15.00 -11.02 37.61
CA TRP C 624 15.87 -11.31 38.74
C TRP C 624 15.71 -10.22 39.79
N ARG C 625 16.03 -10.56 41.03
CA ARG C 625 16.02 -9.62 42.13
C ARG C 625 17.30 -9.78 42.94
N VAL C 626 17.80 -8.66 43.46
CA VAL C 626 18.95 -8.64 44.35
C VAL C 626 18.39 -8.56 45.76
N TYR C 627 18.79 -9.50 46.61
CA TYR C 627 18.21 -9.55 47.95
C TYR C 627 18.55 -8.27 48.71
N SER C 628 17.53 -7.66 49.29
CA SER C 628 17.68 -6.45 50.09
C SER C 628 17.65 -6.80 51.58
N THR C 629 18.73 -6.45 52.27
CA THR C 629 18.88 -6.72 53.70
C THR C 629 18.39 -5.56 54.54
N GLY C 630 18.21 -4.39 53.93
CA GLY C 630 17.86 -3.16 54.58
C GLY C 630 19.08 -2.33 54.94
N SER C 631 20.28 -2.92 54.81
CA SER C 631 21.54 -2.26 55.09
C SER C 631 22.38 -2.06 53.84
N ASN C 632 22.06 -2.77 52.75
CA ASN C 632 22.82 -2.74 51.50
C ASN C 632 22.12 -1.95 50.41
N VAL C 633 21.18 -1.07 50.76
CA VAL C 633 20.50 -0.21 49.81
C VAL C 633 20.91 1.22 50.12
N PHE C 634 21.58 1.85 49.16
CA PHE C 634 22.14 3.19 49.33
C PHE C 634 21.74 4.09 48.17
N GLN C 635 21.25 5.28 48.48
CA GLN C 635 20.85 6.25 47.47
C GLN C 635 22.02 7.13 47.10
N THR C 636 22.32 7.15 45.80
CA THR C 636 23.37 7.95 45.19
C THR C 636 22.70 8.95 44.26
N ARG C 637 23.48 9.88 43.72
CA ARG C 637 22.90 10.79 42.74
C ARG C 637 22.74 10.07 41.41
N ALA C 638 23.63 9.11 41.13
CA ALA C 638 23.56 8.35 39.89
C ALA C 638 22.29 7.51 39.86
N GLY C 639 21.90 6.99 41.02
CA GLY C 639 20.74 6.13 41.10
C GLY C 639 20.75 5.39 42.43
N CYS C 640 19.91 4.35 42.48
CA CYS C 640 19.77 3.54 43.70
C CYS C 640 20.68 2.32 43.60
N LEU C 641 21.60 2.16 44.55
CA LEU C 641 22.56 1.07 44.57
C LEU C 641 22.19 0.00 45.60
N ILE C 642 21.89 -1.21 45.13
CA ILE C 642 21.51 -2.33 46.00
C ILE C 642 22.55 -3.43 45.85
N GLY C 643 23.06 -3.90 46.97
CA GLY C 643 24.08 -4.93 47.02
C GLY C 643 25.45 -4.45 47.43
N ALA C 644 25.57 -3.27 48.03
CA ALA C 644 26.84 -2.73 48.50
C ALA C 644 26.57 -1.98 49.80
N GLU C 645 27.52 -2.06 50.72
CA GLU C 645 27.42 -1.39 52.01
C GLU C 645 28.18 -0.07 51.95
N TYR C 646 27.47 1.03 52.15
CA TYR C 646 28.12 2.34 52.15
C TYR C 646 28.86 2.51 53.46
N VAL C 647 30.10 3.00 53.39
CA VAL C 647 30.91 3.24 54.58
C VAL C 647 31.36 4.70 54.59
N ASN C 648 31.69 5.17 55.79
CA ASN C 648 32.14 6.55 55.96
C ASN C 648 33.59 6.74 55.53
N ASN C 649 34.41 5.70 55.61
CA ASN C 649 35.81 5.81 55.25
C ASN C 649 35.96 6.12 53.77
N SER C 650 36.81 7.10 53.45
CA SER C 650 37.08 7.40 52.05
C SER C 650 38.23 6.51 51.57
N TYR C 651 38.21 6.18 50.30
CA TYR C 651 39.24 5.34 49.68
C TYR C 651 39.53 5.87 48.28
N GLU C 652 40.68 5.48 47.75
CA GLU C 652 40.98 5.77 46.36
C GLU C 652 39.96 5.05 45.49
N CYS C 653 39.45 5.75 44.48
CA CYS C 653 38.41 5.18 43.64
C CYS C 653 38.91 3.96 42.87
N ASP C 654 38.10 2.90 42.88
CA ASP C 654 38.38 1.66 42.17
C ASP C 654 37.36 1.48 41.06
N ILE C 655 36.14 1.04 41.36
CA ILE C 655 35.09 0.91 40.36
C ILE C 655 34.23 2.17 40.46
N PRO C 656 34.21 3.03 39.43
CA PRO C 656 33.42 4.26 39.56
C PRO C 656 31.93 3.97 39.47
N ILE C 657 31.15 4.71 40.26
CA ILE C 657 29.70 4.69 40.17
C ILE C 657 29.19 6.02 39.64
N GLY C 658 29.62 7.11 40.22
CA GLY C 658 29.23 8.44 39.78
C GLY C 658 28.95 9.40 40.92
N ALA C 659 29.05 10.69 40.59
CA ALA C 659 28.76 11.79 41.52
C ALA C 659 29.56 11.65 42.81
N GLY C 660 30.82 11.27 42.69
CA GLY C 660 31.70 11.18 43.81
C GLY C 660 31.74 9.82 44.48
N ILE C 661 30.87 8.92 44.09
CA ILE C 661 30.77 7.60 44.77
C ILE C 661 31.46 6.56 43.90
N CYS C 662 32.23 5.72 44.53
CA CYS C 662 32.93 4.58 43.93
C CYS C 662 32.66 3.37 44.81
N ALA C 663 32.97 2.18 44.30
CA ALA C 663 32.81 0.96 45.09
C ALA C 663 33.97 0.02 44.85
N SER C 664 34.18 -0.86 45.82
CA SER C 664 35.23 -1.88 45.72
C SER C 664 34.87 -3.06 46.61
N TYR C 665 35.58 -4.16 46.43
CA TYR C 665 35.39 -5.38 47.22
C TYR C 665 36.50 -5.45 48.25
N GLN C 666 36.13 -5.40 49.54
CA GLN C 666 37.10 -5.35 50.62
C GLN C 666 36.72 -6.25 51.79
N THR C 667 37.76 -6.68 52.53
CA THR C 667 37.57 -7.44 53.76
C THR C 667 37.31 -6.46 54.90
N GLN C 668 36.21 -6.67 55.63
CA GLN C 668 35.87 -5.80 56.75
C GLN C 668 35.35 -6.62 57.93
N THR C 669 35.65 -6.12 59.13
CA THR C 669 35.22 -6.67 60.42
C THR C 669 35.23 -8.19 60.44
N LYS C 670 36.41 -8.74 60.16
CA LYS C 670 36.67 -10.19 60.13
C LYS C 670 35.54 -11.04 59.55
N SER C 680 35.42 -12.07 56.22
CA SER C 680 34.21 -11.43 55.72
C SER C 680 34.54 -10.36 54.70
N GLN C 681 34.27 -10.66 53.43
CA GLN C 681 34.52 -9.76 52.31
C GLN C 681 33.20 -9.37 51.67
N SER C 682 33.10 -8.12 51.25
CA SER C 682 31.88 -7.67 50.59
C SER C 682 32.18 -6.44 49.74
N ILE C 683 31.24 -6.14 48.86
CA ILE C 683 31.28 -4.93 48.06
C ILE C 683 30.83 -3.77 48.93
N ILE C 684 31.60 -2.70 48.94
CA ILE C 684 31.30 -1.50 49.70
C ILE C 684 31.29 -0.32 48.74
N ALA C 685 30.60 0.74 49.16
CA ALA C 685 30.52 2.00 48.44
C ALA C 685 31.07 3.09 49.33
N TYR C 686 31.69 4.08 48.72
CA TYR C 686 32.27 5.17 49.48
C TYR C 686 32.41 6.41 48.62
N THR C 687 32.58 7.55 49.27
CA THR C 687 32.93 8.77 48.56
C THR C 687 34.42 8.63 48.30
N MET C 688 34.86 8.92 47.09
CA MET C 688 36.27 8.71 46.80
C MET C 688 37.13 9.78 47.45
N SER C 689 38.35 9.39 47.80
CA SER C 689 39.33 10.33 48.30
C SER C 689 40.01 10.96 47.11
N LEU C 690 40.31 12.25 47.23
CA LEU C 690 40.99 12.95 46.14
C LEU C 690 42.50 12.92 46.32
N GLY C 691 42.96 12.78 47.56
CA GLY C 691 44.38 12.74 47.84
C GLY C 691 44.60 12.94 49.32
N ALA C 692 45.85 12.80 49.72
CA ALA C 692 46.21 13.03 51.12
C ALA C 692 46.16 14.51 51.40
N GLU C 693 45.90 14.88 52.66
CA GLU C 693 45.91 16.28 53.04
C GLU C 693 47.34 16.66 53.39
N ASN C 694 47.78 17.81 52.88
CA ASN C 694 49.12 18.32 53.13
C ASN C 694 49.02 19.82 53.34
N SER C 695 49.21 20.28 54.57
CA SER C 695 49.16 21.72 54.85
C SER C 695 50.59 22.22 54.74
N VAL C 696 50.82 23.16 53.83
CA VAL C 696 52.16 23.68 53.59
C VAL C 696 52.47 24.74 54.63
N ALA C 697 53.67 24.65 55.21
CA ALA C 697 54.10 25.56 56.28
C ALA C 697 54.53 26.91 55.71
N TYR C 698 53.56 27.62 55.16
CA TYR C 698 53.85 28.93 54.59
C TYR C 698 54.16 29.92 55.69
N SER C 699 55.20 30.73 55.50
CA SER C 699 55.55 31.76 56.45
C SER C 699 56.32 32.85 55.72
N ASN C 700 56.22 34.06 56.27
CA ASN C 700 56.84 35.24 55.66
C ASN C 700 58.33 35.07 55.36
N ASN C 701 59.07 34.36 56.23
CA ASN C 701 60.51 34.19 56.07
C ASN C 701 60.99 32.74 56.09
N SER C 702 60.18 31.77 55.70
CA SER C 702 60.58 30.36 55.74
C SER C 702 60.59 29.78 54.34
N ILE C 703 61.69 29.13 53.96
CA ILE C 703 61.86 28.50 52.66
C ILE C 703 62.33 27.06 52.89
N ALA C 704 61.82 26.13 52.10
CA ALA C 704 62.31 24.76 52.15
C ALA C 704 63.18 24.50 50.94
N ILE C 705 64.32 23.84 51.16
CA ILE C 705 65.28 23.54 50.08
C ILE C 705 65.69 22.07 50.10
N PRO C 706 65.69 21.37 48.95
CA PRO C 706 66.12 19.96 48.97
C PRO C 706 67.58 19.82 49.34
N THR C 707 67.89 18.77 50.09
CA THR C 707 69.26 18.43 50.45
C THR C 707 69.74 17.18 49.71
N ASN C 708 68.84 16.52 48.98
CA ASN C 708 69.16 15.29 48.28
C ASN C 708 68.26 15.27 47.04
N PHE C 709 68.37 14.23 46.24
CA PHE C 709 67.56 14.12 45.05
C PHE C 709 67.38 12.65 44.68
N THR C 710 66.38 12.40 43.86
CA THR C 710 66.11 11.09 43.30
C THR C 710 66.06 11.20 41.79
N ILE C 711 66.65 10.22 41.10
CA ILE C 711 66.51 10.11 39.66
C ILE C 711 65.36 9.15 39.46
N SER C 712 64.35 9.59 38.73
CA SER C 712 63.13 8.82 38.52
C SER C 712 62.95 8.55 37.04
N VAL C 713 62.48 7.36 36.72
CA VAL C 713 62.18 6.97 35.36
C VAL C 713 60.72 6.56 35.32
N THR C 714 59.97 7.16 34.41
CA THR C 714 58.54 6.90 34.25
C THR C 714 58.28 6.50 32.80
N THR C 715 57.12 5.90 32.56
CA THR C 715 56.72 5.48 31.22
C THR C 715 55.57 6.32 30.71
N GLU C 716 55.61 6.63 29.41
CA GLU C 716 54.50 7.25 28.71
C GLU C 716 54.23 6.38 27.49
N ILE C 717 52.99 5.95 27.30
CA ILE C 717 52.63 5.02 26.24
C ILE C 717 51.69 5.75 25.31
N LEU C 718 52.04 5.81 24.03
CA LEU C 718 51.20 6.49 23.05
C LEU C 718 50.92 5.61 21.84
N PRO C 719 49.67 5.51 21.39
CA PRO C 719 49.42 4.89 20.08
C PRO C 719 50.05 5.75 18.99
N VAL C 720 50.57 5.08 17.96
CA VAL C 720 51.11 5.76 16.79
C VAL C 720 50.32 5.39 15.54
N SER C 721 49.90 4.14 15.41
CA SER C 721 49.23 3.67 14.21
C SER C 721 48.14 2.69 14.62
N MET C 722 47.24 2.42 13.68
CA MET C 722 46.16 1.46 13.84
C MET C 722 46.19 0.51 12.65
N THR C 723 45.48 -0.61 12.81
CA THR C 723 45.42 -1.62 11.76
C THR C 723 44.92 -1.00 10.46
N LYS C 724 45.61 -1.32 9.36
CA LYS C 724 45.27 -0.81 8.04
C LYS C 724 44.35 -1.79 7.37
N THR C 725 43.04 -1.54 7.41
CA THR C 725 42.09 -2.47 6.84
C THR C 725 41.82 -2.11 5.39
N SER C 726 41.26 -3.07 4.67
CA SER C 726 40.84 -2.89 3.28
C SER C 726 39.58 -3.70 3.10
N VAL C 727 38.58 -3.11 2.47
CA VAL C 727 37.27 -3.75 2.32
C VAL C 727 36.92 -3.83 0.86
N ASP C 728 36.53 -5.03 0.43
CA ASP C 728 36.03 -5.26 -0.92
C ASP C 728 34.54 -4.99 -0.84
N CYS C 729 34.14 -3.80 -1.29
CA CYS C 729 32.76 -3.35 -1.16
C CYS C 729 31.80 -4.32 -1.85
N THR C 730 32.11 -4.69 -3.09
CA THR C 730 31.24 -5.59 -3.83
C THR C 730 31.14 -6.95 -3.17
N MET C 731 32.25 -7.55 -2.73
CA MET C 731 32.13 -8.87 -2.12
C MET C 731 31.34 -8.82 -0.82
N TYR C 732 31.54 -7.77 -0.02
CA TYR C 732 30.81 -7.65 1.23
C TYR C 732 29.31 -7.53 0.99
N ILE C 733 28.89 -6.67 0.05
CA ILE C 733 27.47 -6.44 -0.15
C ILE C 733 26.84 -7.53 -1.00
N CYS C 734 27.46 -7.84 -2.13
CA CYS C 734 26.97 -8.75 -3.16
C CYS C 734 28.00 -9.84 -3.46
N GLY C 735 28.43 -10.58 -2.44
CA GLY C 735 29.47 -11.55 -2.70
C GLY C 735 29.09 -12.65 -3.67
N ASP C 736 29.96 -12.83 -4.67
CA ASP C 736 29.82 -13.86 -5.71
C ASP C 736 28.44 -13.84 -6.37
N SER C 737 27.87 -12.65 -6.56
CA SER C 737 26.55 -12.55 -7.18
C SER C 737 26.50 -11.43 -8.22
N THR C 738 26.33 -11.82 -9.49
CA THR C 738 26.24 -10.85 -10.58
C THR C 738 24.94 -10.06 -10.48
N GLU C 739 23.85 -10.77 -10.19
CA GLU C 739 22.52 -10.17 -10.14
C GLU C 739 22.45 -9.08 -9.08
N CYS C 740 23.08 -9.30 -7.93
CA CYS C 740 23.09 -8.28 -6.89
C CYS C 740 23.95 -7.10 -7.31
N SER C 741 25.12 -7.39 -7.88
CA SER C 741 26.03 -6.33 -8.29
C SER C 741 25.35 -5.37 -9.26
N ASN C 742 24.51 -5.90 -10.16
CA ASN C 742 23.87 -5.00 -11.12
C ASN C 742 22.91 -4.02 -10.45
N LEU C 743 22.49 -4.27 -9.20
CA LEU C 743 21.69 -3.31 -8.45
C LEU C 743 22.61 -2.42 -7.64
N LEU C 744 23.73 -2.97 -7.15
CA LEU C 744 24.66 -2.18 -6.36
C LEU C 744 25.20 -1.00 -7.17
N LEU C 745 25.38 -1.19 -8.49
CA LEU C 745 25.85 -0.08 -9.32
C LEU C 745 24.89 1.11 -9.36
N GLN C 746 23.62 0.93 -9.00
CA GLN C 746 22.64 2.00 -9.12
C GLN C 746 22.58 2.89 -7.87
N TYR C 747 23.44 2.65 -6.88
CA TYR C 747 23.46 3.43 -5.65
C TYR C 747 24.56 4.50 -5.66
N GLY C 748 25.21 4.70 -6.82
CA GLY C 748 26.23 5.72 -6.98
C GLY C 748 27.62 5.26 -6.57
N SER C 749 28.47 6.25 -6.31
CA SER C 749 29.88 5.99 -6.04
C SER C 749 30.10 5.68 -4.57
N PHE C 750 29.30 4.77 -4.02
CA PHE C 750 29.41 4.42 -2.61
C PHE C 750 30.73 3.70 -2.36
N CYS C 751 30.99 2.68 -3.16
CA CYS C 751 32.17 1.84 -2.97
C CYS C 751 33.42 2.66 -3.23
N THR C 752 33.35 3.61 -4.16
CA THR C 752 34.49 4.47 -4.43
C THR C 752 34.83 5.33 -3.22
N GLN C 753 33.82 5.92 -2.55
CA GLN C 753 34.13 6.74 -1.39
C GLN C 753 34.71 5.88 -0.27
N LEU C 754 34.18 4.66 -0.08
CA LEU C 754 34.75 3.86 1.01
C LEU C 754 36.18 3.47 0.66
N LYS C 755 36.43 3.13 -0.60
CA LYS C 755 37.76 2.75 -1.02
C LYS C 755 38.75 3.88 -0.77
N ARG C 756 38.38 5.11 -1.15
CA ARG C 756 39.30 6.21 -0.92
C ARG C 756 39.48 6.47 0.57
N ALA C 757 38.41 6.39 1.36
CA ALA C 757 38.53 6.67 2.78
C ALA C 757 39.44 5.65 3.47
N LEU C 758 39.30 4.37 3.13
CA LEU C 758 40.12 3.38 3.79
C LEU C 758 41.56 3.43 3.27
N THR C 759 41.74 3.78 1.99
CA THR C 759 43.09 3.91 1.47
C THR C 759 43.78 5.09 2.15
N GLY C 760 43.05 6.19 2.31
CA GLY C 760 43.60 7.36 2.97
C GLY C 760 43.99 7.04 4.39
N ILE C 761 43.17 6.25 5.09
CA ILE C 761 43.51 5.87 6.45
C ILE C 761 44.78 5.03 6.46
N ALA C 762 44.88 4.04 5.56
CA ALA C 762 46.07 3.18 5.53
C ALA C 762 47.33 3.98 5.27
N VAL C 763 47.25 4.94 4.35
CA VAL C 763 48.40 5.77 4.03
C VAL C 763 48.73 6.61 5.24
N GLU C 764 47.71 7.17 5.90
CA GLU C 764 47.91 7.96 7.09
C GLU C 764 48.63 7.16 8.17
N GLN C 765 48.30 5.87 8.28
CA GLN C 765 48.94 5.08 9.34
C GLN C 765 50.41 4.90 9.04
N ASP C 766 50.76 4.83 7.76
CA ASP C 766 52.18 4.71 7.47
C ASP C 766 52.85 6.05 7.69
N LYS C 767 52.14 7.14 7.40
CA LYS C 767 52.66 8.47 7.64
C LYS C 767 52.90 8.69 9.13
N ASN C 768 51.95 8.25 9.96
CA ASN C 768 52.08 8.44 11.40
C ASN C 768 53.28 7.69 11.94
N THR C 769 53.48 6.45 11.48
CA THR C 769 54.64 5.70 11.98
C THR C 769 55.92 6.36 11.52
N GLN C 770 55.94 6.81 10.26
CA GLN C 770 57.13 7.44 9.70
C GLN C 770 57.46 8.73 10.45
N GLU C 771 56.43 9.51 10.74
CA GLU C 771 56.62 10.78 11.45
C GLU C 771 57.10 10.58 12.88
N VAL C 772 56.64 9.52 13.55
CA VAL C 772 57.07 9.31 14.92
C VAL C 772 58.48 8.76 14.99
N PHE C 773 58.80 7.74 14.18
CA PHE C 773 60.10 7.08 14.30
C PHE C 773 61.16 7.57 13.32
N ALA C 774 60.80 7.94 12.10
CA ALA C 774 61.83 8.30 11.11
C ALA C 774 62.18 9.78 11.19
N GLN C 775 62.71 10.17 12.35
CA GLN C 775 63.10 11.55 12.59
C GLN C 775 64.61 11.75 12.51
N VAL C 776 65.34 10.70 12.14
CA VAL C 776 66.80 10.70 12.06
C VAL C 776 67.17 10.31 10.64
N LYS C 777 68.11 11.04 10.04
CA LYS C 777 68.52 10.81 8.66
C LYS C 777 69.64 9.78 8.52
N GLN C 778 70.26 9.35 9.63
CA GLN C 778 71.33 8.38 9.64
C GLN C 778 71.06 7.35 10.73
N ILE C 779 71.54 6.13 10.54
CA ILE C 779 71.40 5.09 11.55
C ILE C 779 72.65 5.10 12.42
N TYR C 780 72.48 5.54 13.67
CA TYR C 780 73.57 5.68 14.61
C TYR C 780 73.77 4.37 15.34
N LYS C 781 75.04 4.08 15.66
CA LYS C 781 75.39 2.90 16.42
C LYS C 781 76.15 3.27 17.68
N THR C 782 75.99 2.44 18.70
CA THR C 782 76.69 2.57 19.95
C THR C 782 78.12 2.08 19.79
N PRO C 783 79.03 2.44 20.69
CA PRO C 783 80.39 1.91 20.59
C PRO C 783 80.42 0.42 20.92
N PRO C 784 81.43 -0.31 20.46
CA PRO C 784 81.60 -1.71 20.88
C PRO C 784 81.60 -1.94 22.39
N ILE C 785 82.13 -1.01 23.18
CA ILE C 785 82.21 -1.14 24.63
C ILE C 785 81.15 -0.24 25.24
N LYS C 786 80.16 -0.85 25.88
CA LYS C 786 79.03 -0.11 26.44
C LYS C 786 79.36 0.41 27.84
N TYR C 787 80.32 1.34 27.89
CA TYR C 787 80.69 1.99 29.14
C TYR C 787 80.38 3.47 28.99
N PHE C 788 79.42 3.96 29.78
CA PHE C 788 78.96 5.35 29.69
C PHE C 788 79.00 5.99 31.07
N GLY C 789 80.17 6.00 31.72
CA GLY C 789 80.24 6.65 33.00
C GLY C 789 79.67 5.86 34.15
N GLY C 790 79.28 4.61 33.93
CA GLY C 790 78.64 3.79 34.93
C GLY C 790 77.15 3.66 34.75
N PHE C 791 76.59 4.33 33.73
CA PHE C 791 75.16 4.25 33.42
C PHE C 791 74.95 3.00 32.57
N ASN C 792 74.09 2.10 33.04
CA ASN C 792 73.85 0.82 32.37
C ASN C 792 72.60 0.94 31.50
N PHE C 793 72.81 0.90 30.19
CA PHE C 793 71.74 1.02 29.19
C PHE C 793 71.42 -0.31 28.55
N SER C 794 71.88 -1.42 29.13
CA SER C 794 71.71 -2.73 28.52
C SER C 794 70.26 -3.16 28.42
N GLN C 795 69.35 -2.55 29.19
CA GLN C 795 67.96 -2.94 29.09
C GLN C 795 67.18 -2.15 28.05
N ILE C 796 67.79 -1.12 27.46
CA ILE C 796 67.16 -0.30 26.43
C ILE C 796 67.82 -0.48 25.07
N LEU C 797 69.10 -0.90 25.03
CA LEU C 797 69.85 -1.15 23.81
C LEU C 797 69.56 -2.54 23.24
N PRO C 798 69.73 -2.74 21.93
CA PRO C 798 69.49 -4.06 21.33
C PRO C 798 70.30 -5.18 21.96
N ASP C 799 69.66 -6.34 22.11
CA ASP C 799 70.30 -7.54 22.63
C ASP C 799 70.81 -8.32 21.42
N PRO C 800 72.13 -8.41 21.19
CA PRO C 800 72.61 -9.06 19.94
C PRO C 800 72.23 -10.53 19.75
N SER C 801 71.85 -11.24 20.81
CA SER C 801 71.54 -12.66 20.72
C SER C 801 70.15 -13.00 20.19
N LYS C 802 69.26 -12.04 20.06
CA LYS C 802 67.88 -12.34 19.69
C LYS C 802 67.67 -12.45 18.18
N PRO C 803 66.63 -13.17 17.74
CA PRO C 803 66.26 -13.16 16.30
C PRO C 803 65.91 -11.79 15.77
N SER C 804 65.52 -10.86 16.64
CA SER C 804 65.13 -9.50 16.29
C SER C 804 65.86 -8.62 17.29
N LYS C 805 66.64 -7.67 16.81
CA LYS C 805 67.53 -6.93 17.70
C LYS C 805 66.73 -5.85 18.44
N ARG C 806 65.96 -6.33 19.40
CA ARG C 806 65.10 -5.52 20.25
C ARG C 806 65.69 -5.50 21.65
N SER C 807 65.37 -4.46 22.40
CA SER C 807 65.84 -4.40 23.78
C SER C 807 65.04 -5.38 24.64
N PRO C 808 65.56 -5.76 25.81
CA PRO C 808 64.74 -6.53 26.76
C PRO C 808 63.39 -5.90 27.07
N ILE C 809 63.37 -4.57 27.21
CA ILE C 809 62.11 -3.87 27.46
C ILE C 809 61.22 -3.97 26.24
N GLU C 810 61.78 -3.82 25.04
CA GLU C 810 60.95 -3.95 23.85
C GLU C 810 60.36 -5.35 23.75
N ASP C 811 61.13 -6.39 24.08
CA ASP C 811 60.54 -7.74 24.06
C ASP C 811 59.40 -7.85 25.05
N LEU C 812 59.53 -7.21 26.22
CA LEU C 812 58.43 -7.28 27.18
C LEU C 812 57.20 -6.59 26.60
N LEU C 813 57.40 -5.43 25.98
CA LEU C 813 56.29 -4.67 25.43
C LEU C 813 55.61 -5.44 24.30
N PHE C 814 56.39 -6.11 23.45
CA PHE C 814 55.83 -6.88 22.35
C PHE C 814 55.14 -8.16 22.83
N ASN C 815 55.63 -8.76 23.92
CA ASN C 815 54.99 -9.95 24.45
C ASN C 815 53.69 -9.64 25.19
N LYS C 816 53.58 -8.46 25.80
CA LYS C 816 52.38 -8.12 26.55
C LYS C 816 51.20 -7.76 25.65
N VAL C 817 51.44 -7.05 24.54
CA VAL C 817 50.37 -6.64 23.63
C VAL C 817 50.17 -7.70 22.56
N THR C 818 48.91 -8.10 22.37
CA THR C 818 48.54 -9.15 21.42
C THR C 818 47.55 -8.61 20.39
N LEU C 840 49.33 -14.65 5.29
CA LEU C 840 48.78 -14.81 3.95
C LEU C 840 47.64 -15.83 3.90
N ILE C 841 47.09 -16.16 5.07
CA ILE C 841 45.95 -17.07 5.18
C ILE C 841 44.80 -16.26 5.77
N CYS C 842 43.75 -16.04 4.99
CA CYS C 842 42.59 -15.28 5.45
C CYS C 842 41.63 -16.27 6.13
N ALA C 843 42.10 -16.82 7.25
CA ALA C 843 41.32 -17.82 7.96
C ALA C 843 40.03 -17.22 8.52
N GLN C 844 40.09 -15.97 8.96
CA GLN C 844 38.96 -15.27 9.54
C GLN C 844 38.44 -14.21 8.57
N LYS C 845 37.14 -13.92 8.70
CA LYS C 845 36.52 -12.77 8.03
C LYS C 845 36.74 -12.78 6.53
N PHE C 846 36.63 -13.95 5.85
CA PHE C 846 36.74 -14.09 4.36
C PHE C 846 35.53 -13.53 3.65
N ASN C 847 35.18 -12.28 3.92
CA ASN C 847 33.99 -11.62 3.40
C ASN C 847 34.38 -10.31 2.71
N GLY C 848 35.56 -10.29 2.10
CA GLY C 848 36.06 -9.11 1.44
C GLY C 848 36.78 -8.17 2.36
N LEU C 849 37.02 -8.55 3.61
CA LEU C 849 37.67 -7.73 4.61
C LEU C 849 39.06 -8.30 4.87
N THR C 850 40.10 -7.50 4.61
CA THR C 850 41.46 -7.93 4.83
C THR C 850 42.21 -6.84 5.59
N VAL C 851 43.46 -7.16 5.92
CA VAL C 851 44.37 -6.28 6.64
C VAL C 851 45.66 -6.16 5.83
N LEU C 852 46.12 -4.93 5.64
CA LEU C 852 47.33 -4.70 4.87
C LEU C 852 48.51 -4.59 5.84
N PRO C 853 49.69 -5.12 5.53
CA PRO C 853 50.82 -5.00 6.46
C PRO C 853 51.36 -3.59 6.51
N PRO C 854 52.01 -3.21 7.62
CA PRO C 854 52.65 -1.89 7.68
C PRO C 854 53.84 -1.82 6.74
N LEU C 855 54.14 -0.59 6.30
CA LEU C 855 55.30 -0.40 5.45
C LEU C 855 56.59 -0.64 6.19
N LEU C 856 56.70 -0.19 7.43
CA LEU C 856 57.89 -0.40 8.25
C LEU C 856 57.65 -1.59 9.15
N THR C 857 58.52 -2.59 9.04
CA THR C 857 58.38 -3.80 9.82
C THR C 857 58.81 -3.52 11.25
N ASP C 858 58.50 -4.48 12.13
CA ASP C 858 58.85 -4.33 13.53
C ASP C 858 60.36 -4.19 13.69
N GLU C 859 61.12 -4.89 12.83
CA GLU C 859 62.57 -4.78 12.86
C GLU C 859 63.03 -3.39 12.44
N MET C 860 62.38 -2.80 11.44
CA MET C 860 62.77 -1.46 10.99
C MET C 860 62.45 -0.41 12.05
N ILE C 861 61.34 -0.58 12.77
CA ILE C 861 61.01 0.37 13.82
C ILE C 861 62.04 0.23 14.93
N ALA C 862 62.41 -1.03 15.26
CA ALA C 862 63.42 -1.26 16.27
C ALA C 862 64.74 -0.62 15.86
N GLN C 863 65.08 -0.68 14.57
CA GLN C 863 66.32 -0.05 14.10
C GLN C 863 66.26 1.47 14.24
N TYR C 864 65.10 2.08 13.98
CA TYR C 864 65.02 3.52 14.17
C TYR C 864 65.15 3.85 15.65
N THR C 865 64.54 3.04 16.50
CA THR C 865 64.62 3.30 17.93
C THR C 865 66.07 3.18 18.40
N SER C 866 66.78 2.16 17.90
CA SER C 866 68.18 1.97 18.25
C SER C 866 69.01 3.15 17.80
N ALA C 867 68.77 3.65 16.58
CA ALA C 867 69.51 4.81 16.09
C ALA C 867 69.27 6.01 16.98
N LEU C 868 68.02 6.20 17.42
CA LEU C 868 67.70 7.32 18.28
C LEU C 868 68.39 7.19 19.64
N LEU C 869 68.46 5.96 20.17
CA LEU C 869 69.12 5.75 21.45
C LEU C 869 70.62 5.97 21.33
N ALA C 870 71.22 5.49 20.24
CA ALA C 870 72.66 5.65 20.07
C ALA C 870 72.99 7.13 19.93
N GLY C 871 72.16 7.87 19.18
CA GLY C 871 72.43 9.28 19.01
C GLY C 871 72.33 10.06 20.31
N THR C 872 71.25 9.82 21.08
CA THR C 872 71.10 10.56 22.32
C THR C 872 72.21 10.22 23.30
N ILE C 873 72.53 8.93 23.44
CA ILE C 873 73.52 8.51 24.42
C ILE C 873 74.90 9.04 24.07
N THR C 874 75.32 8.94 22.81
CA THR C 874 76.67 9.33 22.46
C THR C 874 76.85 10.81 22.12
N SER C 875 75.77 11.55 21.80
CA SER C 875 75.88 12.96 21.43
C SER C 875 74.87 13.91 22.07
N GLY C 876 74.01 13.45 22.97
CA GLY C 876 73.05 14.35 23.62
C GLY C 876 72.10 15.01 22.62
N TRP C 877 71.91 16.32 22.75
CA TRP C 877 70.99 17.02 21.84
C TRP C 877 71.67 17.55 20.58
N THR C 878 72.98 17.41 20.45
CA THR C 878 73.67 17.96 19.29
C THR C 878 73.17 17.25 18.05
N PHE C 879 72.77 16.01 18.16
CA PHE C 879 72.37 15.21 16.98
C PHE C 879 71.00 15.58 16.56
N GLY C 880 70.13 15.87 17.53
CA GLY C 880 68.84 16.34 17.05
C GLY C 880 68.90 17.63 16.24
N ALA C 881 69.80 18.55 16.57
CA ALA C 881 69.91 19.84 15.89
C ALA C 881 70.76 19.85 14.63
N GLY C 882 71.42 18.75 14.26
CA GLY C 882 72.28 18.77 13.11
C GLY C 882 73.24 17.59 13.10
N PRO C 883 74.55 17.85 13.03
CA PRO C 883 75.50 16.73 13.08
C PRO C 883 75.54 16.19 14.50
N ALA C 884 75.85 14.91 14.61
CA ALA C 884 76.00 14.29 15.92
C ALA C 884 77.45 14.48 16.35
N LEU C 885 77.62 15.15 17.50
CA LEU C 885 78.92 15.46 18.06
C LEU C 885 79.09 14.64 19.32
N GLN C 886 80.16 13.85 19.39
CA GLN C 886 80.33 12.98 20.54
C GLN C 886 80.57 13.82 21.79
N ILE C 887 80.05 13.35 22.92
CA ILE C 887 80.34 13.96 24.21
C ILE C 887 80.41 12.84 25.25
N PRO C 888 81.32 12.87 26.23
CA PRO C 888 81.27 11.86 27.28
C PRO C 888 79.91 11.91 27.97
N PHE C 889 79.33 10.74 28.26
CA PHE C 889 78.00 10.72 28.84
C PHE C 889 77.90 11.54 30.12
N PRO C 890 78.81 11.40 31.10
CA PRO C 890 78.68 12.21 32.33
C PRO C 890 78.69 13.71 32.05
N MET C 891 79.25 14.15 30.93
CA MET C 891 79.25 15.58 30.67
C MET C 891 77.92 15.98 30.06
N GLN C 892 77.29 15.03 29.33
CA GLN C 892 75.97 15.30 28.80
C GLN C 892 75.02 15.47 29.97
N MET C 893 75.17 14.60 30.97
CA MET C 893 74.32 14.69 32.15
C MET C 893 74.62 15.98 32.90
N ALA C 894 75.90 16.39 32.94
CA ALA C 894 76.25 17.62 33.62
C ALA C 894 75.53 18.81 32.99
N TYR C 895 75.40 18.78 31.67
CA TYR C 895 74.74 19.87 30.99
C TYR C 895 73.23 19.78 31.22
N ARG C 896 72.69 18.57 31.29
CA ARG C 896 71.27 18.39 31.56
C ARG C 896 70.93 18.89 32.97
N PHE C 897 71.85 18.64 33.92
CA PHE C 897 71.66 19.13 35.29
C PHE C 897 71.72 20.65 35.30
N ASN C 898 72.65 21.22 34.56
CA ASN C 898 72.72 22.68 34.50
C ASN C 898 71.44 23.21 33.86
N GLY C 899 70.91 22.47 32.89
CA GLY C 899 69.68 22.85 32.22
C GLY C 899 68.51 22.95 33.18
N ILE C 900 68.49 22.11 34.21
CA ILE C 900 67.39 22.14 35.19
C ILE C 900 67.73 23.00 36.41
N GLY C 901 68.81 23.77 36.35
CA GLY C 901 69.18 24.66 37.42
C GLY C 901 70.01 24.07 38.53
N VAL C 902 70.68 22.94 38.28
CA VAL C 902 71.53 22.28 39.25
C VAL C 902 72.95 22.32 38.69
N THR C 903 73.90 22.77 39.50
CA THR C 903 75.25 22.97 38.98
C THR C 903 75.92 21.64 38.63
N GLN C 904 76.96 21.74 37.81
CA GLN C 904 77.66 20.56 37.30
C GLN C 904 78.35 19.78 38.41
N ASN C 905 78.79 20.47 39.46
CA ASN C 905 79.50 19.78 40.52
C ASN C 905 78.57 18.82 41.26
N VAL C 906 77.25 19.03 41.20
CA VAL C 906 76.37 18.14 41.91
C VAL C 906 76.45 16.76 41.26
N LEU C 907 76.43 16.74 39.92
CA LEU C 907 76.55 15.48 39.20
C LEU C 907 77.90 14.84 39.41
N TYR C 908 78.98 15.64 39.28
CA TYR C 908 80.29 15.00 39.34
C TYR C 908 80.58 14.49 40.75
N GLU C 909 80.20 15.24 41.77
CA GLU C 909 80.44 14.79 43.14
C GLU C 909 79.64 13.53 43.45
N ASN C 910 78.42 13.44 42.89
CA ASN C 910 77.49 12.32 43.11
C ASN C 910 77.33 11.42 41.88
N GLN C 911 78.32 11.37 40.98
CA GLN C 911 78.17 10.59 39.75
C GLN C 911 77.84 9.12 40.02
N LYS C 912 78.46 8.51 41.03
CA LYS C 912 78.18 7.09 41.29
C LYS C 912 76.76 6.90 41.81
N LEU C 913 76.31 7.79 42.68
CA LEU C 913 74.95 7.71 43.21
C LEU C 913 73.94 7.86 42.09
N ILE C 914 74.17 8.81 41.19
CA ILE C 914 73.24 9.08 40.10
C ILE C 914 73.18 7.88 39.16
N ALA C 915 74.34 7.32 38.81
CA ALA C 915 74.35 6.16 37.94
C ALA C 915 73.62 4.98 38.58
N ASN C 916 73.78 4.81 39.90
CA ASN C 916 73.10 3.70 40.57
C ASN C 916 71.59 3.92 40.62
N GLN C 917 71.17 5.17 40.85
CA GLN C 917 69.74 5.45 40.88
C GLN C 917 69.13 5.25 39.51
N PHE C 918 69.85 5.62 38.46
CA PHE C 918 69.36 5.40 37.11
C PHE C 918 69.18 3.92 36.82
N ASN C 919 70.21 3.12 37.15
CA ASN C 919 70.15 1.69 36.83
C ASN C 919 69.02 1.02 37.62
N SER C 920 68.82 1.45 38.87
CA SER C 920 67.74 0.88 39.66
C SER C 920 66.39 1.27 39.08
N ALA C 921 66.26 2.52 38.64
CA ALA C 921 65.00 2.96 38.06
C ALA C 921 64.66 2.16 36.81
N ILE C 922 65.67 1.83 35.99
CA ILE C 922 65.40 1.05 34.80
C ILE C 922 64.93 -0.35 35.18
N GLY C 923 65.59 -0.96 36.17
CA GLY C 923 65.14 -2.28 36.60
C GLY C 923 63.71 -2.22 37.09
N LYS C 924 63.35 -1.12 37.77
CA LYS C 924 61.97 -0.98 38.21
C LYS C 924 61.03 -0.85 37.03
N ILE C 925 61.49 -0.24 35.93
CA ILE C 925 60.61 -0.12 34.76
C ILE C 925 60.28 -1.50 34.24
N GLN C 926 61.29 -2.38 34.18
CA GLN C 926 61.02 -3.73 33.70
C GLN C 926 60.07 -4.45 34.64
N ASP C 927 60.25 -4.28 35.94
CA ASP C 927 59.37 -4.98 36.89
C ASP C 927 57.95 -4.45 36.78
N SER C 928 57.80 -3.13 36.58
CA SER C 928 56.47 -2.54 36.49
C SER C 928 55.74 -3.05 35.26
N LEU C 929 56.41 -3.05 34.10
CA LEU C 929 55.74 -3.51 32.89
C LEU C 929 55.44 -5.00 32.96
N PHE C 930 56.34 -5.77 33.55
CA PHE C 930 56.16 -7.22 33.67
C PHE C 930 54.98 -7.57 34.57
N SER C 931 54.89 -6.96 35.74
CA SER C 931 53.88 -7.29 36.73
C SER C 931 52.53 -6.60 36.59
N THR C 932 52.38 -5.57 35.74
CA THR C 932 51.10 -4.87 35.60
C THR C 932 50.52 -5.02 34.19
N PRO C 933 49.67 -6.04 33.95
CA PRO C 933 49.15 -6.25 32.58
C PRO C 933 48.39 -5.07 32.00
N SER C 934 47.81 -4.21 32.83
CA SER C 934 47.04 -3.06 32.37
C SER C 934 47.91 -1.90 31.93
N ALA C 935 49.23 -1.97 32.18
CA ALA C 935 50.12 -0.85 31.88
C ALA C 935 50.07 -0.45 30.42
N LEU C 936 49.88 -1.40 29.51
CA LEU C 936 49.89 -1.14 28.08
C LEU C 936 48.48 -1.10 27.51
N GLY C 937 47.47 -0.92 28.37
CA GLY C 937 46.09 -0.95 27.91
C GLY C 937 45.78 -0.01 26.76
N LYS C 938 46.43 1.16 26.72
CA LYS C 938 46.17 2.11 25.65
C LYS C 938 46.43 1.50 24.29
N LEU C 939 47.44 0.64 24.18
CA LEU C 939 47.72 0.08 22.87
C LEU C 939 46.80 -1.11 22.62
N GLN C 940 46.48 -1.86 23.67
CA GLN C 940 45.62 -3.03 23.51
C GLN C 940 44.22 -2.59 23.15
N ASP C 941 43.79 -1.45 23.68
CA ASP C 941 42.46 -0.95 23.39
C ASP C 941 42.34 -0.65 21.91
N VAL C 942 43.41 -0.09 21.32
CA VAL C 942 43.36 0.20 19.89
C VAL C 942 43.14 -1.08 19.11
N VAL C 943 43.88 -2.13 19.48
CA VAL C 943 43.73 -3.40 18.79
C VAL C 943 42.32 -3.92 18.99
N ASN C 944 41.82 -3.83 20.23
CA ASN C 944 40.50 -4.37 20.50
C ASN C 944 39.45 -3.57 19.75
N HIS C 945 39.66 -2.26 19.63
CA HIS C 945 38.65 -1.46 18.96
C HIS C 945 38.60 -1.80 17.49
N ASN C 946 39.75 -2.12 16.90
CA ASN C 946 39.69 -2.45 15.48
C ASN C 946 39.11 -3.84 15.28
N ALA C 947 39.46 -4.80 16.16
CA ALA C 947 38.94 -6.14 15.98
C ALA C 947 37.45 -6.18 16.20
N GLN C 948 36.98 -5.44 17.19
CA GLN C 948 35.56 -5.41 17.49
C GLN C 948 34.81 -4.81 16.33
N ALA C 949 35.35 -3.76 15.72
CA ALA C 949 34.66 -3.14 14.60
C ALA C 949 34.53 -4.11 13.44
N LEU C 950 35.58 -4.90 13.17
CA LEU C 950 35.45 -5.83 12.07
C LEU C 950 34.53 -6.97 12.44
N ASN C 951 34.52 -7.38 13.71
CA ASN C 951 33.62 -8.46 14.06
C ASN C 951 32.19 -8.01 13.87
N THR C 952 31.92 -6.74 14.21
CA THR C 952 30.57 -6.24 14.06
C THR C 952 30.22 -6.17 12.59
N LEU C 953 31.17 -5.71 11.79
CA LEU C 953 30.93 -5.57 10.37
C LEU C 953 30.62 -6.92 9.75
N VAL C 954 31.34 -7.96 10.18
CA VAL C 954 31.04 -9.27 9.63
C VAL C 954 29.72 -9.78 10.16
N LYS C 955 29.45 -9.60 11.46
CA LYS C 955 28.22 -10.12 12.04
C LYS C 955 26.99 -9.55 11.36
N GLN C 956 27.04 -8.30 10.90
CA GLN C 956 25.88 -7.72 10.23
C GLN C 956 25.52 -8.46 8.95
N LEU C 957 26.41 -9.29 8.40
CA LEU C 957 26.06 -10.05 7.21
C LEU C 957 24.91 -11.01 7.49
N SER C 958 24.76 -11.44 8.75
CA SER C 958 23.70 -12.38 9.11
C SER C 958 22.35 -11.71 9.24
N SER C 959 22.28 -10.39 9.27
CA SER C 959 21.02 -9.69 9.42
C SER C 959 20.19 -9.80 8.15
N LYS C 960 18.87 -9.86 8.32
CA LYS C 960 17.97 -9.94 7.18
C LYS C 960 17.54 -8.57 6.67
N PHE C 961 17.45 -7.57 7.55
CA PHE C 961 17.02 -6.21 7.18
C PHE C 961 15.65 -6.23 6.50
N GLY C 962 14.79 -7.17 6.87
CA GLY C 962 13.47 -7.27 6.27
C GLY C 962 13.38 -8.29 5.16
N ALA C 963 14.51 -8.83 4.71
CA ALA C 963 14.54 -9.82 3.65
C ALA C 963 14.08 -11.19 4.17
N ILE C 964 13.68 -12.05 3.24
CA ILE C 964 13.32 -13.40 3.63
C ILE C 964 14.52 -14.20 4.11
N SER C 965 15.72 -13.88 3.61
CA SER C 965 16.92 -14.58 4.02
C SER C 965 18.13 -13.66 3.87
N SER C 966 19.08 -13.83 4.79
CA SER C 966 20.34 -13.09 4.74
C SER C 966 21.30 -13.65 3.70
N VAL C 967 21.02 -14.83 3.15
CA VAL C 967 21.89 -15.48 2.17
C VAL C 967 21.38 -15.12 0.77
N LEU C 968 22.24 -14.47 0.00
CA LEU C 968 21.87 -13.99 -1.33
C LEU C 968 21.55 -15.15 -2.28
N ASN C 969 22.23 -16.28 -2.12
CA ASN C 969 21.96 -17.41 -2.99
C ASN C 969 20.58 -17.98 -2.73
N ASP C 970 20.06 -17.83 -1.51
CA ASP C 970 18.73 -18.37 -1.25
C ASP C 970 17.69 -17.51 -1.95
N ILE C 971 17.91 -16.19 -1.95
CA ILE C 971 17.00 -15.26 -2.60
C ILE C 971 16.98 -15.53 -4.10
N LEU C 972 18.16 -15.66 -4.70
CA LEU C 972 18.21 -15.88 -6.14
C LEU C 972 17.67 -17.26 -6.53
N SER C 973 17.93 -18.27 -5.70
CA SER C 973 17.42 -19.61 -5.98
C SER C 973 15.89 -19.68 -5.86
N ARG C 974 15.33 -19.05 -4.83
CA ARG C 974 13.90 -19.15 -4.57
C ARG C 974 13.04 -18.21 -5.42
N LEU C 975 13.50 -16.99 -5.68
CA LEU C 975 12.67 -15.99 -6.34
C LEU C 975 13.15 -15.61 -7.73
N ASP C 976 12.16 -15.35 -8.59
CA ASP C 976 12.37 -14.81 -9.92
C ASP C 976 12.85 -13.36 -9.82
N PRO C 977 13.63 -12.88 -10.82
CA PRO C 977 14.21 -11.50 -10.80
C PRO C 977 13.32 -10.40 -10.24
N PRO C 978 12.07 -10.23 -10.70
CA PRO C 978 11.27 -9.10 -10.17
C PRO C 978 11.02 -9.12 -8.67
N GLU C 979 11.12 -10.27 -8.00
CA GLU C 979 10.93 -10.39 -6.55
C GLU C 979 12.29 -10.39 -5.86
N ALA C 980 13.25 -11.04 -6.51
CA ALA C 980 14.59 -11.12 -5.96
C ALA C 980 15.16 -9.73 -5.84
N GLU C 981 14.85 -8.83 -6.78
CA GLU C 981 15.39 -7.48 -6.69
C GLU C 981 14.90 -6.78 -5.43
N VAL C 982 13.67 -7.07 -4.99
CA VAL C 982 13.17 -6.39 -3.79
C VAL C 982 13.94 -6.92 -2.58
N GLN C 983 14.08 -8.25 -2.51
CA GLN C 983 14.75 -8.82 -1.34
C GLN C 983 16.23 -8.41 -1.32
N ILE C 984 16.83 -8.32 -2.50
CA ILE C 984 18.21 -7.94 -2.64
C ILE C 984 18.38 -6.47 -2.28
N ASP C 985 17.48 -5.59 -2.75
CA ASP C 985 17.60 -4.19 -2.37
C ASP C 985 17.50 -4.03 -0.86
N ARG C 986 16.70 -4.85 -0.19
CA ARG C 986 16.65 -4.74 1.27
C ARG C 986 18.00 -5.10 1.87
N LEU C 987 18.64 -6.14 1.33
CA LEU C 987 19.95 -6.53 1.85
C LEU C 987 21.01 -5.49 1.48
N ILE C 988 20.93 -4.92 0.28
CA ILE C 988 21.92 -3.93 -0.14
C ILE C 988 21.83 -2.72 0.77
N THR C 989 20.61 -2.25 1.04
CA THR C 989 20.45 -1.08 1.89
C THR C 989 21.07 -1.34 3.27
N GLY C 990 20.80 -2.51 3.84
CA GLY C 990 21.37 -2.80 5.15
C GLY C 990 22.89 -2.85 5.11
N ARG C 991 23.43 -3.46 4.06
CA ARG C 991 24.87 -3.58 3.92
C ARG C 991 25.50 -2.21 3.70
N LEU C 992 24.81 -1.31 2.97
CA LEU C 992 25.35 0.03 2.73
C LEU C 992 25.46 0.79 4.04
N GLN C 993 24.44 0.71 4.90
CA GLN C 993 24.56 1.41 6.17
C GLN C 993 25.63 0.76 7.05
N SER C 994 25.77 -0.56 6.99
CA SER C 994 26.81 -1.22 7.80
C SER C 994 28.21 -0.76 7.39
N LEU C 995 28.49 -0.72 6.09
CA LEU C 995 29.80 -0.26 5.65
C LEU C 995 30.00 1.23 5.88
N GLN C 996 28.96 2.05 5.69
CA GLN C 996 29.14 3.48 5.90
C GLN C 996 29.40 3.76 7.36
N THR C 997 28.74 3.02 8.25
CA THR C 997 28.96 3.19 9.67
C THR C 997 30.39 2.79 10.02
N TYR C 998 30.84 1.66 9.49
CA TYR C 998 32.21 1.21 9.74
C TYR C 998 33.23 2.25 9.32
N VAL C 999 33.11 2.77 8.09
CA VAL C 999 34.09 3.75 7.62
C VAL C 999 33.99 5.04 8.44
N THR C 1000 32.79 5.50 8.78
CA THR C 1000 32.69 6.73 9.56
C THR C 1000 33.40 6.56 10.90
N GLN C 1001 33.20 5.40 11.55
CA GLN C 1001 33.86 5.18 12.83
C GLN C 1001 35.36 5.10 12.64
N GLN C 1002 35.80 4.50 11.51
CA GLN C 1002 37.22 4.41 11.24
C GLN C 1002 37.83 5.78 10.99
N LEU C 1003 37.10 6.68 10.35
CA LEU C 1003 37.65 8.03 10.12
C LEU C 1003 37.78 8.78 11.43
N ILE C 1004 36.80 8.66 12.31
CA ILE C 1004 36.89 9.36 13.60
C ILE C 1004 38.02 8.77 14.43
N ARG C 1005 38.18 7.48 14.49
CA ARG C 1005 39.24 6.81 15.28
C ARG C 1005 40.58 7.01 14.60
N ALA C 1006 40.62 7.15 13.30
CA ALA C 1006 41.87 7.49 12.65
C ALA C 1006 42.30 8.89 13.03
N ALA C 1007 41.34 9.82 13.15
CA ALA C 1007 41.70 11.17 13.56
C ALA C 1007 42.26 11.15 14.98
N GLU C 1008 41.68 10.32 15.84
CA GLU C 1008 42.19 10.19 17.20
C GLU C 1008 43.62 9.66 17.19
N ILE C 1009 43.86 8.63 16.37
CA ILE C 1009 45.20 8.06 16.26
C ILE C 1009 46.17 9.07 15.69
N ARG C 1010 45.75 9.85 14.69
CA ARG C 1010 46.63 10.87 14.13
C ARG C 1010 47.03 11.87 15.19
N ALA C 1011 46.07 12.30 16.02
CA ALA C 1011 46.40 13.25 17.08
C ALA C 1011 47.40 12.63 18.05
N SER C 1012 47.22 11.34 18.36
CA SER C 1012 48.16 10.68 19.25
C SER C 1012 49.54 10.60 18.61
N ALA C 1013 49.60 10.24 17.32
CA ALA C 1013 50.87 10.14 16.62
C ALA C 1013 51.57 11.49 16.58
N ASN C 1014 50.79 12.58 16.42
CA ASN C 1014 51.39 13.90 16.40
C ASN C 1014 51.95 14.25 17.76
N LEU C 1015 51.30 13.77 18.82
CA LEU C 1015 51.81 14.03 20.15
C LEU C 1015 53.08 13.22 20.37
N ALA C 1016 53.08 11.97 19.92
CA ALA C 1016 54.26 11.12 20.07
C ALA C 1016 55.44 11.70 19.30
N ALA C 1017 55.20 12.23 18.10
CA ALA C 1017 56.29 12.82 17.34
C ALA C 1017 56.79 14.09 18.00
N THR C 1018 55.88 14.88 18.58
CA THR C 1018 56.28 16.10 19.28
C THR C 1018 57.14 15.73 20.47
N LYS C 1019 56.73 14.72 21.24
CA LYS C 1019 57.52 14.29 22.38
C LYS C 1019 58.84 13.70 21.92
N MET C 1020 58.87 12.99 20.80
CA MET C 1020 60.12 12.45 20.31
C MET C 1020 61.11 13.58 20.05
N SER C 1021 60.65 14.64 19.38
CA SER C 1021 61.54 15.75 19.09
C SER C 1021 61.94 16.54 20.33
N GLU C 1022 60.98 16.82 21.23
CA GLU C 1022 61.26 17.67 22.38
C GLU C 1022 61.81 16.95 23.62
N CYS C 1023 61.54 15.67 23.80
CA CYS C 1023 61.98 14.90 24.96
C CYS C 1023 63.20 14.05 24.67
N VAL C 1024 63.27 13.43 23.48
CA VAL C 1024 64.37 12.54 23.14
C VAL C 1024 65.48 13.28 22.44
N LEU C 1025 65.16 14.15 21.48
CA LEU C 1025 66.19 14.86 20.74
C LEU C 1025 66.57 16.17 21.39
N GLY C 1026 66.07 16.43 22.60
CA GLY C 1026 66.34 17.66 23.31
C GLY C 1026 66.06 17.48 24.78
N GLN C 1027 66.02 18.62 25.47
CA GLN C 1027 65.70 18.68 26.89
C GLN C 1027 64.59 19.70 26.97
N SER C 1028 63.47 19.32 27.58
CA SER C 1028 62.27 20.15 27.61
C SER C 1028 62.10 20.86 28.93
N LYS C 1029 61.65 22.11 28.84
CA LYS C 1029 61.34 22.94 30.00
C LYS C 1029 59.84 22.97 30.28
N ARG C 1030 59.06 22.19 29.53
CA ARG C 1030 57.62 22.15 29.69
C ARG C 1030 57.27 21.22 30.85
N VAL C 1031 56.55 21.74 31.84
CA VAL C 1031 56.23 20.98 33.04
C VAL C 1031 55.30 19.82 32.70
N ASP C 1032 55.65 18.64 33.18
CA ASP C 1032 54.92 17.38 32.98
C ASP C 1032 54.81 16.94 31.53
N PHE C 1033 55.51 17.60 30.60
CA PHE C 1033 55.44 17.18 29.22
C PHE C 1033 56.21 15.88 29.02
N CYS C 1034 57.37 15.79 29.67
CA CYS C 1034 58.29 14.67 29.54
C CYS C 1034 58.40 13.97 30.89
N GLY C 1035 57.26 13.71 31.53
CA GLY C 1035 57.21 13.03 32.81
C GLY C 1035 57.19 14.00 33.98
N LYS C 1036 56.97 13.43 35.17
CA LYS C 1036 56.90 14.23 36.38
C LYS C 1036 58.31 14.47 36.91
N GLY C 1037 58.55 15.71 37.33
CA GLY C 1037 59.85 16.12 37.84
C GLY C 1037 60.51 17.03 36.81
N TYR C 1038 61.77 17.37 37.07
CA TYR C 1038 62.48 18.23 36.15
C TYR C 1038 63.07 17.29 35.11
N HIS C 1039 62.87 17.61 33.84
CA HIS C 1039 63.28 16.68 32.79
C HIS C 1039 64.78 16.71 32.55
N LEU C 1040 65.38 15.51 32.54
CA LEU C 1040 66.78 15.34 32.20
C LEU C 1040 66.92 14.76 30.80
N MET C 1041 66.25 13.66 30.52
CA MET C 1041 66.40 13.02 29.20
C MET C 1041 65.30 11.98 29.03
N SER C 1042 65.10 11.53 27.80
CA SER C 1042 64.14 10.46 27.53
C SER C 1042 64.72 9.47 26.52
N PHE C 1043 64.18 8.25 26.57
CA PHE C 1043 64.59 7.16 25.69
C PHE C 1043 63.37 6.50 25.05
N PRO C 1044 63.28 6.41 23.72
CA PRO C 1044 62.15 5.71 23.11
C PRO C 1044 62.31 4.19 23.16
N GLN C 1045 61.18 3.50 23.17
CA GLN C 1045 61.11 2.07 22.97
C GLN C 1045 59.95 1.77 22.03
N SER C 1046 60.17 0.82 21.12
CA SER C 1046 59.14 0.40 20.19
C SER C 1046 58.08 -0.45 20.91
N ALA C 1047 56.83 -0.33 20.47
CA ALA C 1047 55.76 -1.17 20.98
C ALA C 1047 54.81 -1.44 19.83
N PRO C 1048 54.03 -2.53 19.89
CA PRO C 1048 53.05 -2.77 18.82
C PRO C 1048 52.11 -1.59 18.66
N HIS C 1049 52.00 -1.10 17.44
CA HIS C 1049 51.12 0.01 17.10
C HIS C 1049 51.42 1.25 17.93
N GLY C 1050 52.62 1.42 18.46
CA GLY C 1050 52.87 2.62 19.24
C GLY C 1050 54.28 2.71 19.77
N VAL C 1051 54.48 3.72 20.61
CA VAL C 1051 55.78 4.02 21.19
C VAL C 1051 55.65 4.21 22.70
N VAL C 1052 56.67 3.76 23.43
CA VAL C 1052 56.76 3.95 24.87
C VAL C 1052 57.98 4.80 25.14
N PHE C 1053 57.82 5.87 25.89
CA PHE C 1053 58.93 6.75 26.22
C PHE C 1053 59.29 6.52 27.68
N LEU C 1054 60.58 6.38 27.95
CA LEU C 1054 61.08 6.28 29.31
C LEU C 1054 61.63 7.66 29.60
N HIS C 1055 61.02 8.35 30.56
CA HIS C 1055 61.39 9.73 30.86
C HIS C 1055 62.19 9.73 32.14
N VAL C 1056 63.40 10.29 32.07
CA VAL C 1056 64.34 10.36 33.19
C VAL C 1056 64.27 11.79 33.69
N THR C 1057 63.88 11.94 34.96
CA THR C 1057 63.70 13.23 35.60
C THR C 1057 64.43 13.30 36.94
N TYR C 1058 64.69 14.54 37.34
CA TYR C 1058 65.30 14.90 38.62
C TYR C 1058 64.19 15.29 39.57
N VAL C 1059 64.09 14.62 40.72
CA VAL C 1059 63.05 14.89 41.71
C VAL C 1059 63.71 15.36 43.00
N PRO C 1060 63.41 16.57 43.50
CA PRO C 1060 63.99 17.01 44.78
C PRO C 1060 63.62 16.07 45.91
N ALA C 1061 64.54 15.89 46.88
CA ALA C 1061 64.26 15.02 48.01
C ALA C 1061 64.93 15.55 49.26
N GLN C 1062 64.39 15.14 50.40
CA GLN C 1062 64.94 15.45 51.72
C GLN C 1062 65.07 16.96 51.94
N GLU C 1063 63.95 17.67 51.81
CA GLU C 1063 64.00 19.11 52.00
C GLU C 1063 64.16 19.47 53.47
N LYS C 1064 64.74 20.65 53.70
CA LYS C 1064 64.93 21.20 55.03
C LYS C 1064 64.40 22.62 55.11
N ASN C 1065 63.92 22.99 56.31
CA ASN C 1065 63.41 24.32 56.62
C ASN C 1065 64.56 25.28 56.92
N PHE C 1066 64.64 26.37 56.18
CA PHE C 1066 65.63 27.42 56.37
C PHE C 1066 64.92 28.76 56.50
N THR C 1067 65.56 29.70 57.21
CA THR C 1067 65.03 31.06 57.29
C THR C 1067 65.61 31.79 56.08
N THR C 1068 64.81 32.66 55.46
CA THR C 1068 65.28 33.38 54.27
C THR C 1068 65.06 34.88 54.42
N ALA C 1069 65.53 35.62 53.41
CA ALA C 1069 65.40 37.07 53.35
C ALA C 1069 65.50 37.51 51.91
N PRO C 1070 64.73 38.51 51.47
CA PRO C 1070 64.94 39.09 50.12
C PRO C 1070 66.34 39.61 49.81
N ALA C 1071 67.03 40.18 50.79
CA ALA C 1071 68.32 40.79 50.52
C ALA C 1071 69.11 40.91 51.82
N ILE C 1072 70.41 41.12 51.68
CA ILE C 1072 71.30 41.37 52.80
C ILE C 1072 71.71 42.83 52.82
N CYS C 1073 71.57 43.46 53.98
CA CYS C 1073 71.99 44.84 54.21
C CYS C 1073 73.40 44.86 54.80
N HIS C 1074 74.34 45.49 54.10
CA HIS C 1074 75.73 45.50 54.58
C HIS C 1074 76.15 46.86 55.15
N ASP C 1075 76.46 47.81 54.27
CA ASP C 1075 76.87 49.16 54.66
C ASP C 1075 75.80 50.19 54.31
N GLY C 1076 74.57 49.75 54.14
CA GLY C 1076 73.46 50.59 53.75
C GLY C 1076 72.96 50.25 52.35
N LYS C 1077 73.76 49.52 51.57
CA LYS C 1077 73.40 49.04 50.25
C LYS C 1077 72.68 47.70 50.39
N ALA C 1078 71.72 47.47 49.50
CA ALA C 1078 70.96 46.22 49.48
C ALA C 1078 71.57 45.24 48.49
N HIS C 1079 71.94 44.05 48.97
CA HIS C 1079 72.57 43.01 48.17
C HIS C 1079 71.58 41.90 47.86
N PHE C 1080 71.40 41.59 46.57
CA PHE C 1080 70.50 40.58 46.08
C PHE C 1080 71.30 39.40 45.52
N PRO C 1081 70.80 38.17 45.57
CA PRO C 1081 71.59 37.06 45.03
C PRO C 1081 71.61 37.11 43.51
N ARG C 1082 72.73 36.68 42.92
CA ARG C 1082 72.76 36.62 41.46
C ARG C 1082 72.04 35.37 40.95
N GLU C 1083 72.36 34.21 41.54
CA GLU C 1083 71.78 32.93 41.11
C GLU C 1083 71.58 32.08 42.38
N GLY C 1084 70.48 32.29 43.06
CA GLY C 1084 70.24 31.57 44.30
C GLY C 1084 69.37 32.35 45.24
N VAL C 1085 69.23 31.79 46.44
CA VAL C 1085 68.41 32.32 47.51
C VAL C 1085 69.24 32.38 48.79
N PHE C 1086 69.09 33.46 49.55
CA PHE C 1086 69.81 33.58 50.81
C PHE C 1086 69.06 32.74 51.84
N VAL C 1087 69.81 31.95 52.61
CA VAL C 1087 69.24 31.12 53.66
C VAL C 1087 70.04 31.28 54.93
N SER C 1088 69.40 30.94 56.04
CA SER C 1088 70.01 30.91 57.35
C SER C 1088 69.64 29.63 58.05
N ASN C 1089 70.64 29.05 58.72
CA ASN C 1089 70.50 27.86 59.54
C ASN C 1089 70.18 28.23 60.99
N GLY C 1090 69.92 29.52 61.25
CA GLY C 1090 69.62 30.05 62.55
C GLY C 1090 70.73 30.90 63.17
N THR C 1091 71.99 30.74 62.72
CA THR C 1091 73.07 31.57 63.26
C THR C 1091 73.85 32.27 62.15
N HIS C 1092 73.95 31.68 60.94
CA HIS C 1092 74.73 32.23 59.84
C HIS C 1092 73.95 32.23 58.53
N TRP C 1093 74.17 33.28 57.72
CA TRP C 1093 73.57 33.41 56.41
C TRP C 1093 74.51 32.89 55.31
N PHE C 1094 73.93 32.15 54.37
CA PHE C 1094 74.63 31.54 53.25
C PHE C 1094 73.78 31.78 52.00
N LEU C 1095 74.41 31.65 50.84
CA LEU C 1095 73.70 31.69 49.56
C LEU C 1095 73.66 30.26 49.03
N THR C 1096 72.48 29.81 48.59
CA THR C 1096 72.34 28.48 48.01
C THR C 1096 71.63 28.52 46.67
N GLN C 1097 71.91 27.50 45.86
CA GLN C 1097 71.12 27.29 44.65
C GLN C 1097 69.75 26.79 45.10
N ARG C 1098 68.72 27.08 44.30
CA ARG C 1098 67.37 26.76 44.74
C ARG C 1098 67.06 25.27 44.75
N ASN C 1099 67.59 24.48 43.83
CA ASN C 1099 67.19 23.09 43.69
C ASN C 1099 68.14 22.09 44.35
N PHE C 1100 69.10 22.55 45.14
CA PHE C 1100 70.02 21.62 45.81
C PHE C 1100 70.75 22.36 46.91
N TYR C 1101 70.59 21.95 48.16
CA TYR C 1101 71.22 22.68 49.25
C TYR C 1101 72.74 22.52 49.16
N GLU C 1102 73.42 23.64 49.09
CA GLU C 1102 74.87 23.74 49.00
C GLU C 1102 75.27 25.13 49.50
N PRO C 1103 75.44 25.33 50.80
CA PRO C 1103 75.66 26.69 51.31
C PRO C 1103 77.00 27.24 50.88
N GLN C 1104 76.98 28.53 50.53
CA GLN C 1104 78.17 29.28 50.17
C GLN C 1104 78.20 30.56 50.98
N ILE C 1105 79.40 31.10 51.16
CA ILE C 1105 79.56 32.38 51.83
C ILE C 1105 78.99 33.48 50.94
N ILE C 1106 78.25 34.40 51.53
CA ILE C 1106 77.67 35.50 50.76
C ILE C 1106 78.78 36.50 50.52
N THR C 1107 79.10 36.74 49.24
CA THR C 1107 80.18 37.62 48.85
C THR C 1107 79.74 38.55 47.74
N THR C 1108 80.62 39.52 47.44
CA THR C 1108 80.36 40.47 46.36
C THR C 1108 80.39 39.84 44.98
N ASP C 1109 80.85 38.60 44.86
CA ASP C 1109 80.84 37.87 43.59
C ASP C 1109 79.53 37.13 43.38
N ASN C 1110 78.87 36.75 44.47
CA ASN C 1110 77.64 35.96 44.42
C ASN C 1110 76.42 36.84 44.38
N THR C 1111 76.52 38.09 44.82
CA THR C 1111 75.42 39.04 44.88
C THR C 1111 75.68 40.25 44.01
N PHE C 1112 74.63 41.04 43.81
CA PHE C 1112 74.69 42.32 43.10
C PHE C 1112 74.00 43.36 43.97
N VAL C 1113 74.33 44.62 43.74
CA VAL C 1113 73.82 45.73 44.55
C VAL C 1113 72.90 46.63 43.73
N SER C 1114 71.74 46.94 44.30
CA SER C 1114 70.79 47.88 43.70
C SER C 1114 69.98 48.52 44.81
N GLY C 1115 70.09 49.83 44.97
CA GLY C 1115 69.33 50.54 45.99
C GLY C 1115 69.95 50.41 47.37
N ASN C 1116 69.34 51.11 48.33
CA ASN C 1116 69.77 51.07 49.72
C ASN C 1116 68.82 50.20 50.54
N CYS C 1117 69.15 50.05 51.83
CA CYS C 1117 68.42 49.16 52.73
C CYS C 1117 67.04 49.65 53.15
N ASP C 1118 66.65 50.87 52.80
CA ASP C 1118 65.36 51.42 53.23
C ASP C 1118 64.18 51.05 52.35
N VAL C 1119 64.40 50.41 51.20
CA VAL C 1119 63.32 50.13 50.26
C VAL C 1119 62.83 48.69 50.35
N VAL C 1120 63.74 47.71 50.47
CA VAL C 1120 63.34 46.31 50.42
C VAL C 1120 62.65 45.88 51.71
N ILE C 1121 61.48 45.29 51.58
CA ILE C 1121 60.70 44.81 52.71
C ILE C 1121 61.27 43.46 53.15
N GLY C 1122 61.62 43.35 54.42
CA GLY C 1122 62.18 42.11 54.94
C GLY C 1122 63.67 41.96 54.78
N ILE C 1123 64.39 43.05 54.52
CA ILE C 1123 65.83 43.00 54.39
C ILE C 1123 66.45 42.75 55.77
N VAL C 1124 67.51 41.95 55.83
CA VAL C 1124 68.17 41.64 57.09
C VAL C 1124 69.60 42.13 57.07
N ASN C 1125 70.12 42.38 58.28
CA ASN C 1125 71.48 42.85 58.48
C ASN C 1125 72.46 41.69 58.58
N ASN C 1126 73.43 41.63 57.66
CA ASN C 1126 74.45 40.60 57.68
C ASN C 1126 75.69 41.20 57.04
N THR C 1127 76.76 40.41 56.97
CA THR C 1127 78.01 40.83 56.36
C THR C 1127 78.19 40.15 55.00
N VAL C 1128 78.39 40.96 53.97
CA VAL C 1128 78.70 40.50 52.63
C VAL C 1128 80.21 40.66 52.49
N TYR C 1129 80.90 39.59 52.16
CA TYR C 1129 82.36 39.64 52.11
C TYR C 1129 82.83 40.02 50.72
N ASP C 1130 83.76 40.95 50.67
CA ASP C 1130 84.39 41.34 49.41
C ASP C 1130 85.77 40.70 49.47
N PRO C 1131 86.08 39.66 48.71
CA PRO C 1131 87.41 39.04 48.80
C PRO C 1131 88.59 39.94 48.43
N LEU C 1132 88.39 40.84 47.47
CA LEU C 1132 89.49 41.72 47.00
C LEU C 1132 90.05 42.43 48.22
N GLN C 1133 89.22 43.22 48.87
CA GLN C 1133 89.73 44.03 50.00
C GLN C 1133 90.24 43.04 51.05
N LEU C 1134 89.58 41.94 51.31
CA LEU C 1134 90.15 41.05 52.35
C LEU C 1134 91.52 40.50 51.92
N GLU C 1135 91.66 40.01 50.70
CA GLU C 1135 92.92 39.41 50.21
C GLU C 1135 93.96 40.51 50.02
N LEU C 1136 93.52 41.68 49.57
CA LEU C 1136 94.48 42.80 49.50
C LEU C 1136 94.95 43.04 50.94
N ASP C 1137 94.05 42.99 51.92
CA ASP C 1137 94.48 43.11 53.34
C ASP C 1137 95.39 41.96 53.81
N SER C 1138 95.11 40.71 53.42
CA SER C 1138 95.93 39.53 53.80
C SER C 1138 97.35 39.67 53.23
N PHE C 1139 97.48 40.15 52.00
CA PHE C 1139 98.84 40.48 51.51
C PHE C 1139 99.22 41.59 52.45
N LYS C 1140 100.48 41.69 52.86
CA LYS C 1140 100.76 42.68 53.93
C LYS C 1140 100.42 44.11 53.45
N GLU C 1141 99.74 44.88 54.30
CA GLU C 1141 99.33 46.27 53.95
C GLU C 1141 100.14 47.26 54.81
N GLU C 1142 101.39 46.91 55.16
CA GLU C 1142 102.29 47.84 55.92
C GLU C 1142 102.98 48.84 54.96
N LEU C 1143 103.41 48.40 53.78
CA LEU C 1143 103.95 49.30 52.73
C LEU C 1143 105.16 50.14 53.18
N ASP C 1144 106.10 49.57 53.91
CA ASP C 1144 107.31 50.37 54.23
C ASP C 1144 107.99 50.78 52.92
N THR D 21 39.75 -20.47 -47.62
CA THR D 21 39.56 -20.67 -46.19
C THR D 21 39.62 -19.33 -45.46
N THR D 22 40.02 -19.35 -44.19
CA THR D 22 40.13 -18.15 -43.37
C THR D 22 41.59 -17.72 -43.28
N GLN D 23 41.83 -16.42 -43.47
CA GLN D 23 43.19 -15.90 -43.41
C GLN D 23 43.58 -15.69 -41.95
N SER D 24 44.89 -15.58 -41.73
CA SER D 24 45.44 -15.45 -40.38
C SER D 24 44.76 -14.32 -39.61
N TYR D 25 44.44 -14.60 -38.35
CA TYR D 25 43.76 -13.62 -37.51
C TYR D 25 44.71 -12.47 -37.18
N THR D 26 44.17 -11.25 -37.10
CA THR D 26 44.95 -10.07 -36.76
C THR D 26 44.47 -9.49 -35.44
N ASN D 27 45.31 -8.63 -34.87
CA ASN D 27 45.09 -7.96 -33.59
C ASN D 27 44.79 -6.47 -33.79
N PHE D 28 43.52 -6.08 -33.57
CA PHE D 28 43.06 -4.71 -33.83
C PHE D 28 42.89 -3.89 -32.55
N THR D 29 43.09 -2.59 -32.70
CA THR D 29 42.83 -1.58 -31.66
C THR D 29 41.78 -0.59 -32.18
N ARG D 30 41.02 -1.01 -33.20
CA ARG D 30 39.98 -0.23 -33.85
C ARG D 30 38.62 -0.78 -33.47
N GLY D 31 37.57 -0.07 -33.88
CA GLY D 31 36.21 -0.46 -33.58
C GLY D 31 35.53 0.38 -32.52
N VAL D 32 36.13 1.50 -32.13
CA VAL D 32 35.54 2.42 -31.17
C VAL D 32 34.59 3.33 -31.92
N TYR D 33 33.42 3.55 -31.34
CA TYR D 33 32.35 4.35 -31.93
C TYR D 33 31.75 5.25 -30.87
N TYR D 34 31.06 6.29 -31.33
CA TYR D 34 30.45 7.21 -30.39
C TYR D 34 29.28 6.48 -29.72
N PRO D 35 29.33 6.21 -28.41
CA PRO D 35 28.28 5.39 -27.79
C PRO D 35 26.92 6.05 -27.71
N ASP D 36 26.83 7.37 -27.76
CA ASP D 36 25.54 8.05 -27.64
C ASP D 36 25.55 9.32 -28.47
N LYS D 37 24.55 10.18 -28.22
CA LYS D 37 24.33 11.40 -28.97
C LYS D 37 24.76 12.62 -28.17
N VAL D 38 25.59 12.42 -27.14
CA VAL D 38 26.00 13.48 -26.23
C VAL D 38 27.36 14.09 -26.56
N PHE D 39 27.39 15.41 -26.60
CA PHE D 39 28.60 16.22 -26.79
C PHE D 39 29.37 16.33 -25.48
N ARG D 40 30.68 16.07 -25.54
CA ARG D 40 31.55 16.21 -24.38
C ARG D 40 32.79 16.96 -24.82
N SER D 41 33.32 17.84 -23.98
CA SER D 41 34.45 18.69 -24.35
C SER D 41 35.62 18.58 -23.37
N SER D 42 36.75 18.10 -23.86
CA SER D 42 37.98 17.92 -23.08
C SER D 42 37.78 17.15 -21.78
N VAL D 43 37.04 16.04 -21.85
CA VAL D 43 36.83 15.18 -20.69
C VAL D 43 37.17 13.76 -21.08
N LEU D 44 37.38 12.93 -20.06
CA LEU D 44 37.57 11.50 -20.23
C LEU D 44 36.32 10.84 -19.67
N HIS D 45 35.60 10.11 -20.51
CA HIS D 45 34.34 9.49 -20.12
C HIS D 45 34.49 7.98 -20.05
N LEU D 46 34.17 7.40 -18.90
CA LEU D 46 34.27 5.96 -18.71
C LEU D 46 32.89 5.39 -18.93
N THR D 47 32.74 4.47 -19.88
CA THR D 47 31.42 3.92 -20.19
C THR D 47 31.51 2.43 -20.43
N GLN D 48 30.40 1.73 -20.15
CA GLN D 48 30.27 0.30 -20.40
C GLN D 48 29.25 0.10 -21.51
N ASP D 49 29.67 -0.55 -22.59
CA ASP D 49 28.88 -0.81 -23.80
C ASP D 49 29.54 -1.98 -24.51
N LEU D 50 28.99 -2.34 -25.66
CA LEU D 50 29.55 -3.42 -26.46
C LEU D 50 30.57 -2.85 -27.42
N PHE D 51 31.83 -3.28 -27.27
CA PHE D 51 32.94 -2.79 -28.07
C PHE D 51 33.77 -3.96 -28.55
N LEU D 52 34.49 -3.74 -29.65
CA LEU D 52 35.45 -4.72 -30.10
C LEU D 52 36.61 -4.63 -29.11
N PRO D 53 37.00 -5.70 -28.42
CA PRO D 53 38.14 -5.57 -27.50
C PRO D 53 39.42 -5.26 -28.25
N PHE D 54 40.32 -4.55 -27.58
CA PHE D 54 41.59 -4.26 -28.23
C PHE D 54 42.39 -5.54 -28.29
N PHE D 55 43.07 -5.76 -29.41
CA PHE D 55 43.91 -6.92 -29.66
C PHE D 55 43.11 -8.22 -29.67
N SER D 56 41.80 -8.15 -29.92
CA SER D 56 41.01 -9.35 -30.08
C SER D 56 41.31 -9.99 -31.43
N ASN D 57 40.88 -11.23 -31.60
CA ASN D 57 41.10 -11.90 -32.88
C ASN D 57 39.97 -11.54 -33.85
N VAL D 58 40.32 -10.81 -34.91
CA VAL D 58 39.38 -10.38 -35.93
C VAL D 58 39.58 -11.30 -37.12
N THR D 59 38.51 -11.88 -37.64
CA THR D 59 38.64 -12.87 -38.69
C THR D 59 38.81 -12.18 -40.03
N TRP D 60 39.85 -12.58 -40.77
CA TRP D 60 40.21 -11.98 -42.05
C TRP D 60 39.74 -12.90 -43.19
N PHE D 61 38.91 -12.35 -44.06
CA PHE D 61 38.35 -13.09 -45.20
C PHE D 61 38.84 -12.50 -46.52
N ALA D 63 42.09 -18.27 -49.32
CA ALA D 63 41.48 -17.53 -48.22
C ALA D 63 41.27 -16.06 -48.57
N ILE D 64 41.91 -15.60 -49.64
CA ILE D 64 41.72 -14.23 -50.13
C ILE D 64 40.38 -14.22 -50.86
N SER D 65 39.55 -13.22 -50.55
CA SER D 65 38.16 -13.07 -51.00
C SER D 65 37.25 -13.98 -50.19
N GLY D 66 37.75 -14.61 -49.11
CA GLY D 66 36.94 -15.44 -48.23
C GLY D 66 37.18 -16.92 -48.42
N THR D 67 36.27 -17.70 -47.84
CA THR D 67 36.43 -19.15 -47.81
C THR D 67 36.14 -19.79 -49.15
N ASN D 68 35.48 -19.06 -50.05
CA ASN D 68 35.15 -19.52 -51.39
C ASN D 68 35.90 -18.63 -52.37
N GLY D 69 36.18 -19.15 -53.56
CA GLY D 69 36.93 -18.37 -54.52
C GLY D 69 36.12 -17.23 -55.11
N THR D 70 36.84 -16.41 -55.88
CA THR D 70 36.25 -15.21 -56.46
C THR D 70 35.02 -15.53 -57.32
N LYS D 71 35.07 -16.63 -58.08
CA LYS D 71 33.97 -16.97 -58.98
C LYS D 71 32.87 -17.81 -58.35
N ARG D 72 32.98 -18.21 -57.07
CA ARG D 72 31.97 -19.05 -56.46
C ARG D 72 30.94 -18.19 -55.70
N PHE D 73 29.69 -18.66 -55.73
CA PHE D 73 28.55 -17.96 -55.10
C PHE D 73 28.49 -18.10 -53.58
N ASP D 74 29.05 -19.16 -53.01
CA ASP D 74 28.99 -19.43 -51.57
C ASP D 74 29.78 -18.39 -50.77
N ASN D 75 29.40 -18.22 -49.50
CA ASN D 75 30.11 -17.32 -48.59
C ASN D 75 30.08 -17.88 -47.19
N PRO D 76 30.86 -17.29 -46.25
CA PRO D 76 30.93 -17.80 -44.87
C PRO D 76 29.66 -17.82 -44.01
N VAL D 77 28.61 -17.05 -44.32
CA VAL D 77 27.38 -16.97 -43.50
C VAL D 77 27.67 -16.92 -42.01
N LEU D 78 28.39 -15.88 -41.59
CA LEU D 78 28.90 -15.74 -40.23
C LEU D 78 27.81 -15.45 -39.19
N PRO D 79 28.04 -15.82 -37.92
CA PRO D 79 27.10 -15.48 -36.85
C PRO D 79 27.15 -14.00 -36.51
N PHE D 80 26.05 -13.50 -35.93
CA PHE D 80 25.96 -12.12 -35.43
C PHE D 80 25.87 -12.17 -33.90
N ASN D 81 27.04 -12.17 -33.25
CA ASN D 81 27.11 -12.40 -31.79
C ASN D 81 26.96 -11.09 -31.02
N ASP D 82 25.72 -10.62 -30.90
CA ASP D 82 25.37 -9.38 -30.20
C ASP D 82 26.17 -8.17 -30.69
N GLY D 83 26.33 -8.05 -32.00
CA GLY D 83 27.01 -6.94 -32.65
C GLY D 83 28.29 -7.37 -33.34
N VAL D 84 28.50 -6.82 -34.53
CA VAL D 84 29.63 -7.17 -35.40
C VAL D 84 30.36 -5.94 -35.90
N TYR D 85 31.69 -6.00 -35.90
CA TYR D 85 32.56 -5.01 -36.50
C TYR D 85 32.96 -5.53 -37.86
N PHE D 86 32.84 -4.70 -38.90
CA PHE D 86 33.16 -5.08 -40.26
C PHE D 86 34.02 -4.01 -40.92
N ALA D 87 35.04 -4.43 -41.66
CA ALA D 87 35.81 -3.45 -42.41
C ALA D 87 36.41 -4.08 -43.66
N SER D 88 36.64 -3.25 -44.68
CA SER D 88 37.31 -3.72 -45.89
C SER D 88 37.84 -2.51 -46.65
N THR D 89 39.03 -2.61 -47.22
CA THR D 89 39.60 -1.52 -48.00
C THR D 89 39.37 -1.82 -49.46
N GLU D 90 38.57 -0.99 -50.12
CA GLU D 90 38.21 -1.17 -51.52
C GLU D 90 38.12 0.15 -52.25
N LYS D 91 38.55 0.15 -53.51
CA LYS D 91 38.36 1.27 -54.42
C LYS D 91 37.34 0.94 -55.49
N SER D 92 37.26 -0.34 -55.85
CA SER D 92 36.40 -0.89 -56.90
C SER D 92 34.98 -1.18 -56.41
N ASN D 93 34.72 -1.04 -55.10
CA ASN D 93 33.40 -1.29 -54.52
C ASN D 93 32.86 -2.69 -54.83
N ILE D 94 33.69 -3.70 -54.61
CA ILE D 94 33.25 -5.08 -54.83
C ILE D 94 32.19 -5.46 -53.80
N ILE D 95 32.40 -5.09 -52.54
CA ILE D 95 31.43 -5.40 -51.49
C ILE D 95 30.35 -4.34 -51.54
N ARG D 96 29.09 -4.77 -51.71
CA ARG D 96 27.98 -3.83 -51.83
C ARG D 96 26.96 -3.89 -50.70
N GLY D 97 26.91 -4.97 -49.93
CA GLY D 97 25.88 -4.99 -48.90
C GLY D 97 25.95 -6.19 -47.98
N TRP D 98 24.97 -6.25 -47.09
CA TRP D 98 24.86 -7.28 -46.07
C TRP D 98 23.41 -7.70 -45.91
N ILE D 99 23.22 -8.94 -45.50
CA ILE D 99 21.90 -9.46 -45.12
C ILE D 99 21.97 -9.89 -43.66
N PHE D 100 21.06 -9.38 -42.84
CA PHE D 100 20.98 -9.73 -41.43
C PHE D 100 19.65 -10.44 -41.19
N GLY D 101 19.65 -11.48 -40.38
CA GLY D 101 18.41 -12.17 -40.11
C GLY D 101 18.62 -13.34 -39.17
N THR D 102 17.59 -14.16 -39.05
CA THR D 102 17.62 -15.33 -38.18
C THR D 102 17.72 -16.64 -38.95
N THR D 103 17.01 -16.78 -40.08
CA THR D 103 17.08 -17.98 -40.91
C THR D 103 17.66 -17.71 -42.27
N LEU D 104 17.57 -16.47 -42.76
CA LEU D 104 18.10 -16.08 -44.07
C LEU D 104 17.58 -16.96 -45.20
N ASP D 105 16.30 -17.38 -45.12
CA ASP D 105 15.77 -18.30 -46.13
C ASP D 105 14.32 -18.04 -46.57
N SER D 106 13.76 -16.85 -46.35
CA SER D 106 12.39 -16.46 -46.69
C SER D 106 11.35 -16.96 -45.68
N LYS D 107 11.73 -17.78 -44.70
CA LYS D 107 10.76 -18.30 -43.75
C LYS D 107 10.35 -17.27 -42.71
N THR D 108 11.14 -16.21 -42.55
CA THR D 108 10.85 -15.14 -41.60
C THR D 108 11.46 -13.86 -42.15
N GLN D 109 11.45 -12.81 -41.35
CA GLN D 109 11.90 -11.51 -41.80
C GLN D 109 13.42 -11.41 -41.80
N SER D 110 13.95 -10.71 -42.81
CA SER D 110 15.37 -10.40 -42.89
C SER D 110 15.54 -8.98 -43.39
N LEU D 111 16.67 -8.39 -42.98
CA LEU D 111 17.08 -7.03 -43.26
C LEU D 111 18.16 -7.02 -44.35
N LEU D 112 17.86 -6.38 -45.48
CA LEU D 112 18.75 -6.27 -46.64
C LEU D 112 19.32 -4.85 -46.73
N ILE D 113 20.65 -4.72 -46.68
CA ILE D 113 21.33 -3.43 -46.81
C ILE D 113 22.17 -3.50 -48.08
N VAL D 114 21.83 -2.69 -49.08
CA VAL D 114 22.61 -2.72 -50.33
C VAL D 114 22.92 -1.30 -50.79
N ASN D 115 24.07 -1.18 -51.47
CA ASN D 115 24.54 0.06 -52.07
C ASN D 115 24.62 -0.09 -53.59
N ASN D 116 23.85 0.73 -54.32
CA ASN D 116 23.83 0.72 -55.77
C ASN D 116 24.67 1.85 -56.36
N ALA D 117 25.48 2.51 -55.51
CA ALA D 117 26.32 3.66 -55.83
C ALA D 117 25.50 4.88 -56.23
N THR D 118 24.26 4.95 -55.79
CA THR D 118 23.41 6.14 -55.93
C THR D 118 22.70 6.44 -54.62
N ASN D 119 22.30 5.39 -53.90
CA ASN D 119 21.60 5.47 -52.62
C ASN D 119 21.88 4.16 -51.89
N VAL D 120 21.70 4.17 -50.57
CA VAL D 120 21.74 2.94 -49.78
C VAL D 120 20.29 2.61 -49.48
N PHE D 121 19.93 1.35 -49.74
CA PHE D 121 18.58 0.84 -49.58
C PHE D 121 18.58 -0.21 -48.46
N ILE D 122 17.80 0.07 -47.42
CA ILE D 122 17.65 -0.81 -46.27
C ILE D 122 16.20 -1.29 -46.30
N LYS D 123 15.99 -2.60 -46.41
CA LYS D 123 14.65 -3.15 -46.51
C LYS D 123 14.48 -4.31 -45.55
N VAL D 124 13.26 -4.47 -45.03
CA VAL D 124 12.89 -5.62 -44.23
C VAL D 124 11.74 -6.30 -44.94
N CYS D 125 11.96 -7.58 -45.31
CA CYS D 125 11.02 -8.44 -46.02
C CYS D 125 11.37 -9.89 -45.71
N GLU D 126 10.46 -10.79 -46.08
CA GLU D 126 10.72 -12.24 -45.99
C GLU D 126 11.44 -12.61 -47.29
N PHE D 127 12.71 -12.25 -47.34
CA PHE D 127 13.53 -12.41 -48.53
C PHE D 127 13.98 -13.85 -48.75
N GLN D 128 13.94 -14.27 -50.03
CA GLN D 128 14.46 -15.56 -50.45
C GLN D 128 15.82 -15.32 -51.09
N PHE D 129 16.90 -15.74 -50.41
CA PHE D 129 18.25 -15.52 -50.93
C PHE D 129 18.46 -16.36 -52.19
N CYS D 130 19.07 -15.75 -53.21
CA CYS D 130 19.27 -16.39 -54.52
C CYS D 130 20.75 -16.57 -54.87
N ASN D 131 21.59 -16.93 -53.90
CA ASN D 131 23.01 -17.19 -54.15
C ASN D 131 23.69 -16.01 -54.84
N ASP D 132 23.41 -14.81 -54.34
CA ASP D 132 23.95 -13.59 -54.95
C ASP D 132 25.49 -13.62 -55.00
N PRO D 133 26.11 -13.28 -56.15
CA PRO D 133 27.57 -13.16 -56.16
C PRO D 133 28.05 -11.77 -55.78
N MET D 146 33.60 -13.61 -64.53
CA MET D 146 34.27 -12.65 -63.67
C MET D 146 33.60 -11.28 -63.82
N GLU D 147 33.30 -10.65 -62.68
CA GLU D 147 32.61 -9.36 -62.65
C GLU D 147 31.29 -9.41 -63.40
N SER D 148 30.56 -10.52 -63.23
CA SER D 148 29.26 -10.73 -63.84
C SER D 148 28.19 -10.33 -62.84
N GLU D 149 27.36 -9.34 -63.20
CA GLU D 149 26.33 -8.85 -62.31
C GLU D 149 25.08 -9.69 -62.47
N SER D 150 24.50 -10.11 -61.34
CA SER D 150 23.26 -10.88 -61.29
C SER D 150 22.35 -10.25 -60.26
N GLY D 151 21.04 -10.39 -60.47
CA GLY D 151 20.09 -9.90 -59.49
C GLY D 151 19.89 -10.88 -58.36
N VAL D 152 19.36 -10.37 -57.26
CA VAL D 152 19.05 -11.16 -56.08
C VAL D 152 17.64 -10.86 -55.59
N TYR D 153 16.99 -11.90 -55.05
CA TYR D 153 15.64 -11.89 -54.49
C TYR D 153 14.57 -11.85 -55.58
N SER D 154 14.44 -12.94 -56.32
CA SER D 154 13.38 -13.06 -57.31
C SER D 154 12.00 -13.16 -56.66
N SER D 155 11.95 -13.48 -55.36
CA SER D 155 10.71 -13.57 -54.61
C SER D 155 10.94 -13.05 -53.21
N ALA D 156 10.02 -12.20 -52.75
CA ALA D 156 10.00 -11.67 -51.40
C ALA D 156 8.58 -11.27 -51.10
N ASN D 157 8.17 -11.40 -49.84
CA ASN D 157 6.83 -11.00 -49.44
C ASN D 157 6.87 -10.44 -48.02
N ASN D 158 5.70 -10.03 -47.55
CA ASN D 158 5.48 -9.49 -46.21
C ASN D 158 6.51 -8.42 -45.86
N CYS D 159 6.69 -7.47 -46.76
CA CYS D 159 7.66 -6.40 -46.55
C CYS D 159 7.14 -5.38 -45.55
N THR D 160 7.92 -5.15 -44.50
CA THR D 160 7.53 -4.29 -43.41
C THR D 160 8.33 -3.01 -43.31
N PHE D 161 9.51 -2.92 -43.94
CA PHE D 161 10.29 -1.69 -43.73
C PHE D 161 11.09 -1.36 -44.98
N GLU D 162 11.16 -0.07 -45.30
CA GLU D 162 12.03 0.46 -46.35
C GLU D 162 12.57 1.81 -45.91
N TYR D 163 13.86 1.99 -46.13
CA TYR D 163 14.60 3.21 -45.86
C TYR D 163 15.59 3.44 -46.99
N VAL D 164 15.70 4.70 -47.43
CA VAL D 164 16.64 5.07 -48.47
C VAL D 164 17.37 6.31 -47.99
N SER D 165 18.68 6.32 -48.17
CA SER D 165 19.49 7.49 -47.82
C SER D 165 20.70 7.51 -48.73
N GLN D 166 21.52 8.57 -48.63
CA GLN D 166 22.72 8.60 -49.47
C GLN D 166 23.54 7.35 -49.22
N PRO D 167 24.35 6.87 -50.18
CA PRO D 167 25.06 5.61 -49.99
C PRO D 167 25.96 5.55 -48.76
N PHE D 168 26.00 4.38 -48.10
CA PHE D 168 26.89 4.25 -46.95
C PHE D 168 28.34 4.39 -47.37
N LEU D 169 28.66 3.84 -48.55
CA LEU D 169 30.00 3.84 -49.13
C LEU D 169 30.39 5.15 -49.80
N MET D 170 29.47 6.09 -50.00
CA MET D 170 29.78 7.30 -50.79
C MET D 170 28.97 8.46 -50.24
N LYS D 180 40.59 2.22 -51.36
CA LYS D 180 41.06 3.57 -51.04
C LYS D 180 40.55 3.95 -49.64
N ASN D 181 39.26 3.73 -49.40
CA ASN D 181 38.64 4.00 -48.10
C ASN D 181 38.48 2.67 -47.38
N LEU D 182 38.81 2.69 -46.09
CA LEU D 182 38.74 1.51 -45.23
C LEU D 182 37.32 0.99 -45.02
N ARG D 183 36.31 1.86 -45.04
CA ARG D 183 34.91 1.44 -44.88
C ARG D 183 34.64 0.73 -43.56
N GLU D 184 34.98 1.34 -42.43
CA GLU D 184 34.72 0.70 -41.16
C GLU D 184 33.25 0.84 -40.83
N PHE D 185 32.62 -0.26 -40.39
CA PHE D 185 31.24 -0.27 -39.95
C PHE D 185 31.09 -1.05 -38.65
N VAL D 186 30.14 -0.63 -37.83
CA VAL D 186 29.68 -1.39 -36.66
C VAL D 186 28.19 -1.57 -36.80
N PHE D 187 27.75 -2.84 -36.71
CA PHE D 187 26.35 -3.23 -36.82
C PHE D 187 25.92 -3.79 -35.46
N LYS D 188 25.03 -3.08 -34.77
CA LYS D 188 24.58 -3.46 -33.44
C LYS D 188 23.06 -3.55 -33.45
N ASN D 189 22.48 -4.46 -32.66
CA ASN D 189 21.03 -4.65 -32.65
C ASN D 189 20.51 -4.74 -31.20
N ILE D 190 20.01 -3.63 -30.67
CA ILE D 190 19.58 -3.54 -29.28
C ILE D 190 18.13 -3.09 -29.17
N ASP D 191 17.33 -3.89 -28.44
CA ASP D 191 15.91 -3.66 -28.14
C ASP D 191 15.15 -3.39 -29.45
N GLY D 192 15.51 -4.12 -30.49
CA GLY D 192 14.83 -4.01 -31.76
C GLY D 192 15.41 -2.98 -32.71
N TYR D 193 16.30 -2.11 -32.25
CA TYR D 193 16.89 -1.08 -33.09
C TYR D 193 18.23 -1.51 -33.65
N PHE D 194 18.35 -1.41 -34.97
CA PHE D 194 19.54 -1.78 -35.70
C PHE D 194 20.33 -0.50 -35.90
N LYS D 195 21.45 -0.40 -35.22
CA LYS D 195 22.28 0.78 -35.15
C LYS D 195 23.50 0.55 -36.03
N ILE D 196 23.75 1.46 -36.97
CA ILE D 196 24.87 1.34 -37.88
C ILE D 196 25.73 2.58 -37.70
N TYR D 197 27.03 2.35 -37.48
CA TYR D 197 28.05 3.38 -37.30
C TYR D 197 29.07 3.17 -38.39
N SER D 198 29.74 4.24 -38.85
CA SER D 198 30.80 4.02 -39.83
C SER D 198 31.78 5.18 -39.91
N LYS D 199 32.91 4.87 -40.55
CA LYS D 199 33.95 5.82 -40.92
C LYS D 199 34.60 5.37 -42.22
N HIS D 200 34.87 6.35 -43.09
CA HIS D 200 35.53 6.14 -44.38
C HIS D 200 36.80 6.99 -44.37
N THR D 201 37.97 6.35 -44.07
CA THR D 201 39.24 7.07 -44.02
C THR D 201 40.13 6.67 -45.19
N PRO D 202 40.86 7.61 -45.83
CA PRO D 202 41.73 7.22 -46.93
C PRO D 202 42.97 6.49 -46.42
N ILE D 203 43.49 5.59 -47.26
CA ILE D 203 44.74 4.90 -46.96
C ILE D 203 45.45 4.61 -48.27
N ILE D 204 46.78 4.79 -48.29
CA ILE D 204 47.57 4.55 -49.51
C ILE D 204 48.59 3.42 -49.37
N GLY D 205 49.53 3.56 -48.44
CA GLY D 205 50.64 2.63 -48.31
C GLY D 205 50.55 1.59 -47.21
N ARG D 206 49.40 1.45 -46.56
CA ARG D 206 49.21 0.54 -45.45
C ARG D 206 47.91 -0.21 -45.62
N ASP D 207 47.81 -1.34 -44.92
CA ASP D 207 46.53 -2.03 -44.91
C ASP D 207 45.57 -1.30 -43.98
N PHE D 208 46.10 -0.81 -42.85
CA PHE D 208 45.36 -0.07 -41.84
C PHE D 208 46.10 1.19 -41.39
N PRO D 209 45.40 2.30 -41.09
CA PRO D 209 46.11 3.51 -40.67
C PRO D 209 46.74 3.34 -39.29
N GLN D 210 47.83 4.07 -39.07
CA GLN D 210 48.51 4.01 -37.79
C GLN D 210 47.72 4.66 -36.66
N GLY D 211 46.93 5.70 -36.94
CA GLY D 211 46.27 6.46 -35.90
C GLY D 211 44.92 5.90 -35.50
N PHE D 212 44.23 6.68 -34.66
CA PHE D 212 42.93 6.34 -34.10
C PHE D 212 41.82 7.13 -34.78
N SER D 213 40.71 6.45 -35.06
CA SER D 213 39.54 7.08 -35.62
C SER D 213 38.31 6.36 -35.09
N ALA D 214 37.41 7.12 -34.47
CA ALA D 214 36.18 6.56 -33.91
C ALA D 214 35.12 6.59 -34.98
N LEU D 215 34.17 5.68 -34.89
CA LEU D 215 33.10 5.59 -35.87
C LEU D 215 31.88 6.39 -35.44
N GLU D 216 31.45 7.29 -36.31
CA GLU D 216 30.28 8.12 -36.07
C GLU D 216 29.02 7.34 -36.43
N PRO D 217 27.89 7.61 -35.77
CA PRO D 217 26.67 6.91 -36.17
C PRO D 217 26.20 7.35 -37.53
N LEU D 218 25.60 6.42 -38.27
CA LEU D 218 24.97 6.72 -39.54
C LEU D 218 23.47 6.65 -39.43
N VAL D 219 22.95 5.57 -38.84
CA VAL D 219 21.49 5.39 -38.81
C VAL D 219 21.14 4.51 -37.63
N ASP D 220 19.93 4.73 -37.10
CA ASP D 220 19.41 3.97 -35.98
C ASP D 220 17.96 3.67 -36.35
N LEU D 221 17.68 2.42 -36.81
CA LEU D 221 16.38 2.07 -37.38
C LEU D 221 15.59 1.07 -36.53
N PRO D 222 14.22 1.21 -36.39
CA PRO D 222 13.36 0.26 -35.62
C PRO D 222 12.99 -1.03 -36.37
N ILE D 223 13.98 -1.89 -36.66
CA ILE D 223 13.71 -3.09 -37.45
C ILE D 223 12.95 -4.14 -36.64
N GLY D 224 13.22 -4.37 -35.38
CA GLY D 224 12.43 -5.41 -34.70
C GLY D 224 12.81 -6.82 -35.13
N ILE D 225 13.74 -6.99 -36.09
CA ILE D 225 14.24 -8.36 -36.47
C ILE D 225 15.10 -8.98 -35.35
N ASN D 226 15.09 -10.30 -35.17
CA ASN D 226 15.99 -10.99 -34.20
C ASN D 226 17.49 -10.87 -34.58
N ILE D 227 17.89 -10.94 -35.86
CA ILE D 227 19.32 -10.77 -36.33
C ILE D 227 20.36 -11.73 -35.70
N THR D 228 20.11 -13.04 -35.61
CA THR D 228 21.08 -14.07 -35.14
C THR D 228 22.32 -14.20 -36.03
N ARG D 229 22.25 -14.12 -37.36
CA ARG D 229 23.43 -14.40 -38.24
C ARG D 229 23.50 -13.46 -39.45
N PHE D 230 24.55 -13.48 -40.29
CA PHE D 230 24.58 -12.50 -41.42
C PHE D 230 25.50 -12.95 -42.57
N GLN D 231 25.37 -12.33 -43.77
CA GLN D 231 26.27 -12.63 -44.87
C GLN D 231 26.66 -11.37 -45.63
N THR D 232 27.85 -11.40 -46.23
CA THR D 232 28.38 -10.29 -47.00
C THR D 232 28.14 -10.55 -48.49
N LEU D 233 27.57 -9.56 -49.18
CA LEU D 233 27.32 -9.64 -50.62
C LEU D 233 28.38 -8.83 -51.36
N LEU D 234 29.19 -9.52 -52.16
CA LEU D 234 30.31 -8.89 -52.83
C LEU D 234 30.51 -9.55 -54.19
N ALA D 235 30.80 -8.72 -55.20
CA ALA D 235 31.00 -9.20 -56.56
C ALA D 235 32.26 -10.05 -56.66
N ASP D 256 38.67 -9.43 -49.24
CA ASP D 256 39.62 -8.88 -48.29
C ASP D 256 38.91 -8.02 -47.25
N TYR D 257 37.91 -8.61 -46.61
CA TYR D 257 37.19 -7.98 -45.51
C TYR D 257 37.53 -8.66 -44.20
N TYR D 258 37.40 -7.89 -43.13
CA TYR D 258 37.71 -8.28 -41.76
C TYR D 258 36.45 -8.20 -40.94
N VAL D 259 36.23 -9.22 -40.11
CA VAL D 259 35.06 -9.30 -39.24
C VAL D 259 35.52 -9.57 -37.81
N GLY D 260 35.05 -8.74 -36.87
CA GLY D 260 35.34 -8.93 -35.47
C GLY D 260 33.99 -8.94 -34.76
N TYR D 261 33.99 -9.33 -33.49
CA TYR D 261 32.75 -9.36 -32.73
C TYR D 261 32.82 -8.47 -31.50
N LEU D 262 31.70 -7.86 -31.17
CA LEU D 262 31.62 -6.98 -30.01
C LEU D 262 31.30 -7.79 -28.76
N GLN D 263 31.84 -7.35 -27.63
CA GLN D 263 31.55 -7.92 -26.32
C GLN D 263 31.34 -6.79 -25.32
N PRO D 264 30.59 -7.03 -24.24
CA PRO D 264 30.52 -6.01 -23.19
C PRO D 264 31.90 -5.69 -22.63
N ARG D 265 32.21 -4.41 -22.60
CA ARG D 265 33.47 -3.91 -22.07
C ARG D 265 33.28 -2.49 -21.58
N THR D 266 34.18 -2.07 -20.71
CA THR D 266 34.24 -0.70 -20.24
C THR D 266 35.45 -0.06 -20.89
N PHE D 267 35.24 1.10 -21.50
CA PHE D 267 36.27 1.90 -22.14
C PHE D 267 36.32 3.31 -21.57
N LEU D 268 37.53 3.83 -21.46
CA LEU D 268 37.76 5.23 -21.09
C LEU D 268 38.01 5.94 -22.42
N LEU D 269 37.13 6.87 -22.79
CA LEU D 269 37.19 7.57 -24.07
C LEU D 269 37.64 9.00 -23.86
N LYS D 270 38.63 9.44 -24.64
CA LYS D 270 39.16 10.80 -24.53
C LYS D 270 38.50 11.68 -25.59
N TYR D 271 37.81 12.73 -25.13
CA TYR D 271 37.16 13.69 -26.00
C TYR D 271 38.02 14.93 -26.19
N ASN D 272 37.92 15.50 -27.38
CA ASN D 272 38.67 16.68 -27.78
C ASN D 272 37.94 17.94 -27.32
N GLU D 273 38.51 19.12 -27.62
CA GLU D 273 37.83 20.36 -27.30
C GLU D 273 36.46 20.38 -27.97
N ASN D 274 36.39 19.85 -29.18
CA ASN D 274 35.16 19.61 -29.90
C ASN D 274 34.73 18.19 -29.56
N GLY D 275 33.45 17.89 -29.75
CA GLY D 275 32.94 16.62 -29.28
C GLY D 275 33.32 15.38 -30.08
N THR D 276 34.61 15.22 -30.37
CA THR D 276 35.12 14.07 -31.11
C THR D 276 36.02 13.25 -30.21
N ILE D 277 36.00 11.94 -30.41
CA ILE D 277 36.82 11.02 -29.61
C ILE D 277 38.16 10.88 -30.31
N THR D 278 39.24 11.12 -29.57
CA THR D 278 40.60 11.05 -30.11
C THR D 278 41.38 9.83 -29.65
N ASP D 279 41.02 9.22 -28.51
CA ASP D 279 41.73 8.04 -28.03
C ASP D 279 40.80 7.22 -27.17
N ALA D 280 41.29 6.06 -26.72
CA ALA D 280 40.51 5.17 -25.87
C ALA D 280 41.42 4.19 -25.14
N VAL D 281 40.98 3.77 -23.95
CA VAL D 281 41.64 2.74 -23.15
C VAL D 281 40.65 1.61 -22.90
N ASP D 282 41.07 0.39 -23.24
CA ASP D 282 40.31 -0.83 -22.99
C ASP D 282 40.65 -1.27 -21.56
N CYS D 283 39.70 -1.12 -20.65
CA CYS D 283 39.98 -1.28 -19.22
C CYS D 283 40.36 -2.69 -18.81
N ALA D 284 40.13 -3.70 -19.65
CA ALA D 284 40.42 -5.09 -19.32
C ALA D 284 41.61 -5.65 -20.09
N LEU D 285 42.31 -4.82 -20.85
CA LEU D 285 43.40 -5.30 -21.70
C LEU D 285 44.67 -5.58 -20.91
N ASP D 286 45.00 -4.74 -19.94
CA ASP D 286 46.30 -4.75 -19.29
C ASP D 286 46.17 -4.09 -17.93
N PRO D 287 46.95 -4.51 -16.93
CA PRO D 287 46.88 -3.82 -15.62
C PRO D 287 47.15 -2.33 -15.72
N LEU D 288 47.90 -1.88 -16.73
CA LEU D 288 48.12 -0.45 -16.87
C LEU D 288 46.85 0.21 -17.39
N SER D 289 46.16 -0.45 -18.31
CA SER D 289 44.92 0.12 -18.85
C SER D 289 43.88 0.15 -17.74
N GLU D 290 43.87 -0.90 -16.92
CA GLU D 290 42.93 -0.97 -15.80
C GLU D 290 43.19 0.17 -14.84
N THR D 291 44.48 0.46 -14.59
CA THR D 291 44.83 1.57 -13.71
C THR D 291 44.38 2.89 -14.31
N LYS D 292 44.61 3.08 -15.60
CA LYS D 292 44.17 4.31 -16.28
C LYS D 292 42.67 4.49 -16.13
N CYS D 293 41.90 3.41 -16.27
CA CYS D 293 40.45 3.51 -16.11
C CYS D 293 40.08 3.81 -14.68
N THR D 294 40.79 3.21 -13.72
CA THR D 294 40.54 3.45 -12.31
C THR D 294 40.73 4.91 -11.96
N LEU D 295 41.79 5.52 -12.48
CA LEU D 295 42.13 6.91 -12.18
C LEU D 295 41.47 7.92 -13.12
N LYS D 296 40.82 7.46 -14.20
CA LYS D 296 40.21 8.36 -15.18
C LYS D 296 41.27 9.27 -15.78
N SER D 297 42.38 8.68 -16.22
CA SER D 297 43.45 9.44 -16.82
C SER D 297 44.22 8.58 -17.82
N PHE D 298 44.74 9.23 -18.87
CA PHE D 298 45.60 8.58 -19.84
C PHE D 298 47.07 8.70 -19.43
N THR D 299 47.35 9.42 -18.35
CA THR D 299 48.69 9.59 -17.80
C THR D 299 48.58 9.14 -16.35
N VAL D 300 49.47 8.25 -15.93
CA VAL D 300 49.45 7.71 -14.57
C VAL D 300 50.77 8.09 -13.90
N GLU D 301 50.67 8.68 -12.71
CA GLU D 301 51.85 9.09 -11.95
C GLU D 301 52.49 7.89 -11.27
N LYS D 302 53.78 8.04 -10.97
CA LYS D 302 54.52 7.01 -10.26
C LYS D 302 53.85 6.69 -8.92
N GLY D 303 53.66 5.40 -8.65
CA GLY D 303 53.06 4.98 -7.40
C GLY D 303 52.41 3.63 -7.56
N ILE D 304 51.79 3.19 -6.46
CA ILE D 304 51.09 1.91 -6.41
C ILE D 304 49.62 2.23 -6.23
N TYR D 305 48.78 1.64 -7.08
CA TYR D 305 47.35 1.90 -7.06
C TYR D 305 46.57 0.60 -6.94
N GLN D 306 45.48 0.63 -6.19
CA GLN D 306 44.58 -0.51 -6.07
C GLN D 306 43.53 -0.28 -7.16
N THR D 307 43.38 -1.24 -8.06
CA THR D 307 42.48 -1.07 -9.20
C THR D 307 41.34 -2.06 -9.26
N SER D 308 41.55 -3.28 -8.80
CA SER D 308 40.54 -4.33 -8.94
C SER D 308 40.84 -5.40 -7.91
N ASN D 309 39.91 -6.33 -7.77
CA ASN D 309 40.06 -7.50 -6.92
C ASN D 309 40.17 -8.71 -7.84
N PHE D 310 40.82 -9.77 -7.35
CA PHE D 310 40.92 -11.01 -8.09
C PHE D 310 40.24 -12.11 -7.29
N ARG D 311 39.76 -13.10 -8.02
CA ARG D 311 39.12 -14.28 -7.47
C ARG D 311 39.53 -15.47 -8.31
N VAL D 312 39.62 -16.64 -7.68
CA VAL D 312 39.83 -17.88 -8.40
C VAL D 312 38.44 -18.38 -8.76
N GLN D 313 38.22 -18.63 -10.05
CA GLN D 313 36.91 -19.07 -10.52
C GLN D 313 36.71 -20.57 -10.36
N PRO D 314 35.47 -21.03 -10.16
CA PRO D 314 35.21 -22.46 -10.11
C PRO D 314 35.38 -23.10 -11.49
N THR D 315 35.71 -24.40 -11.47
CA THR D 315 35.91 -25.16 -12.70
C THR D 315 34.76 -26.09 -13.03
N GLU D 316 33.91 -26.42 -12.07
CA GLU D 316 32.82 -27.35 -12.31
C GLU D 316 31.82 -27.07 -11.19
N SER D 317 30.65 -27.71 -11.25
CA SER D 317 29.61 -27.56 -10.25
C SER D 317 29.30 -28.94 -9.69
N ILE D 318 29.08 -28.99 -8.37
CA ILE D 318 28.70 -30.21 -7.67
C ILE D 318 27.24 -30.13 -7.25
N VAL D 319 26.42 -31.01 -7.78
CA VAL D 319 25.01 -31.06 -7.47
C VAL D 319 24.78 -32.41 -6.82
N ARG D 320 24.33 -32.40 -5.56
CA ARG D 320 24.14 -33.62 -4.79
C ARG D 320 22.77 -33.63 -4.13
N PHE D 321 22.03 -34.69 -4.37
CA PHE D 321 20.73 -34.98 -3.80
C PHE D 321 20.73 -36.45 -3.43
N PRO D 322 19.90 -36.88 -2.47
CA PRO D 322 19.89 -38.30 -2.12
C PRO D 322 19.30 -39.11 -3.26
N ASN D 323 19.67 -40.39 -3.29
CA ASN D 323 19.12 -41.28 -4.33
C ASN D 323 17.74 -41.72 -3.86
N VAL D 324 16.72 -41.03 -4.38
CA VAL D 324 15.34 -41.24 -4.03
C VAL D 324 14.55 -41.47 -5.31
N THR D 325 13.82 -42.58 -5.35
CA THR D 325 13.00 -42.95 -6.51
C THR D 325 11.52 -42.78 -6.22
N ASN D 326 11.16 -42.41 -4.99
CA ASN D 326 9.77 -42.22 -4.61
C ASN D 326 9.31 -40.88 -5.14
N LEU D 327 8.10 -40.84 -5.69
CA LEU D 327 7.53 -39.60 -6.21
C LEU D 327 6.50 -39.08 -5.21
N CYS D 328 6.45 -37.76 -5.08
CA CYS D 328 5.54 -37.13 -4.14
C CYS D 328 4.09 -37.23 -4.62
N PRO D 329 3.16 -37.74 -3.80
CA PRO D 329 1.78 -37.92 -4.30
C PRO D 329 1.00 -36.60 -4.36
N PHE D 330 1.49 -35.64 -5.15
CA PHE D 330 0.77 -34.38 -5.25
C PHE D 330 -0.50 -34.57 -6.04
N HIS D 331 -0.48 -35.49 -7.02
CA HIS D 331 -1.66 -35.73 -7.83
C HIS D 331 -2.75 -36.43 -7.04
N GLU D 332 -2.41 -37.04 -5.89
CA GLU D 332 -3.42 -37.74 -5.10
C GLU D 332 -4.22 -36.82 -4.21
N VAL D 333 -3.83 -35.55 -4.11
CA VAL D 333 -4.55 -34.55 -3.33
C VAL D 333 -5.49 -33.78 -4.24
N PHE D 334 -4.97 -33.36 -5.39
CA PHE D 334 -5.73 -32.60 -6.37
C PHE D 334 -6.72 -33.50 -7.12
N ASN D 335 -6.30 -34.72 -7.46
CA ASN D 335 -7.18 -35.70 -8.12
C ASN D 335 -7.84 -36.51 -7.03
N ALA D 336 -9.04 -36.08 -6.65
CA ALA D 336 -9.77 -36.67 -5.53
C ALA D 336 -11.25 -36.51 -5.81
N THR D 337 -12.04 -37.42 -5.23
CA THR D 337 -13.49 -37.36 -5.37
C THR D 337 -14.15 -36.60 -4.23
N ARG D 338 -13.45 -36.44 -3.11
CA ARG D 338 -13.97 -35.77 -1.93
C ARG D 338 -12.92 -34.82 -1.38
N PHE D 339 -13.33 -33.58 -1.12
CA PHE D 339 -12.52 -32.60 -0.41
C PHE D 339 -13.19 -32.29 0.91
N ALA D 340 -12.38 -32.11 1.94
CA ALA D 340 -12.93 -31.75 3.25
C ALA D 340 -13.47 -30.34 3.22
N SER D 341 -14.47 -30.08 4.05
CA SER D 341 -14.92 -28.71 4.23
C SER D 341 -13.87 -27.98 5.06
N VAL D 342 -13.93 -26.64 5.03
CA VAL D 342 -12.98 -25.84 5.79
C VAL D 342 -13.06 -26.14 7.29
N TYR D 343 -14.17 -26.75 7.74
CA TYR D 343 -14.35 -27.16 9.13
C TYR D 343 -13.18 -27.99 9.64
N ALA D 344 -12.76 -28.98 8.85
CA ALA D 344 -11.73 -29.93 9.23
C ALA D 344 -10.87 -30.23 8.00
N TRP D 345 -9.99 -29.29 7.67
CA TRP D 345 -9.21 -29.39 6.45
C TRP D 345 -8.34 -30.64 6.51
N ASN D 346 -8.08 -31.22 5.34
CA ASN D 346 -7.30 -32.45 5.25
C ASN D 346 -5.82 -32.12 5.07
N ARG D 347 -5.04 -32.28 6.13
CA ARG D 347 -3.60 -32.01 6.10
C ARG D 347 -2.84 -33.32 5.89
N THR D 348 -2.22 -33.47 4.73
CA THR D 348 -1.45 -34.66 4.39
C THR D 348 0.03 -34.30 4.32
N ARG D 349 0.87 -35.15 4.91
CA ARG D 349 2.32 -34.94 4.92
C ARG D 349 3.00 -35.58 3.72
N ILE D 350 3.73 -34.76 2.97
CA ILE D 350 4.50 -35.17 1.81
C ILE D 350 5.96 -35.04 2.21
N SER D 351 6.67 -36.18 2.16
CA SER D 351 8.07 -36.27 2.56
C SER D 351 8.67 -37.52 1.93
N ASN D 352 10.01 -37.61 2.00
CA ASN D 352 10.75 -38.78 1.52
C ASN D 352 10.39 -39.12 0.07
N CYS D 353 10.32 -38.09 -0.77
CA CYS D 353 9.87 -38.25 -2.14
C CYS D 353 10.50 -37.17 -3.01
N VAL D 354 10.33 -37.32 -4.33
CA VAL D 354 10.84 -36.34 -5.28
C VAL D 354 9.74 -35.30 -5.52
N ALA D 355 10.06 -34.05 -5.22
CA ALA D 355 9.09 -32.96 -5.25
C ALA D 355 8.95 -32.42 -6.68
N ASP D 356 8.31 -33.22 -7.52
CA ASP D 356 8.07 -32.90 -8.92
C ASP D 356 6.73 -32.16 -9.01
N TYR D 357 6.79 -30.87 -9.34
CA TYR D 357 5.60 -30.02 -9.37
C TYR D 357 5.03 -29.83 -10.77
N SER D 358 5.58 -30.50 -11.79
CA SER D 358 5.05 -30.34 -13.13
C SER D 358 3.67 -30.97 -13.23
N VAL D 359 3.34 -31.86 -12.29
CA VAL D 359 2.06 -32.54 -12.26
C VAL D 359 0.97 -31.54 -11.90
N LEU D 360 1.31 -30.49 -11.15
CA LEU D 360 0.28 -29.53 -10.77
C LEU D 360 -0.13 -28.71 -11.98
N TYR D 361 0.83 -28.35 -12.82
CA TYR D 361 0.52 -27.56 -14.01
C TYR D 361 -0.15 -28.41 -15.06
N ASN D 362 0.22 -29.70 -15.12
CA ASN D 362 -0.38 -30.63 -16.06
C ASN D 362 -1.80 -31.04 -15.65
N PHE D 363 -2.06 -31.12 -14.34
CA PHE D 363 -3.36 -31.56 -13.86
C PHE D 363 -4.51 -30.67 -14.31
N ALA D 364 -4.41 -29.35 -14.10
CA ALA D 364 -5.54 -28.50 -14.45
C ALA D 364 -5.08 -27.05 -14.56
N PRO D 365 -5.82 -26.21 -15.28
CA PRO D 365 -5.66 -24.77 -15.10
C PRO D 365 -6.32 -24.43 -13.78
N PHE D 366 -5.87 -23.35 -13.14
CA PHE D 366 -6.42 -22.97 -11.85
C PHE D 366 -6.93 -21.54 -11.82
N PHE D 367 -7.88 -21.32 -10.89
CA PHE D 367 -8.37 -19.99 -10.62
C PHE D 367 -7.23 -19.12 -10.11
N ALA D 368 -6.46 -19.66 -9.16
CA ALA D 368 -5.31 -18.92 -8.66
C ALA D 368 -4.19 -19.90 -8.33
N PHE D 369 -2.96 -19.48 -8.58
CA PHE D 369 -1.76 -20.24 -8.20
C PHE D 369 -0.78 -19.18 -7.70
N LYS D 370 -0.85 -18.85 -6.41
CA LYS D 370 -0.07 -17.75 -5.86
C LYS D 370 0.89 -18.25 -4.80
N CYS D 371 2.18 -18.12 -5.09
CA CYS D 371 3.25 -18.53 -4.17
C CYS D 371 3.75 -17.30 -3.44
N TYR D 372 3.97 -17.44 -2.13
CA TYR D 372 4.40 -16.33 -1.29
C TYR D 372 5.88 -16.38 -0.93
N GLY D 373 6.40 -17.55 -0.60
CA GLY D 373 7.79 -17.68 -0.20
C GLY D 373 8.74 -17.84 -1.36
N VAL D 374 8.28 -18.50 -2.42
CA VAL D 374 9.11 -18.89 -3.56
C VAL D 374 8.35 -18.52 -4.83
N SER D 375 9.09 -18.47 -5.94
CA SER D 375 8.43 -18.36 -7.24
C SER D 375 7.76 -19.68 -7.63
N PRO D 376 6.61 -19.63 -8.32
CA PRO D 376 5.95 -20.89 -8.71
C PRO D 376 6.75 -21.75 -9.67
N THR D 377 7.75 -21.19 -10.36
CA THR D 377 8.56 -21.92 -11.33
C THR D 377 9.89 -22.40 -10.76
N LYS D 378 10.21 -22.09 -9.50
CA LYS D 378 11.43 -22.51 -8.85
C LYS D 378 11.19 -23.68 -7.90
N LEU D 379 9.95 -24.14 -7.79
CA LEU D 379 9.58 -25.21 -6.87
C LEU D 379 10.30 -26.52 -7.18
N ASN D 380 10.65 -26.77 -8.44
CA ASN D 380 11.32 -28.02 -8.81
C ASN D 380 12.83 -27.99 -8.62
N ASP D 381 13.41 -26.85 -8.24
CA ASP D 381 14.84 -26.74 -7.98
C ASP D 381 15.18 -26.82 -6.51
N LEU D 382 14.26 -26.38 -5.65
CA LEU D 382 14.41 -26.30 -4.22
C LEU D 382 14.16 -27.64 -3.53
N CYS D 383 14.67 -27.76 -2.31
CA CYS D 383 14.38 -28.87 -1.41
C CYS D 383 13.49 -28.34 -0.29
N PHE D 384 12.58 -29.19 0.19
CA PHE D 384 11.59 -28.78 1.16
C PHE D 384 11.65 -29.68 2.39
N THR D 385 11.85 -29.08 3.57
CA THR D 385 12.05 -29.88 4.77
C THR D 385 10.83 -30.76 5.06
N ASN D 386 9.64 -30.17 4.98
CA ASN D 386 8.38 -30.86 5.27
C ASN D 386 7.31 -30.23 4.40
N VAL D 387 6.66 -30.99 3.51
CA VAL D 387 5.63 -30.44 2.65
C VAL D 387 4.28 -30.88 3.19
N TYR D 388 3.39 -29.93 3.45
CA TYR D 388 2.06 -30.19 3.97
C TYR D 388 1.04 -29.70 2.95
N ALA D 389 0.08 -30.56 2.60
CA ALA D 389 -0.98 -30.14 1.68
C ALA D 389 -2.27 -30.06 2.48
N ASP D 390 -2.78 -28.83 2.63
CA ASP D 390 -4.00 -28.51 3.37
C ASP D 390 -5.11 -28.40 2.33
N SER D 391 -5.99 -29.40 2.31
CA SER D 391 -7.07 -29.53 1.34
C SER D 391 -8.43 -29.11 1.91
N PHE D 392 -9.08 -28.12 1.29
CA PHE D 392 -10.39 -27.65 1.75
C PHE D 392 -11.15 -27.00 0.60
N VAL D 393 -12.48 -26.85 0.78
CA VAL D 393 -13.36 -26.17 -0.17
C VAL D 393 -13.91 -24.86 0.40
N ILE D 394 -13.74 -23.76 -0.36
CA ILE D 394 -14.27 -22.44 0.02
C ILE D 394 -14.98 -21.79 -1.16
N LYS D 395 -15.64 -20.65 -0.89
CA LYS D 395 -16.32 -19.90 -1.94
C LYS D 395 -15.35 -18.97 -2.65
N GLY D 396 -15.72 -18.56 -3.87
CA GLY D 396 -14.90 -17.62 -4.62
C GLY D 396 -14.66 -16.31 -3.91
N ASN D 397 -15.68 -15.81 -3.19
CA ASN D 397 -15.53 -14.54 -2.52
C ASN D 397 -14.66 -14.66 -1.27
N GLU D 398 -14.28 -15.88 -0.92
CA GLU D 398 -13.44 -16.16 0.22
C GLU D 398 -12.03 -16.54 -0.21
N VAL D 399 -11.78 -16.69 -1.52
CA VAL D 399 -10.47 -17.13 -1.97
C VAL D 399 -9.41 -16.11 -1.59
N SER D 400 -9.76 -14.82 -1.65
CA SER D 400 -8.84 -13.77 -1.30
C SER D 400 -8.47 -13.80 0.18
N GLN D 401 -9.20 -14.52 1.02
CA GLN D 401 -8.88 -14.61 2.44
C GLN D 401 -7.85 -15.68 2.76
N ILE D 402 -7.49 -16.53 1.82
CA ILE D 402 -6.48 -17.58 2.08
C ILE D 402 -5.14 -16.95 1.71
N ALA D 403 -4.65 -16.10 2.61
CA ALA D 403 -3.41 -15.37 2.39
C ALA D 403 -2.91 -14.85 3.72
N PRO D 404 -1.60 -14.64 3.89
CA PRO D 404 -1.10 -14.07 5.16
C PRO D 404 -1.69 -12.70 5.46
N GLY D 405 -2.03 -12.49 6.74
CA GLY D 405 -2.48 -11.19 7.19
C GLY D 405 -3.91 -10.82 6.89
N GLN D 406 -4.71 -11.73 6.33
CA GLN D 406 -6.07 -11.40 5.94
C GLN D 406 -7.06 -11.63 7.08
N THR D 407 -8.19 -10.95 6.95
CA THR D 407 -9.30 -11.05 7.88
C THR D 407 -10.56 -11.41 7.09
N GLY D 408 -11.60 -11.83 7.81
CA GLY D 408 -12.86 -12.21 7.23
C GLY D 408 -13.35 -13.47 7.91
N ASN D 409 -14.49 -14.03 7.47
CA ASN D 409 -15.05 -15.18 8.18
C ASN D 409 -14.14 -16.40 8.12
N ILE D 410 -13.34 -16.53 7.08
CA ILE D 410 -12.48 -17.69 6.96
C ILE D 410 -11.20 -17.45 7.73
N ALA D 411 -10.56 -16.31 7.46
CA ALA D 411 -9.31 -16.00 8.12
C ALA D 411 -9.51 -15.87 9.62
N ASP D 412 -10.68 -15.37 10.04
CA ASP D 412 -10.95 -15.19 11.46
C ASP D 412 -11.35 -16.49 12.17
N TYR D 413 -12.21 -17.36 11.56
CA TYR D 413 -12.69 -18.51 12.32
C TYR D 413 -12.52 -19.90 11.70
N ASN D 414 -12.21 -20.03 10.42
CA ASN D 414 -12.19 -21.35 9.79
C ASN D 414 -10.80 -21.83 9.40
N TYR D 415 -10.00 -20.96 8.79
CA TYR D 415 -8.65 -21.32 8.33
C TYR D 415 -7.85 -20.04 8.23
N LYS D 416 -6.68 -20.02 8.86
CA LYS D 416 -5.82 -18.84 8.84
C LYS D 416 -4.38 -19.25 8.55
N LEU D 417 -3.73 -18.49 7.66
CA LEU D 417 -2.32 -18.65 7.38
C LEU D 417 -1.50 -17.68 8.23
N PRO D 418 -0.29 -18.04 8.66
CA PRO D 418 0.49 -17.10 9.47
C PRO D 418 0.96 -15.92 8.65
N ASP D 419 1.27 -14.83 9.35
CA ASP D 419 1.77 -13.65 8.66
C ASP D 419 3.11 -13.95 8.00
N ASP D 420 3.94 -14.76 8.64
CA ASP D 420 5.23 -15.20 8.10
C ASP D 420 4.94 -16.55 7.49
N PHE D 421 4.68 -16.58 6.18
CA PHE D 421 4.24 -17.78 5.50
C PHE D 421 5.09 -18.08 4.27
N THR D 422 5.54 -19.32 4.18
CA THR D 422 6.26 -19.85 3.05
C THR D 422 5.40 -20.96 2.46
N GLY D 423 5.14 -20.91 1.16
CA GLY D 423 4.27 -21.89 0.53
C GLY D 423 3.53 -21.31 -0.65
N CYS D 424 2.60 -22.12 -1.17
CA CYS D 424 1.78 -21.75 -2.32
C CYS D 424 0.31 -22.07 -2.07
N VAL D 425 -0.57 -21.15 -2.47
CA VAL D 425 -2.01 -21.32 -2.35
C VAL D 425 -2.58 -21.51 -3.75
N ILE D 426 -3.16 -22.69 -4.01
CA ILE D 426 -3.67 -23.07 -5.31
C ILE D 426 -5.19 -23.23 -5.20
N ALA D 427 -5.94 -22.49 -6.02
CA ALA D 427 -7.40 -22.49 -6.04
C ALA D 427 -7.86 -23.03 -7.38
N TRP D 428 -8.49 -24.22 -7.36
CA TRP D 428 -9.01 -24.95 -8.51
C TRP D 428 -10.52 -24.86 -8.60
N ASN D 429 -11.03 -24.24 -9.67
CA ASN D 429 -12.47 -24.06 -9.85
C ASN D 429 -13.01 -25.24 -10.67
N SER D 430 -13.84 -26.12 -10.04
CA SER D 430 -14.37 -27.31 -10.72
C SER D 430 -15.86 -27.50 -10.37
N ASN D 431 -16.71 -26.76 -11.08
CA ASN D 431 -18.14 -26.76 -10.78
C ASN D 431 -18.82 -28.09 -11.13
N LYS D 432 -18.29 -28.80 -12.11
CA LYS D 432 -18.89 -30.07 -12.55
C LYS D 432 -18.87 -31.14 -11.47
N LEU D 433 -18.01 -31.02 -10.46
CA LEU D 433 -17.90 -31.99 -9.39
C LEU D 433 -18.53 -31.53 -8.08
N ASP D 434 -18.40 -30.25 -7.74
CA ASP D 434 -18.83 -29.71 -6.46
C ASP D 434 -20.10 -28.86 -6.49
N SER D 435 -20.82 -28.77 -7.62
CA SER D 435 -22.03 -27.96 -7.69
C SER D 435 -23.24 -28.76 -8.13
N LYS D 436 -24.17 -28.99 -7.18
CA LYS D 436 -25.42 -29.70 -7.43
C LYS D 436 -26.59 -28.81 -7.00
N HIS D 437 -27.74 -28.99 -7.65
CA HIS D 437 -28.88 -28.14 -7.33
C HIS D 437 -29.43 -28.36 -5.93
N SER D 438 -29.32 -29.59 -5.41
CA SER D 438 -29.83 -29.94 -4.09
C SER D 438 -28.94 -29.52 -2.93
N GLY D 439 -27.73 -29.05 -3.18
CA GLY D 439 -26.79 -28.69 -2.14
C GLY D 439 -25.49 -29.46 -2.27
N ASN D 440 -24.50 -29.03 -1.49
CA ASN D 440 -23.15 -29.61 -1.56
C ASN D 440 -22.58 -29.86 -0.17
N TYR D 441 -22.30 -31.13 0.10
CA TYR D 441 -21.74 -31.61 1.37
C TYR D 441 -20.51 -30.82 1.81
N ASP D 442 -19.63 -30.48 0.86
CA ASP D 442 -18.33 -29.88 1.13
C ASP D 442 -18.35 -28.48 1.74
N TYR D 443 -19.49 -27.80 1.83
CA TYR D 443 -19.50 -26.48 2.44
C TYR D 443 -19.72 -26.52 3.95
N TRP D 444 -19.04 -25.59 4.64
CA TRP D 444 -19.22 -25.36 6.07
C TRP D 444 -18.61 -24.00 6.38
N TYR D 445 -19.25 -23.25 7.28
CA TYR D 445 -18.68 -21.99 7.75
C TYR D 445 -18.95 -21.86 9.25
N ARG D 446 -18.03 -21.18 9.95
CA ARG D 446 -18.30 -20.83 11.35
C ARG D 446 -19.10 -19.54 11.37
N SER D 447 -20.17 -19.52 12.16
CA SER D 447 -20.96 -18.31 12.31
C SER D 447 -20.32 -17.43 13.37
N LEU D 448 -20.65 -17.68 14.63
CA LEU D 448 -20.12 -16.93 15.76
C LEU D 448 -19.07 -17.74 16.49
N ARG D 449 -18.04 -17.05 17.00
CA ARG D 449 -17.01 -17.70 17.80
C ARG D 449 -16.58 -16.71 18.88
N LYS D 450 -16.12 -17.27 20.01
CA LYS D 450 -15.65 -16.42 21.11
C LYS D 450 -14.39 -15.63 20.78
N SER D 451 -13.50 -16.16 19.94
CA SER D 451 -12.26 -15.48 19.62
C SER D 451 -11.79 -15.87 18.23
N LYS D 452 -10.83 -15.11 17.71
CA LYS D 452 -10.27 -15.38 16.40
C LYS D 452 -9.36 -16.61 16.40
N LEU D 453 -9.36 -17.30 15.27
CA LEU D 453 -8.57 -18.51 15.08
C LEU D 453 -7.09 -18.19 14.90
N LYS D 454 -6.24 -19.02 15.51
CA LYS D 454 -4.80 -18.90 15.35
C LYS D 454 -4.36 -19.58 14.05
N PRO D 455 -3.17 -19.23 13.53
CA PRO D 455 -2.68 -19.91 12.32
C PRO D 455 -2.65 -21.43 12.44
N PHE D 456 -3.22 -22.08 11.42
CA PHE D 456 -3.34 -23.53 11.32
C PHE D 456 -4.06 -24.18 12.50
N GLU D 457 -4.81 -23.41 13.29
CA GLU D 457 -5.61 -23.99 14.36
C GLU D 457 -6.86 -24.57 13.72
N ARG D 458 -7.19 -25.82 14.05
CA ARG D 458 -8.33 -26.51 13.46
C ARG D 458 -9.37 -26.76 14.55
N ASP D 459 -10.41 -25.93 14.54
CA ASP D 459 -11.48 -25.96 15.55
C ASP D 459 -12.61 -26.80 14.98
N ILE D 460 -12.79 -28.02 15.52
CA ILE D 460 -13.79 -28.96 15.01
C ILE D 460 -14.83 -29.31 16.07
N SER D 461 -15.03 -28.40 17.03
CA SER D 461 -16.00 -28.57 18.09
C SER D 461 -17.10 -27.54 17.90
N THR D 462 -18.33 -27.90 18.29
CA THR D 462 -19.45 -26.98 18.22
C THR D 462 -20.27 -26.97 19.49
N GLU D 463 -20.77 -25.79 19.83
CA GLU D 463 -21.73 -25.58 20.90
C GLU D 463 -22.48 -24.30 20.56
N ILE D 464 -23.70 -24.17 21.08
CA ILE D 464 -24.51 -23.00 20.78
C ILE D 464 -23.85 -21.75 21.34
N TYR D 465 -23.79 -20.71 20.51
CA TYR D 465 -23.23 -19.41 20.85
C TYR D 465 -24.39 -18.42 20.84
N GLN D 466 -24.60 -17.73 21.95
CA GLN D 466 -25.68 -16.76 22.06
C GLN D 466 -25.15 -15.35 21.81
N ALA D 467 -25.80 -14.64 20.88
CA ALA D 467 -25.46 -13.26 20.61
C ALA D 467 -26.23 -12.29 21.49
N GLY D 468 -27.24 -12.80 22.20
CA GLY D 468 -28.11 -11.99 23.03
C GLY D 468 -27.64 -11.97 24.47
N ASN D 469 -28.54 -11.54 25.35
CA ASN D 469 -28.26 -11.38 26.76
C ASN D 469 -28.75 -12.54 27.62
N LYS D 470 -29.24 -13.63 27.01
CA LYS D 470 -29.75 -14.79 27.75
C LYS D 470 -29.29 -16.12 27.14
N PRO D 471 -29.01 -17.14 27.95
CA PRO D 471 -28.75 -18.48 27.40
C PRO D 471 -29.94 -19.08 26.65
N CYS D 472 -29.62 -19.81 25.58
CA CYS D 472 -30.58 -20.55 24.77
C CYS D 472 -29.86 -21.66 24.05
N LYS D 473 -30.64 -22.65 23.58
CA LYS D 473 -30.10 -23.76 22.81
C LYS D 473 -30.99 -24.07 21.61
N GLY D 474 -30.39 -24.11 20.43
CA GLY D 474 -31.07 -24.52 19.22
C GLY D 474 -31.97 -23.49 18.58
N LYS D 475 -32.11 -22.30 19.17
CA LYS D 475 -33.03 -21.30 18.65
C LYS D 475 -32.38 -20.47 17.55
N GLY D 476 -32.18 -21.12 16.39
CA GLY D 476 -31.52 -20.56 15.23
C GLY D 476 -31.82 -19.10 14.96
N PRO D 477 -33.10 -18.74 14.83
CA PRO D 477 -33.46 -17.33 14.63
C PRO D 477 -33.14 -16.41 15.81
N ASN D 478 -32.92 -16.96 17.01
CA ASN D 478 -32.64 -16.16 18.21
C ASN D 478 -31.18 -16.21 18.62
N CYS D 479 -30.55 -17.36 18.42
CA CYS D 479 -29.16 -17.62 18.74
C CYS D 479 -28.69 -18.61 17.69
N TYR D 480 -27.37 -18.73 17.52
CA TYR D 480 -26.84 -19.48 16.38
C TYR D 480 -25.90 -20.60 16.76
N PHE D 481 -26.07 -21.70 16.04
CA PHE D 481 -25.23 -22.89 16.09
C PHE D 481 -23.97 -22.57 15.26
N PRO D 482 -22.78 -23.02 15.69
CA PRO D 482 -21.56 -22.75 14.90
C PRO D 482 -21.65 -23.08 13.42
N LEU D 483 -22.41 -24.09 13.03
CA LEU D 483 -22.54 -24.44 11.62
C LEU D 483 -23.61 -23.57 10.97
N GLU D 484 -23.22 -22.87 9.91
CA GLU D 484 -24.10 -22.09 9.07
C GLU D 484 -23.85 -22.46 7.61
N SER D 485 -23.60 -23.75 7.37
CA SER D 485 -23.28 -24.24 6.04
C SER D 485 -24.34 -23.86 5.02
N TYR D 486 -23.88 -23.40 3.86
CA TYR D 486 -24.72 -23.01 2.74
C TYR D 486 -24.34 -23.86 1.55
N GLY D 487 -25.31 -24.12 0.66
CA GLY D 487 -25.06 -24.89 -0.54
C GLY D 487 -24.75 -24.00 -1.71
N PHE D 488 -24.79 -24.60 -2.90
CA PHE D 488 -24.50 -23.85 -4.12
C PHE D 488 -25.17 -24.53 -5.31
N ARG D 489 -25.98 -23.76 -6.06
CA ARG D 489 -26.60 -24.27 -7.27
C ARG D 489 -25.78 -23.81 -8.49
N PRO D 490 -25.77 -24.56 -9.60
CA PRO D 490 -25.08 -24.06 -10.81
C PRO D 490 -25.53 -22.69 -11.32
N THR D 491 -26.68 -22.17 -10.86
CA THR D 491 -27.21 -20.89 -11.31
C THR D 491 -26.54 -19.68 -10.66
N TYR D 492 -25.76 -19.87 -9.60
CA TYR D 492 -25.08 -18.77 -8.93
C TYR D 492 -23.74 -18.47 -9.59
N GLY D 493 -23.28 -17.23 -9.45
CA GLY D 493 -22.08 -16.76 -10.09
C GLY D 493 -20.74 -17.14 -9.48
N VAL D 494 -19.69 -16.61 -10.14
CA VAL D 494 -18.29 -16.94 -9.88
C VAL D 494 -17.89 -16.71 -8.42
N GLY D 495 -18.43 -15.66 -7.80
CA GLY D 495 -18.07 -15.37 -6.41
C GLY D 495 -18.62 -16.37 -5.41
N HIS D 496 -19.59 -17.18 -5.82
CA HIS D 496 -20.23 -18.17 -4.96
C HIS D 496 -19.83 -19.60 -5.30
N GLN D 497 -19.22 -19.83 -6.47
CA GLN D 497 -18.85 -21.17 -6.90
C GLN D 497 -17.89 -21.84 -5.92
N PRO D 498 -17.96 -23.18 -5.78
CA PRO D 498 -16.99 -23.86 -4.92
C PRO D 498 -15.62 -23.84 -5.56
N TYR D 499 -14.60 -23.67 -4.73
CA TYR D 499 -13.22 -23.77 -5.15
C TYR D 499 -12.51 -24.75 -4.25
N ARG D 500 -11.72 -25.60 -4.87
CA ARG D 500 -10.92 -26.61 -4.21
C ARG D 500 -9.56 -25.95 -3.96
N VAL D 501 -9.31 -25.57 -2.72
CA VAL D 501 -8.12 -24.83 -2.35
C VAL D 501 -7.18 -25.79 -1.65
N VAL D 502 -5.95 -25.85 -2.16
CA VAL D 502 -4.88 -26.66 -1.61
C VAL D 502 -3.75 -25.71 -1.28
N VAL D 503 -3.32 -25.71 -0.02
CA VAL D 503 -2.20 -24.89 0.41
C VAL D 503 -1.02 -25.82 0.60
N LEU D 504 0.08 -25.55 -0.08
CA LEU D 504 1.30 -26.33 0.05
C LEU D 504 2.19 -25.52 0.98
N SER D 505 2.26 -25.96 2.24
CA SER D 505 3.03 -25.28 3.27
C SER D 505 4.35 -25.98 3.44
N PHE D 506 5.43 -25.20 3.53
CA PHE D 506 6.75 -25.76 3.70
C PHE D 506 7.66 -24.70 4.30
N GLU D 507 8.83 -25.14 4.75
CA GLU D 507 9.87 -24.28 5.29
C GLU D 507 11.18 -24.64 4.63
N LEU D 508 12.00 -23.62 4.38
CA LEU D 508 13.30 -23.78 3.73
C LEU D 508 14.37 -23.38 4.76
N LEU D 509 15.07 -24.40 5.28
CA LEU D 509 16.03 -24.26 6.36
C LEU D 509 17.36 -24.88 5.99
N HIS D 510 17.77 -24.74 4.72
CA HIS D 510 18.96 -25.41 4.19
C HIS D 510 18.81 -26.92 4.27
N ALA D 511 17.60 -27.39 4.01
CA ALA D 511 17.22 -28.80 3.97
C ALA D 511 17.72 -29.72 5.07
N PRO D 512 17.24 -29.56 6.32
CA PRO D 512 17.53 -30.57 7.35
C PRO D 512 16.92 -31.93 6.98
N ALA D 513 15.97 -31.93 6.06
CA ALA D 513 15.25 -33.05 5.49
C ALA D 513 15.16 -32.64 4.03
N THR D 514 15.01 -33.60 3.12
CA THR D 514 15.16 -33.25 1.71
C THR D 514 13.89 -32.98 0.93
N VAL D 515 13.16 -34.03 0.53
CA VAL D 515 11.98 -33.89 -0.34
C VAL D 515 12.33 -32.95 -1.50
N CYS D 516 13.33 -33.33 -2.27
CA CYS D 516 13.91 -32.46 -3.30
C CYS D 516 13.23 -32.69 -4.64
N GLY D 517 13.25 -31.65 -5.48
CA GLY D 517 12.68 -31.72 -6.79
C GLY D 517 13.45 -32.67 -7.70
N PRO D 518 12.98 -32.78 -8.95
CA PRO D 518 13.53 -33.76 -9.90
C PRO D 518 14.86 -33.35 -10.51
N LYS D 519 15.87 -33.24 -9.64
CA LYS D 519 17.22 -32.87 -10.00
C LYS D 519 18.07 -34.13 -10.02
N LYS D 520 19.18 -34.08 -10.75
CA LYS D 520 20.08 -35.23 -10.87
C LYS D 520 21.42 -34.94 -10.20
N SER D 521 21.80 -35.82 -9.28
CA SER D 521 23.06 -35.71 -8.55
C SER D 521 24.24 -36.07 -9.44
N THR D 522 25.39 -35.46 -9.15
CA THR D 522 26.64 -35.74 -9.84
C THR D 522 27.68 -36.24 -8.83
N ASN D 523 28.90 -36.44 -9.31
CA ASN D 523 29.98 -36.97 -8.49
C ASN D 523 30.61 -35.84 -7.67
N LEU D 524 31.24 -36.21 -6.55
CA LEU D 524 31.97 -35.23 -5.76
C LEU D 524 33.35 -34.95 -6.36
N VAL D 525 33.75 -33.69 -6.23
CA VAL D 525 35.07 -33.21 -6.62
C VAL D 525 35.65 -32.54 -5.38
N LYS D 526 36.87 -32.91 -5.01
CA LYS D 526 37.52 -32.38 -3.82
C LYS D 526 38.80 -31.64 -4.16
N ASN D 527 39.17 -30.70 -3.29
CA ASN D 527 40.38 -29.90 -3.38
C ASN D 527 40.42 -28.97 -4.59
N LYS D 528 39.26 -28.61 -5.14
CA LYS D 528 39.18 -27.66 -6.25
C LYS D 528 38.12 -26.60 -5.94
N CYS D 529 38.26 -25.40 -6.52
CA CYS D 529 37.22 -24.39 -6.39
C CYS D 529 36.10 -24.81 -7.31
N VAL D 530 34.94 -25.10 -6.72
CA VAL D 530 33.78 -25.57 -7.44
C VAL D 530 32.55 -24.81 -6.96
N ASN D 531 31.51 -24.85 -7.77
CA ASN D 531 30.21 -24.40 -7.34
C ASN D 531 29.55 -25.62 -6.74
N PHE D 532 28.61 -25.43 -5.83
CA PHE D 532 27.91 -26.57 -5.30
C PHE D 532 26.46 -26.26 -4.92
N ASN D 533 25.69 -27.33 -4.88
CA ASN D 533 24.28 -27.35 -4.45
C ASN D 533 24.08 -28.62 -3.63
N PHE D 534 24.03 -28.48 -2.30
CA PHE D 534 23.81 -29.60 -1.37
C PHE D 534 22.42 -29.50 -0.76
N ASN D 535 21.48 -30.27 -1.30
CA ASN D 535 20.07 -30.23 -0.89
C ASN D 535 19.53 -28.81 -0.90
N GLY D 536 19.92 -28.03 -1.90
CA GLY D 536 19.51 -26.67 -2.06
C GLY D 536 20.51 -25.66 -1.51
N LEU D 537 21.43 -26.08 -0.65
CA LEU D 537 22.42 -25.15 -0.14
C LEU D 537 23.33 -24.79 -1.30
N THR D 538 23.38 -23.51 -1.67
CA THR D 538 24.07 -23.08 -2.89
C THR D 538 25.24 -22.17 -2.55
N GLY D 539 26.37 -22.42 -3.20
CA GLY D 539 27.52 -21.56 -2.97
C GLY D 539 28.71 -21.98 -3.81
N THR D 540 29.82 -21.27 -3.58
CA THR D 540 31.07 -21.53 -4.29
C THR D 540 32.16 -21.68 -3.25
N GLY D 541 33.03 -22.67 -3.46
CA GLY D 541 34.12 -22.88 -2.52
C GLY D 541 34.89 -24.12 -2.87
N VAL D 542 35.86 -24.44 -2.02
CA VAL D 542 36.73 -25.60 -2.15
C VAL D 542 36.25 -26.58 -1.10
N LEU D 543 35.87 -27.77 -1.52
CA LEU D 543 35.34 -28.78 -0.61
C LEU D 543 36.48 -29.73 -0.29
N THR D 544 36.67 -30.00 1.01
CA THR D 544 37.73 -30.89 1.44
C THR D 544 37.16 -31.90 2.43
N LYS D 545 37.92 -32.97 2.66
CA LYS D 545 37.49 -33.94 3.65
C LYS D 545 37.52 -33.24 5.00
N SER D 546 36.43 -33.37 5.75
CA SER D 546 36.35 -32.73 7.05
C SER D 546 36.88 -33.63 8.15
N ASN D 547 37.54 -33.01 9.14
CA ASN D 547 37.97 -33.71 10.33
C ASN D 547 37.27 -33.13 11.57
N LYS D 548 36.12 -32.48 11.36
CA LYS D 548 35.36 -31.94 12.47
C LYS D 548 34.60 -33.08 13.11
N LYS D 549 34.58 -33.07 14.43
CA LYS D 549 33.97 -34.13 15.23
C LYS D 549 32.48 -33.87 15.37
N PHE D 550 31.75 -34.17 14.30
CA PHE D 550 30.31 -34.01 14.27
C PHE D 550 29.64 -35.13 15.06
N LEU D 551 28.54 -34.78 15.72
CA LEU D 551 27.74 -35.78 16.41
C LEU D 551 26.87 -36.48 15.38
N PRO D 552 26.36 -37.70 15.70
CA PRO D 552 25.54 -38.44 14.72
C PRO D 552 24.36 -37.68 14.13
N PHE D 553 23.86 -36.65 14.81
CA PHE D 553 22.72 -35.87 14.33
C PHE D 553 23.10 -34.54 13.71
N GLN D 554 24.38 -34.21 13.64
CA GLN D 554 24.81 -32.92 13.10
C GLN D 554 25.05 -33.04 11.59
N GLN D 555 24.47 -32.10 10.84
CA GLN D 555 24.51 -32.08 9.39
C GLN D 555 25.36 -30.96 8.81
N PHE D 556 25.39 -29.80 9.46
CA PHE D 556 26.05 -28.60 8.97
C PHE D 556 26.96 -28.07 10.06
N GLY D 557 28.00 -27.33 9.65
CA GLY D 557 28.83 -26.63 10.60
C GLY D 557 28.83 -25.14 10.32
N ARG D 558 29.23 -24.35 11.32
CA ARG D 558 29.31 -22.91 11.15
C ARG D 558 30.62 -22.39 11.73
N ASP D 559 30.99 -21.22 11.24
CA ASP D 559 32.16 -20.48 11.66
C ASP D 559 31.82 -19.74 12.96
N ILE D 560 32.77 -18.94 13.47
CA ILE D 560 32.48 -18.12 14.65
C ILE D 560 31.31 -17.16 14.34
N VAL D 561 31.02 -16.95 13.06
CA VAL D 561 29.90 -16.17 12.55
C VAL D 561 29.03 -17.22 11.86
N ASP D 562 27.85 -16.82 11.38
CA ASP D 562 26.89 -17.82 10.91
C ASP D 562 27.16 -18.33 9.50
N THR D 563 28.24 -17.91 8.85
CA THR D 563 28.51 -18.44 7.51
C THR D 563 28.73 -19.95 7.59
N THR D 564 28.08 -20.69 6.69
CA THR D 564 28.22 -22.14 6.64
C THR D 564 29.65 -22.52 6.31
N ASP D 565 30.20 -23.50 7.04
CA ASP D 565 31.56 -23.98 6.80
C ASP D 565 31.64 -25.51 6.71
N ALA D 566 30.52 -26.21 6.67
CA ALA D 566 30.56 -27.66 6.53
C ALA D 566 29.20 -28.17 6.09
N VAL D 567 29.21 -29.25 5.31
CA VAL D 567 27.98 -29.89 4.87
C VAL D 567 28.08 -31.41 5.03
N ARG D 568 26.91 -32.06 5.07
CA ARG D 568 26.77 -33.51 5.04
C ARG D 568 26.29 -33.93 3.65
N ASP D 569 27.06 -34.78 2.98
CA ASP D 569 26.71 -35.23 1.64
C ASP D 569 25.41 -36.04 1.70
N PRO D 570 24.38 -35.69 0.92
CA PRO D 570 23.11 -36.43 1.03
C PRO D 570 23.15 -37.90 0.65
N GLN D 571 24.17 -38.37 -0.08
CA GLN D 571 24.24 -39.78 -0.48
C GLN D 571 25.22 -40.60 0.34
N THR D 572 26.34 -40.02 0.75
CA THR D 572 27.40 -40.74 1.44
C THR D 572 27.44 -40.43 2.93
N LEU D 573 26.80 -39.33 3.35
CA LEU D 573 26.81 -38.86 4.73
C LEU D 573 28.20 -38.45 5.18
N GLU D 574 29.08 -38.16 4.22
CA GLU D 574 30.41 -37.65 4.52
C GLU D 574 30.29 -36.19 4.91
N ILE D 575 31.07 -35.78 5.91
CA ILE D 575 31.13 -34.37 6.28
C ILE D 575 32.26 -33.74 5.48
N LEU D 576 31.94 -32.68 4.77
CA LEU D 576 32.91 -31.95 3.95
C LEU D 576 33.07 -30.54 4.52
N ASP D 577 34.30 -30.05 4.55
CA ASP D 577 34.56 -28.69 4.99
C ASP D 577 34.51 -27.81 3.75
N ILE D 578 34.11 -26.56 3.95
CA ILE D 578 34.09 -25.57 2.87
C ILE D 578 35.11 -24.48 3.16
N THR D 579 36.15 -24.41 2.34
CA THR D 579 37.18 -23.39 2.45
C THR D 579 36.95 -22.43 1.29
N PRO D 580 36.89 -21.12 1.45
CA PRO D 580 36.66 -20.30 0.25
C PRO D 580 37.86 -20.38 -0.69
N CYS D 581 37.60 -20.27 -1.98
CA CYS D 581 38.69 -20.27 -2.95
C CYS D 581 39.37 -18.90 -2.87
N SER D 582 40.67 -18.88 -3.16
CA SER D 582 41.47 -17.68 -3.00
C SER D 582 40.91 -16.48 -3.75
N PHE D 583 41.04 -15.34 -3.07
CA PHE D 583 40.59 -14.04 -3.62
C PHE D 583 41.36 -12.99 -2.83
N GLY D 584 41.54 -11.80 -3.38
CA GLY D 584 42.25 -10.72 -2.72
C GLY D 584 42.27 -9.50 -3.62
N GLY D 585 42.92 -8.45 -3.14
CA GLY D 585 43.00 -7.24 -3.91
C GLY D 585 44.16 -7.33 -4.89
N VAL D 586 44.14 -6.48 -5.91
CA VAL D 586 45.22 -6.35 -6.87
C VAL D 586 45.70 -4.91 -6.91
N SER D 587 47.00 -4.73 -6.70
CA SER D 587 47.62 -3.41 -6.78
C SER D 587 48.53 -3.40 -7.99
N VAL D 588 48.65 -2.25 -8.64
CA VAL D 588 49.51 -2.11 -9.81
C VAL D 588 50.60 -1.10 -9.48
N ILE D 589 51.85 -1.51 -9.66
CA ILE D 589 53.03 -0.72 -9.39
C ILE D 589 53.50 -0.19 -10.73
N THR D 590 53.45 1.13 -10.89
CA THR D 590 53.74 1.79 -12.14
C THR D 590 54.88 2.81 -11.98
N PRO D 591 55.95 2.73 -12.79
CA PRO D 591 56.98 3.78 -12.71
C PRO D 591 56.45 5.15 -13.11
N GLY D 592 55.32 5.21 -13.80
CA GLY D 592 54.72 6.43 -14.31
C GLY D 592 54.78 6.34 -15.82
N THR D 593 53.69 6.74 -16.47
CA THR D 593 53.59 6.61 -17.92
C THR D 593 54.42 7.63 -18.67
N ASN D 594 55.06 8.57 -17.98
CA ASN D 594 55.96 9.51 -18.63
C ASN D 594 57.40 8.98 -18.63
N THR D 595 57.60 7.77 -18.09
CA THR D 595 58.89 7.11 -18.01
C THR D 595 58.87 5.78 -18.74
N SER D 596 57.94 4.89 -18.39
CA SER D 596 57.85 3.55 -18.95
C SER D 596 56.43 3.03 -18.79
N ASN D 597 56.02 2.18 -19.73
CA ASN D 597 54.71 1.54 -19.67
C ASN D 597 54.80 0.14 -19.07
N GLN D 598 55.94 -0.21 -18.49
CA GLN D 598 56.13 -1.49 -17.82
C GLN D 598 55.52 -1.38 -16.44
N VAL D 599 54.73 -2.37 -16.02
CA VAL D 599 54.16 -2.37 -14.69
C VAL D 599 54.38 -3.73 -14.04
N ALA D 600 54.24 -3.72 -12.72
CA ALA D 600 54.27 -4.91 -11.88
C ALA D 600 52.96 -4.96 -11.14
N VAL D 601 52.49 -6.14 -10.77
CA VAL D 601 51.25 -6.25 -10.02
C VAL D 601 51.50 -7.03 -8.74
N LEU D 602 50.66 -6.74 -7.73
CA LEU D 602 50.69 -7.40 -6.44
C LEU D 602 49.34 -8.04 -6.21
N TYR D 603 49.34 -9.35 -5.95
CA TYR D 603 48.14 -10.10 -5.60
C TYR D 603 48.16 -10.14 -4.08
N GLN D 604 47.37 -9.27 -3.47
CA GLN D 604 47.47 -9.01 -2.03
C GLN D 604 46.96 -10.19 -1.22
N GLY D 605 47.71 -10.54 -0.17
CA GLY D 605 47.23 -11.52 0.77
C GLY D 605 47.34 -12.97 0.38
N VAL D 606 47.95 -13.30 -0.77
CA VAL D 606 48.01 -14.70 -1.19
C VAL D 606 49.45 -15.14 -1.45
N ASN D 607 49.60 -16.46 -1.46
CA ASN D 607 50.81 -17.19 -1.80
C ASN D 607 51.01 -17.21 -3.31
N CYS D 608 52.25 -17.08 -3.76
CA CYS D 608 52.52 -17.13 -5.19
C CYS D 608 52.19 -18.48 -5.80
N THR D 609 52.18 -19.56 -5.00
CA THR D 609 51.84 -20.86 -5.56
C THR D 609 50.38 -20.88 -6.02
N GLU D 610 49.46 -20.34 -5.20
CA GLU D 610 48.05 -20.35 -5.59
C GLU D 610 47.82 -19.49 -6.82
N VAL D 611 48.53 -18.36 -6.91
CA VAL D 611 48.36 -17.48 -8.06
C VAL D 611 48.89 -18.18 -9.29
N SER D 612 50.06 -18.81 -9.19
CA SER D 612 50.64 -19.49 -10.32
C SER D 612 49.72 -20.61 -10.81
N VAL D 613 49.15 -21.38 -9.88
CA VAL D 613 48.24 -22.46 -10.29
C VAL D 613 46.99 -21.90 -10.93
N ALA D 614 46.39 -20.85 -10.35
CA ALA D 614 45.20 -20.26 -10.94
C ALA D 614 45.48 -19.71 -12.32
N ILE D 615 46.68 -19.17 -12.53
CA ILE D 615 47.08 -18.69 -13.85
C ILE D 615 47.19 -19.86 -14.81
N HIS D 616 47.83 -20.95 -14.36
CA HIS D 616 48.03 -22.09 -15.24
C HIS D 616 46.71 -22.74 -15.58
N ALA D 617 45.75 -22.71 -14.65
CA ALA D 617 44.42 -23.25 -14.85
C ALA D 617 43.46 -22.26 -15.51
N ASP D 618 43.90 -21.03 -15.78
CA ASP D 618 43.03 -19.98 -16.34
C ASP D 618 41.80 -19.76 -15.46
N GLN D 619 42.02 -19.72 -14.14
CA GLN D 619 40.95 -19.51 -13.16
C GLN D 619 40.85 -18.09 -12.60
N LEU D 620 41.83 -17.22 -12.81
CA LEU D 620 41.76 -15.89 -12.21
C LEU D 620 40.72 -15.03 -12.93
N THR D 621 39.96 -14.29 -12.13
CA THR D 621 38.91 -13.43 -12.69
C THR D 621 39.45 -12.37 -13.62
N PRO D 622 40.48 -11.58 -13.28
CA PRO D 622 41.03 -10.64 -14.27
C PRO D 622 41.52 -11.44 -15.47
N THR D 623 41.27 -10.91 -16.67
CA THR D 623 41.65 -11.65 -17.87
C THR D 623 43.02 -11.26 -18.39
N TRP D 624 43.65 -10.24 -17.81
CA TRP D 624 44.98 -9.83 -18.23
C TRP D 624 45.99 -10.68 -17.48
N ARG D 625 47.18 -10.85 -18.07
CA ARG D 625 48.25 -11.60 -17.44
C ARG D 625 49.55 -10.81 -17.54
N VAL D 626 50.35 -10.91 -16.48
CA VAL D 626 51.68 -10.30 -16.42
C VAL D 626 52.68 -11.41 -16.69
N TYR D 627 53.55 -11.20 -17.67
CA TYR D 627 54.48 -12.25 -18.09
C TYR D 627 55.42 -12.65 -16.95
N SER D 628 55.50 -13.96 -16.71
CA SER D 628 56.34 -14.54 -15.69
C SER D 628 57.58 -15.22 -16.26
N THR D 629 58.75 -14.85 -15.74
CA THR D 629 60.04 -15.43 -16.11
C THR D 629 60.51 -16.43 -15.05
N GLY D 630 60.00 -16.27 -13.84
CA GLY D 630 60.33 -17.02 -12.65
C GLY D 630 61.31 -16.25 -11.80
N SER D 631 62.01 -15.28 -12.40
CA SER D 631 62.91 -14.39 -11.70
C SER D 631 62.17 -13.17 -11.18
N ASN D 632 60.99 -12.88 -11.77
CA ASN D 632 60.20 -11.70 -11.46
C ASN D 632 58.96 -12.03 -10.62
N VAL D 633 58.94 -13.19 -9.96
CA VAL D 633 57.85 -13.58 -9.08
C VAL D 633 58.47 -13.67 -7.69
N PHE D 634 58.07 -12.76 -6.81
CA PHE D 634 58.65 -12.61 -5.49
C PHE D 634 57.56 -12.69 -4.43
N GLN D 635 57.77 -13.54 -3.44
CA GLN D 635 56.81 -13.69 -2.35
C GLN D 635 57.19 -12.72 -1.25
N THR D 636 56.26 -11.85 -0.88
CA THR D 636 56.42 -10.92 0.21
C THR D 636 55.24 -11.11 1.17
N ARG D 637 55.15 -10.33 2.24
CA ARG D 637 54.09 -10.56 3.22
C ARG D 637 52.86 -9.78 2.81
N ALA D 638 53.00 -8.80 1.92
CA ALA D 638 51.82 -8.12 1.41
C ALA D 638 51.05 -9.01 0.45
N GLY D 639 51.75 -9.90 -0.26
CA GLY D 639 51.13 -10.72 -1.28
C GLY D 639 52.18 -11.20 -2.26
N CYS D 640 51.72 -11.68 -3.41
CA CYS D 640 52.60 -12.16 -4.46
C CYS D 640 52.89 -11.05 -5.45
N LEU D 641 54.16 -10.70 -5.63
CA LEU D 641 54.55 -9.62 -6.54
C LEU D 641 55.05 -10.24 -7.83
N ILE D 642 54.37 -9.96 -8.94
CA ILE D 642 54.71 -10.49 -10.24
C ILE D 642 55.01 -9.33 -11.16
N GLY D 643 56.16 -9.37 -11.82
CA GLY D 643 56.59 -8.34 -12.73
C GLY D 643 57.69 -7.43 -12.21
N ALA D 644 58.38 -7.84 -11.15
CA ALA D 644 59.48 -7.07 -10.59
C ALA D 644 60.54 -8.07 -10.15
N GLU D 645 61.81 -7.72 -10.35
CA GLU D 645 62.93 -8.57 -9.98
C GLU D 645 63.46 -8.12 -8.62
N TYR D 646 63.40 -9.01 -7.64
CA TYR D 646 63.92 -8.69 -6.31
C TYR D 646 65.43 -8.71 -6.33
N VAL D 647 66.04 -7.69 -5.72
CA VAL D 647 67.50 -7.59 -5.63
C VAL D 647 67.88 -7.44 -4.16
N ASN D 648 69.13 -7.77 -3.87
CA ASN D 648 69.64 -7.65 -2.50
C ASN D 648 70.03 -6.23 -2.14
N ASN D 649 70.40 -5.40 -3.12
CA ASN D 649 70.81 -4.05 -2.82
C ASN D 649 69.66 -3.26 -2.21
N SER D 650 69.94 -2.56 -1.11
CA SER D 650 68.95 -1.73 -0.46
C SER D 650 69.10 -0.29 -0.93
N TYR D 651 67.96 0.38 -1.14
CA TYR D 651 67.92 1.75 -1.61
C TYR D 651 66.89 2.49 -0.77
N GLU D 652 66.77 3.79 -1.00
CA GLU D 652 65.73 4.53 -0.30
C GLU D 652 64.39 4.06 -0.86
N CYS D 653 63.35 4.11 -0.03
CA CYS D 653 62.05 3.69 -0.51
C CYS D 653 61.53 4.65 -1.56
N ASP D 654 60.97 4.10 -2.64
CA ASP D 654 60.41 4.87 -3.73
C ASP D 654 58.91 4.60 -3.80
N ILE D 655 58.51 3.48 -4.39
CA ILE D 655 57.10 3.08 -4.42
C ILE D 655 56.90 2.05 -3.32
N PRO D 656 56.16 2.35 -2.25
CA PRO D 656 56.04 1.36 -1.17
C PRO D 656 55.16 0.20 -1.60
N ILE D 657 55.54 -1.00 -1.16
CA ILE D 657 54.70 -2.19 -1.32
C ILE D 657 54.17 -2.64 0.03
N GLY D 658 55.03 -2.76 1.02
CA GLY D 658 54.62 -3.17 2.35
C GLY D 658 55.59 -4.14 2.99
N ALA D 659 55.52 -4.20 4.32
CA ALA D 659 56.32 -5.12 5.13
C ALA D 659 57.80 -4.97 4.84
N GLY D 660 58.26 -3.73 4.65
CA GLY D 660 59.65 -3.48 4.44
C GLY D 660 60.09 -3.46 3.00
N ILE D 661 59.23 -3.88 2.07
CA ILE D 661 59.62 -4.02 0.64
C ILE D 661 59.04 -2.87 -0.18
N CYS D 662 59.88 -2.16 -0.91
CA CYS D 662 59.57 -1.05 -1.79
C CYS D 662 60.03 -1.44 -3.19
N ALA D 663 59.52 -0.75 -4.20
CA ALA D 663 59.92 -0.99 -5.58
C ALA D 663 60.27 0.32 -6.27
N SER D 664 61.11 0.21 -7.30
CA SER D 664 61.49 1.37 -8.10
C SER D 664 61.88 0.92 -9.50
N TYR D 665 62.27 1.88 -10.34
CA TYR D 665 62.63 1.63 -11.74
C TYR D 665 64.07 2.04 -11.99
N GLN D 666 64.97 1.06 -12.15
CA GLN D 666 66.40 1.32 -12.28
C GLN D 666 67.04 0.43 -13.34
N THR D 667 68.14 0.93 -13.89
CA THR D 667 68.95 0.18 -14.85
C THR D 667 69.70 -0.93 -14.11
N GLN D 668 69.58 -2.16 -14.62
CA GLN D 668 70.25 -3.32 -14.04
C GLN D 668 71.35 -3.79 -14.99
N THR D 669 72.61 -3.60 -14.57
CA THR D 669 73.83 -3.95 -15.31
C THR D 669 73.68 -3.74 -16.82
N LYS D 670 73.46 -2.47 -17.19
CA LYS D 670 73.19 -1.97 -18.56
C LYS D 670 73.31 -2.95 -19.73
N SER D 680 68.52 -0.25 -20.28
CA SER D 680 68.11 -1.53 -19.71
C SER D 680 67.44 -1.31 -18.35
N GLN D 681 66.43 -0.46 -18.32
CA GLN D 681 65.72 -0.13 -17.10
C GLN D 681 64.61 -1.15 -16.85
N SER D 682 64.39 -1.48 -15.58
CA SER D 682 63.30 -2.37 -15.24
C SER D 682 62.84 -2.09 -13.81
N ILE D 683 61.64 -2.59 -13.51
CA ILE D 683 61.08 -2.49 -12.16
C ILE D 683 61.75 -3.52 -11.27
N ILE D 684 62.24 -3.09 -10.12
CA ILE D 684 62.88 -3.97 -9.15
C ILE D 684 62.17 -3.77 -7.82
N ALA D 685 62.33 -4.76 -6.95
CA ALA D 685 61.82 -4.74 -5.58
C ALA D 685 63.02 -4.92 -4.67
N TYR D 686 62.97 -4.28 -3.51
CA TYR D 686 64.06 -4.35 -2.56
C TYR D 686 63.57 -4.06 -1.15
N THR D 687 64.37 -4.46 -0.18
CA THR D 687 64.12 -4.10 1.21
C THR D 687 64.69 -2.70 1.37
N MET D 688 63.89 -1.78 1.89
CA MET D 688 64.34 -0.40 1.90
C MET D 688 65.44 -0.15 2.91
N SER D 689 66.32 0.77 2.56
CA SER D 689 67.34 1.25 3.48
C SER D 689 66.69 2.28 4.37
N LEU D 690 67.06 2.29 5.65
CA LEU D 690 66.49 3.28 6.56
C LEU D 690 67.33 4.54 6.60
N GLY D 691 68.61 4.45 6.26
CA GLY D 691 69.49 5.59 6.26
C GLY D 691 70.92 5.12 6.21
N ALA D 692 71.82 6.09 6.07
CA ALA D 692 73.24 5.77 6.08
C ALA D 692 73.64 5.46 7.52
N GLU D 693 74.68 4.66 7.70
CA GLU D 693 75.13 4.39 9.04
C GLU D 693 76.12 5.47 9.46
N ASN D 694 76.15 5.76 10.75
CA ASN D 694 77.06 6.74 11.32
C ASN D 694 77.53 6.24 12.69
N SER D 695 78.78 5.83 12.79
CA SER D 695 79.34 5.36 14.05
C SER D 695 79.97 6.56 14.73
N VAL D 696 79.43 6.98 15.87
CA VAL D 696 79.92 8.14 16.57
C VAL D 696 81.12 7.71 17.41
N ALA D 697 82.19 8.48 17.34
CA ALA D 697 83.43 8.14 18.04
C ALA D 697 83.32 8.50 19.52
N TYR D 698 82.45 7.77 20.21
CA TYR D 698 82.26 7.99 21.63
C TYR D 698 83.51 7.56 22.38
N SER D 699 83.95 8.40 23.33
CA SER D 699 85.09 8.09 24.15
C SER D 699 84.96 8.83 25.47
N ASN D 700 85.58 8.26 26.50
CA ASN D 700 85.50 8.83 27.84
C ASN D 700 85.93 10.29 27.92
N ASN D 701 86.91 10.70 27.11
CA ASN D 701 87.43 12.07 27.13
C ASN D 701 87.43 12.78 25.79
N SER D 702 86.54 12.45 24.85
CA SER D 702 86.54 13.09 23.53
C SER D 702 85.23 13.80 23.30
N ILE D 703 85.31 15.06 22.90
CA ILE D 703 84.16 15.91 22.59
C ILE D 703 84.40 16.53 21.23
N ALA D 704 83.35 16.68 20.42
CA ALA D 704 83.45 17.38 19.15
C ALA D 704 82.74 18.71 19.30
N ILE D 705 83.34 19.77 18.77
CA ILE D 705 82.80 21.13 18.86
C ILE D 705 82.75 21.83 17.51
N PRO D 706 81.63 22.45 17.12
CA PRO D 706 81.57 23.17 15.84
C PRO D 706 82.58 24.30 15.77
N THR D 707 83.25 24.42 14.63
CA THR D 707 84.13 25.56 14.37
C THR D 707 83.51 26.54 13.37
N ASN D 708 82.35 26.20 12.80
CA ASN D 708 81.69 27.04 11.83
C ASN D 708 80.19 26.81 11.99
N PHE D 709 79.40 27.51 11.18
CA PHE D 709 77.96 27.35 11.25
C PHE D 709 77.36 27.69 9.91
N THR D 710 76.12 27.24 9.72
CA THR D 710 75.32 27.54 8.55
C THR D 710 74.00 28.12 9.01
N ILE D 711 73.52 29.15 8.32
CA ILE D 711 72.18 29.66 8.55
C ILE D 711 71.32 28.96 7.52
N SER D 712 70.28 28.29 7.98
CA SER D 712 69.41 27.50 7.12
C SER D 712 68.01 28.03 7.22
N VAL D 713 67.32 28.04 6.09
CA VAL D 713 65.93 28.47 6.03
C VAL D 713 65.15 27.30 5.43
N THR D 714 64.10 26.89 6.13
CA THR D 714 63.25 25.79 5.68
C THR D 714 61.81 26.27 5.61
N THR D 715 60.97 25.53 4.90
CA THR D 715 59.56 25.88 4.77
C THR D 715 58.70 24.86 5.51
N GLU D 716 57.66 25.35 6.18
CA GLU D 716 56.65 24.49 6.77
C GLU D 716 55.32 25.01 6.24
N ILE D 717 54.58 24.16 5.55
CA ILE D 717 53.35 24.54 4.87
C ILE D 717 52.19 23.89 5.62
N LEU D 718 51.26 24.72 6.13
CA LEU D 718 50.14 24.22 6.90
C LEU D 718 48.80 24.73 6.37
N PRO D 719 47.79 23.85 6.23
CA PRO D 719 46.43 24.35 5.97
C PRO D 719 45.92 25.15 7.15
N VAL D 720 45.15 26.19 6.86
CA VAL D 720 44.49 27.00 7.88
C VAL D 720 42.97 26.92 7.76
N SER D 721 42.45 26.91 6.53
CA SER D 721 41.02 26.96 6.29
C SER D 721 40.69 26.08 5.09
N MET D 722 39.40 25.78 4.94
CA MET D 722 38.89 25.01 3.82
C MET D 722 37.69 25.74 3.23
N THR D 723 37.32 25.35 2.01
CA THR D 723 36.20 25.96 1.31
C THR D 723 34.93 25.89 2.17
N LYS D 724 34.24 27.02 2.26
CA LYS D 724 33.01 27.15 3.03
C LYS D 724 31.84 26.90 2.10
N THR D 725 31.16 25.77 2.26
CA THR D 725 30.04 25.41 1.39
C THR D 725 28.73 25.61 2.13
N SER D 726 27.66 25.65 1.35
CA SER D 726 26.30 25.76 1.86
C SER D 726 25.41 24.97 0.92
N VAL D 727 24.46 24.23 1.47
CA VAL D 727 23.60 23.36 0.67
C VAL D 727 22.14 23.63 0.97
N ASP D 728 21.35 23.79 -0.09
CA ASP D 728 19.89 23.90 -0.01
C ASP D 728 19.38 22.47 -0.03
N CYS D 729 18.98 21.97 1.15
CA CYS D 729 18.58 20.57 1.27
C CYS D 729 17.41 20.25 0.34
N THR D 730 16.37 21.09 0.37
CA THR D 730 15.19 20.84 -0.46
C THR D 730 15.53 20.91 -1.95
N MET D 731 16.27 21.93 -2.38
CA MET D 731 16.56 22.03 -3.81
C MET D 731 17.42 20.85 -4.27
N TYR D 732 18.39 20.45 -3.45
CA TYR D 732 19.23 19.31 -3.82
C TYR D 732 18.39 18.05 -3.97
N ILE D 733 17.55 17.77 -2.98
CA ILE D 733 16.76 16.55 -3.00
C ILE D 733 15.59 16.67 -3.97
N CYS D 734 14.87 17.78 -3.92
CA CYS D 734 13.64 18.02 -4.66
C CYS D 734 13.75 19.20 -5.63
N GLY D 735 14.29 18.94 -6.82
CA GLY D 735 14.55 20.00 -7.77
C GLY D 735 13.28 20.54 -8.42
N ASP D 736 12.72 21.59 -7.85
CA ASP D 736 11.49 22.24 -8.34
C ASP D 736 10.32 21.26 -8.44
N SER D 737 10.17 20.41 -7.42
CA SER D 737 9.08 19.44 -7.38
C SER D 737 8.26 19.64 -6.09
N THR D 738 7.00 20.05 -6.25
CA THR D 738 6.15 20.29 -5.10
C THR D 738 5.86 18.99 -4.35
N GLU D 739 5.60 17.92 -5.11
CA GLU D 739 5.27 16.62 -4.51
C GLU D 739 6.45 16.08 -3.72
N CYS D 740 7.66 16.24 -4.25
CA CYS D 740 8.85 15.79 -3.55
C CYS D 740 9.05 16.60 -2.28
N SER D 741 8.90 17.92 -2.34
CA SER D 741 9.11 18.73 -1.15
C SER D 741 8.12 18.33 -0.06
N ASN D 742 6.85 18.11 -0.45
CA ASN D 742 5.84 17.72 0.52
C ASN D 742 6.18 16.37 1.13
N LEU D 743 6.74 15.46 0.34
CA LEU D 743 7.17 14.18 0.91
C LEU D 743 8.37 14.39 1.84
N LEU D 744 9.28 15.28 1.44
CA LEU D 744 10.49 15.56 2.21
C LEU D 744 10.16 16.11 3.59
N LEU D 745 9.04 16.85 3.69
CA LEU D 745 8.65 17.42 4.98
C LEU D 745 8.31 16.37 6.03
N GLN D 746 8.05 15.12 5.63
CA GLN D 746 7.69 14.10 6.59
C GLN D 746 8.90 13.48 7.29
N TYR D 747 10.12 13.75 6.83
CA TYR D 747 11.31 13.14 7.41
C TYR D 747 11.86 13.88 8.61
N GLY D 748 11.41 15.10 8.88
CA GLY D 748 11.87 15.81 10.05
C GLY D 748 12.92 16.88 9.82
N SER D 749 13.74 17.08 10.85
CA SER D 749 14.70 18.18 10.97
C SER D 749 16.03 17.92 10.27
N PHE D 750 16.18 16.79 9.57
CA PHE D 750 17.46 16.46 8.94
C PHE D 750 18.00 17.61 8.09
N CYS D 751 17.14 18.27 7.32
CA CYS D 751 17.62 19.38 6.49
C CYS D 751 18.12 20.52 7.38
N THR D 752 17.46 20.73 8.52
CA THR D 752 17.88 21.77 9.45
C THR D 752 19.22 21.41 10.08
N GLN D 753 19.41 20.15 10.45
CA GLN D 753 20.66 19.73 11.07
C GLN D 753 21.80 19.88 10.07
N LEU D 754 21.55 19.55 8.80
CA LEU D 754 22.59 19.66 7.79
C LEU D 754 22.96 21.12 7.57
N LYS D 755 21.94 22.00 7.55
CA LYS D 755 22.20 23.43 7.40
C LYS D 755 23.04 23.94 8.56
N ARG D 756 22.68 23.55 9.79
CA ARG D 756 23.43 24.02 10.95
C ARG D 756 24.86 23.52 10.94
N ALA D 757 25.06 22.26 10.54
CA ALA D 757 26.41 21.71 10.50
C ALA D 757 27.28 22.46 9.50
N LEU D 758 26.73 22.78 8.32
CA LEU D 758 27.54 23.49 7.34
C LEU D 758 27.76 24.94 7.77
N THR D 759 26.78 25.55 8.43
CA THR D 759 26.95 26.92 8.90
C THR D 759 28.06 26.95 9.94
N GLY D 760 28.04 25.98 10.85
CA GLY D 760 29.06 25.91 11.89
C GLY D 760 30.43 25.74 11.28
N ILE D 761 30.54 24.93 10.23
CA ILE D 761 31.83 24.74 9.57
C ILE D 761 32.29 26.06 8.96
N ALA D 762 31.40 26.76 8.24
CA ALA D 762 31.80 28.02 7.61
C ALA D 762 32.29 29.04 8.64
N VAL D 763 31.60 29.10 9.77
CA VAL D 763 32.01 30.04 10.82
C VAL D 763 33.37 29.63 11.35
N GLU D 764 33.55 28.32 11.56
CA GLU D 764 34.83 27.81 12.02
C GLU D 764 35.94 28.19 11.06
N GLN D 765 35.68 28.17 9.75
CA GLN D 765 36.75 28.49 8.81
C GLN D 765 37.16 29.95 8.94
N ASP D 766 36.19 30.81 9.25
CA ASP D 766 36.58 32.20 9.41
C ASP D 766 37.32 32.39 10.72
N LYS D 767 36.92 31.63 11.73
CA LYS D 767 37.60 31.68 13.02
C LYS D 767 39.03 31.18 12.88
N ASN D 768 39.23 30.10 12.13
CA ASN D 768 40.57 29.54 11.98
C ASN D 768 41.49 30.53 11.28
N THR D 769 40.99 31.19 10.23
CA THR D 769 41.85 32.14 9.54
C THR D 769 42.16 33.33 10.44
N GLN D 770 41.16 33.83 11.15
CA GLN D 770 41.37 35.00 12.00
C GLN D 770 42.34 34.69 13.14
N GLU D 771 42.21 33.52 13.77
CA GLU D 771 43.10 33.16 14.87
C GLU D 771 44.54 32.97 14.39
N VAL D 772 44.73 32.43 13.18
CA VAL D 772 46.09 32.24 12.70
C VAL D 772 46.73 33.56 12.32
N PHE D 773 46.01 34.42 11.58
CA PHE D 773 46.62 35.65 11.08
C PHE D 773 46.36 36.90 11.90
N ALA D 774 45.20 37.04 12.54
CA ALA D 774 44.91 38.30 13.25
C ALA D 774 45.45 38.24 14.68
N GLN D 775 46.77 38.09 14.77
CA GLN D 775 47.49 38.00 16.03
C GLN D 775 48.25 39.28 16.36
N VAL D 776 48.10 40.33 15.55
CA VAL D 776 48.84 41.58 15.71
C VAL D 776 47.82 42.66 16.04
N LYS D 777 48.11 43.44 17.07
CA LYS D 777 47.18 44.48 17.51
C LYS D 777 47.10 45.62 16.51
N GLN D 778 48.21 45.95 15.87
CA GLN D 778 48.32 47.08 14.94
C GLN D 778 48.90 46.59 13.62
N ILE D 779 48.62 47.32 12.55
CA ILE D 779 49.19 46.99 11.26
C ILE D 779 50.51 47.76 11.18
N TYR D 780 51.60 47.00 11.23
CA TYR D 780 52.95 47.56 11.26
C TYR D 780 53.48 47.75 9.85
N LYS D 781 54.28 48.79 9.69
CA LYS D 781 54.96 49.09 8.44
C LYS D 781 56.46 49.11 8.67
N THR D 782 57.20 48.70 7.65
CA THR D 782 58.64 48.77 7.67
C THR D 782 59.04 50.22 7.37
N PRO D 783 60.27 50.61 7.67
CA PRO D 783 60.68 51.97 7.33
C PRO D 783 60.78 52.17 5.83
N PRO D 784 60.71 53.42 5.37
CA PRO D 784 60.96 53.71 3.94
C PRO D 784 62.25 53.17 3.37
N ILE D 785 63.32 53.06 4.16
CA ILE D 785 64.61 52.58 3.67
C ILE D 785 64.76 51.16 4.17
N LYS D 786 64.78 50.20 3.24
CA LYS D 786 64.84 48.78 3.60
C LYS D 786 66.28 48.34 3.79
N TYR D 787 66.92 48.89 4.83
CA TYR D 787 68.28 48.50 5.21
C TYR D 787 68.20 47.92 6.61
N PHE D 788 68.52 46.63 6.75
CA PHE D 788 68.42 45.94 8.02
C PHE D 788 69.72 45.21 8.32
N GLY D 789 70.83 45.94 8.38
CA GLY D 789 72.08 45.33 8.74
C GLY D 789 72.75 44.53 7.63
N GLY D 790 72.21 44.55 6.42
CA GLY D 790 72.72 43.76 5.32
C GLY D 790 71.88 42.55 5.02
N PHE D 791 70.82 42.31 5.79
CA PHE D 791 69.89 41.21 5.58
C PHE D 791 68.86 41.65 4.56
N ASN D 792 68.74 40.89 3.47
CA ASN D 792 67.86 41.24 2.36
C ASN D 792 66.51 40.53 2.54
N PHE D 793 65.49 41.32 2.86
CA PHE D 793 64.13 40.83 3.10
C PHE D 793 63.20 41.17 1.93
N SER D 794 63.76 41.56 0.79
CA SER D 794 62.94 41.99 -0.33
C SER D 794 62.06 40.89 -0.89
N GLN D 795 62.39 39.63 -0.63
CA GLN D 795 61.61 38.52 -1.14
C GLN D 795 60.51 38.05 -0.20
N ILE D 796 60.45 38.59 1.02
CA ILE D 796 59.40 38.26 1.98
C ILE D 796 58.46 39.43 2.24
N LEU D 797 58.95 40.67 2.09
CA LEU D 797 58.18 41.89 2.27
C LEU D 797 57.30 42.17 1.04
N PRO D 798 56.16 42.84 1.21
CA PRO D 798 55.28 43.10 0.07
C PRO D 798 55.95 43.98 -0.98
N ASP D 799 55.68 43.66 -2.25
CA ASP D 799 56.21 44.43 -3.36
C ASP D 799 55.21 45.56 -3.65
N PRO D 800 55.56 46.83 -3.39
CA PRO D 800 54.55 47.91 -3.52
C PRO D 800 54.06 48.17 -4.93
N SER D 801 54.74 47.70 -5.97
CA SER D 801 54.38 48.00 -7.34
C SER D 801 53.26 47.14 -7.93
N LYS D 802 52.81 46.08 -7.25
CA LYS D 802 51.81 45.19 -7.82
C LYS D 802 50.39 45.58 -7.43
N PRO D 803 49.38 45.14 -8.20
CA PRO D 803 47.97 45.38 -7.80
C PRO D 803 47.60 44.81 -6.45
N SER D 804 48.34 43.83 -5.95
CA SER D 804 48.10 43.20 -4.66
C SER D 804 49.45 43.15 -3.97
N LYS D 805 49.53 43.74 -2.78
CA LYS D 805 50.82 43.96 -2.12
C LYS D 805 51.28 42.67 -1.46
N ARG D 806 51.76 41.75 -2.30
CA ARG D 806 52.22 40.44 -1.90
C ARG D 806 53.72 40.34 -2.16
N SER D 807 54.40 39.50 -1.40
CA SER D 807 55.82 39.33 -1.61
C SER D 807 56.05 38.47 -2.85
N PRO D 808 57.26 38.51 -3.42
CA PRO D 808 57.59 37.57 -4.51
C PRO D 808 57.31 36.10 -4.16
N ILE D 809 57.61 35.70 -2.93
CA ILE D 809 57.32 34.34 -2.50
C ILE D 809 55.82 34.14 -2.42
N GLU D 810 55.09 35.12 -1.90
CA GLU D 810 53.64 34.98 -1.86
C GLU D 810 53.07 34.86 -3.27
N ASP D 811 53.60 35.63 -4.23
CA ASP D 811 53.12 35.49 -5.60
C ASP D 811 53.34 34.07 -6.10
N LEU D 812 54.50 33.49 -5.76
CA LEU D 812 54.76 32.12 -6.18
C LEU D 812 53.76 31.17 -5.55
N LEU D 813 53.50 31.34 -4.25
CA LEU D 813 52.59 30.45 -3.53
C LEU D 813 51.18 30.53 -4.10
N PHE D 814 50.73 31.73 -4.44
CA PHE D 814 49.40 31.90 -5.01
C PHE D 814 49.31 31.40 -6.45
N ASN D 815 50.42 31.46 -7.20
CA ASN D 815 50.39 31.00 -8.58
C ASN D 815 50.50 29.47 -8.69
N LYS D 816 51.15 28.81 -7.73
CA LYS D 816 51.31 27.35 -7.83
C LYS D 816 50.07 26.60 -7.35
N VAL D 817 49.34 27.12 -6.37
CA VAL D 817 48.15 26.45 -5.86
C VAL D 817 46.93 26.96 -6.63
N THR D 818 46.15 26.03 -7.15
CA THR D 818 44.98 26.33 -7.98
C THR D 818 43.78 25.48 -7.55
N LEU D 840 30.17 36.82 -10.58
CA LEU D 840 29.67 35.83 -9.64
C LEU D 840 28.93 34.73 -10.40
N ILE D 841 29.70 33.81 -10.98
CA ILE D 841 29.16 32.67 -11.72
C ILE D 841 29.43 31.41 -10.91
N CYS D 842 28.37 30.72 -10.49
CA CYS D 842 28.52 29.49 -9.71
C CYS D 842 28.71 28.31 -10.67
N ALA D 843 29.86 28.38 -11.36
CA ALA D 843 30.20 27.46 -12.45
C ALA D 843 30.42 26.02 -12.01
N GLN D 844 30.94 25.79 -10.80
CA GLN D 844 31.36 24.44 -10.38
C GLN D 844 30.38 23.69 -9.49
N LYS D 845 29.91 22.54 -9.99
CA LYS D 845 29.07 21.58 -9.27
C LYS D 845 27.80 22.18 -8.66
N PHE D 846 27.08 22.99 -9.44
CA PHE D 846 25.87 23.61 -8.92
C PHE D 846 24.62 22.76 -9.09
N ASN D 847 24.01 22.41 -7.95
CA ASN D 847 22.72 21.73 -7.88
C ASN D 847 22.12 22.13 -6.54
N GLY D 848 22.03 23.44 -6.27
CA GLY D 848 21.61 23.91 -4.97
C GLY D 848 22.77 23.98 -4.00
N LEU D 849 23.99 23.73 -4.48
CA LEU D 849 25.23 23.70 -3.73
C LEU D 849 25.98 24.98 -4.04
N THR D 850 26.29 25.78 -3.02
CA THR D 850 26.99 27.04 -3.24
C THR D 850 28.21 27.12 -2.33
N VAL D 851 29.08 28.07 -2.68
CA VAL D 851 30.32 28.34 -1.97
C VAL D 851 30.30 29.78 -1.48
N LEU D 852 30.58 29.97 -0.22
CA LEU D 852 30.59 31.28 0.39
C LEU D 852 32.00 31.84 0.37
N PRO D 853 32.22 33.15 0.20
CA PRO D 853 33.58 33.68 0.24
C PRO D 853 34.11 33.72 1.65
N PRO D 854 35.43 33.78 1.83
CA PRO D 854 35.98 33.99 3.17
C PRO D 854 35.68 35.39 3.66
N LEU D 855 35.64 35.55 4.98
CA LEU D 855 35.45 36.88 5.54
C LEU D 855 36.63 37.79 5.25
N LEU D 856 37.85 37.27 5.36
CA LEU D 856 39.04 38.06 5.06
C LEU D 856 39.47 37.76 3.64
N THR D 857 39.79 38.81 2.89
CA THR D 857 40.22 38.65 1.51
C THR D 857 41.71 38.34 1.50
N ASP D 858 42.21 37.93 0.33
CA ASP D 858 43.63 37.64 0.22
C ASP D 858 44.45 38.88 0.52
N GLU D 859 43.93 40.05 0.15
CA GLU D 859 44.64 41.29 0.43
C GLU D 859 44.70 41.54 1.94
N MET D 860 43.63 41.22 2.67
CA MET D 860 43.63 41.42 4.12
C MET D 860 44.59 40.44 4.80
N ILE D 861 44.70 39.23 4.26
CA ILE D 861 45.64 38.26 4.84
C ILE D 861 47.05 38.74 4.57
N ALA D 862 47.28 39.25 3.36
CA ALA D 862 48.60 39.79 3.02
C ALA D 862 48.94 40.95 3.93
N GLN D 863 47.95 41.78 4.28
CA GLN D 863 48.20 42.89 5.19
C GLN D 863 48.57 42.39 6.58
N TYR D 864 47.92 41.31 7.04
CA TYR D 864 48.30 40.79 8.36
C TYR D 864 49.70 40.22 8.30
N THR D 865 50.05 39.53 7.21
CA THR D 865 51.38 38.95 7.09
C THR D 865 52.42 40.05 7.06
N SER D 866 52.15 41.11 6.30
CA SER D 866 53.07 42.24 6.21
C SER D 866 53.25 42.88 7.58
N ALA D 867 52.15 43.05 8.33
CA ALA D 867 52.26 43.63 9.65
C ALA D 867 53.11 42.76 10.56
N LEU D 868 52.97 41.45 10.46
CA LEU D 868 53.77 40.55 11.28
C LEU D 868 55.24 40.62 10.89
N LEU D 869 55.53 40.74 9.60
CA LEU D 869 56.91 40.84 9.17
C LEU D 869 57.51 42.17 9.61
N ALA D 870 56.76 43.26 9.49
CA ALA D 870 57.29 44.55 9.89
C ALA D 870 57.56 44.56 11.38
N GLY D 871 56.66 43.95 12.16
CA GLY D 871 56.84 43.89 13.60
C GLY D 871 58.08 43.11 13.96
N THR D 872 58.23 41.92 13.39
CA THR D 872 59.36 41.06 13.72
C THR D 872 60.67 41.71 13.31
N ILE D 873 60.71 42.25 12.09
CA ILE D 873 61.95 42.83 11.56
C ILE D 873 62.37 44.08 12.33
N THR D 874 61.42 44.97 12.66
CA THR D 874 61.81 46.21 13.33
C THR D 874 61.81 46.15 14.85
N SER D 875 61.10 45.21 15.47
CA SER D 875 61.01 45.13 16.93
C SER D 875 61.23 43.74 17.51
N GLY D 876 61.60 42.76 16.70
CA GLY D 876 61.85 41.42 17.22
C GLY D 876 60.60 40.82 17.82
N TRP D 877 60.72 40.30 19.04
CA TRP D 877 59.58 39.68 19.72
C TRP D 877 58.84 40.65 20.63
N THR D 878 59.27 41.91 20.73
CA THR D 878 58.64 42.80 21.70
C THR D 878 57.22 43.16 21.31
N PHE D 879 56.91 43.15 20.00
CA PHE D 879 55.56 43.53 19.58
C PHE D 879 54.53 42.47 19.95
N GLY D 880 54.96 41.25 20.26
CA GLY D 880 54.07 40.15 20.57
C GLY D 880 53.72 40.01 22.03
N ALA D 881 54.27 40.85 22.91
CA ALA D 881 54.02 40.75 24.33
C ALA D 881 53.80 42.13 24.97
N GLY D 882 53.45 43.12 24.17
CA GLY D 882 53.31 44.48 24.65
C GLY D 882 53.49 45.43 23.48
N PRO D 883 53.96 46.65 23.73
CA PRO D 883 54.14 47.59 22.62
C PRO D 883 55.34 47.15 21.81
N ALA D 884 55.38 47.53 20.54
CA ALA D 884 56.55 47.23 19.74
C ALA D 884 57.67 48.19 20.12
N LEU D 885 58.84 47.62 20.39
CA LEU D 885 60.03 48.38 20.76
C LEU D 885 61.06 48.20 19.66
N GLN D 886 61.46 49.30 19.01
CA GLN D 886 62.39 49.17 17.91
C GLN D 886 63.75 48.70 18.43
N ILE D 887 64.42 47.89 17.62
CA ILE D 887 65.79 47.47 17.92
C ILE D 887 66.56 47.34 16.60
N PRO D 888 67.83 47.73 16.51
CA PRO D 888 68.57 47.48 15.27
C PRO D 888 68.55 45.98 14.97
N PHE D 889 68.34 45.63 13.70
CA PHE D 889 68.23 44.21 13.36
C PHE D 889 69.44 43.39 13.79
N PRO D 890 70.69 43.81 13.54
CA PRO D 890 71.83 42.99 13.99
C PRO D 890 71.84 42.76 15.49
N MET D 891 71.21 43.63 16.28
CA MET D 891 71.22 43.40 17.71
C MET D 891 70.13 42.41 18.05
N GLN D 892 69.05 42.39 17.25
CA GLN D 892 68.02 41.40 17.45
C GLN D 892 68.60 40.03 17.20
N MET D 893 69.37 39.91 16.12
CA MET D 893 69.98 38.63 15.80
C MET D 893 70.99 38.23 16.86
N ALA D 894 71.75 39.21 17.37
CA ALA D 894 72.71 38.90 18.43
C ALA D 894 72.00 38.33 19.65
N TYR D 895 70.80 38.84 19.96
CA TYR D 895 70.08 38.32 21.11
C TYR D 895 69.54 36.94 20.79
N ARG D 896 69.13 36.72 19.55
CA ARG D 896 68.66 35.40 19.14
C ARG D 896 69.80 34.38 19.25
N PHE D 897 71.02 34.83 18.94
CA PHE D 897 72.19 33.98 19.09
C PHE D 897 72.40 33.67 20.56
N ASN D 898 72.22 34.65 21.44
CA ASN D 898 72.33 34.34 22.87
C ASN D 898 71.25 33.34 23.24
N GLY D 899 70.08 33.47 22.63
CA GLY D 899 68.97 32.57 22.89
C GLY D 899 69.32 31.12 22.61
N ILE D 900 70.15 30.88 21.59
CA ILE D 900 70.55 29.52 21.23
C ILE D 900 71.88 29.13 21.87
N GLY D 901 72.42 29.93 22.78
CA GLY D 901 73.65 29.60 23.47
C GLY D 901 74.92 30.01 22.77
N VAL D 902 74.87 30.97 21.85
CA VAL D 902 76.03 31.47 21.12
C VAL D 902 76.18 32.93 21.51
N THR D 903 77.40 33.32 21.88
CA THR D 903 77.60 34.68 22.36
C THR D 903 77.44 35.71 21.24
N GLN D 904 77.24 36.96 21.67
CA GLN D 904 76.98 38.07 20.75
C GLN D 904 78.15 38.34 19.81
N ASN D 905 79.38 38.12 20.28
CA ASN D 905 80.53 38.44 19.45
C ASN D 905 80.61 37.55 18.23
N VAL D 906 79.99 36.36 18.28
CA VAL D 906 80.05 35.49 17.13
C VAL D 906 79.30 36.14 15.98
N LEU D 907 78.11 36.67 16.27
CA LEU D 907 77.34 37.32 15.22
C LEU D 907 77.98 38.61 14.76
N TYR D 908 78.47 39.44 15.71
CA TYR D 908 78.99 40.72 15.26
C TYR D 908 80.25 40.55 14.42
N GLU D 909 81.12 39.63 14.82
CA GLU D 909 82.34 39.40 14.06
C GLU D 909 82.05 38.82 12.67
N ASN D 910 81.00 38.00 12.56
CA ASN D 910 80.57 37.34 11.33
C ASN D 910 79.31 37.93 10.71
N GLN D 911 78.98 39.19 10.99
CA GLN D 911 77.73 39.76 10.48
C GLN D 911 77.59 39.66 8.96
N LYS D 912 78.66 39.90 8.20
CA LYS D 912 78.52 39.80 6.75
C LYS D 912 78.29 38.36 6.32
N LEU D 913 78.95 37.41 6.97
CA LEU D 913 78.77 36.01 6.61
C LEU D 913 77.35 35.57 6.89
N ILE D 914 76.82 35.97 8.05
CA ILE D 914 75.47 35.57 8.45
C ILE D 914 74.46 36.17 7.47
N ALA D 915 74.61 37.45 7.16
CA ALA D 915 73.70 38.09 6.22
C ALA D 915 73.76 37.45 4.84
N ASN D 916 74.96 37.06 4.39
CA ASN D 916 75.08 36.45 3.08
C ASN D 916 74.45 35.06 3.07
N GLN D 917 74.63 34.30 4.14
CA GLN D 917 74.03 32.97 4.21
C GLN D 917 72.52 33.08 4.26
N PHE D 918 72.01 34.09 4.98
CA PHE D 918 70.58 34.29 5.04
C PHE D 918 70.02 34.61 3.66
N ASN D 919 70.66 35.54 2.95
CA ASN D 919 70.15 35.96 1.65
C ASN D 919 70.19 34.80 0.66
N SER D 920 71.24 33.98 0.75
CA SER D 920 71.35 32.83 -0.12
C SER D 920 70.24 31.84 0.18
N ALA D 921 70.00 31.59 1.47
CA ALA D 921 68.96 30.65 1.86
C ALA D 921 67.59 31.11 1.37
N ILE D 922 67.32 32.42 1.41
CA ILE D 922 66.01 32.89 0.93
C ILE D 922 65.89 32.64 -0.57
N GLY D 923 66.95 32.94 -1.32
CA GLY D 923 66.89 32.67 -2.75
C GLY D 923 66.63 31.20 -3.00
N LYS D 924 67.26 30.34 -2.19
CA LYS D 924 67.02 28.92 -2.33
C LYS D 924 65.57 28.58 -2.02
N ILE D 925 64.94 29.31 -1.09
CA ILE D 925 63.53 29.03 -0.80
C ILE D 925 62.69 29.28 -2.03
N GLN D 926 62.99 30.37 -2.74
CA GLN D 926 62.21 30.66 -3.94
C GLN D 926 62.40 29.58 -4.98
N ASP D 927 63.65 29.10 -5.13
CA ASP D 927 63.89 28.07 -6.13
C ASP D 927 63.26 26.74 -5.72
N SER D 928 63.27 26.44 -4.41
CA SER D 928 62.70 25.20 -3.93
C SER D 928 61.20 25.16 -4.18
N LEU D 929 60.49 26.24 -3.82
CA LEU D 929 59.04 26.26 -4.01
C LEU D 929 58.68 26.27 -5.49
N PHE D 930 59.43 27.00 -6.31
CA PHE D 930 59.15 27.08 -7.73
C PHE D 930 59.34 25.72 -8.41
N SER D 931 60.48 25.07 -8.15
CA SER D 931 60.86 23.83 -8.83
C SER D 931 60.31 22.53 -8.23
N THR D 932 59.74 22.53 -7.02
CA THR D 932 59.21 21.29 -6.43
C THR D 932 57.70 21.39 -6.20
N PRO D 933 56.88 21.00 -7.19
CA PRO D 933 55.42 21.18 -7.06
C PRO D 933 54.80 20.45 -5.88
N SER D 934 55.45 19.40 -5.35
CA SER D 934 54.88 18.64 -4.25
C SER D 934 54.92 19.40 -2.93
N ALA D 935 55.73 20.47 -2.83
CA ALA D 935 55.87 21.18 -1.57
C ALA D 935 54.53 21.74 -1.12
N LEU D 936 53.70 22.19 -2.06
CA LEU D 936 52.42 22.79 -1.78
C LEU D 936 51.28 21.78 -1.87
N GLY D 937 51.62 20.49 -2.01
CA GLY D 937 50.60 19.46 -2.13
C GLY D 937 49.62 19.48 -0.97
N LYS D 938 50.13 19.80 0.24
CA LYS D 938 49.29 19.81 1.43
C LYS D 938 48.12 20.76 1.25
N LEU D 939 48.33 21.89 0.56
CA LEU D 939 47.23 22.82 0.40
C LEU D 939 46.37 22.41 -0.78
N GLN D 940 47.03 21.88 -1.83
CA GLN D 940 46.30 21.49 -3.02
C GLN D 940 45.39 20.31 -2.75
N ASP D 941 45.83 19.42 -1.86
CA ASP D 941 45.03 18.25 -1.53
C ASP D 941 43.74 18.69 -0.86
N VAL D 942 43.81 19.72 -0.01
CA VAL D 942 42.59 20.20 0.64
C VAL D 942 41.61 20.66 -0.43
N VAL D 943 42.11 21.43 -1.39
CA VAL D 943 41.24 21.91 -2.46
C VAL D 943 40.69 20.73 -3.24
N ASN D 944 41.57 19.78 -3.55
CA ASN D 944 41.15 18.66 -4.36
C ASN D 944 40.14 17.82 -3.61
N HIS D 945 40.33 17.67 -2.30
CA HIS D 945 39.39 16.82 -1.58
C HIS D 945 38.03 17.48 -1.53
N ASN D 946 38.01 18.80 -1.39
CA ASN D 946 36.73 19.47 -1.32
C ASN D 946 36.06 19.42 -2.66
N ALA D 947 36.85 19.54 -3.74
CA ALA D 947 36.26 19.45 -5.06
C ALA D 947 35.66 18.08 -5.30
N GLN D 948 36.37 17.04 -4.83
CA GLN D 948 35.84 15.70 -5.04
C GLN D 948 34.55 15.52 -4.28
N ALA D 949 34.46 16.07 -3.08
CA ALA D 949 33.24 15.90 -2.30
C ALA D 949 32.07 16.52 -3.03
N LEU D 950 32.26 17.71 -3.60
CA LEU D 950 31.14 18.31 -4.30
C LEU D 950 30.87 17.57 -5.59
N ASN D 951 31.95 17.11 -6.25
CA ASN D 951 31.75 16.40 -7.50
C ASN D 951 30.96 15.14 -7.22
N THR D 952 31.29 14.46 -6.12
CA THR D 952 30.60 13.23 -5.81
C THR D 952 29.15 13.53 -5.48
N LEU D 953 28.93 14.59 -4.71
CA LEU D 953 27.57 14.93 -4.32
C LEU D 953 26.71 15.22 -5.54
N VAL D 954 27.28 15.88 -6.55
CA VAL D 954 26.51 16.13 -7.76
C VAL D 954 26.25 14.82 -8.49
N LYS D 955 27.26 13.97 -8.57
CA LYS D 955 27.08 12.68 -9.23
C LYS D 955 25.99 11.88 -8.54
N GLN D 956 25.84 12.02 -7.22
CA GLN D 956 24.80 11.25 -6.54
C GLN D 956 23.39 11.58 -7.03
N LEU D 957 23.19 12.72 -7.71
CA LEU D 957 21.85 13.01 -8.22
C LEU D 957 21.52 12.15 -9.43
N SER D 958 22.53 11.61 -10.10
CA SER D 958 22.36 10.80 -11.31
C SER D 958 21.86 9.40 -10.99
N SER D 959 22.22 8.89 -9.80
CA SER D 959 21.88 7.54 -9.41
C SER D 959 20.38 7.35 -9.20
N LYS D 960 19.92 6.13 -9.49
CA LYS D 960 18.52 5.77 -9.31
C LYS D 960 18.23 5.28 -7.90
N PHE D 961 19.22 4.69 -7.22
CA PHE D 961 19.03 4.11 -5.89
C PHE D 961 17.98 3.02 -5.90
N GLY D 962 17.80 2.37 -7.05
CA GLY D 962 16.83 1.31 -7.21
C GLY D 962 15.47 1.79 -7.67
N ALA D 963 15.29 3.11 -7.82
CA ALA D 963 14.04 3.67 -8.28
C ALA D 963 13.87 3.46 -9.78
N ILE D 964 12.63 3.62 -10.25
CA ILE D 964 12.32 3.46 -11.67
C ILE D 964 13.14 4.43 -12.52
N SER D 965 13.44 5.61 -12.00
CA SER D 965 14.22 6.58 -12.76
C SER D 965 14.92 7.55 -11.83
N SER D 966 16.08 8.03 -12.27
CA SER D 966 16.82 9.05 -11.53
C SER D 966 16.24 10.44 -11.74
N VAL D 967 15.36 10.62 -12.72
CA VAL D 967 14.78 11.93 -13.03
C VAL D 967 13.41 11.99 -12.35
N LEU D 968 13.30 12.93 -11.41
CA LEU D 968 12.11 13.07 -10.59
C LEU D 968 10.88 13.40 -11.46
N ASN D 969 11.10 14.21 -12.50
CA ASN D 969 10.00 14.60 -13.37
C ASN D 969 9.49 13.43 -14.18
N ASP D 970 10.33 12.42 -14.44
CA ASP D 970 9.84 11.29 -15.21
C ASP D 970 9.00 10.39 -14.32
N ILE D 971 9.33 10.35 -13.02
CA ILE D 971 8.54 9.55 -12.08
C ILE D 971 7.14 10.16 -11.98
N LEU D 972 7.08 11.47 -11.81
CA LEU D 972 5.77 12.11 -11.71
C LEU D 972 5.01 12.05 -13.03
N SER D 973 5.71 12.20 -14.16
CA SER D 973 5.06 12.15 -15.47
C SER D 973 4.49 10.79 -15.84
N ARG D 974 5.23 9.71 -15.61
CA ARG D 974 4.73 8.41 -16.08
C ARG D 974 3.82 7.65 -15.14
N LEU D 975 3.99 7.77 -13.82
CA LEU D 975 3.24 6.96 -12.86
C LEU D 975 2.20 7.76 -12.09
N ASP D 976 1.20 7.03 -11.62
CA ASP D 976 0.15 7.55 -10.76
C ASP D 976 0.71 7.98 -9.39
N PRO D 977 0.03 8.90 -8.70
CA PRO D 977 0.52 9.40 -7.37
C PRO D 977 1.00 8.35 -6.37
N PRO D 978 0.23 7.34 -5.96
CA PRO D 978 0.79 6.37 -4.97
C PRO D 978 2.15 5.74 -5.33
N GLU D 979 2.27 5.15 -6.52
CA GLU D 979 3.53 4.52 -6.91
C GLU D 979 4.59 5.58 -7.10
N ALA D 980 4.19 6.74 -7.62
CA ALA D 980 5.15 7.81 -7.80
C ALA D 980 5.73 8.22 -6.45
N GLU D 981 4.87 8.30 -5.43
CA GLU D 981 5.35 8.67 -4.10
C GLU D 981 6.33 7.63 -3.57
N VAL D 982 6.07 6.34 -3.85
CA VAL D 982 7.01 5.33 -3.39
C VAL D 982 8.37 5.51 -4.06
N GLN D 983 8.37 5.73 -5.38
CA GLN D 983 9.64 5.88 -6.10
C GLN D 983 10.34 7.17 -5.68
N ILE D 984 9.56 8.20 -5.38
CA ILE D 984 10.12 9.47 -4.94
C ILE D 984 10.74 9.28 -3.57
N ASP D 985 10.05 8.57 -2.68
CA ASP D 985 10.61 8.29 -1.36
C ASP D 985 11.94 7.56 -1.48
N ARG D 986 12.07 6.67 -2.48
CA ARG D 986 13.36 6.01 -2.66
C ARG D 986 14.44 7.00 -3.08
N LEU D 987 14.07 7.94 -3.97
CA LEU D 987 15.06 8.96 -4.36
C LEU D 987 15.38 9.89 -3.19
N ILE D 988 14.38 10.19 -2.35
CA ILE D 988 14.61 11.05 -1.21
C ILE D 988 15.60 10.39 -0.28
N THR D 989 15.42 9.09 -0.04
CA THR D 989 16.34 8.39 0.84
C THR D 989 17.75 8.44 0.27
N GLY D 990 17.90 8.20 -1.03
CA GLY D 990 19.22 8.23 -1.63
C GLY D 990 19.90 9.59 -1.55
N ARG D 991 19.15 10.66 -1.88
CA ARG D 991 19.75 11.99 -1.86
C ARG D 991 20.00 12.47 -0.44
N LEU D 992 19.09 12.17 0.49
CA LEU D 992 19.28 12.60 1.86
C LEU D 992 20.47 11.89 2.47
N GLN D 993 20.64 10.60 2.19
CA GLN D 993 21.80 9.91 2.72
C GLN D 993 23.07 10.45 2.09
N SER D 994 23.01 10.88 0.82
CA SER D 994 24.18 11.47 0.19
C SER D 994 24.55 12.78 0.88
N LEU D 995 23.54 13.59 1.24
CA LEU D 995 23.83 14.82 1.96
C LEU D 995 24.37 14.55 3.35
N GLN D 996 23.84 13.54 4.04
CA GLN D 996 24.35 13.25 5.38
C GLN D 996 25.79 12.77 5.29
N THR D 997 26.12 12.00 4.26
CA THR D 997 27.49 11.54 4.08
C THR D 997 28.40 12.71 3.80
N TYR D 998 27.98 13.62 2.92
CA TYR D 998 28.78 14.80 2.60
C TYR D 998 29.05 15.63 3.86
N VAL D 999 28.00 15.93 4.63
CA VAL D 999 28.18 16.76 5.82
C VAL D 999 29.07 16.05 6.83
N THR D 1000 28.89 14.74 7.03
CA THR D 1000 29.73 14.04 8.00
C THR D 1000 31.20 14.11 7.57
N GLN D 1001 31.47 13.92 6.28
CA GLN D 1001 32.85 13.99 5.80
C GLN D 1001 33.39 15.40 5.96
N GLN D 1002 32.54 16.41 5.75
CA GLN D 1002 32.98 17.79 5.93
C GLN D 1002 33.27 18.08 7.38
N LEU D 1003 32.51 17.51 8.31
CA LEU D 1003 32.79 17.73 9.73
C LEU D 1003 34.12 17.09 10.13
N ILE D 1004 34.40 15.89 9.60
CA ILE D 1004 35.67 15.24 9.92
C ILE D 1004 36.83 16.04 9.33
N ARG D 1005 36.68 16.46 8.07
CA ARG D 1005 37.74 17.24 7.45
C ARG D 1005 37.90 18.58 8.15
N ALA D 1006 36.79 19.19 8.57
CA ALA D 1006 36.86 20.45 9.29
C ALA D 1006 37.61 20.29 10.60
N ALA D 1007 37.41 19.15 11.28
CA ALA D 1007 38.14 18.93 12.53
C ALA D 1007 39.63 18.82 12.24
N GLU D 1008 39.99 18.16 11.13
CA GLU D 1008 41.39 18.06 10.75
C GLU D 1008 41.97 19.43 10.44
N ILE D 1009 41.22 20.26 9.72
CA ILE D 1009 41.67 21.61 9.40
C ILE D 1009 41.78 22.44 10.66
N ARG D 1010 40.81 22.30 11.59
CA ARG D 1010 40.90 23.05 12.83
C ARG D 1010 42.17 22.70 13.58
N ALA D 1011 42.52 21.41 13.64
CA ALA D 1011 43.74 21.02 14.32
C ALA D 1011 44.95 21.63 13.63
N SER D 1012 44.94 21.66 12.30
CA SER D 1012 46.04 22.28 11.56
C SER D 1012 46.11 23.77 11.83
N ALA D 1013 44.96 24.44 11.84
CA ALA D 1013 44.91 25.87 12.11
C ALA D 1013 45.39 26.18 13.51
N ASN D 1014 45.06 25.31 14.48
CA ASN D 1014 45.52 25.54 15.84
C ASN D 1014 47.04 25.38 15.92
N LEU D 1015 47.58 24.44 15.14
CA LEU D 1015 49.02 24.27 15.10
C LEU D 1015 49.67 25.49 14.46
N ALA D 1016 49.08 25.97 13.36
CA ALA D 1016 49.62 27.14 12.68
C ALA D 1016 49.59 28.37 13.57
N ALA D 1017 48.51 28.54 14.34
CA ALA D 1017 48.43 29.69 15.24
C ALA D 1017 49.45 29.56 16.36
N THR D 1018 49.66 28.34 16.85
CA THR D 1018 50.66 28.13 17.90
C THR D 1018 52.04 28.46 17.37
N LYS D 1019 52.40 28.05 16.16
CA LYS D 1019 53.69 28.33 15.50
C LYS D 1019 53.76 29.79 15.07
N MET D 1020 52.66 30.46 14.87
CA MET D 1020 52.75 31.90 14.64
C MET D 1020 53.16 32.59 15.93
N SER D 1021 52.51 32.24 17.03
CA SER D 1021 52.83 32.89 18.30
C SER D 1021 54.23 32.55 18.79
N GLU D 1022 54.63 31.28 18.72
CA GLU D 1022 55.91 30.83 19.28
C GLU D 1022 57.13 30.95 18.36
N CYS D 1023 56.95 30.92 17.05
CA CYS D 1023 58.05 30.99 16.09
C CYS D 1023 58.24 32.38 15.53
N VAL D 1024 57.14 33.09 15.23
CA VAL D 1024 57.22 34.42 14.62
C VAL D 1024 57.27 35.51 15.67
N LEU D 1025 56.46 35.40 16.72
CA LEU D 1025 56.39 36.43 17.75
C LEU D 1025 57.27 36.07 18.94
N GLY D 1026 58.30 35.28 18.70
CA GLY D 1026 59.17 34.85 19.76
C GLY D 1026 60.35 34.07 19.21
N GLN D 1027 60.98 33.33 20.10
CA GLN D 1027 62.09 32.45 19.78
C GLN D 1027 61.79 31.21 20.60
N SER D 1028 61.79 30.04 19.96
CA SER D 1028 61.38 28.81 20.60
C SER D 1028 62.54 27.89 20.91
N LYS D 1029 62.48 27.24 22.07
CA LYS D 1029 63.51 26.28 22.47
C LYS D 1029 62.92 24.89 22.36
N ARG D 1030 61.80 24.72 21.67
CA ARG D 1030 61.22 23.41 21.40
C ARG D 1030 61.90 22.83 20.17
N VAL D 1031 62.51 21.66 20.34
CA VAL D 1031 63.29 21.05 19.26
C VAL D 1031 62.38 20.63 18.12
N ASP D 1032 62.76 21.02 16.90
CA ASP D 1032 62.06 20.74 15.65
C ASP D 1032 60.67 21.37 15.57
N PHE D 1033 60.29 22.23 16.53
CA PHE D 1033 58.99 22.86 16.44
C PHE D 1033 58.99 23.95 15.38
N CYS D 1034 60.07 24.72 15.31
CA CYS D 1034 60.21 25.86 14.42
C CYS D 1034 61.35 25.58 13.44
N GLY D 1035 61.38 24.38 12.88
CA GLY D 1035 62.38 23.98 11.90
C GLY D 1035 63.49 23.15 12.51
N LYS D 1036 64.27 22.55 11.61
CA LYS D 1036 65.39 21.70 12.00
C LYS D 1036 66.61 22.57 12.29
N GLY D 1037 67.22 22.35 13.45
CA GLY D 1037 68.35 23.13 13.91
C GLY D 1037 67.93 23.98 15.08
N TYR D 1038 68.81 24.87 15.50
CA TYR D 1038 68.49 25.72 16.65
C TYR D 1038 67.74 26.90 16.07
N HIS D 1039 66.58 27.20 16.65
CA HIS D 1039 65.73 28.23 16.08
C HIS D 1039 66.23 29.63 16.39
N LEU D 1040 66.29 30.45 15.35
CA LEU D 1040 66.62 31.85 15.45
C LEU D 1040 65.38 32.71 15.27
N MET D 1041 64.66 32.53 14.16
CA MET D 1041 63.50 33.37 13.90
C MET D 1041 62.67 32.72 12.80
N SER D 1042 61.44 33.19 12.65
CA SER D 1042 60.58 32.71 11.57
C SER D 1042 59.84 33.89 10.94
N PHE D 1043 59.44 33.68 9.68
CA PHE D 1043 58.70 34.68 8.92
C PHE D 1043 57.47 34.04 8.28
N PRO D 1044 56.26 34.57 8.50
CA PRO D 1044 55.09 34.01 7.82
C PRO D 1044 54.99 34.49 6.38
N GLN D 1045 54.37 33.65 5.56
CA GLN D 1045 53.93 34.01 4.23
C GLN D 1045 52.54 33.42 4.08
N SER D 1046 51.66 34.13 3.40
CA SER D 1046 50.33 33.57 3.20
C SER D 1046 50.32 32.66 1.98
N ALA D 1047 49.30 31.81 1.90
CA ALA D 1047 49.10 30.94 0.75
C ALA D 1047 47.61 30.70 0.67
N PRO D 1048 47.10 30.29 -0.50
CA PRO D 1048 45.66 29.98 -0.57
C PRO D 1048 45.29 28.93 0.45
N HIS D 1049 44.26 29.26 1.24
CA HIS D 1049 43.74 28.37 2.27
C HIS D 1049 44.81 27.92 3.26
N GLY D 1050 45.87 28.70 3.47
CA GLY D 1050 46.87 28.25 4.43
C GLY D 1050 47.99 29.25 4.64
N VAL D 1051 48.98 28.81 5.42
CA VAL D 1051 50.13 29.63 5.78
C VAL D 1051 51.41 28.82 5.57
N VAL D 1052 52.45 29.49 5.12
CA VAL D 1052 53.78 28.91 4.93
C VAL D 1052 54.72 29.67 5.85
N PHE D 1053 55.47 28.95 6.68
CA PHE D 1053 56.42 29.58 7.59
C PHE D 1053 57.81 29.33 7.06
N LEU D 1054 58.63 30.37 7.04
CA LEU D 1054 60.03 30.27 6.68
C LEU D 1054 60.76 30.28 8.01
N HIS D 1055 61.40 29.18 8.36
CA HIS D 1055 62.04 29.05 9.66
C HIS D 1055 63.54 29.19 9.45
N VAL D 1056 64.14 30.15 10.15
CA VAL D 1056 65.54 30.48 10.05
C VAL D 1056 66.18 29.89 11.30
N THR D 1057 67.11 28.95 11.09
CA THR D 1057 67.77 28.24 12.17
C THR D 1057 69.28 28.28 11.99
N TYR D 1058 69.94 28.05 13.12
CA TYR D 1058 71.40 27.97 13.22
C TYR D 1058 71.75 26.48 13.21
N VAL D 1059 72.58 26.06 12.25
CA VAL D 1059 72.97 24.67 12.11
C VAL D 1059 74.49 24.58 12.35
N PRO D 1060 74.96 23.84 13.36
CA PRO D 1060 76.40 23.70 13.56
C PRO D 1060 77.09 23.07 12.34
N ALA D 1061 78.32 23.49 12.08
CA ALA D 1061 79.06 22.93 10.95
C ALA D 1061 80.55 22.90 11.25
N GLN D 1062 81.25 22.00 10.54
CA GLN D 1062 82.71 21.88 10.59
C GLN D 1062 83.21 21.62 12.01
N GLU D 1063 82.71 20.55 12.62
CA GLU D 1063 83.15 20.22 13.96
C GLU D 1063 84.58 19.69 13.96
N LYS D 1064 85.24 19.83 15.11
CA LYS D 1064 86.59 19.31 15.34
C LYS D 1064 86.62 18.49 16.62
N ASN D 1065 87.48 17.47 16.61
CA ASN D 1065 87.71 16.58 17.76
C ASN D 1065 88.64 17.24 18.77
N PHE D 1066 88.19 17.34 20.02
CA PHE D 1066 88.99 17.87 21.12
C PHE D 1066 88.96 16.89 22.29
N THR D 1067 90.02 16.92 23.10
CA THR D 1067 90.04 16.15 24.33
C THR D 1067 89.41 17.05 25.39
N THR D 1068 88.63 16.46 26.29
CA THR D 1068 87.95 17.21 27.34
C THR D 1068 88.20 16.59 28.71
N ALA D 1069 87.66 17.27 29.73
CA ALA D 1069 87.77 16.81 31.11
C ALA D 1069 86.64 17.44 31.91
N PRO D 1070 86.04 16.72 32.87
CA PRO D 1070 85.06 17.35 33.77
C PRO D 1070 85.52 18.58 34.54
N ALA D 1071 86.78 18.65 34.94
CA ALA D 1071 87.24 19.76 35.77
C ALA D 1071 88.75 19.87 35.67
N ILE D 1072 89.27 21.02 36.08
CA ILE D 1072 90.70 21.27 36.17
C ILE D 1072 91.13 21.28 37.64
N CYS D 1073 92.19 20.52 37.92
CA CYS D 1073 92.80 20.47 39.25
C CYS D 1073 93.96 21.46 39.31
N HIS D 1074 93.87 22.46 40.20
CA HIS D 1074 94.90 23.49 40.28
C HIS D 1074 95.78 23.34 41.52
N ASP D 1075 95.29 23.74 42.68
CA ASP D 1075 95.99 23.64 43.96
C ASP D 1075 95.34 22.61 44.86
N GLY D 1076 94.58 21.68 44.28
CA GLY D 1076 93.84 20.67 44.99
C GLY D 1076 92.36 20.93 44.93
N LYS D 1077 91.96 22.15 44.58
CA LYS D 1077 90.57 22.52 44.40
C LYS D 1077 90.12 22.12 43.00
N ALA D 1078 88.85 21.72 42.89
CA ALA D 1078 88.27 21.32 41.60
C ALA D 1078 87.56 22.50 40.96
N HIS D 1079 87.98 22.86 39.75
CA HIS D 1079 87.44 23.99 39.00
C HIS D 1079 86.54 23.49 37.88
N PHE D 1080 85.29 23.98 37.84
CA PHE D 1080 84.31 23.60 36.85
C PHE D 1080 83.97 24.81 35.97
N PRO D 1081 83.60 24.63 34.69
CA PRO D 1081 83.24 25.80 33.89
C PRO D 1081 81.96 26.46 34.38
N ARG D 1082 81.89 27.79 34.29
CA ARG D 1082 80.59 28.43 34.53
C ARG D 1082 79.72 28.40 33.29
N GLU D 1083 80.29 28.71 32.12
CA GLU D 1083 79.56 28.76 30.86
C GLU D 1083 80.47 28.26 29.75
N GLY D 1084 80.57 26.95 29.62
CA GLY D 1084 81.45 26.38 28.62
C GLY D 1084 81.88 24.98 28.97
N VAL D 1085 82.80 24.47 28.15
CA VAL D 1085 83.37 23.14 28.26
C VAL D 1085 84.88 23.26 28.18
N PHE D 1086 85.59 22.48 29.01
CA PHE D 1086 87.05 22.48 28.95
C PHE D 1086 87.46 21.58 27.79
N VAL D 1087 88.37 22.06 26.96
CA VAL D 1087 88.87 21.33 25.81
C VAL D 1087 90.39 21.42 25.79
N SER D 1088 91.00 20.49 25.07
CA SER D 1088 92.44 20.51 24.84
C SER D 1088 92.74 20.24 23.38
N ASN D 1089 93.71 20.97 22.83
CA ASN D 1089 94.18 20.76 21.48
C ASN D 1089 95.33 19.74 21.46
N GLY D 1090 95.62 19.13 22.60
CA GLY D 1090 96.69 18.16 22.78
C GLY D 1090 97.87 18.70 23.57
N THR D 1091 98.03 20.02 23.65
CA THR D 1091 99.11 20.64 24.43
C THR D 1091 98.62 21.64 25.48
N HIS D 1092 97.50 22.32 25.25
CA HIS D 1092 96.99 23.34 26.16
C HIS D 1092 95.49 23.19 26.37
N TRP D 1093 95.06 23.48 27.60
CA TRP D 1093 93.65 23.46 27.96
C TRP D 1093 93.03 24.85 27.84
N PHE D 1094 91.82 24.89 27.27
CA PHE D 1094 91.06 26.11 27.06
C PHE D 1094 89.62 25.87 27.46
N LEU D 1095 88.89 26.95 27.72
CA LEU D 1095 87.45 26.90 27.95
C LEU D 1095 86.79 27.44 26.70
N THR D 1096 85.77 26.74 26.19
CA THR D 1096 85.03 27.18 25.03
C THR D 1096 83.53 27.20 25.27
N GLN D 1097 82.83 28.01 24.49
CA GLN D 1097 81.39 27.95 24.47
C GLN D 1097 81.01 26.64 23.78
N ARG D 1098 79.86 26.09 24.14
CA ARG D 1098 79.50 24.77 23.65
C ARG D 1098 79.14 24.71 22.17
N ASN D 1099 78.50 25.72 21.61
CA ASN D 1099 78.01 25.65 20.24
C ASN D 1099 78.94 26.29 19.21
N PHE D 1100 80.11 26.76 19.60
CA PHE D 1100 81.01 27.42 18.64
C PHE D 1100 82.42 27.45 19.21
N TYR D 1101 83.38 26.83 18.51
CA TYR D 1101 84.72 26.77 19.07
C TYR D 1101 85.30 28.18 19.15
N GLU D 1102 85.73 28.55 20.35
CA GLU D 1102 86.30 29.85 20.67
C GLU D 1102 87.18 29.71 21.90
N PRO D 1103 88.44 29.30 21.77
CA PRO D 1103 89.24 28.99 22.96
C PRO D 1103 89.53 30.25 23.77
N GLN D 1104 89.41 30.11 25.08
CA GLN D 1104 89.72 31.17 26.02
C GLN D 1104 90.63 30.61 27.11
N ILE D 1105 91.40 31.51 27.72
CA ILE D 1105 92.29 31.11 28.80
C ILE D 1105 91.45 30.70 30.01
N ILE D 1106 91.83 29.62 30.66
CA ILE D 1106 91.09 29.16 31.84
C ILE D 1106 91.52 30.03 33.00
N THR D 1107 90.56 30.74 33.60
CA THR D 1107 90.82 31.68 34.68
C THR D 1107 89.82 31.45 35.80
N THR D 1108 90.02 32.16 36.91
CA THR D 1108 89.08 32.03 38.03
C THR D 1108 87.75 32.73 37.78
N ASP D 1109 87.64 33.52 36.70
CA ASP D 1109 86.38 34.17 36.36
C ASP D 1109 85.54 33.27 35.47
N ASN D 1110 86.22 32.46 34.66
CA ASN D 1110 85.58 31.56 33.73
C ASN D 1110 85.05 30.33 34.44
N THR D 1111 85.69 29.94 35.53
CA THR D 1111 85.35 28.75 36.30
C THR D 1111 84.86 29.12 37.69
N PHE D 1112 84.31 28.10 38.37
CA PHE D 1112 83.89 28.18 39.77
C PHE D 1112 84.51 26.99 40.49
N VAL D 1113 84.63 27.09 41.81
CA VAL D 1113 85.28 26.06 42.62
C VAL D 1113 84.26 25.43 43.57
N SER D 1114 84.25 24.10 43.60
CA SER D 1114 83.42 23.32 44.51
C SER D 1114 84.12 21.99 44.77
N GLY D 1115 84.43 21.70 46.03
CA GLY D 1115 85.11 20.45 46.35
C GLY D 1115 86.58 20.48 46.01
N ASN D 1116 87.15 19.28 45.82
CA ASN D 1116 88.59 19.13 45.62
C ASN D 1116 88.85 18.02 44.59
N CYS D 1117 90.14 17.83 44.28
CA CYS D 1117 90.56 16.94 43.21
C CYS D 1117 90.34 15.45 43.48
N ASP D 1118 89.96 15.06 44.70
CA ASP D 1118 89.76 13.64 45.01
C ASP D 1118 88.36 13.11 44.79
N VAL D 1119 87.40 13.93 44.38
CA VAL D 1119 86.01 13.50 44.20
C VAL D 1119 85.64 13.36 42.73
N VAL D 1120 86.03 14.29 41.88
CA VAL D 1120 85.61 14.28 40.48
C VAL D 1120 86.39 13.22 39.72
N ILE D 1121 85.66 12.40 38.98
CA ILE D 1121 86.24 11.32 38.18
C ILE D 1121 86.73 11.90 36.86
N GLY D 1122 87.99 11.66 36.53
CA GLY D 1122 88.56 12.18 35.30
C GLY D 1122 89.04 13.61 35.35
N ILE D 1123 89.34 14.12 36.54
CA ILE D 1123 89.85 15.48 36.67
C ILE D 1123 91.28 15.50 36.17
N VAL D 1124 91.67 16.59 35.50
CA VAL D 1124 93.03 16.72 34.96
C VAL D 1124 93.75 17.89 35.62
N ASN D 1125 95.07 17.77 35.63
CA ASN D 1125 95.97 18.77 36.21
C ASN D 1125 96.30 19.84 35.18
N ASN D 1126 95.90 21.08 35.45
CA ASN D 1126 96.18 22.19 34.55
C ASN D 1126 96.20 23.46 35.38
N THR D 1127 96.88 24.48 34.85
CA THR D 1127 96.94 25.77 35.51
C THR D 1127 95.69 26.59 35.23
N VAL D 1128 95.08 27.09 36.29
CA VAL D 1128 93.97 28.04 36.24
C VAL D 1128 94.60 29.39 36.55
N TYR D 1129 94.50 30.37 35.67
CA TYR D 1129 95.22 31.63 35.95
C TYR D 1129 94.34 32.57 36.72
N ASP D 1130 94.88 33.27 37.70
CA ASP D 1130 94.09 34.28 38.43
C ASP D 1130 94.62 35.62 37.98
N PRO D 1131 93.84 36.56 37.43
CA PRO D 1131 94.37 37.89 37.09
C PRO D 1131 94.83 38.67 38.31
N LEU D 1132 94.06 38.68 39.39
CA LEU D 1132 94.38 39.56 40.54
C LEU D 1132 95.74 39.15 41.14
N GLN D 1133 96.05 37.88 41.27
CA GLN D 1133 97.33 37.53 41.92
C GLN D 1133 98.41 37.59 40.86
N LEU D 1134 98.03 37.50 39.60
CA LEU D 1134 98.98 37.66 38.49
C LEU D 1134 99.38 39.12 38.36
N GLU D 1135 98.46 40.04 38.55
CA GLU D 1135 98.82 41.46 38.35
C GLU D 1135 99.48 41.94 39.63
N LEU D 1136 99.06 41.40 40.77
CA LEU D 1136 99.73 41.81 42.01
C LEU D 1136 101.21 41.49 41.81
N ASP D 1137 101.49 40.36 41.18
CA ASP D 1137 102.90 39.93 40.97
C ASP D 1137 103.64 40.95 40.10
N SER D 1138 103.00 41.50 39.09
CA SER D 1138 103.62 42.55 38.25
C SER D 1138 103.35 43.97 38.78
N PHE D 1139 102.91 44.15 40.03
CA PHE D 1139 102.70 45.52 40.47
C PHE D 1139 103.42 45.84 41.78
N LYS D 1140 103.36 44.94 42.76
CA LYS D 1140 103.89 45.19 44.10
C LYS D 1140 105.25 44.54 44.37
N GLU D 1141 105.91 44.00 43.33
CA GLU D 1141 107.17 43.27 43.51
C GLU D 1141 108.23 44.08 44.26
N GLU D 1142 108.26 45.40 44.06
CA GLU D 1142 109.28 46.24 44.68
C GLU D 1142 109.21 46.28 46.20
N LEU D 1143 108.05 45.97 46.80
CA LEU D 1143 107.89 45.99 48.25
C LEU D 1143 108.19 47.37 48.84
N ASP D 1144 107.90 48.43 48.11
CA ASP D 1144 108.16 49.78 48.59
C ASP D 1144 107.25 50.79 47.91
N THR E 21 -20.55 52.17 -1.12
CA THR E 21 -20.56 50.97 -1.96
C THR E 21 -19.59 49.96 -1.32
N THR E 22 -18.83 49.21 -2.12
CA THR E 22 -17.77 48.36 -1.61
C THR E 22 -16.54 49.23 -1.39
N GLN E 23 -15.95 49.12 -0.21
CA GLN E 23 -14.87 50.02 0.18
C GLN E 23 -13.51 49.45 -0.19
N SER E 24 -12.52 50.33 -0.20
CA SER E 24 -11.15 49.95 -0.51
C SER E 24 -10.64 48.88 0.43
N TYR E 25 -9.77 48.00 -0.09
CA TYR E 25 -9.25 46.90 0.69
C TYR E 25 -8.46 47.43 1.88
N THR E 26 -8.64 46.79 3.03
CA THR E 26 -7.93 47.15 4.25
C THR E 26 -6.85 46.13 4.60
N ASN E 27 -5.94 46.56 5.48
CA ASN E 27 -4.78 45.80 5.93
C ASN E 27 -4.94 45.37 7.39
N PHE E 28 -5.10 44.06 7.63
CA PHE E 28 -5.30 43.51 8.96
C PHE E 28 -4.21 42.51 9.33
N THR E 29 -4.05 42.35 10.64
CA THR E 29 -3.17 41.35 11.24
C THR E 29 -3.99 40.37 12.08
N ARG E 30 -5.29 40.27 11.78
CA ARG E 30 -6.26 39.42 12.45
C ARG E 30 -6.47 38.14 11.65
N GLY E 31 -7.21 37.21 12.26
CA GLY E 31 -7.54 35.97 11.62
C GLY E 31 -6.76 34.78 12.15
N VAL E 32 -6.03 34.96 13.24
CA VAL E 32 -5.30 33.89 13.88
C VAL E 32 -6.27 33.16 14.81
N TYR E 33 -6.22 31.84 14.75
CA TYR E 33 -7.08 30.95 15.51
C TYR E 33 -6.23 29.80 16.01
N TYR E 34 -6.71 29.12 17.02
CA TYR E 34 -5.97 28.00 17.55
C TYR E 34 -6.02 26.87 16.53
N PRO E 35 -4.89 26.42 15.95
CA PRO E 35 -4.96 25.41 14.89
C PRO E 35 -5.43 24.05 15.36
N ASP E 36 -5.30 23.74 16.65
CA ASP E 36 -5.70 22.44 17.17
C ASP E 36 -6.19 22.64 18.60
N LYS E 37 -6.45 21.53 19.30
CA LYS E 37 -6.99 21.53 20.64
C LYS E 37 -5.95 21.15 21.69
N VAL E 38 -4.68 21.45 21.41
CA VAL E 38 -3.57 21.11 22.28
C VAL E 38 -3.13 22.31 23.11
N PHE E 39 -3.04 22.08 24.42
CA PHE E 39 -2.56 23.05 25.40
C PHE E 39 -1.05 23.16 25.34
N ARG E 40 -0.55 24.39 25.29
CA ARG E 40 0.88 24.63 25.32
C ARG E 40 1.14 25.77 26.29
N SER E 41 2.23 25.67 27.05
CA SER E 41 2.55 26.65 28.10
C SER E 41 3.92 27.27 27.92
N SER E 42 3.95 28.58 27.72
CA SER E 42 5.17 29.36 27.54
C SER E 42 6.10 28.81 26.45
N VAL E 43 5.53 28.50 25.28
CA VAL E 43 6.32 28.01 24.16
C VAL E 43 5.96 28.84 22.94
N LEU E 44 6.84 28.77 21.94
CA LEU E 44 6.58 29.34 20.62
C LEU E 44 6.41 28.15 19.69
N HIS E 45 5.25 28.02 19.08
CA HIS E 45 4.91 26.88 18.25
C HIS E 45 4.84 27.30 16.79
N LEU E 46 5.63 26.65 15.94
CA LEU E 46 5.69 26.97 14.52
C LEU E 46 4.75 25.97 13.86
N THR E 47 3.72 26.47 13.18
CA THR E 47 2.70 25.60 12.60
C THR E 47 2.36 26.06 11.18
N GLN E 48 2.00 25.08 10.35
CA GLN E 48 1.56 25.30 8.98
C GLN E 48 0.07 25.03 8.90
N ASP E 49 -0.71 26.06 8.58
CA ASP E 49 -2.16 25.91 8.54
C ASP E 49 -2.69 27.00 7.62
N LEU E 50 -4.02 27.05 7.49
CA LEU E 50 -4.65 28.06 6.66
C LEU E 50 -4.99 29.25 7.54
N PHE E 51 -4.35 30.38 7.26
CA PHE E 51 -4.51 31.59 8.06
C PHE E 51 -4.73 32.77 7.13
N LEU E 52 -5.35 33.81 7.66
CA LEU E 52 -5.43 35.04 6.91
C LEU E 52 -4.04 35.65 6.96
N PRO E 53 -3.37 35.89 5.82
CA PRO E 53 -2.02 36.48 5.91
C PRO E 53 -2.09 37.88 6.48
N PHE E 54 -1.03 38.28 7.16
CA PHE E 54 -1.01 39.62 7.71
C PHE E 54 -0.88 40.60 6.56
N PHE E 55 -1.63 41.71 6.65
CA PHE E 55 -1.62 42.77 5.65
C PHE E 55 -2.14 42.30 4.29
N SER E 56 -2.92 41.22 4.26
CA SER E 56 -3.57 40.80 3.02
C SER E 56 -4.71 41.76 2.72
N ASN E 57 -5.21 41.72 1.48
CA ASN E 57 -6.30 42.62 1.10
C ASN E 57 -7.64 41.99 1.51
N VAL E 58 -8.28 42.62 2.49
CA VAL E 58 -9.56 42.17 3.04
C VAL E 58 -10.66 43.09 2.50
N THR E 59 -11.70 42.51 1.90
CA THR E 59 -12.73 43.32 1.27
C THR E 59 -13.71 43.81 2.32
N TRP E 60 -13.97 45.11 2.33
CA TRP E 60 -14.90 45.74 3.26
C TRP E 60 -16.19 46.08 2.54
N PHE E 61 -17.29 45.43 2.94
CA PHE E 61 -18.59 45.60 2.32
C PHE E 61 -19.44 46.47 3.23
N ALA E 63 -21.33 51.37 5.50
CA ALA E 63 -21.22 50.63 4.25
C ALA E 63 -22.10 49.39 4.27
N ILE E 64 -23.31 49.53 4.82
CA ILE E 64 -24.19 48.39 5.01
C ILE E 64 -24.59 47.85 3.65
N SER E 65 -24.43 46.54 3.47
CA SER E 65 -24.67 45.79 2.23
C SER E 65 -23.62 46.06 1.16
N GLY E 66 -22.57 46.82 1.48
CA GLY E 66 -21.51 47.07 0.51
C GLY E 66 -22.01 47.82 -0.71
N THR E 67 -21.83 47.21 -1.89
CA THR E 67 -22.23 47.85 -3.14
C THR E 67 -23.72 48.13 -3.16
N ASN E 68 -24.51 47.22 -2.60
CA ASN E 68 -25.96 47.31 -2.65
C ASN E 68 -26.45 48.20 -1.50
N GLY E 69 -27.66 48.73 -1.67
CA GLY E 69 -28.24 49.56 -0.63
C GLY E 69 -28.84 48.73 0.48
N THR E 70 -29.33 49.44 1.50
CA THR E 70 -29.86 48.77 2.69
C THR E 70 -31.23 48.14 2.45
N LYS E 71 -31.93 48.52 1.37
CA LYS E 71 -33.23 47.98 1.02
C LYS E 71 -33.19 47.17 -0.28
N ARG E 72 -32.00 46.87 -0.80
CA ARG E 72 -31.83 46.15 -2.05
C ARG E 72 -31.63 44.67 -1.75
N PHE E 73 -32.20 43.80 -2.59
CA PHE E 73 -32.12 42.36 -2.40
C PHE E 73 -30.96 41.71 -3.15
N ASP E 74 -30.10 42.50 -3.77
CA ASP E 74 -28.92 42.00 -4.46
C ASP E 74 -27.88 41.60 -3.43
N ASN E 75 -27.00 40.66 -3.80
CA ASN E 75 -25.99 40.17 -2.86
C ASN E 75 -24.71 39.74 -3.60
N PRO E 76 -23.52 40.10 -3.10
CA PRO E 76 -22.27 39.64 -3.74
C PRO E 76 -22.13 38.13 -3.97
N VAL E 77 -22.73 37.28 -3.12
CA VAL E 77 -22.64 35.80 -3.19
C VAL E 77 -21.21 35.40 -3.53
N LEU E 78 -20.30 35.75 -2.63
CA LEU E 78 -18.86 35.61 -2.85
C LEU E 78 -18.39 34.16 -2.92
N PRO E 79 -17.37 33.87 -3.74
CA PRO E 79 -16.76 32.52 -3.69
C PRO E 79 -15.88 32.35 -2.45
N PHE E 80 -15.88 31.14 -1.88
CA PHE E 80 -15.01 30.84 -0.73
C PHE E 80 -13.88 29.88 -1.10
N ASN E 81 -12.64 30.36 -0.98
CA ASN E 81 -11.43 29.63 -1.34
C ASN E 81 -10.72 29.09 -0.10
N ASP E 82 -10.93 27.80 0.19
CA ASP E 82 -10.34 27.13 1.34
C ASP E 82 -10.58 27.84 2.68
N GLY E 83 -11.76 28.38 2.86
CA GLY E 83 -12.09 29.01 4.12
C GLY E 83 -11.85 30.51 4.12
N VAL E 84 -12.63 31.21 4.94
CA VAL E 84 -12.56 32.66 5.05
C VAL E 84 -12.52 33.17 6.47
N TYR E 85 -12.12 34.44 6.57
CA TYR E 85 -12.17 35.26 7.77
C TYR E 85 -13.32 36.22 7.55
N PHE E 86 -14.23 36.32 8.52
CA PHE E 86 -15.38 37.20 8.45
C PHE E 86 -15.44 38.00 9.73
N ALA E 87 -15.77 39.29 9.62
CA ALA E 87 -15.98 40.06 10.84
C ALA E 87 -16.98 41.17 10.61
N SER E 88 -17.70 41.55 11.65
CA SER E 88 -18.60 42.69 11.53
C SER E 88 -18.98 43.19 12.91
N THR E 89 -19.06 44.52 13.06
CA THR E 89 -19.54 45.14 14.27
C THR E 89 -20.92 45.66 13.93
N GLU E 90 -21.96 45.02 14.47
CA GLU E 90 -23.34 45.37 14.16
C GLU E 90 -24.18 45.45 15.43
N LYS E 91 -24.36 46.66 15.96
CA LYS E 91 -25.12 46.81 17.19
C LYS E 91 -26.54 46.31 17.03
N SER E 92 -27.13 46.50 15.84
CA SER E 92 -28.50 46.14 15.54
C SER E 92 -28.67 44.72 15.01
N ASN E 93 -27.60 43.92 14.91
CA ASN E 93 -27.69 42.54 14.42
C ASN E 93 -28.35 42.42 13.04
N ILE E 94 -27.90 43.26 12.10
CA ILE E 94 -28.46 43.20 10.75
C ILE E 94 -28.15 41.87 10.10
N ILE E 95 -26.91 41.39 10.25
CA ILE E 95 -26.55 40.09 9.72
C ILE E 95 -27.07 39.02 10.67
N ARG E 96 -27.85 38.09 10.11
CA ARG E 96 -28.49 37.02 10.89
C ARG E 96 -27.87 35.65 10.66
N GLY E 97 -27.22 35.41 9.54
CA GLY E 97 -26.70 34.09 9.30
C GLY E 97 -25.78 34.01 8.11
N TRP E 98 -25.42 32.78 7.78
CA TRP E 98 -24.47 32.45 6.71
C TRP E 98 -24.98 31.20 5.99
N ILE E 99 -25.01 31.19 4.64
CA ILE E 99 -25.34 29.98 3.90
C ILE E 99 -24.17 29.57 3.02
N PHE E 100 -23.75 28.32 3.13
CA PHE E 100 -22.60 27.80 2.42
C PHE E 100 -23.10 26.69 1.52
N GLY E 101 -22.49 26.50 0.36
CA GLY E 101 -22.92 25.38 -0.45
C GLY E 101 -22.10 25.18 -1.70
N THR E 102 -22.46 24.12 -2.44
CA THR E 102 -21.79 23.79 -3.69
C THR E 102 -22.26 24.67 -4.84
N THR E 103 -23.59 24.80 -5.00
CA THR E 103 -24.18 25.58 -6.08
C THR E 103 -25.08 26.71 -5.61
N LEU E 104 -25.65 26.62 -4.41
CA LEU E 104 -26.60 27.61 -3.92
C LEU E 104 -27.78 27.81 -4.89
N ASP E 105 -28.33 26.71 -5.40
CA ASP E 105 -29.47 26.79 -6.33
C ASP E 105 -30.65 25.90 -5.96
N SER E 106 -30.68 25.28 -4.78
CA SER E 106 -31.76 24.41 -4.29
C SER E 106 -31.73 23.02 -4.92
N LYS E 107 -30.80 22.74 -5.84
CA LYS E 107 -30.71 21.45 -6.52
C LYS E 107 -29.84 20.45 -5.77
N THR E 108 -29.07 20.89 -4.79
CA THR E 108 -28.20 20.03 -4.00
C THR E 108 -28.23 20.50 -2.55
N GLN E 109 -27.42 19.88 -1.71
CA GLN E 109 -27.42 20.20 -0.29
C GLN E 109 -26.66 21.49 -0.03
N SER E 110 -27.16 22.26 0.93
CA SER E 110 -26.48 23.46 1.40
C SER E 110 -26.67 23.57 2.90
N LEU E 111 -25.71 24.31 3.50
CA LEU E 111 -25.60 24.52 4.94
C LEU E 111 -26.13 25.90 5.31
N LEU E 112 -27.22 25.94 6.08
CA LEU E 112 -27.88 27.16 6.51
C LEU E 112 -27.60 27.35 7.99
N ILE E 113 -26.94 28.45 8.36
CA ILE E 113 -26.63 28.79 9.74
C ILE E 113 -27.37 30.08 10.06
N VAL E 114 -28.39 30.03 10.93
CA VAL E 114 -29.16 31.22 11.26
C VAL E 114 -29.28 31.41 12.78
N ASN E 115 -28.93 32.62 13.23
CA ASN E 115 -29.00 33.04 14.64
C ASN E 115 -30.28 33.87 14.84
N ASN E 116 -31.26 33.32 15.56
CA ASN E 116 -32.55 33.99 15.79
C ASN E 116 -32.65 34.69 17.15
N ALA E 117 -31.53 34.91 17.82
CA ALA E 117 -31.38 35.55 19.13
C ALA E 117 -31.93 34.71 20.29
N THR E 118 -32.31 33.46 20.05
CA THR E 118 -32.72 32.51 21.08
C THR E 118 -31.80 31.31 21.04
N ASN E 119 -31.62 30.76 19.84
CA ASN E 119 -30.75 29.63 19.53
C ASN E 119 -30.16 29.87 18.15
N VAL E 120 -29.05 29.19 17.86
CA VAL E 120 -28.48 29.18 16.51
C VAL E 120 -28.77 27.82 15.94
N PHE E 121 -29.32 27.81 14.73
CA PHE E 121 -29.73 26.61 14.03
C PHE E 121 -28.82 26.40 12.83
N ILE E 122 -28.20 25.22 12.77
CA ILE E 122 -27.34 24.83 11.67
C ILE E 122 -28.01 23.64 11.01
N LYS E 123 -28.42 23.81 9.75
CA LYS E 123 -29.15 22.77 9.04
C LYS E 123 -28.50 22.51 7.70
N VAL E 124 -28.55 21.25 7.26
CA VAL E 124 -28.12 20.87 5.92
C VAL E 124 -29.34 20.31 5.25
N CYS E 125 -29.78 21.01 4.20
CA CYS E 125 -31.02 20.69 3.49
C CYS E 125 -30.87 21.21 2.07
N GLU E 126 -31.81 20.84 1.19
CA GLU E 126 -31.87 21.41 -0.15
C GLU E 126 -32.76 22.63 -0.06
N PHE E 127 -32.15 23.77 0.30
CA PHE E 127 -32.91 24.97 0.58
C PHE E 127 -33.32 25.71 -0.69
N GLN E 128 -34.54 26.24 -0.70
CA GLN E 128 -35.01 27.06 -1.81
C GLN E 128 -34.70 28.52 -1.49
N PHE E 129 -34.32 29.28 -2.50
CA PHE E 129 -33.96 30.68 -2.32
C PHE E 129 -35.19 31.56 -2.44
N CYS E 130 -35.50 32.28 -1.35
CA CYS E 130 -36.73 33.03 -1.19
C CYS E 130 -36.56 34.53 -1.33
N ASN E 131 -35.45 34.99 -1.95
CA ASN E 131 -35.20 36.42 -2.10
C ASN E 131 -35.20 37.13 -0.74
N ASP E 132 -34.43 36.59 0.19
CA ASP E 132 -34.34 37.15 1.53
C ASP E 132 -33.68 38.53 1.47
N PRO E 133 -33.98 39.43 2.45
CA PRO E 133 -33.35 40.75 2.48
C PRO E 133 -31.82 40.71 2.49
N MET E 146 -37.25 50.48 6.72
CA MET E 146 -36.13 50.35 7.65
C MET E 146 -36.28 49.10 8.50
N GLU E 147 -35.21 48.30 8.52
CA GLU E 147 -35.15 47.06 9.29
C GLU E 147 -36.32 46.14 8.96
N SER E 148 -36.62 46.01 7.67
CA SER E 148 -37.68 45.13 7.21
C SER E 148 -37.27 43.68 7.43
N GLU E 149 -38.23 42.84 7.78
CA GLU E 149 -37.99 41.41 7.96
C GLU E 149 -39.04 40.60 7.22
N SER E 150 -38.65 39.39 6.83
CA SER E 150 -39.50 38.43 6.16
C SER E 150 -38.94 37.05 6.43
N GLY E 151 -39.68 36.01 6.05
CA GLY E 151 -39.19 34.66 6.26
C GLY E 151 -37.96 34.43 5.42
N VAL E 152 -37.00 33.70 5.98
CA VAL E 152 -35.75 33.37 5.31
C VAL E 152 -35.61 31.86 5.21
N TYR E 153 -35.47 31.35 3.99
CA TYR E 153 -35.38 29.91 3.70
C TYR E 153 -36.52 29.14 4.34
N SER E 154 -37.73 29.67 4.13
CA SER E 154 -38.97 29.11 4.63
C SER E 154 -39.37 27.81 3.92
N SER E 155 -38.72 27.46 2.80
CA SER E 155 -39.04 26.27 2.04
C SER E 155 -37.76 25.52 1.70
N ALA E 156 -37.74 24.24 2.05
CA ALA E 156 -36.59 23.36 1.83
C ALA E 156 -37.09 21.92 1.87
N ASN E 157 -36.30 21.02 1.29
CA ASN E 157 -36.62 19.59 1.35
C ASN E 157 -35.32 18.79 1.45
N ASN E 158 -35.47 17.47 1.55
CA ASN E 158 -34.37 16.50 1.61
C ASN E 158 -33.32 16.90 2.65
N CYS E 159 -33.80 17.23 3.86
CA CYS E 159 -32.90 17.63 4.92
C CYS E 159 -32.10 16.46 5.46
N THR E 160 -30.79 16.66 5.60
CA THR E 160 -29.88 15.62 6.06
C THR E 160 -29.19 15.90 7.39
N PHE E 161 -29.13 17.15 7.87
CA PHE E 161 -28.39 17.39 9.12
C PHE E 161 -29.07 18.51 9.90
N GLU E 162 -29.11 18.36 11.23
CA GLU E 162 -29.59 19.42 12.10
C GLU E 162 -28.78 19.48 13.40
N TYR E 163 -28.43 20.70 13.77
CA TYR E 163 -27.73 21.06 15.00
C TYR E 163 -28.30 22.35 15.56
N VAL E 164 -28.49 22.40 16.89
CA VAL E 164 -28.96 23.61 17.56
C VAL E 164 -28.07 23.84 18.77
N SER E 165 -27.66 25.10 18.98
CA SER E 165 -26.88 25.48 20.16
C SER E 165 -27.27 26.89 20.58
N GLN E 166 -26.69 27.34 21.70
CA GLN E 166 -26.89 28.73 22.09
C GLN E 166 -26.39 29.63 20.97
N PRO E 167 -26.89 30.88 20.88
CA PRO E 167 -26.50 31.75 19.75
C PRO E 167 -25.00 31.97 19.62
N PHE E 168 -24.53 32.04 18.38
CA PHE E 168 -23.11 32.30 18.12
C PHE E 168 -22.70 33.67 18.63
N LEU E 169 -23.57 34.67 18.46
CA LEU E 169 -23.26 36.05 18.77
C LEU E 169 -23.73 36.49 20.16
N MET E 170 -24.60 35.72 20.80
CA MET E 170 -25.28 35.99 22.09
C MET E 170 -25.41 34.66 22.84
N LYS E 180 -21.88 45.85 19.69
CA LYS E 180 -20.64 46.60 19.80
C LYS E 180 -19.39 45.71 19.73
N ASN E 181 -19.58 44.39 19.65
CA ASN E 181 -18.49 43.44 19.57
C ASN E 181 -18.09 43.26 18.10
N LEU E 182 -16.78 43.12 17.87
CA LEU E 182 -16.28 42.92 16.52
C LEU E 182 -16.81 41.64 15.89
N ARG E 183 -17.07 40.59 16.68
CA ARG E 183 -17.64 39.36 16.14
C ARG E 183 -16.79 38.74 15.01
N GLU E 184 -15.55 38.41 15.37
CA GLU E 184 -14.64 37.81 14.41
C GLU E 184 -14.96 36.32 14.28
N PHE E 185 -14.95 35.82 13.04
CA PHE E 185 -15.16 34.41 12.72
C PHE E 185 -14.19 33.90 11.66
N VAL E 186 -13.87 32.62 11.76
CA VAL E 186 -13.19 31.87 10.71
C VAL E 186 -14.07 30.67 10.35
N PHE E 187 -14.36 30.53 9.05
CA PHE E 187 -15.17 29.46 8.52
C PHE E 187 -14.29 28.62 7.60
N LYS E 188 -13.96 27.40 8.02
CA LYS E 188 -13.05 26.52 7.30
C LYS E 188 -13.75 25.20 7.04
N ASN E 189 -13.45 24.54 5.92
CA ASN E 189 -14.12 23.28 5.56
C ASN E 189 -13.08 22.25 5.10
N ILE E 190 -12.75 21.28 5.97
CA ILE E 190 -11.69 20.31 5.69
C ILE E 190 -12.20 18.88 5.87
N ASP E 191 -12.04 18.07 4.82
CA ASP E 191 -12.37 16.65 4.81
C ASP E 191 -13.78 16.35 5.29
N GLY E 192 -14.72 17.19 4.91
CA GLY E 192 -16.11 16.98 5.30
C GLY E 192 -16.53 17.67 6.57
N TYR E 193 -15.58 18.18 7.37
CA TYR E 193 -15.92 18.84 8.62
C TYR E 193 -15.92 20.34 8.39
N PHE E 194 -17.01 20.99 8.80
CA PHE E 194 -17.15 22.44 8.68
C PHE E 194 -16.84 23.03 10.05
N LYS E 195 -15.72 23.73 10.15
CA LYS E 195 -15.16 24.25 11.38
C LYS E 195 -15.40 25.75 11.51
N ILE E 196 -16.00 26.19 12.62
CA ILE E 196 -16.28 27.61 12.87
C ILE E 196 -15.53 27.97 14.14
N TYR E 197 -14.77 29.07 14.07
CA TYR E 197 -13.99 29.62 15.16
C TYR E 197 -14.52 31.04 15.36
N SER E 198 -14.47 31.55 16.61
CA SER E 198 -14.97 32.91 16.81
C SER E 198 -14.34 33.60 18.02
N LYS E 199 -14.50 34.92 18.04
CA LYS E 199 -14.12 35.79 19.15
C LYS E 199 -15.06 37.00 19.17
N HIS E 200 -15.53 37.38 20.35
CA HIS E 200 -16.44 38.51 20.55
C HIS E 200 -15.85 39.53 21.53
N THR E 201 -15.21 40.61 21.01
CA THR E 201 -14.63 41.65 21.87
C THR E 201 -15.28 43.02 21.59
N PRO E 202 -15.67 43.79 22.61
CA PRO E 202 -16.29 45.10 22.36
C PRO E 202 -15.33 46.19 21.93
N ILE E 203 -15.86 47.12 21.13
CA ILE E 203 -15.16 48.37 20.81
C ILE E 203 -16.18 49.35 20.26
N ILE E 204 -16.05 50.62 20.63
CA ILE E 204 -16.91 51.71 20.16
C ILE E 204 -16.20 52.65 19.20
N GLY E 205 -15.03 53.16 19.59
CA GLY E 205 -14.36 54.20 18.81
C GLY E 205 -13.91 53.75 17.43
N ARG E 206 -13.33 52.55 17.33
CA ARG E 206 -12.92 52.02 16.02
C ARG E 206 -13.55 50.64 15.81
N ASP E 207 -13.74 50.23 14.55
CA ASP E 207 -14.30 48.92 14.26
C ASP E 207 -13.37 47.81 14.74
N PHE E 208 -12.05 48.02 14.65
CA PHE E 208 -11.06 47.01 15.01
C PHE E 208 -10.17 47.47 16.17
N PRO E 209 -10.09 46.74 17.28
CA PRO E 209 -9.12 47.12 18.32
C PRO E 209 -7.69 46.96 17.80
N GLN E 210 -6.78 47.73 18.38
CA GLN E 210 -5.38 47.63 17.99
C GLN E 210 -4.69 46.39 18.56
N GLY E 211 -5.28 45.74 19.56
CA GLY E 211 -4.63 44.61 20.21
C GLY E 211 -4.80 43.33 19.42
N PHE E 212 -4.18 42.28 19.93
CA PHE E 212 -4.18 40.96 19.32
C PHE E 212 -4.99 40.00 20.17
N SER E 213 -5.79 39.18 19.50
CA SER E 213 -6.52 38.09 20.13
C SER E 213 -6.66 36.99 19.10
N ALA E 214 -6.73 35.74 19.57
CA ALA E 214 -6.93 34.61 18.70
C ALA E 214 -8.36 34.11 18.84
N LEU E 215 -8.87 33.53 17.76
CA LEU E 215 -10.22 33.00 17.78
C LEU E 215 -10.18 31.60 18.37
N GLU E 216 -11.23 31.25 19.11
CA GLU E 216 -11.32 29.93 19.70
C GLU E 216 -12.32 29.10 18.91
N PRO E 217 -12.15 27.78 18.82
CA PRO E 217 -13.18 26.98 18.13
C PRO E 217 -14.54 27.15 18.79
N LEU E 218 -15.55 27.29 17.96
CA LEU E 218 -16.93 27.44 18.39
C LEU E 218 -17.70 26.16 18.12
N VAL E 219 -17.55 25.60 16.91
CA VAL E 219 -18.27 24.39 16.56
C VAL E 219 -17.51 23.71 15.43
N ASP E 220 -17.62 22.38 15.38
CA ASP E 220 -16.97 21.56 14.35
C ASP E 220 -17.96 20.46 13.96
N LEU E 221 -18.58 20.59 12.75
CA LEU E 221 -19.67 19.69 12.39
C LEU E 221 -19.33 18.74 11.23
N PRO E 222 -19.81 17.46 11.25
CA PRO E 222 -19.58 16.54 10.09
C PRO E 222 -20.56 16.85 8.96
N ILE E 223 -20.41 18.03 8.36
CA ILE E 223 -21.36 18.47 7.36
C ILE E 223 -21.22 17.68 6.06
N GLY E 224 -20.02 17.55 5.53
CA GLY E 224 -19.84 16.82 4.27
C GLY E 224 -20.09 17.67 3.02
N ILE E 225 -20.73 18.84 3.15
CA ILE E 225 -21.08 19.69 1.97
C ILE E 225 -19.79 20.19 1.30
N ASN E 226 -19.74 20.34 -0.03
CA ASN E 226 -18.53 20.83 -0.77
C ASN E 226 -18.18 22.27 -0.37
N ILE E 227 -19.16 23.13 -0.15
CA ILE E 227 -18.93 24.54 0.30
C ILE E 227 -17.98 25.30 -0.64
N THR E 228 -18.18 25.21 -1.95
CA THR E 228 -17.40 26.00 -2.94
C THR E 228 -17.65 27.47 -2.72
N ARG E 229 -18.85 27.94 -2.37
CA ARG E 229 -19.17 29.39 -2.33
C ARG E 229 -20.17 29.79 -1.23
N PHE E 230 -20.35 31.08 -0.97
CA PHE E 230 -21.25 31.55 0.10
C PHE E 230 -21.94 32.91 -0.09
N GLN E 231 -23.21 33.10 0.30
CA GLN E 231 -24.06 34.29 0.36
C GLN E 231 -24.28 34.75 1.81
N THR E 232 -24.03 36.04 2.09
CA THR E 232 -24.24 36.62 3.42
C THR E 232 -25.73 36.94 3.62
N LEU E 233 -26.27 36.63 4.80
CA LEU E 233 -27.68 36.88 5.12
C LEU E 233 -27.87 38.08 6.04
N LEU E 234 -28.54 39.11 5.52
CA LEU E 234 -28.81 40.36 6.21
C LEU E 234 -30.31 40.44 6.47
N ALA E 235 -30.69 41.14 7.55
CA ALA E 235 -32.10 41.39 7.85
C ALA E 235 -32.23 42.38 9.00
N ASP E 256 -22.89 45.78 7.19
CA ASP E 256 -21.51 46.25 7.15
C ASP E 256 -20.61 45.16 7.70
N TYR E 257 -19.85 44.50 6.83
CA TYR E 257 -19.03 43.36 7.22
C TYR E 257 -17.75 43.34 6.40
N TYR E 258 -16.77 42.57 6.88
CA TYR E 258 -15.48 42.44 6.24
C TYR E 258 -15.29 40.98 5.91
N VAL E 259 -14.74 40.68 4.72
CA VAL E 259 -14.43 39.31 4.31
C VAL E 259 -12.99 39.22 3.82
N GLY E 260 -12.20 38.32 4.41
CA GLY E 260 -10.85 38.06 3.98
C GLY E 260 -10.78 36.58 3.66
N TYR E 261 -9.68 36.15 3.03
CA TYR E 261 -9.53 34.74 2.67
C TYR E 261 -8.29 34.10 3.27
N LEU E 262 -8.44 32.85 3.69
CA LEU E 262 -7.34 32.11 4.27
C LEU E 262 -6.49 31.49 3.17
N GLN E 263 -5.19 31.40 3.41
CA GLN E 263 -4.24 30.76 2.53
C GLN E 263 -3.26 29.92 3.35
N PRO E 264 -2.67 28.88 2.76
CA PRO E 264 -1.62 28.13 3.48
C PRO E 264 -0.43 28.99 3.84
N ARG E 265 -0.16 29.09 5.12
CA ARG E 265 0.94 29.89 5.65
C ARG E 265 1.47 29.22 6.90
N THR E 266 2.73 29.53 7.21
CA THR E 266 3.37 29.07 8.42
C THR E 266 3.44 30.27 9.37
N PHE E 267 2.96 30.07 10.58
CA PHE E 267 2.94 31.06 11.64
C PHE E 267 3.70 30.59 12.86
N LEU E 268 4.36 31.52 13.53
CA LEU E 268 4.97 31.26 14.81
C LEU E 268 4.01 31.86 15.83
N LEU E 269 3.42 31.00 16.67
CA LEU E 269 2.39 31.38 17.63
C LEU E 269 2.97 31.38 19.04
N LYS E 270 2.78 32.49 19.76
CA LYS E 270 3.30 32.63 21.12
C LYS E 270 2.22 32.26 22.12
N TYR E 271 2.48 31.23 22.91
CA TYR E 271 1.55 30.77 23.93
C TYR E 271 1.93 31.34 25.29
N ASN E 272 0.92 31.63 26.10
CA ASN E 272 1.09 32.17 27.43
C ASN E 272 1.37 31.04 28.41
N GLU E 273 1.53 31.37 29.69
CA GLU E 273 1.67 30.33 30.71
C GLU E 273 0.45 29.43 30.67
N ASN E 274 -0.72 30.02 30.44
CA ASN E 274 -1.96 29.32 30.20
C ASN E 274 -2.07 29.14 28.69
N GLY E 275 -2.88 28.18 28.26
CA GLY E 275 -2.89 27.82 26.86
C GLY E 275 -3.53 28.77 25.87
N THR E 276 -3.25 30.07 25.99
CA THR E 276 -3.81 31.09 25.11
C THR E 276 -2.71 31.69 24.24
N ILE E 277 -3.05 32.02 23.01
CA ILE E 277 -2.11 32.62 22.07
C ILE E 277 -2.14 34.12 22.28
N THR E 278 -0.97 34.72 22.53
CA THR E 278 -0.86 36.14 22.80
C THR E 278 -0.25 36.93 21.66
N ASP E 279 0.51 36.29 20.76
CA ASP E 279 1.09 36.98 19.62
C ASP E 279 1.28 35.98 18.48
N ALA E 280 1.72 36.49 17.34
CA ALA E 280 1.96 35.65 16.18
C ALA E 280 2.86 36.37 15.19
N VAL E 281 3.65 35.59 14.46
CA VAL E 281 4.49 36.07 13.37
C VAL E 281 4.12 35.33 12.09
N ASP E 282 3.83 36.11 11.04
CA ASP E 282 3.56 35.58 9.70
C ASP E 282 4.92 35.44 9.03
N CYS E 283 5.37 34.19 8.85
CA CYS E 283 6.74 33.90 8.46
C CYS E 283 7.11 34.38 7.06
N ALA E 284 6.15 34.75 6.22
CA ALA E 284 6.42 35.20 4.85
C ALA E 284 6.13 36.68 4.65
N LEU E 285 5.89 37.43 5.74
CA LEU E 285 5.54 38.83 5.62
C LEU E 285 6.76 39.72 5.37
N ASP E 286 7.89 39.42 6.01
CA ASP E 286 9.02 40.34 6.04
C ASP E 286 10.28 39.55 6.36
N PRO E 287 11.46 39.97 5.85
CA PRO E 287 12.71 39.30 6.24
C PRO E 287 12.88 39.14 7.74
N LEU E 288 12.40 40.10 8.54
CA LEU E 288 12.54 39.98 9.98
C LEU E 288 11.61 38.91 10.50
N SER E 289 10.39 38.82 9.95
CA SER E 289 9.46 37.81 10.41
C SER E 289 9.98 36.44 10.05
N GLU E 290 10.59 36.33 8.87
CA GLU E 290 11.16 35.06 8.42
C GLU E 290 12.29 34.66 9.34
N THR E 291 13.11 35.63 9.75
CA THR E 291 14.21 35.35 10.67
C THR E 291 13.66 34.87 12.01
N LYS E 292 12.63 35.55 12.52
CA LYS E 292 12.01 35.14 13.77
C LYS E 292 11.51 33.70 13.69
N CYS E 293 10.90 33.35 12.55
CA CYS E 293 10.38 31.99 12.38
C CYS E 293 11.50 30.96 12.29
N THR E 294 12.58 31.26 11.57
CA THR E 294 13.64 30.26 11.45
C THR E 294 14.35 30.09 12.80
N LEU E 295 14.41 31.15 13.60
CA LEU E 295 15.01 31.07 14.92
C LEU E 295 14.02 30.66 15.99
N LYS E 296 12.72 30.73 15.70
CA LYS E 296 11.65 30.41 16.65
C LYS E 296 11.77 31.28 17.89
N SER E 297 11.82 32.60 17.66
CA SER E 297 11.91 33.59 18.71
C SER E 297 11.22 34.86 18.24
N PHE E 298 10.62 35.59 19.19
CA PHE E 298 10.07 36.91 18.89
C PHE E 298 11.09 38.02 19.12
N THR E 299 12.28 37.67 19.59
CA THR E 299 13.38 38.59 19.79
C THR E 299 14.54 37.99 19.01
N VAL E 300 15.20 38.80 18.18
CA VAL E 300 16.31 38.35 17.36
C VAL E 300 17.55 39.12 17.77
N GLU E 301 18.62 38.40 18.05
CA GLU E 301 19.88 38.97 18.48
C GLU E 301 20.66 39.52 17.28
N LYS E 302 21.56 40.46 17.58
CA LYS E 302 22.40 41.06 16.55
C LYS E 302 23.23 39.99 15.85
N GLY E 303 23.24 40.05 14.52
CA GLY E 303 24.01 39.12 13.72
C GLY E 303 23.39 38.96 12.35
N ILE E 304 24.00 38.07 11.57
CA ILE E 304 23.56 37.75 10.23
C ILE E 304 23.06 36.31 10.27
N TYR E 305 21.85 36.07 9.78
CA TYR E 305 21.23 34.76 9.80
C TYR E 305 20.78 34.36 8.41
N GLN E 306 21.00 33.11 8.04
CA GLN E 306 20.48 32.58 6.79
C GLN E 306 19.09 32.05 7.10
N THR E 307 18.08 32.57 6.41
CA THR E 307 16.69 32.23 6.70
C THR E 307 16.00 31.44 5.61
N SER E 308 16.39 31.61 4.36
CA SER E 308 15.72 30.97 3.24
C SER E 308 16.66 31.00 2.05
N ASN E 309 16.23 30.33 0.99
CA ASN E 309 16.91 30.37 -0.29
C ASN E 309 15.99 31.06 -1.28
N PHE E 310 16.55 31.66 -2.32
CA PHE E 310 15.75 32.27 -3.36
C PHE E 310 16.13 31.66 -4.69
N ARG E 311 15.14 31.77 -5.57
CA ARG E 311 15.26 31.20 -6.90
C ARG E 311 14.51 32.09 -7.86
N VAL E 312 15.02 32.28 -9.07
CA VAL E 312 14.28 32.98 -10.11
C VAL E 312 13.39 31.95 -10.77
N GLN E 313 12.07 32.22 -10.81
CA GLN E 313 11.13 31.27 -11.37
C GLN E 313 10.98 31.41 -12.88
N PRO E 314 10.66 30.32 -13.58
CA PRO E 314 10.41 30.42 -15.02
C PRO E 314 9.11 31.16 -15.31
N THR E 315 9.06 31.78 -16.49
CA THR E 315 7.88 32.53 -16.92
C THR E 315 7.06 31.82 -17.99
N GLU E 316 7.63 30.84 -18.69
CA GLU E 316 6.93 30.15 -19.78
C GLU E 316 7.57 28.78 -19.97
N SER E 317 6.86 27.91 -20.71
CA SER E 317 7.33 26.58 -21.03
C SER E 317 7.58 26.48 -22.54
N ILE E 318 8.80 26.14 -22.91
CA ILE E 318 9.24 26.07 -24.31
C ILE E 318 9.35 24.62 -24.75
N VAL E 319 8.56 24.24 -25.76
CA VAL E 319 8.54 22.87 -26.26
C VAL E 319 8.96 22.93 -27.72
N ARG E 320 9.99 22.17 -28.08
CA ARG E 320 10.54 22.16 -29.43
C ARG E 320 10.70 20.73 -29.92
N PHE E 321 10.15 20.45 -31.10
CA PHE E 321 10.27 19.17 -31.79
C PHE E 321 10.67 19.37 -33.24
N PRO E 322 11.26 18.36 -33.89
CA PRO E 322 11.64 18.48 -35.31
C PRO E 322 10.45 18.74 -36.22
N ASN E 323 10.76 19.34 -37.38
CA ASN E 323 9.74 19.58 -38.40
C ASN E 323 9.14 18.24 -38.84
N VAL E 324 7.82 18.21 -38.96
CA VAL E 324 7.12 17.01 -39.42
C VAL E 324 6.91 17.08 -40.93
N THR E 325 7.61 16.20 -41.66
CA THR E 325 7.49 16.09 -43.11
C THR E 325 6.98 14.73 -43.57
N ASN E 326 7.10 13.70 -42.73
CA ASN E 326 6.75 12.31 -43.08
C ASN E 326 5.37 11.91 -42.56
N LEU E 327 4.32 12.61 -42.98
CA LEU E 327 2.99 12.20 -42.53
C LEU E 327 2.50 10.99 -43.31
N CYS E 328 1.74 10.13 -42.62
CA CYS E 328 1.03 9.03 -43.27
C CYS E 328 -0.13 9.53 -44.14
N PRO E 329 -0.30 8.99 -45.38
CA PRO E 329 -1.32 9.48 -46.32
C PRO E 329 -2.74 9.03 -45.95
N PHE E 330 -3.22 9.50 -44.79
CA PHE E 330 -4.58 9.11 -44.38
C PHE E 330 -5.61 9.76 -45.27
N HIS E 331 -5.33 10.96 -45.79
CA HIS E 331 -6.26 11.61 -46.68
C HIS E 331 -6.49 10.75 -47.92
N GLU E 332 -5.41 10.26 -48.51
CA GLU E 332 -5.54 9.43 -49.71
C GLU E 332 -6.26 8.12 -49.41
N VAL E 333 -5.99 7.52 -48.24
CA VAL E 333 -6.67 6.28 -47.85
C VAL E 333 -8.18 6.50 -47.75
N PHE E 334 -8.59 7.60 -47.12
CA PHE E 334 -10.03 7.85 -46.99
C PHE E 334 -10.63 8.32 -48.32
N ASN E 335 -9.88 9.11 -49.09
CA ASN E 335 -10.42 9.63 -50.34
C ASN E 335 -10.33 8.58 -51.44
N ALA E 336 -9.16 7.96 -51.59
CA ALA E 336 -8.87 6.94 -52.58
C ALA E 336 -9.45 7.31 -53.96
N THR E 337 -10.09 6.35 -54.63
CA THR E 337 -10.78 6.53 -55.90
C THR E 337 -12.04 5.70 -55.77
N ARG E 338 -11.85 4.42 -55.49
CA ARG E 338 -12.90 3.44 -55.26
C ARG E 338 -12.48 2.66 -54.02
N PHE E 339 -13.45 2.17 -53.26
CA PHE E 339 -13.16 1.30 -52.13
C PHE E 339 -13.46 -0.14 -52.54
N ALA E 340 -12.96 -1.05 -51.72
CA ALA E 340 -13.11 -2.47 -51.98
C ALA E 340 -14.52 -3.00 -51.76
N SER E 341 -14.73 -4.18 -52.32
CA SER E 341 -15.94 -4.97 -52.10
C SER E 341 -16.01 -5.40 -50.64
N VAL E 342 -17.23 -5.58 -50.14
CA VAL E 342 -17.39 -5.89 -48.71
C VAL E 342 -16.81 -7.27 -48.41
N TYR E 343 -16.94 -8.21 -49.33
CA TYR E 343 -16.36 -9.52 -49.06
C TYR E 343 -14.83 -9.50 -49.07
N ALA E 344 -14.19 -8.44 -49.65
CA ALA E 344 -12.73 -8.39 -49.81
C ALA E 344 -12.16 -7.00 -49.48
N TRP E 345 -12.08 -6.65 -48.19
CA TRP E 345 -11.70 -5.31 -47.77
C TRP E 345 -10.24 -5.00 -48.11
N ASN E 346 -9.97 -3.76 -48.58
CA ASN E 346 -8.56 -3.43 -48.81
C ASN E 346 -7.94 -3.03 -47.48
N ARG E 347 -6.75 -3.56 -47.21
CA ARG E 347 -6.05 -3.30 -45.95
C ARG E 347 -4.72 -2.62 -46.22
N THR E 348 -4.55 -1.41 -45.68
CA THR E 348 -3.32 -0.65 -45.81
C THR E 348 -2.58 -0.70 -44.48
N ARG E 349 -1.31 -1.09 -44.51
CA ARG E 349 -0.48 -1.14 -43.32
C ARG E 349 0.23 0.20 -43.17
N ILE E 350 -0.15 0.93 -42.12
CA ILE E 350 0.26 2.29 -41.84
C ILE E 350 1.21 2.24 -40.63
N SER E 351 2.47 2.65 -40.85
CA SER E 351 3.46 2.59 -39.77
C SER E 351 4.64 3.51 -40.10
N ASN E 352 5.49 3.70 -39.07
CA ASN E 352 6.76 4.43 -39.18
C ASN E 352 6.62 5.81 -39.82
N CYS E 353 5.71 6.60 -39.28
CA CYS E 353 5.41 7.93 -39.78
C CYS E 353 4.91 8.77 -38.62
N VAL E 354 4.68 10.05 -38.88
CA VAL E 354 3.98 10.90 -37.93
C VAL E 354 2.51 10.90 -38.32
N ALA E 355 1.65 10.49 -37.40
CA ALA E 355 0.22 10.42 -37.67
C ALA E 355 -0.45 11.70 -37.22
N ASP E 356 -1.47 12.12 -37.96
CA ASP E 356 -2.26 13.29 -37.59
C ASP E 356 -3.70 12.97 -37.96
N TYR E 357 -4.54 12.82 -36.95
CA TYR E 357 -5.92 12.41 -37.14
C TYR E 357 -6.87 13.60 -37.17
N SER E 358 -6.34 14.81 -36.98
CA SER E 358 -7.19 16.01 -36.99
C SER E 358 -7.79 16.17 -38.37
N VAL E 359 -6.99 15.89 -39.40
CA VAL E 359 -7.40 16.05 -40.79
C VAL E 359 -8.61 15.19 -41.10
N LEU E 360 -8.84 14.12 -40.35
CA LEU E 360 -9.96 13.25 -40.65
C LEU E 360 -11.27 13.97 -40.36
N TYR E 361 -11.24 14.97 -39.48
CA TYR E 361 -12.46 15.67 -39.16
C TYR E 361 -12.80 16.68 -40.24
N ASN E 362 -11.85 17.01 -41.12
CA ASN E 362 -12.03 17.96 -42.21
C ASN E 362 -12.24 17.27 -43.54
N PHE E 363 -12.30 15.94 -43.56
CA PHE E 363 -12.44 15.18 -44.80
C PHE E 363 -13.87 15.21 -45.35
N ALA E 364 -14.86 14.93 -44.52
CA ALA E 364 -16.23 14.85 -44.99
C ALA E 364 -17.17 14.94 -43.79
N PRO E 365 -18.43 15.31 -43.99
CA PRO E 365 -19.42 15.03 -42.96
C PRO E 365 -19.47 13.51 -42.84
N PHE E 366 -19.69 13.02 -41.62
CA PHE E 366 -19.70 11.58 -41.39
C PHE E 366 -21.03 11.02 -40.91
N PHE E 367 -21.27 9.80 -41.38
CA PHE E 367 -22.40 9.00 -40.96
C PHE E 367 -22.16 8.46 -39.55
N ALA E 368 -20.93 8.01 -39.29
CA ALA E 368 -20.54 7.49 -37.99
C ALA E 368 -19.06 7.73 -37.81
N PHE E 369 -18.63 7.88 -36.55
CA PHE E 369 -17.22 7.99 -36.23
C PHE E 369 -17.10 7.47 -34.80
N LYS E 370 -17.19 6.15 -34.66
CA LYS E 370 -17.27 5.50 -33.34
C LYS E 370 -15.95 4.82 -33.01
N CYS E 371 -15.36 5.23 -31.88
CA CYS E 371 -14.11 4.66 -31.38
C CYS E 371 -14.41 3.68 -30.25
N TYR E 372 -13.80 2.50 -30.32
CA TYR E 372 -13.97 1.45 -29.33
C TYR E 372 -12.75 1.29 -28.43
N GLY E 373 -11.58 1.70 -28.91
CA GLY E 373 -10.33 1.55 -28.19
C GLY E 373 -10.09 2.67 -27.21
N VAL E 374 -9.71 3.83 -27.75
CA VAL E 374 -9.40 5.03 -26.97
C VAL E 374 -10.25 6.17 -27.54
N SER E 375 -10.38 7.22 -26.73
CA SER E 375 -11.10 8.41 -27.16
C SER E 375 -10.50 8.95 -28.47
N PRO E 376 -11.31 9.48 -29.38
CA PRO E 376 -10.77 9.93 -30.68
C PRO E 376 -9.71 11.01 -30.57
N THR E 377 -9.63 11.71 -29.43
CA THR E 377 -8.65 12.77 -29.27
C THR E 377 -7.33 12.26 -28.69
N LYS E 378 -7.31 11.03 -28.15
CA LYS E 378 -6.12 10.47 -27.54
C LYS E 378 -5.31 9.64 -28.53
N LEU E 379 -5.81 9.50 -29.76
CA LEU E 379 -5.16 8.72 -30.80
C LEU E 379 -3.89 9.39 -31.30
N ASN E 380 -3.71 10.68 -31.01
CA ASN E 380 -2.58 11.47 -31.44
C ASN E 380 -1.38 11.39 -30.50
N ASP E 381 -1.47 10.63 -29.41
CA ASP E 381 -0.35 10.47 -28.49
C ASP E 381 0.48 9.22 -28.75
N LEU E 382 -0.12 8.05 -29.00
CA LEU E 382 0.75 6.83 -29.01
C LEU E 382 0.74 6.05 -30.33
N CYS E 383 1.88 5.88 -31.00
CA CYS E 383 1.79 5.21 -32.33
C CYS E 383 1.32 3.76 -32.23
N PHE E 384 1.79 3.02 -31.22
CA PHE E 384 1.39 1.59 -31.05
C PHE E 384 2.01 0.75 -32.18
N THR E 385 3.06 1.24 -32.84
CA THR E 385 3.80 0.46 -33.86
C THR E 385 3.00 0.31 -35.14
N ASN E 386 1.80 -0.26 -35.05
CA ASN E 386 1.03 -0.56 -36.29
C ASN E 386 -0.37 0.05 -36.26
N VAL E 387 -0.76 0.78 -37.31
CA VAL E 387 -2.17 1.23 -37.45
C VAL E 387 -2.63 0.71 -38.82
N TYR E 388 -3.81 0.09 -38.94
CA TYR E 388 -4.19 -0.47 -40.26
C TYR E 388 -5.48 0.17 -40.74
N ALA E 389 -5.72 0.18 -42.05
CA ALA E 389 -6.89 0.86 -42.59
C ALA E 389 -7.63 -0.08 -43.52
N ASP E 390 -8.85 -0.46 -43.13
CA ASP E 390 -9.71 -1.34 -43.91
C ASP E 390 -10.71 -0.47 -44.64
N SER E 391 -10.64 -0.43 -45.98
CA SER E 391 -11.44 0.47 -46.82
C SER E 391 -12.43 -0.34 -47.64
N PHE E 392 -13.74 -0.02 -47.49
CA PHE E 392 -14.76 -0.80 -48.17
C PHE E 392 -16.02 0.06 -48.36
N VAL E 393 -16.91 -0.34 -49.29
CA VAL E 393 -18.22 0.31 -49.49
C VAL E 393 -19.31 -0.61 -48.95
N ILE E 394 -20.09 -0.14 -47.97
CA ILE E 394 -21.09 -0.98 -47.30
C ILE E 394 -22.46 -0.31 -47.33
N LYS E 395 -23.50 -1.15 -47.19
CA LYS E 395 -24.87 -0.66 -47.05
C LYS E 395 -25.08 -0.05 -45.68
N GLY E 396 -25.78 1.10 -45.64
CA GLY E 396 -25.96 1.81 -44.38
C GLY E 396 -26.57 0.97 -43.26
N ASN E 397 -27.53 0.10 -43.60
CA ASN E 397 -28.18 -0.70 -42.57
C ASN E 397 -27.24 -1.68 -41.91
N GLU E 398 -26.11 -1.99 -42.54
CA GLU E 398 -25.16 -2.96 -42.01
C GLU E 398 -23.94 -2.26 -41.40
N VAL E 399 -23.92 -0.92 -41.38
CA VAL E 399 -22.76 -0.22 -40.82
C VAL E 399 -22.63 -0.55 -39.34
N SER E 400 -23.77 -0.62 -38.65
CA SER E 400 -23.79 -0.91 -37.22
C SER E 400 -23.29 -2.31 -36.90
N GLN E 401 -23.11 -3.18 -37.89
CA GLN E 401 -22.61 -4.52 -37.59
C GLN E 401 -21.11 -4.57 -37.39
N ILE E 402 -20.37 -3.52 -37.75
CA ILE E 402 -18.90 -3.54 -37.60
C ILE E 402 -18.63 -2.96 -36.21
N ALA E 403 -18.74 -3.82 -35.21
CA ALA E 403 -18.59 -3.41 -33.81
C ALA E 403 -18.29 -4.66 -33.00
N PRO E 404 -17.62 -4.52 -31.84
CA PRO E 404 -17.38 -5.70 -30.99
C PRO E 404 -18.67 -6.41 -30.60
N GLY E 405 -18.65 -7.74 -30.66
CA GLY E 405 -19.78 -8.54 -30.23
C GLY E 405 -20.93 -8.68 -31.20
N GLN E 406 -20.85 -8.11 -32.41
CA GLN E 406 -21.98 -8.16 -33.33
C GLN E 406 -21.90 -9.35 -34.28
N THR E 407 -23.08 -9.85 -34.63
CA THR E 407 -23.29 -10.92 -35.59
C THR E 407 -24.43 -10.51 -36.51
N GLY E 408 -24.60 -11.27 -37.60
CA GLY E 408 -25.70 -11.03 -38.51
C GLY E 408 -25.42 -11.46 -39.93
N ASN E 409 -24.85 -10.57 -40.73
CA ASN E 409 -24.52 -10.85 -42.13
C ASN E 409 -23.09 -10.46 -42.43
N ILE E 410 -22.81 -9.15 -42.49
CA ILE E 410 -21.45 -8.71 -42.82
C ILE E 410 -20.50 -9.16 -41.74
N ALA E 411 -20.92 -9.04 -40.48
CA ALA E 411 -20.10 -9.47 -39.35
C ALA E 411 -19.74 -10.96 -39.45
N ASP E 412 -20.62 -11.77 -40.02
CA ASP E 412 -20.41 -13.22 -40.09
C ASP E 412 -19.70 -13.75 -41.32
N TYR E 413 -19.99 -13.21 -42.53
CA TYR E 413 -19.47 -13.82 -43.75
C TYR E 413 -18.51 -12.94 -44.54
N ASN E 414 -18.39 -11.67 -44.20
CA ASN E 414 -17.53 -10.72 -44.93
C ASN E 414 -16.35 -10.25 -44.10
N TYR E 415 -16.60 -9.93 -42.83
CA TYR E 415 -15.56 -9.47 -41.93
C TYR E 415 -16.00 -9.59 -40.49
N LYS E 416 -15.27 -10.34 -39.69
CA LYS E 416 -15.55 -10.43 -38.27
C LYS E 416 -14.60 -9.45 -37.59
N LEU E 417 -15.14 -8.61 -36.71
CA LEU E 417 -14.29 -7.70 -35.97
C LEU E 417 -13.93 -8.38 -34.64
N PRO E 418 -12.72 -8.29 -34.10
CA PRO E 418 -12.47 -8.91 -32.79
C PRO E 418 -13.27 -8.22 -31.71
N ASP E 419 -13.64 -8.99 -30.68
CA ASP E 419 -14.39 -8.36 -29.59
C ASP E 419 -13.46 -7.51 -28.74
N ASP E 420 -12.19 -7.93 -28.63
CA ASP E 420 -11.16 -7.14 -27.95
C ASP E 420 -10.54 -6.32 -29.06
N PHE E 421 -11.04 -5.09 -29.25
CA PHE E 421 -10.65 -4.27 -30.40
C PHE E 421 -10.28 -2.87 -29.95
N THR E 422 -9.13 -2.39 -30.44
CA THR E 422 -8.68 -1.03 -30.25
C THR E 422 -8.73 -0.36 -31.60
N GLY E 423 -9.47 0.73 -31.72
CA GLY E 423 -9.58 1.43 -32.99
C GLY E 423 -10.91 2.15 -33.15
N CYS E 424 -11.11 2.63 -34.38
CA CYS E 424 -12.28 3.44 -34.71
C CYS E 424 -12.87 3.04 -36.06
N VAL E 425 -14.20 3.05 -36.14
CA VAL E 425 -14.94 2.78 -37.37
C VAL E 425 -15.54 4.10 -37.83
N ILE E 426 -15.11 4.56 -39.01
CA ILE E 426 -15.48 5.86 -39.58
C ILE E 426 -16.28 5.62 -40.85
N ALA E 427 -17.46 6.24 -40.96
CA ALA E 427 -18.35 6.01 -42.08
C ALA E 427 -18.92 7.34 -42.58
N TRP E 428 -19.07 7.46 -43.90
CA TRP E 428 -19.68 8.64 -44.51
C TRP E 428 -20.45 8.28 -45.79
N ASN E 429 -21.42 9.13 -46.11
CA ASN E 429 -22.26 8.93 -47.29
C ASN E 429 -21.49 9.14 -48.58
N SER E 430 -21.68 8.23 -49.54
CA SER E 430 -21.03 8.28 -50.85
C SER E 430 -22.03 8.20 -51.99
N ASN E 431 -23.20 8.84 -51.86
CA ASN E 431 -24.19 8.78 -52.92
C ASN E 431 -23.64 9.31 -54.24
N LYS E 432 -22.82 10.35 -54.17
CA LYS E 432 -22.26 10.97 -55.36
C LYS E 432 -21.18 10.13 -56.03
N LEU E 433 -20.61 9.14 -55.34
CA LEU E 433 -19.52 8.34 -55.87
C LEU E 433 -19.90 6.92 -56.25
N ASP E 434 -20.70 6.24 -55.44
CA ASP E 434 -21.01 4.82 -55.67
C ASP E 434 -22.36 4.56 -56.34
N SER E 435 -23.32 5.46 -56.24
CA SER E 435 -24.63 5.19 -56.81
C SER E 435 -24.67 5.53 -58.30
N LYS E 436 -25.53 4.81 -59.02
CA LYS E 436 -25.78 5.02 -60.44
C LYS E 436 -27.27 5.08 -60.69
N HIS E 437 -27.67 5.81 -61.75
CA HIS E 437 -29.09 5.86 -62.07
C HIS E 437 -29.56 4.50 -62.59
N SER E 438 -28.71 3.83 -63.37
CA SER E 438 -29.01 2.50 -63.90
C SER E 438 -28.86 1.43 -62.83
N GLY E 439 -28.19 1.75 -61.72
CA GLY E 439 -27.97 0.88 -60.59
C GLY E 439 -26.57 0.31 -60.61
N ASN E 440 -25.83 0.57 -59.54
CA ASN E 440 -24.48 0.07 -59.37
C ASN E 440 -24.56 -1.33 -58.76
N TYR E 441 -24.22 -2.34 -59.56
CA TYR E 441 -24.22 -3.74 -59.14
C TYR E 441 -22.81 -4.31 -59.21
N ASP E 442 -21.81 -3.44 -59.10
CA ASP E 442 -20.41 -3.80 -59.18
C ASP E 442 -19.81 -4.18 -57.83
N TYR E 443 -20.38 -3.67 -56.73
CA TYR E 443 -19.90 -3.99 -55.39
C TYR E 443 -20.59 -5.27 -54.93
N TRP E 444 -19.80 -6.20 -54.41
CA TRP E 444 -20.29 -7.51 -53.96
C TRP E 444 -20.00 -7.73 -52.47
N TYR E 445 -20.87 -8.50 -51.84
CA TYR E 445 -20.70 -8.89 -50.45
C TYR E 445 -21.12 -10.35 -50.34
N ARG E 446 -20.60 -11.03 -49.32
CA ARG E 446 -20.97 -12.42 -49.08
C ARG E 446 -22.16 -12.49 -48.12
N SER E 447 -23.19 -13.22 -48.53
CA SER E 447 -24.38 -13.45 -47.73
C SER E 447 -24.56 -14.90 -47.32
N LEU E 448 -23.93 -15.83 -48.03
CA LEU E 448 -24.09 -17.26 -47.81
C LEU E 448 -22.72 -17.89 -47.66
N ARG E 449 -22.49 -18.58 -46.55
CA ARG E 449 -21.22 -19.24 -46.30
C ARG E 449 -21.46 -20.43 -45.37
N LYS E 450 -20.55 -21.39 -45.42
CA LYS E 450 -20.63 -22.55 -44.54
C LYS E 450 -20.49 -22.18 -43.06
N SER E 451 -19.67 -21.18 -42.73
CA SER E 451 -19.44 -20.83 -41.34
C SER E 451 -19.01 -19.37 -41.21
N LYS E 452 -18.94 -18.91 -39.96
CA LYS E 452 -18.54 -17.55 -39.64
C LYS E 452 -17.04 -17.35 -39.78
N LEU E 453 -16.66 -16.13 -40.14
CA LEU E 453 -15.27 -15.74 -40.26
C LEU E 453 -14.60 -15.46 -38.92
N LYS E 454 -13.28 -15.64 -38.89
CA LYS E 454 -12.42 -15.28 -37.78
C LYS E 454 -12.07 -13.80 -37.83
N PRO E 455 -11.68 -13.19 -36.71
CA PRO E 455 -11.30 -11.77 -36.72
C PRO E 455 -10.25 -11.46 -37.79
N PHE E 456 -10.49 -10.40 -38.54
CA PHE E 456 -9.67 -9.91 -39.64
C PHE E 456 -9.56 -10.89 -40.81
N GLU E 457 -10.29 -12.01 -40.79
CA GLU E 457 -10.24 -12.95 -41.90
C GLU E 457 -10.90 -12.34 -43.13
N ARG E 458 -10.28 -12.54 -44.30
CA ARG E 458 -10.83 -12.05 -45.57
C ARG E 458 -10.97 -13.25 -46.51
N ASP E 459 -12.20 -13.77 -46.60
CA ASP E 459 -12.50 -14.93 -47.44
C ASP E 459 -12.95 -14.41 -48.81
N ILE E 460 -12.18 -14.72 -49.85
CA ILE E 460 -12.43 -14.23 -51.20
C ILE E 460 -12.82 -15.37 -52.14
N SER E 461 -13.26 -16.50 -51.58
CA SER E 461 -13.67 -17.66 -52.38
C SER E 461 -14.91 -17.36 -53.23
N THR E 462 -14.91 -17.91 -54.44
CA THR E 462 -16.02 -17.78 -55.39
C THR E 462 -16.66 -19.13 -55.69
N GLU E 463 -16.42 -20.14 -54.86
CA GLU E 463 -16.98 -21.47 -55.05
C GLU E 463 -18.49 -21.43 -54.83
N ILE E 464 -19.24 -22.15 -55.67
CA ILE E 464 -20.68 -22.19 -55.51
C ILE E 464 -21.05 -23.02 -54.29
N TYR E 465 -21.92 -22.46 -53.45
CA TYR E 465 -22.41 -23.12 -52.25
C TYR E 465 -23.65 -23.93 -52.60
N GLN E 466 -23.67 -25.20 -52.20
CA GLN E 466 -24.82 -26.06 -52.42
C GLN E 466 -25.58 -26.18 -51.11
N ALA E 467 -26.90 -25.96 -51.18
CA ALA E 467 -27.71 -26.00 -49.98
C ALA E 467 -28.05 -27.42 -49.55
N GLY E 468 -28.10 -28.37 -50.48
CA GLY E 468 -28.47 -29.73 -50.19
C GLY E 468 -27.32 -30.72 -50.18
N ASN E 469 -27.72 -32.00 -50.12
CA ASN E 469 -26.77 -33.10 -50.11
C ASN E 469 -26.32 -33.51 -51.51
N LYS E 470 -27.17 -33.28 -52.51
CA LYS E 470 -26.88 -33.69 -53.88
C LYS E 470 -25.63 -32.97 -54.41
N PRO E 471 -24.59 -33.70 -54.87
CA PRO E 471 -23.42 -33.01 -55.42
C PRO E 471 -23.82 -32.06 -56.54
N CYS E 472 -23.27 -30.85 -56.51
CA CYS E 472 -23.64 -29.81 -57.46
C CYS E 472 -22.44 -29.07 -58.01
N LYS E 473 -22.44 -28.86 -59.33
CA LYS E 473 -21.40 -28.12 -60.04
C LYS E 473 -22.05 -26.95 -60.74
N GLY E 474 -21.58 -25.74 -60.46
CA GLY E 474 -22.18 -24.56 -61.07
C GLY E 474 -23.45 -24.18 -60.33
N LYS E 475 -24.26 -23.33 -60.97
CA LYS E 475 -25.46 -22.86 -60.31
C LYS E 475 -26.58 -23.86 -60.59
N GLY E 476 -27.60 -23.83 -59.73
CA GLY E 476 -28.72 -24.72 -59.90
C GLY E 476 -29.84 -24.46 -58.91
N PRO E 477 -30.86 -25.32 -58.95
CA PRO E 477 -32.05 -25.14 -58.08
C PRO E 477 -31.73 -24.86 -56.62
N ASN E 478 -30.74 -25.55 -56.05
CA ASN E 478 -30.33 -25.35 -54.65
C ASN E 478 -28.83 -25.08 -54.55
N CYS E 479 -28.27 -24.42 -55.57
CA CYS E 479 -26.84 -24.10 -55.63
C CYS E 479 -26.74 -22.63 -55.96
N TYR E 480 -26.05 -21.85 -55.11
CA TYR E 480 -26.03 -20.40 -55.24
C TYR E 480 -24.62 -19.86 -55.11
N PHE E 481 -24.36 -18.75 -55.80
CA PHE E 481 -23.08 -18.09 -55.67
C PHE E 481 -23.01 -17.46 -54.26
N PRO E 482 -21.92 -17.63 -53.51
CA PRO E 482 -21.83 -17.02 -52.17
C PRO E 482 -22.04 -15.51 -52.11
N LEU E 483 -21.68 -14.76 -53.15
CA LEU E 483 -21.77 -13.32 -53.11
C LEU E 483 -23.03 -12.83 -53.81
N GLU E 484 -23.51 -11.69 -53.34
CA GLU E 484 -24.60 -10.96 -53.94
C GLU E 484 -24.16 -9.52 -54.07
N SER E 485 -24.69 -8.84 -55.07
CA SER E 485 -24.35 -7.43 -55.28
C SER E 485 -25.33 -6.55 -54.51
N TYR E 486 -24.89 -5.32 -54.25
CA TYR E 486 -25.74 -4.30 -53.66
C TYR E 486 -26.29 -3.46 -54.79
N GLY E 487 -27.56 -3.05 -54.68
CA GLY E 487 -28.10 -2.12 -55.64
C GLY E 487 -27.98 -0.73 -55.05
N PHE E 488 -27.13 0.12 -55.61
CA PHE E 488 -26.97 1.49 -55.15
C PHE E 488 -27.49 2.44 -56.23
N ARG E 489 -28.48 3.25 -55.86
CA ARG E 489 -29.13 4.20 -56.74
C ARG E 489 -29.35 5.49 -55.95
N PRO E 490 -29.36 6.66 -56.62
CA PRO E 490 -29.58 7.91 -55.88
C PRO E 490 -30.97 8.02 -55.25
N THR E 491 -31.91 7.14 -55.62
CA THR E 491 -33.28 7.19 -55.12
C THR E 491 -33.56 6.23 -53.96
N TYR E 492 -32.60 5.41 -53.55
CA TYR E 492 -32.87 4.48 -52.45
C TYR E 492 -32.84 5.20 -51.11
N GLY E 493 -33.45 4.57 -50.11
CA GLY E 493 -33.53 5.17 -48.80
C GLY E 493 -32.19 5.18 -48.06
N VAL E 494 -32.21 5.87 -46.91
CA VAL E 494 -30.98 6.12 -46.16
C VAL E 494 -30.28 4.82 -45.76
N GLY E 495 -31.04 3.80 -45.39
CA GLY E 495 -30.41 2.56 -44.97
C GLY E 495 -29.92 1.68 -46.11
N HIS E 496 -30.28 2.02 -47.34
CA HIS E 496 -29.92 1.27 -48.54
C HIS E 496 -28.86 1.95 -49.39
N GLN E 497 -28.62 3.24 -49.16
CA GLN E 497 -27.61 3.98 -49.90
C GLN E 497 -26.19 3.50 -49.58
N PRO E 498 -25.26 3.63 -50.51
CA PRO E 498 -23.86 3.25 -50.24
C PRO E 498 -23.17 4.21 -49.29
N TYR E 499 -22.28 3.65 -48.47
CA TYR E 499 -21.43 4.44 -47.60
C TYR E 499 -19.98 3.98 -47.74
N ARG E 500 -19.06 4.94 -47.70
CA ARG E 500 -17.63 4.68 -47.69
C ARG E 500 -17.23 4.57 -46.24
N VAL E 501 -16.71 3.41 -45.84
CA VAL E 501 -16.36 3.16 -44.46
C VAL E 501 -14.90 2.70 -44.38
N VAL E 502 -14.16 3.32 -43.46
CA VAL E 502 -12.77 2.99 -43.16
C VAL E 502 -12.66 2.62 -41.69
N VAL E 503 -12.08 1.46 -41.41
CA VAL E 503 -11.84 0.98 -40.04
C VAL E 503 -10.35 1.09 -39.75
N LEU E 504 -10.00 1.82 -38.69
CA LEU E 504 -8.63 2.00 -38.27
C LEU E 504 -8.38 1.11 -37.06
N SER E 505 -7.63 0.03 -37.27
CA SER E 505 -7.30 -0.98 -36.27
C SER E 505 -5.90 -0.69 -35.75
N PHE E 506 -5.74 -0.61 -34.43
CA PHE E 506 -4.44 -0.27 -33.83
C PHE E 506 -3.85 -1.48 -33.11
N GLU E 507 -2.84 -2.09 -33.74
CA GLU E 507 -2.17 -3.31 -33.30
C GLU E 507 -0.85 -2.94 -32.63
N LEU E 508 -0.83 -2.96 -31.29
CA LEU E 508 0.35 -2.57 -30.52
C LEU E 508 1.19 -3.81 -30.26
N LEU E 509 2.39 -3.83 -30.85
CA LEU E 509 3.34 -4.92 -30.73
C LEU E 509 4.50 -4.53 -29.81
N HIS E 510 5.27 -5.52 -29.41
CA HIS E 510 6.46 -5.26 -28.63
C HIS E 510 7.59 -4.73 -29.51
N ALA E 511 7.44 -4.82 -30.83
CA ALA E 511 8.45 -4.37 -31.77
C ALA E 511 8.64 -2.85 -31.66
N PRO E 512 9.84 -2.34 -31.93
CA PRO E 512 10.04 -0.90 -31.87
C PRO E 512 9.31 -0.22 -33.01
N ALA E 513 8.86 1.00 -32.76
CA ALA E 513 8.24 1.77 -33.83
C ALA E 513 8.30 3.25 -33.49
N THR E 514 8.15 4.06 -34.53
CA THR E 514 8.02 5.49 -34.37
C THR E 514 6.78 5.81 -33.57
N VAL E 515 6.89 6.78 -32.66
CA VAL E 515 5.73 7.27 -31.95
C VAL E 515 5.07 8.28 -32.87
N CYS E 516 3.84 7.98 -33.26
CA CYS E 516 3.12 8.67 -34.31
C CYS E 516 2.19 9.70 -33.68
N GLY E 517 2.35 10.96 -34.05
CA GLY E 517 1.51 12.00 -33.54
C GLY E 517 2.00 13.39 -33.87
N PRO E 518 1.09 14.35 -33.97
CA PRO E 518 1.48 15.72 -34.37
C PRO E 518 2.08 16.48 -33.20
N LYS E 519 3.29 16.09 -32.79
CA LYS E 519 3.90 16.76 -31.65
C LYS E 519 4.08 18.22 -32.00
N LYS E 520 3.63 19.10 -31.11
CA LYS E 520 3.65 20.53 -31.36
C LYS E 520 4.84 21.18 -30.67
N SER E 521 5.28 22.29 -31.26
CA SER E 521 6.37 23.09 -30.74
C SER E 521 5.89 24.52 -30.50
N THR E 522 6.62 25.23 -29.65
CA THR E 522 6.39 26.63 -29.35
C THR E 522 7.55 27.43 -29.92
N ASN E 523 7.45 28.76 -29.85
CA ASN E 523 8.56 29.57 -30.33
C ASN E 523 9.72 29.50 -29.34
N LEU E 524 10.93 29.65 -29.86
CA LEU E 524 12.12 29.65 -29.00
C LEU E 524 12.35 31.03 -28.41
N VAL E 525 12.56 31.09 -27.09
CA VAL E 525 12.81 32.32 -26.36
C VAL E 525 14.20 32.19 -25.75
N LYS E 526 15.03 33.20 -25.94
CA LYS E 526 16.41 33.23 -25.44
C LYS E 526 16.56 34.27 -24.34
N ASN E 527 17.58 34.05 -23.50
CA ASN E 527 17.97 34.98 -22.44
C ASN E 527 16.90 35.20 -21.37
N LYS E 528 16.06 34.20 -21.11
CA LYS E 528 15.06 34.28 -20.05
C LYS E 528 15.02 32.95 -19.32
N CYS E 529 14.62 32.99 -18.04
CA CYS E 529 14.42 31.76 -17.28
C CYS E 529 13.11 31.12 -17.70
N VAL E 530 13.19 29.94 -18.31
CA VAL E 530 12.03 29.23 -18.81
C VAL E 530 12.11 27.76 -18.44
N ASN E 531 10.97 27.10 -18.52
CA ASN E 531 10.96 25.65 -18.47
C ASN E 531 11.09 25.23 -19.93
N PHE E 532 11.60 24.02 -20.17
CA PHE E 532 11.71 23.58 -21.54
C PHE E 532 11.61 22.07 -21.67
N ASN E 533 11.31 21.67 -22.91
CA ASN E 533 11.29 20.28 -23.36
C ASN E 533 11.86 20.25 -24.78
N PHE E 534 13.11 19.80 -24.93
CA PHE E 534 13.78 19.70 -26.22
C PHE E 534 13.86 18.23 -26.65
N ASN E 535 12.97 17.84 -27.54
CA ASN E 535 12.90 16.47 -28.07
C ASN E 535 12.90 15.40 -26.98
N GLY E 536 12.15 15.65 -25.91
CA GLY E 536 12.07 14.71 -24.80
C GLY E 536 12.94 15.05 -23.60
N LEU E 537 13.90 15.95 -23.74
CA LEU E 537 14.76 16.37 -22.64
C LEU E 537 14.05 17.52 -21.94
N THR E 538 13.77 17.39 -20.64
CA THR E 538 13.06 18.44 -19.94
C THR E 538 13.94 19.05 -18.86
N GLY E 539 13.60 20.28 -18.49
CA GLY E 539 14.32 20.94 -17.41
C GLY E 539 13.92 22.40 -17.32
N THR E 540 14.62 23.12 -16.45
CA THR E 540 14.41 24.54 -16.22
C THR E 540 15.74 25.25 -16.34
N GLY E 541 15.77 26.38 -17.04
CA GLY E 541 17.01 27.11 -17.18
C GLY E 541 16.88 28.27 -18.14
N VAL E 542 18.02 28.91 -18.39
CA VAL E 542 18.14 30.06 -19.28
C VAL E 542 18.89 29.59 -20.53
N LEU E 543 18.27 29.77 -21.69
CA LEU E 543 18.85 29.32 -22.96
C LEU E 543 19.54 30.50 -23.62
N THR E 544 20.83 30.35 -23.93
CA THR E 544 21.58 31.41 -24.59
C THR E 544 22.33 30.80 -25.77
N LYS E 545 22.78 31.65 -26.70
CA LYS E 545 23.58 31.14 -27.80
C LYS E 545 24.86 30.53 -27.28
N SER E 546 25.17 29.34 -27.77
CA SER E 546 26.38 28.61 -27.37
C SER E 546 27.46 28.77 -28.43
N ASN E 547 28.71 28.75 -27.98
CA ASN E 547 29.85 28.75 -28.88
C ASN E 547 30.40 27.33 -29.06
N LYS E 548 29.72 26.34 -28.49
CA LYS E 548 30.15 24.95 -28.59
C LYS E 548 29.88 24.46 -29.99
N LYS E 549 30.75 23.58 -30.49
CA LYS E 549 30.61 23.02 -31.83
C LYS E 549 30.32 21.52 -31.72
N PHE E 550 29.04 21.18 -31.90
CA PHE E 550 28.58 19.82 -31.82
C PHE E 550 28.89 19.12 -33.13
N LEU E 551 29.11 17.81 -33.08
CA LEU E 551 29.27 17.08 -34.31
C LEU E 551 27.91 17.04 -34.99
N PRO E 552 27.86 16.80 -36.32
CA PRO E 552 26.57 16.81 -37.03
C PRO E 552 25.48 15.93 -36.45
N PHE E 553 25.84 14.90 -35.68
CA PHE E 553 24.84 14.00 -35.11
C PHE E 553 24.55 14.23 -33.64
N GLN E 554 25.32 15.06 -32.93
CA GLN E 554 25.12 15.20 -31.50
C GLN E 554 23.92 16.09 -31.19
N GLN E 555 23.17 15.71 -30.15
CA GLN E 555 21.96 16.39 -29.72
C GLN E 555 22.06 17.07 -28.36
N PHE E 556 22.90 16.58 -27.46
CA PHE E 556 22.98 17.08 -26.09
C PHE E 556 24.44 17.35 -25.73
N GLY E 557 24.66 18.26 -24.78
CA GLY E 557 25.97 18.44 -24.17
C GLY E 557 25.89 18.24 -22.68
N ARG E 558 26.99 17.76 -22.10
CA ARG E 558 27.09 17.55 -20.66
C ARG E 558 28.35 18.16 -20.06
N ASP E 559 28.27 18.38 -18.76
CA ASP E 559 29.34 18.87 -17.89
C ASP E 559 30.27 17.71 -17.57
N ILE E 560 31.28 17.98 -16.74
CA ILE E 560 32.16 16.89 -16.31
C ILE E 560 31.30 15.88 -15.59
N VAL E 561 30.38 16.38 -14.77
CA VAL E 561 29.36 15.59 -14.08
C VAL E 561 28.30 15.35 -15.15
N ASP E 562 27.27 14.55 -14.86
CA ASP E 562 26.32 14.20 -15.90
C ASP E 562 25.29 15.28 -16.19
N THR E 563 25.32 16.40 -15.47
CA THR E 563 24.35 17.48 -15.69
C THR E 563 24.42 18.00 -17.14
N THR E 564 23.26 18.10 -17.76
CA THR E 564 23.15 18.62 -19.12
C THR E 564 23.42 20.13 -19.11
N ASP E 565 24.22 20.60 -20.07
CA ASP E 565 24.50 22.04 -20.19
C ASP E 565 24.33 22.59 -21.60
N ALA E 566 23.88 21.80 -22.55
CA ALA E 566 23.63 22.33 -23.88
C ALA E 566 22.65 21.44 -24.60
N VAL E 567 21.90 22.05 -25.51
CA VAL E 567 20.99 21.34 -26.41
C VAL E 567 21.13 21.86 -27.82
N ARG E 568 20.73 21.03 -28.77
CA ARG E 568 20.62 21.41 -30.17
C ARG E 568 19.14 21.56 -30.48
N ASP E 569 18.75 22.72 -30.98
CA ASP E 569 17.34 22.97 -31.27
C ASP E 569 16.88 22.05 -32.39
N PRO E 570 15.83 21.23 -32.19
CA PRO E 570 15.46 20.26 -33.23
C PRO E 570 15.00 20.85 -34.55
N GLN E 571 14.64 22.14 -34.63
CA GLN E 571 14.19 22.73 -35.88
C GLN E 571 15.22 23.61 -36.55
N THR E 572 16.04 24.33 -35.78
CA THR E 572 17.03 25.26 -36.32
C THR E 572 18.44 24.69 -36.26
N LEU E 573 18.67 23.66 -35.46
CA LEU E 573 19.97 23.03 -35.25
C LEU E 573 20.98 23.98 -34.62
N GLU E 574 20.51 25.07 -34.01
CA GLU E 574 21.38 25.97 -33.28
C GLU E 574 21.75 25.33 -31.95
N ILE E 575 22.98 25.53 -31.50
CA ILE E 575 23.42 25.00 -30.22
C ILE E 575 23.16 26.07 -29.17
N LEU E 576 22.45 25.69 -28.11
CA LEU E 576 22.09 26.59 -27.02
C LEU E 576 22.71 26.08 -25.72
N ASP E 577 23.25 27.01 -24.93
CA ASP E 577 23.77 26.70 -23.61
C ASP E 577 22.63 26.84 -22.63
N ILE E 578 22.63 25.98 -21.62
CA ILE E 578 21.63 26.01 -20.55
C ILE E 578 22.34 26.45 -19.28
N THR E 579 21.96 27.60 -18.79
CA THR E 579 22.49 28.15 -17.57
C THR E 579 21.44 27.98 -16.50
N PRO E 580 21.72 27.45 -15.33
CA PRO E 580 20.69 27.37 -14.30
C PRO E 580 20.14 28.75 -13.98
N CYS E 581 18.87 28.80 -13.62
CA CYS E 581 18.26 30.08 -13.27
C CYS E 581 18.86 30.52 -11.95
N SER E 582 18.99 31.84 -11.78
CA SER E 582 19.68 32.37 -10.61
C SER E 582 19.09 31.82 -9.33
N PHE E 583 19.99 31.43 -8.44
CA PHE E 583 19.68 30.81 -7.17
C PHE E 583 20.72 31.24 -6.15
N GLY E 584 20.30 31.41 -4.91
CA GLY E 584 21.27 31.66 -3.87
C GLY E 584 20.61 31.69 -2.52
N GLY E 585 21.44 31.86 -1.51
CA GLY E 585 20.93 31.94 -0.17
C GLY E 585 20.46 33.34 0.12
N VAL E 586 19.63 33.47 1.15
CA VAL E 586 19.15 34.75 1.64
C VAL E 586 19.59 34.86 3.08
N SER E 587 20.35 35.91 3.39
CA SER E 587 20.78 36.17 4.76
C SER E 587 20.19 37.49 5.20
N VAL E 588 19.78 37.57 6.46
CA VAL E 588 19.17 38.78 7.00
C VAL E 588 20.11 39.36 8.03
N ILE E 589 20.46 40.63 7.84
CA ILE E 589 21.38 41.36 8.70
C ILE E 589 20.48 42.20 9.60
N THR E 590 20.50 41.90 10.89
CA THR E 590 19.61 42.51 11.86
C THR E 590 20.39 43.23 12.96
N PRO E 591 20.13 44.51 13.23
CA PRO E 591 20.79 45.17 14.37
C PRO E 591 20.41 44.56 15.70
N GLY E 592 19.31 43.82 15.76
CA GLY E 592 18.76 43.23 16.97
C GLY E 592 17.43 43.91 17.22
N THR E 593 16.43 43.12 17.57
CA THR E 593 15.08 43.65 17.72
C THR E 593 14.90 44.52 18.96
N ASN E 594 15.89 44.56 19.85
CA ASN E 594 15.82 45.44 21.01
C ASN E 594 16.43 46.81 20.70
N THR E 595 16.87 47.01 19.45
CA THR E 595 17.47 48.25 18.97
C THR E 595 16.69 48.82 17.80
N SER E 596 16.46 48.03 16.76
CA SER E 596 15.76 48.48 15.57
C SER E 596 15.17 47.28 14.84
N ASN E 597 14.03 47.49 14.19
CA ASN E 597 13.39 46.46 13.39
C ASN E 597 13.74 46.59 11.91
N GLN E 598 14.70 47.45 11.58
CA GLN E 598 15.18 47.60 10.21
C GLN E 598 16.20 46.51 9.94
N VAL E 599 16.08 45.84 8.80
CA VAL E 599 17.03 44.80 8.42
C VAL E 599 17.50 45.02 6.98
N ALA E 600 18.63 44.39 6.67
CA ALA E 600 19.19 44.36 5.32
C ALA E 600 19.18 42.91 4.87
N VAL E 601 19.03 42.67 3.58
CA VAL E 601 18.98 41.31 3.03
C VAL E 601 20.09 41.13 2.02
N LEU E 602 20.87 40.07 2.19
CA LEU E 602 21.95 39.69 1.30
C LEU E 602 21.48 38.53 0.44
N TYR E 603 21.50 38.71 -0.88
CA TYR E 603 21.17 37.66 -1.83
C TYR E 603 22.52 37.11 -2.27
N GLN E 604 22.85 35.91 -1.80
CA GLN E 604 24.19 35.37 -1.98
C GLN E 604 24.45 34.85 -3.38
N GLY E 605 25.65 35.11 -3.89
CA GLY E 605 26.10 34.52 -5.12
C GLY E 605 25.56 35.10 -6.40
N VAL E 606 24.80 36.20 -6.36
CA VAL E 606 24.18 36.76 -7.55
C VAL E 606 24.52 38.22 -7.74
N ASN E 607 24.30 38.68 -8.97
CA ASN E 607 24.46 40.05 -9.40
C ASN E 607 23.26 40.88 -8.95
N CYS E 608 23.50 42.15 -8.63
CA CYS E 608 22.37 43.03 -8.30
C CYS E 608 21.46 43.29 -9.49
N THR E 609 22.00 43.24 -10.71
CA THR E 609 21.15 43.44 -11.88
C THR E 609 20.15 42.30 -12.00
N GLU E 610 20.61 41.06 -11.80
CA GLU E 610 19.74 39.91 -11.93
C GLU E 610 18.64 39.96 -10.88
N VAL E 611 18.99 40.39 -9.67
CA VAL E 611 18.00 40.48 -8.61
C VAL E 611 16.99 41.59 -8.91
N SER E 612 17.48 42.75 -9.36
CA SER E 612 16.58 43.86 -9.65
C SER E 612 15.58 43.46 -10.72
N VAL E 613 16.06 42.75 -11.74
CA VAL E 613 15.16 42.29 -12.80
C VAL E 613 14.16 41.31 -12.22
N ALA E 614 14.62 40.36 -11.38
CA ALA E 614 13.69 39.38 -10.80
C ALA E 614 12.59 40.06 -9.97
N ILE E 615 12.92 41.14 -9.24
CA ILE E 615 11.85 41.85 -8.51
C ILE E 615 10.89 42.51 -9.49
N HIS E 616 11.40 43.19 -10.52
CA HIS E 616 10.45 43.84 -11.42
C HIS E 616 9.61 42.81 -12.15
N ALA E 617 10.17 41.65 -12.47
CA ALA E 617 9.43 40.61 -13.16
C ALA E 617 8.62 39.73 -12.21
N ASP E 618 8.71 39.95 -10.89
CA ASP E 618 8.02 39.11 -9.90
C ASP E 618 8.37 37.64 -10.07
N GLN E 619 9.67 37.36 -10.27
CA GLN E 619 10.16 36.00 -10.45
C GLN E 619 10.77 35.34 -9.20
N LEU E 620 10.96 36.07 -8.10
CA LEU E 620 11.62 35.49 -6.93
C LEU E 620 10.63 34.66 -6.12
N THR E 621 11.12 33.52 -5.61
CA THR E 621 10.32 32.64 -4.75
C THR E 621 9.94 33.25 -3.40
N PRO E 622 10.80 33.99 -2.68
CA PRO E 622 10.31 34.66 -1.48
C PRO E 622 9.25 35.68 -1.89
N THR E 623 8.19 35.78 -1.10
CA THR E 623 7.11 36.68 -1.48
C THR E 623 7.27 38.09 -0.91
N TRP E 624 8.19 38.28 0.03
CA TRP E 624 8.41 39.60 0.58
C TRP E 624 9.37 40.36 -0.33
N ARG E 625 9.31 41.69 -0.28
CA ARG E 625 10.20 42.54 -1.05
C ARG E 625 10.79 43.59 -0.13
N VAL E 626 12.07 43.89 -0.34
CA VAL E 626 12.80 44.88 0.44
C VAL E 626 12.77 46.17 -0.37
N TYR E 627 12.34 47.25 0.28
CA TYR E 627 12.24 48.53 -0.43
C TYR E 627 13.61 48.96 -0.94
N SER E 628 13.67 49.31 -2.22
CA SER E 628 14.89 49.75 -2.86
C SER E 628 14.78 51.17 -3.39
N THR E 629 15.85 51.93 -3.17
CA THR E 629 16.02 53.30 -3.65
C THR E 629 17.12 53.40 -4.69
N GLY E 630 18.03 52.43 -4.69
CA GLY E 630 19.20 52.35 -5.52
C GLY E 630 20.44 52.85 -4.82
N SER E 631 20.26 53.62 -3.74
CA SER E 631 21.38 54.09 -2.94
C SER E 631 21.75 53.05 -1.88
N ASN E 632 20.84 52.13 -1.58
CA ASN E 632 20.99 51.09 -0.58
C ASN E 632 21.19 49.70 -1.18
N VAL E 633 21.58 49.63 -2.46
CA VAL E 633 21.84 48.37 -3.14
C VAL E 633 23.32 48.39 -3.47
N PHE E 634 24.07 47.49 -2.86
CA PHE E 634 25.52 47.46 -2.99
C PHE E 634 25.96 46.06 -3.41
N GLN E 635 26.78 46.00 -4.46
CA GLN E 635 27.26 44.72 -4.98
C GLN E 635 28.55 44.35 -4.25
N THR E 636 28.55 43.16 -3.64
CA THR E 636 29.68 42.60 -2.94
C THR E 636 30.08 41.32 -3.64
N ARG E 637 31.20 40.73 -3.23
CA ARG E 637 31.54 39.43 -3.82
C ARG E 637 30.65 38.34 -3.24
N ALA E 638 30.22 38.51 -1.99
CA ALA E 638 29.33 37.54 -1.37
C ALA E 638 28.01 37.48 -2.09
N GLY E 639 27.54 38.62 -2.58
CA GLY E 639 26.26 38.72 -3.23
C GLY E 639 25.80 40.16 -3.28
N CYS E 640 24.50 40.34 -3.51
CA CYS E 640 23.89 41.66 -3.61
C CYS E 640 23.25 42.01 -2.27
N LEU E 641 23.71 43.11 -1.67
CA LEU E 641 23.22 43.55 -0.37
C LEU E 641 22.23 44.69 -0.57
N ILE E 642 20.97 44.45 -0.19
CA ILE E 642 19.89 45.43 -0.37
C ILE E 642 19.41 45.81 1.02
N GLY E 643 19.36 47.10 1.29
CA GLY E 643 18.93 47.62 2.57
C GLY E 643 20.02 48.15 3.46
N ALA E 644 21.21 48.44 2.93
CA ALA E 644 22.32 48.97 3.69
C ALA E 644 23.04 49.99 2.84
N GLU E 645 23.51 51.06 3.47
CA GLU E 645 24.23 52.13 2.77
C GLU E 645 25.72 51.90 2.93
N TYR E 646 26.41 51.70 1.81
CA TYR E 646 27.85 51.50 1.85
C TYR E 646 28.52 52.85 2.05
N VAL E 647 29.51 52.88 2.96
CA VAL E 647 30.26 54.10 3.23
C VAL E 647 31.74 53.81 3.03
N ASN E 648 32.50 54.88 2.78
CA ASN E 648 33.94 54.75 2.59
C ASN E 648 34.69 54.57 3.89
N ASN E 649 34.15 55.09 4.99
CA ASN E 649 34.83 54.99 6.28
C ASN E 649 34.97 53.54 6.69
N SER E 650 36.18 53.16 7.12
CA SER E 650 36.44 51.80 7.59
C SER E 650 36.29 51.74 9.11
N TYR E 651 35.66 50.67 9.58
CA TYR E 651 35.40 50.45 10.99
C TYR E 651 35.77 49.02 11.35
N GLU E 652 35.89 48.77 12.64
CA GLU E 652 36.07 47.40 13.11
C GLU E 652 34.87 46.57 12.68
N CYS E 653 35.11 45.33 12.29
CA CYS E 653 34.03 44.47 11.84
C CYS E 653 33.06 44.19 12.98
N ASP E 654 31.77 44.27 12.67
CA ASP E 654 30.70 44.00 13.62
C ASP E 654 29.90 42.79 13.14
N ILE E 655 29.00 42.97 12.18
CA ILE E 655 28.24 41.85 11.61
C ILE E 655 28.95 41.44 10.33
N PRO E 656 29.55 40.25 10.24
CA PRO E 656 30.28 39.92 9.02
C PRO E 656 29.34 39.64 7.86
N ILE E 657 29.73 40.07 6.67
CA ILE E 657 29.04 39.73 5.43
C ILE E 657 29.89 38.81 4.57
N GLY E 658 31.14 39.18 4.33
CA GLY E 658 32.03 38.37 3.53
C GLY E 658 32.89 39.19 2.57
N ALA E 659 34.01 38.60 2.16
CA ALA E 659 34.93 39.18 1.20
C ALA E 659 35.38 40.57 1.64
N GLY E 660 35.64 40.72 2.93
CA GLY E 660 36.13 41.97 3.45
C GLY E 660 35.06 42.94 3.90
N ILE E 661 33.81 42.64 3.66
CA ILE E 661 32.72 43.61 3.94
C ILE E 661 31.94 43.17 5.17
N CYS E 662 31.71 44.07 6.09
CA CYS E 662 30.97 43.90 7.33
C CYS E 662 29.90 44.98 7.36
N ALA E 663 28.92 44.83 8.26
CA ALA E 663 27.88 45.82 8.42
C ALA E 663 27.57 46.08 9.89
N SER E 664 27.02 47.27 10.16
CA SER E 664 26.66 47.65 11.52
C SER E 664 25.54 48.68 11.47
N TYR E 665 24.92 48.92 12.62
CA TYR E 665 23.85 49.92 12.75
C TYR E 665 24.38 51.16 13.46
N GLN E 666 24.43 52.29 12.74
CA GLN E 666 24.99 53.52 13.26
C GLN E 666 24.19 54.75 12.85
N THR E 667 24.33 55.79 13.66
CA THR E 667 23.75 57.10 13.36
C THR E 667 24.53 57.74 12.22
N GLN E 668 23.81 58.21 11.20
CA GLN E 668 24.42 58.83 10.02
C GLN E 668 24.05 60.32 9.96
N THR E 669 25.05 61.17 10.19
CA THR E 669 24.89 62.62 10.23
C THR E 669 23.70 63.05 11.08
N LYS E 670 23.75 62.66 12.35
CA LYS E 670 22.70 62.92 13.34
C LYS E 670 21.45 62.12 13.01
N SER E 680 18.61 59.91 13.29
CA SER E 680 18.64 59.16 12.04
C SER E 680 19.71 58.08 12.09
N GLN E 681 19.27 56.83 12.26
CA GLN E 681 20.16 55.67 12.33
C GLN E 681 19.80 54.70 11.22
N SER E 682 20.80 53.99 10.72
CA SER E 682 20.55 53.02 9.66
C SER E 682 21.66 51.97 9.67
N ILE E 683 21.43 50.93 8.88
CA ILE E 683 22.40 49.86 8.68
C ILE E 683 23.33 50.30 7.57
N ILE E 684 24.63 50.21 7.82
CA ILE E 684 25.65 50.58 6.84
C ILE E 684 26.55 49.37 6.61
N ALA E 685 27.20 49.39 5.45
CA ALA E 685 28.16 48.38 5.05
C ALA E 685 29.50 49.07 4.86
N TYR E 686 30.58 48.37 5.19
CA TYR E 686 31.91 48.94 5.05
C TYR E 686 32.94 47.84 4.88
N THR E 687 34.11 48.24 4.38
CA THR E 687 35.24 47.34 4.32
C THR E 687 35.89 47.41 5.69
N MET E 688 36.11 46.27 6.33
CA MET E 688 36.54 46.30 7.72
C MET E 688 37.98 46.78 7.85
N SER E 689 38.23 47.45 8.97
CA SER E 689 39.57 47.85 9.34
C SER E 689 40.23 46.64 9.99
N LEU E 690 41.52 46.45 9.73
CA LEU E 690 42.22 45.34 10.35
C LEU E 690 42.89 45.74 11.65
N GLY E 691 43.19 47.02 11.82
CA GLY E 691 43.81 47.52 13.02
C GLY E 691 44.38 48.90 12.76
N ALA E 692 44.83 49.53 13.84
CA ALA E 692 45.44 50.83 13.69
C ALA E 692 46.78 50.63 12.98
N GLU E 693 47.21 51.63 12.21
CA GLU E 693 48.51 51.55 11.58
C GLU E 693 49.54 52.15 12.52
N ASN E 694 50.69 51.49 12.64
CA ASN E 694 51.77 51.93 13.51
C ASN E 694 53.09 51.71 12.80
N SER E 695 53.73 52.80 12.34
CA SER E 695 55.02 52.71 11.68
C SER E 695 56.08 52.77 12.79
N VAL E 696 56.88 51.73 12.90
CA VAL E 696 57.89 51.64 13.95
C VAL E 696 59.09 52.49 13.56
N ALA E 697 59.58 53.28 14.52
CA ALA E 697 60.70 54.20 14.27
C ALA E 697 62.02 53.43 14.27
N TYR E 698 62.16 52.57 13.26
CA TYR E 698 63.37 51.77 13.10
C TYR E 698 64.53 52.61 12.59
N SER E 699 65.70 52.40 13.18
CA SER E 699 66.91 53.05 12.68
C SER E 699 68.11 52.20 13.12
N ASN E 700 69.25 52.48 12.49
CA ASN E 700 70.46 51.71 12.72
C ASN E 700 70.93 51.70 14.18
N ASN E 701 70.71 52.78 14.93
CA ASN E 701 71.18 52.86 16.32
C ASN E 701 70.14 53.30 17.34
N SER E 702 68.85 53.02 17.14
CA SER E 702 67.82 53.44 18.09
C SER E 702 67.13 52.22 18.67
N ILE E 703 67.08 52.16 20.01
CA ILE E 703 66.42 51.06 20.73
C ILE E 703 65.46 51.64 21.74
N ALA E 704 64.27 51.06 21.86
CA ALA E 704 63.31 51.47 22.87
C ALA E 704 63.44 50.53 24.06
N ILE E 705 63.47 51.11 25.26
CA ILE E 705 63.59 50.36 26.50
C ILE E 705 62.41 50.73 27.39
N PRO E 706 61.68 49.76 27.96
CA PRO E 706 60.60 50.10 28.89
C PRO E 706 61.14 50.82 30.12
N THR E 707 60.33 51.72 30.67
CA THR E 707 60.66 52.40 31.91
C THR E 707 59.69 52.07 33.03
N ASN E 708 58.56 51.42 32.70
CA ASN E 708 57.54 51.07 33.66
C ASN E 708 56.95 49.74 33.18
N PHE E 709 55.98 49.22 33.90
CA PHE E 709 55.37 47.97 33.51
C PHE E 709 53.97 47.90 34.09
N THR E 710 53.17 47.01 33.52
CA THR E 710 51.83 46.72 34.00
C THR E 710 51.74 45.23 34.28
N ILE E 711 51.09 44.89 35.38
CA ILE E 711 50.77 43.50 35.67
C ILE E 711 49.37 43.34 35.14
N SER E 712 49.19 42.38 34.23
CA SER E 712 47.91 42.17 33.57
C SER E 712 47.41 40.78 33.87
N VAL E 713 46.10 40.68 34.06
CA VAL E 713 45.45 39.40 34.27
C VAL E 713 44.43 39.23 33.17
N THR E 714 44.54 38.13 32.43
CA THR E 714 43.63 37.82 31.34
C THR E 714 42.93 36.51 31.67
N THR E 715 41.80 36.26 31.02
CA THR E 715 41.03 35.06 31.26
C THR E 715 40.94 34.21 29.99
N GLU E 716 41.27 32.93 30.13
CA GLU E 716 41.16 31.97 29.03
C GLU E 716 40.19 30.90 29.50
N ILE E 717 39.17 30.60 28.71
CA ILE E 717 38.13 29.66 29.10
C ILE E 717 38.13 28.50 28.13
N LEU E 718 38.26 27.27 28.65
CA LEU E 718 38.28 26.09 27.81
C LEU E 718 37.25 25.05 28.25
N PRO E 719 36.53 24.43 27.31
CA PRO E 719 35.73 23.26 27.65
C PRO E 719 36.62 22.10 28.07
N VAL E 720 36.15 21.32 29.03
CA VAL E 720 36.83 20.11 29.46
C VAL E 720 35.98 18.87 29.21
N SER E 721 34.67 18.96 29.43
CA SER E 721 33.78 17.82 29.33
C SER E 721 32.45 18.26 28.74
N MET E 722 31.68 17.27 28.28
CA MET E 722 30.34 17.48 27.74
C MET E 722 29.39 16.52 28.46
N THR E 723 28.10 16.81 28.37
CA THR E 723 27.08 15.99 29.01
C THR E 723 27.17 14.54 28.55
N LYS E 724 27.16 13.62 29.52
CA LYS E 724 27.23 12.20 29.26
C LYS E 724 25.81 11.66 29.12
N THR E 725 25.49 11.08 27.95
CA THR E 725 24.17 10.56 27.69
C THR E 725 24.24 9.06 27.44
N SER E 726 23.08 8.42 27.55
CA SER E 726 22.91 6.99 27.33
C SER E 726 21.55 6.82 26.68
N VAL E 727 21.47 5.96 25.66
CA VAL E 727 20.24 5.76 24.90
C VAL E 727 19.86 4.29 24.84
N ASP E 728 18.62 4.00 25.18
CA ASP E 728 18.04 2.67 25.02
C ASP E 728 17.42 2.64 23.62
N CYS E 729 18.08 1.94 22.69
CA CYS E 729 17.63 1.94 21.31
C CYS E 729 16.24 1.34 21.14
N THR E 730 15.86 0.40 22.01
CA THR E 730 14.55 -0.23 21.84
C THR E 730 13.45 0.69 22.33
N MET E 731 13.63 1.29 23.50
CA MET E 731 12.61 2.18 24.02
C MET E 731 12.44 3.38 23.11
N TYR E 732 13.56 3.87 22.55
CA TYR E 732 13.50 5.01 21.64
C TYR E 732 12.80 4.64 20.33
N ILE E 733 13.18 3.51 19.74
CA ILE E 733 12.64 3.15 18.43
C ILE E 733 11.28 2.47 18.59
N CYS E 734 11.20 1.52 19.52
CA CYS E 734 10.02 0.67 19.71
C CYS E 734 9.50 0.72 21.14
N GLY E 735 9.28 1.93 21.66
CA GLY E 735 8.85 2.03 23.05
C GLY E 735 7.52 1.37 23.32
N ASP E 736 7.51 0.49 24.32
CA ASP E 736 6.32 -0.26 24.75
C ASP E 736 5.61 -0.94 23.58
N SER E 737 6.38 -1.48 22.63
CA SER E 737 5.78 -2.20 21.51
C SER E 737 6.56 -3.48 21.22
N THR E 738 5.95 -4.63 21.52
CA THR E 738 6.60 -5.92 21.28
C THR E 738 6.69 -6.18 19.78
N GLU E 739 5.61 -5.84 19.07
CA GLU E 739 5.51 -6.07 17.63
C GLU E 739 6.60 -5.31 16.90
N CYS E 740 6.90 -4.09 17.33
CA CYS E 740 7.96 -3.31 16.71
C CYS E 740 9.32 -3.93 17.01
N SER E 741 9.54 -4.31 18.26
CA SER E 741 10.83 -4.88 18.64
C SER E 741 11.15 -6.11 17.80
N ASN E 742 10.15 -6.95 17.50
CA ASN E 742 10.43 -8.14 16.71
C ASN E 742 10.92 -7.79 15.30
N LEU E 743 10.56 -6.62 14.75
CA LEU E 743 11.10 -6.25 13.45
C LEU E 743 12.45 -5.60 13.65
N LEU E 744 12.62 -4.88 14.77
CA LEU E 744 13.87 -4.19 15.04
C LEU E 744 15.02 -5.19 15.17
N LEU E 745 14.71 -6.40 15.62
CA LEU E 745 15.73 -7.45 15.75
C LEU E 745 16.36 -7.83 14.40
N GLN E 746 15.70 -7.56 13.27
CA GLN E 746 16.25 -7.97 11.98
C GLN E 746 17.33 -7.03 11.46
N TYR E 747 17.64 -5.94 12.17
CA TYR E 747 18.67 -5.00 11.75
C TYR E 747 20.02 -5.28 12.39
N GLY E 748 20.13 -6.36 13.17
CA GLY E 748 21.40 -6.76 13.73
C GLY E 748 21.83 -5.93 14.93
N SER E 749 23.14 -5.90 15.14
CA SER E 749 23.74 -5.29 16.31
C SER E 749 23.97 -3.78 16.15
N PHE E 750 22.93 -3.03 15.76
CA PHE E 750 23.10 -1.59 15.68
C PHE E 750 22.98 -0.98 17.07
N CYS E 751 22.22 -1.64 17.94
CA CYS E 751 22.05 -1.16 19.30
C CYS E 751 23.36 -1.28 20.06
N THR E 752 24.09 -2.37 19.79
CA THR E 752 25.37 -2.59 20.46
C THR E 752 26.35 -1.51 20.06
N GLN E 753 26.40 -1.16 18.77
CA GLN E 753 27.34 -0.13 18.33
C GLN E 753 26.96 1.23 18.90
N LEU E 754 25.66 1.55 18.94
CA LEU E 754 25.27 2.86 19.45
C LEU E 754 25.55 2.95 20.94
N LYS E 755 25.28 1.86 21.66
CA LYS E 755 25.49 1.84 23.10
C LYS E 755 26.98 1.91 23.42
N ARG E 756 27.80 1.19 22.67
CA ARG E 756 29.24 1.24 22.92
C ARG E 756 29.80 2.62 22.62
N ALA E 757 29.32 3.26 21.54
CA ALA E 757 29.83 4.59 21.21
C ALA E 757 29.49 5.58 22.32
N LEU E 758 28.26 5.50 22.83
CA LEU E 758 27.89 6.44 23.88
C LEU E 758 28.60 6.11 25.18
N THR E 759 28.83 4.82 25.46
CA THR E 759 29.54 4.46 26.68
C THR E 759 30.98 4.97 26.61
N GLY E 760 31.62 4.80 25.45
CA GLY E 760 32.97 5.27 25.29
C GLY E 760 33.06 6.77 25.48
N ILE E 761 32.07 7.50 24.95
CA ILE E 761 32.06 8.94 25.14
C ILE E 761 31.91 9.27 26.62
N ALA E 762 30.97 8.60 27.30
CA ALA E 762 30.73 8.87 28.71
C ALA E 762 31.98 8.63 29.55
N VAL E 763 32.70 7.55 29.26
CA VAL E 763 33.92 7.26 30.02
C VAL E 763 34.97 8.32 29.72
N GLU E 764 35.09 8.69 28.45
CA GLU E 764 36.06 9.70 28.04
C GLU E 764 35.83 11.02 28.75
N GLN E 765 34.57 11.40 29.00
CA GLN E 765 34.35 12.70 29.64
C GLN E 765 34.88 12.72 31.07
N ASP E 766 34.83 11.58 31.76
CA ASP E 766 35.39 11.55 33.10
C ASP E 766 36.90 11.49 33.01
N LYS E 767 37.41 10.84 31.98
CA LYS E 767 38.86 10.81 31.78
C LYS E 767 39.36 12.22 31.54
N ASN E 768 38.64 13.00 30.73
CA ASN E 768 39.04 14.37 30.43
C ASN E 768 39.03 15.24 31.68
N THR E 769 38.00 15.10 32.51
CA THR E 769 37.95 15.91 33.71
C THR E 769 39.08 15.52 34.66
N GLN E 770 39.32 14.21 34.79
CA GLN E 770 40.37 13.73 35.67
C GLN E 770 41.74 14.20 35.19
N GLU E 771 41.98 14.14 33.89
CA GLU E 771 43.26 14.56 33.34
C GLU E 771 43.48 16.06 33.48
N VAL E 772 42.43 16.87 33.36
CA VAL E 772 42.62 18.32 33.49
C VAL E 772 42.81 18.74 34.93
N PHE E 773 41.97 18.24 35.84
CA PHE E 773 42.01 18.72 37.23
C PHE E 773 42.79 17.84 38.19
N ALA E 774 42.80 16.52 38.03
CA ALA E 774 43.46 15.67 39.02
C ALA E 774 44.94 15.49 38.67
N GLN E 775 45.64 16.62 38.65
CA GLN E 775 47.07 16.65 38.33
C GLN E 775 47.92 16.80 39.57
N VAL E 776 47.30 16.83 40.76
CA VAL E 776 48.02 17.03 42.01
C VAL E 776 47.81 15.79 42.86
N LYS E 777 48.91 15.29 43.40
CA LYS E 777 48.86 14.06 44.21
C LYS E 777 48.20 14.29 45.55
N GLN E 778 48.37 15.46 46.11
CA GLN E 778 47.90 15.75 47.46
C GLN E 778 46.97 16.95 47.43
N ILE E 779 46.08 17.01 48.41
CA ILE E 779 45.18 18.16 48.55
C ILE E 779 45.88 19.14 49.47
N TYR E 780 46.29 20.27 48.90
CA TYR E 780 47.04 21.29 49.60
C TYR E 780 46.07 22.31 50.17
N LYS E 781 46.42 22.84 51.34
CA LYS E 781 45.62 23.88 51.97
C LYS E 781 46.49 25.12 52.18
N THR E 782 45.82 26.26 52.14
CA THR E 782 46.42 27.56 52.37
C THR E 782 46.60 27.75 53.88
N PRO E 783 47.45 28.68 54.32
CA PRO E 783 47.54 28.95 55.75
C PRO E 783 46.27 29.61 56.27
N PRO E 784 46.03 29.55 57.59
CA PRO E 784 44.88 30.27 58.16
C PRO E 784 44.95 31.79 58.05
N ILE E 785 46.14 32.36 57.90
CA ILE E 785 46.31 33.81 57.78
C ILE E 785 46.62 34.09 56.32
N LYS E 786 45.69 34.76 55.64
CA LYS E 786 45.81 35.01 54.20
C LYS E 786 46.61 36.29 53.94
N TYR E 787 47.89 36.26 54.29
CA TYR E 787 48.80 37.36 54.01
C TYR E 787 49.91 36.84 53.13
N PHE E 788 49.99 37.34 51.89
CA PHE E 788 50.97 36.86 50.92
C PHE E 788 51.72 38.04 50.31
N GLY E 789 52.38 38.84 51.15
CA GLY E 789 53.17 39.92 50.61
C GLY E 789 52.39 41.13 50.17
N GLY E 790 51.08 41.16 50.42
CA GLY E 790 50.23 42.24 49.96
C GLY E 790 49.39 41.87 48.76
N PHE E 791 49.54 40.66 48.24
CA PHE E 791 48.75 40.16 47.12
C PHE E 791 47.45 39.59 47.69
N ASN E 792 46.32 40.12 47.22
CA ASN E 792 45.00 39.75 47.70
C ASN E 792 44.44 38.66 46.79
N PHE E 793 44.35 37.44 47.32
CA PHE E 793 43.87 36.28 46.59
C PHE E 793 42.47 35.88 47.04
N SER E 794 41.77 36.76 47.76
CA SER E 794 40.47 36.40 48.32
C SER E 794 39.42 36.13 47.26
N GLN E 795 39.61 36.59 46.02
CA GLN E 795 38.60 36.33 45.00
C GLN E 795 38.84 35.04 44.24
N ILE E 796 39.98 34.37 44.45
CA ILE E 796 40.28 33.10 43.79
C ILE E 796 40.27 31.93 44.77
N LEU E 797 40.50 32.17 46.06
CA LEU E 797 40.50 31.15 47.09
C LEU E 797 39.07 30.82 47.55
N PRO E 798 38.83 29.60 48.05
CA PRO E 798 37.49 29.23 48.51
C PRO E 798 36.94 30.18 49.58
N ASP E 799 35.64 30.50 49.46
CA ASP E 799 34.95 31.34 50.43
C ASP E 799 34.33 30.43 51.49
N PRO E 800 34.83 30.41 52.73
CA PRO E 800 34.30 29.47 53.74
C PRO E 800 32.81 29.60 54.04
N SER E 801 32.18 30.74 53.76
CA SER E 801 30.78 30.96 54.12
C SER E 801 29.76 30.35 53.16
N LYS E 802 30.16 29.88 51.98
CA LYS E 802 29.20 29.38 51.02
C LYS E 802 28.84 27.92 51.29
N PRO E 803 27.66 27.46 50.84
CA PRO E 803 27.33 26.02 50.97
C PRO E 803 28.33 25.12 50.27
N SER E 804 29.07 25.64 49.30
CA SER E 804 30.09 24.92 48.57
C SER E 804 31.26 25.87 48.52
N LYS E 805 32.43 25.41 48.95
CA LYS E 805 33.56 26.31 49.16
C LYS E 805 34.25 26.62 47.82
N ARG E 806 33.55 27.45 47.06
CA ARG E 806 33.95 27.94 45.75
C ARG E 806 34.44 29.36 45.94
N SER E 807 35.33 29.81 45.08
CA SER E 807 35.77 31.18 45.17
C SER E 807 34.67 32.11 44.68
N PRO E 808 34.73 33.40 45.03
CA PRO E 808 33.79 34.37 44.43
C PRO E 808 33.74 34.30 42.92
N ILE E 809 34.90 34.14 42.27
CA ILE E 809 34.91 34.02 40.82
C ILE E 809 34.27 32.71 40.40
N GLU E 810 34.58 31.60 41.09
CA GLU E 810 33.95 30.34 40.74
C GLU E 810 32.45 30.40 40.95
N ASP E 811 32.01 31.04 42.03
CA ASP E 811 30.58 31.13 42.30
C ASP E 811 29.90 31.94 41.20
N LEU E 812 30.56 32.99 40.73
CA LEU E 812 30.03 33.76 39.61
C LEU E 812 29.94 32.91 38.36
N LEU E 813 31.01 32.15 38.07
CA LEU E 813 31.03 31.33 36.85
C LEU E 813 29.91 30.30 36.87
N PHE E 814 29.66 29.70 38.04
CA PHE E 814 28.58 28.71 38.15
C PHE E 814 27.20 29.35 38.07
N ASN E 815 27.05 30.59 38.56
CA ASN E 815 25.76 31.25 38.48
C ASN E 815 25.47 31.81 37.09
N LYS E 816 26.49 32.07 36.30
CA LYS E 816 26.31 32.72 34.99
C LYS E 816 26.03 31.71 33.90
N VAL E 817 26.52 30.49 34.04
CA VAL E 817 26.28 29.44 33.06
C VAL E 817 25.07 28.63 33.50
N THR E 818 24.12 28.45 32.58
CA THR E 818 22.86 27.77 32.86
C THR E 818 22.69 26.57 31.92
N LEU E 840 15.86 13.44 41.75
CA LEU E 840 16.16 12.69 40.54
C LEU E 840 14.94 12.62 39.63
N ILE E 841 14.52 13.78 39.12
CA ILE E 841 13.37 13.89 38.23
C ILE E 841 13.90 14.15 36.83
N CYS E 842 13.62 13.22 35.91
CA CYS E 842 14.08 13.28 34.53
C CYS E 842 13.12 14.16 33.73
N ALA E 843 13.17 15.46 34.04
CA ALA E 843 12.26 16.45 33.49
C ALA E 843 12.35 16.62 31.98
N GLN E 844 13.54 16.46 31.37
CA GLN E 844 13.72 16.73 29.94
C GLN E 844 14.11 15.52 29.10
N LYS E 845 13.43 15.40 27.95
CA LYS E 845 13.69 14.43 26.89
C LYS E 845 13.70 12.99 27.38
N PHE E 846 12.78 12.67 28.30
CA PHE E 846 12.75 11.34 28.91
C PHE E 846 11.94 10.40 27.99
N ASN E 847 12.56 10.05 26.86
CA ASN E 847 11.97 9.16 25.83
C ASN E 847 12.96 8.07 25.45
N GLY E 848 13.53 7.41 26.44
CA GLY E 848 14.54 6.40 26.26
C GLY E 848 15.95 6.96 26.40
N LEU E 849 16.07 8.28 26.50
CA LEU E 849 17.31 9.01 26.60
C LEU E 849 17.53 9.40 28.05
N THR E 850 18.72 9.12 28.58
CA THR E 850 19.04 9.53 29.94
C THR E 850 20.39 10.24 29.93
N VAL E 851 20.65 10.95 31.03
CA VAL E 851 21.88 11.69 31.25
C VAL E 851 22.55 11.15 32.50
N LEU E 852 23.85 10.84 32.38
CA LEU E 852 24.59 10.28 33.49
C LEU E 852 25.30 11.39 34.25
N PRO E 853 25.45 11.32 35.57
CA PRO E 853 26.19 12.37 36.28
C PRO E 853 27.68 12.24 36.05
N PRO E 854 28.45 13.31 36.26
CA PRO E 854 29.91 13.17 36.21
C PRO E 854 30.39 12.37 37.40
N LEU E 855 31.57 11.75 37.23
CA LEU E 855 32.18 11.02 38.33
C LEU E 855 32.64 11.96 39.43
N LEU E 856 33.23 13.10 39.07
CA LEU E 856 33.67 14.08 40.04
C LEU E 856 32.62 15.17 40.16
N THR E 857 32.17 15.42 41.39
CA THR E 857 31.15 16.43 41.61
C THR E 857 31.77 17.81 41.54
N ASP E 858 30.93 18.84 41.48
CA ASP E 858 31.45 20.19 41.44
C ASP E 858 32.27 20.50 42.69
N GLU E 859 31.89 19.93 43.83
CA GLU E 859 32.67 20.14 45.04
C GLU E 859 34.04 19.50 44.92
N MET E 860 34.14 18.31 44.32
CA MET E 860 35.44 17.66 44.16
C MET E 860 36.32 18.44 43.19
N ILE E 861 35.72 19.00 42.15
CA ILE E 861 36.50 19.80 41.19
C ILE E 861 36.99 21.05 41.90
N ALA E 862 36.12 21.67 42.70
CA ALA E 862 36.51 22.84 43.47
C ALA E 862 37.65 22.50 44.43
N GLN E 863 37.62 21.29 45.01
CA GLN E 863 38.70 20.88 45.92
C GLN E 863 40.01 20.73 45.16
N TYR E 864 39.96 20.19 43.93
CA TYR E 864 41.20 20.09 43.17
C TYR E 864 41.71 21.48 42.81
N THR E 865 40.80 22.38 42.47
CA THR E 865 41.22 23.74 42.10
C THR E 865 41.84 24.41 43.32
N SER E 866 41.22 24.24 44.49
CA SER E 866 41.74 24.82 45.71
C SER E 866 43.12 24.27 46.02
N ALA E 867 43.31 22.96 45.85
CA ALA E 867 44.61 22.35 46.09
C ALA E 867 45.66 22.93 45.15
N LEU E 868 45.28 23.16 43.89
CA LEU E 868 46.22 23.73 42.92
C LEU E 868 46.58 25.16 43.29
N LEU E 869 45.59 25.93 43.76
CA LEU E 869 45.86 27.30 44.16
C LEU E 869 46.73 27.34 45.40
N ALA E 870 46.45 26.48 46.38
CA ALA E 870 47.25 26.46 47.60
C ALA E 870 48.67 26.07 47.27
N GLY E 871 48.83 25.12 46.35
CA GLY E 871 50.16 24.69 45.96
C GLY E 871 50.96 25.81 45.32
N THR E 872 50.38 26.46 44.31
CA THR E 872 51.16 27.50 43.63
C THR E 872 51.37 28.73 44.50
N ILE E 873 50.39 29.09 45.34
CA ILE E 873 50.54 30.26 46.19
C ILE E 873 51.56 30.04 47.30
N THR E 874 51.56 28.87 47.95
CA THR E 874 52.48 28.63 49.06
C THR E 874 53.81 27.98 48.68
N SER E 875 53.92 27.30 47.54
CA SER E 875 55.17 26.63 47.19
C SER E 875 55.62 26.87 45.75
N GLY E 876 54.95 27.74 45.01
CA GLY E 876 55.41 28.04 43.66
C GLY E 876 55.44 26.87 42.69
N TRP E 877 56.58 26.75 42.02
CA TRP E 877 56.83 25.75 40.99
C TRP E 877 57.39 24.45 41.53
N THR E 878 57.75 24.41 42.82
CA THR E 878 58.39 23.23 43.38
C THR E 878 57.33 22.14 43.58
N PHE E 879 56.08 22.48 43.54
CA PHE E 879 55.05 21.44 43.80
C PHE E 879 54.77 20.76 42.53
N GLY E 880 54.68 21.52 41.42
CA GLY E 880 54.45 20.73 40.22
C GLY E 880 55.48 19.63 39.98
N ALA E 881 56.75 19.89 40.30
CA ALA E 881 57.83 18.94 40.03
C ALA E 881 58.08 17.91 41.13
N GLY E 882 57.37 17.93 42.26
CA GLY E 882 57.68 16.98 43.31
C GLY E 882 57.07 17.38 44.65
N PRO E 883 57.85 17.38 45.74
CA PRO E 883 57.28 17.80 47.02
C PRO E 883 57.08 19.30 46.99
N ALA E 884 56.08 19.77 47.74
CA ALA E 884 55.88 21.20 47.82
C ALA E 884 56.82 21.79 48.85
N LEU E 885 57.59 22.77 48.41
CA LEU E 885 58.58 23.47 49.22
C LEU E 885 58.07 24.88 49.45
N GLN E 886 57.86 25.24 50.71
CA GLN E 886 57.30 26.57 50.95
C GLN E 886 58.33 27.63 50.53
N ILE E 887 57.82 28.74 50.00
CA ILE E 887 58.64 29.89 49.68
C ILE E 887 57.83 31.14 49.96
N PRO E 888 58.40 32.22 50.53
CA PRO E 888 57.60 33.44 50.68
C PRO E 888 57.10 33.89 49.32
N PHE E 889 55.84 34.34 49.26
CA PHE E 889 55.28 34.71 47.96
C PHE E 889 56.09 35.77 47.23
N PRO E 890 56.52 36.87 47.87
CA PRO E 890 57.33 37.86 47.13
C PRO E 890 58.60 37.27 46.54
N MET E 891 59.11 36.18 47.10
CA MET E 891 60.33 35.60 46.56
C MET E 891 59.97 34.68 45.41
N GLN E 892 58.76 34.12 45.43
CA GLN E 892 58.29 33.34 44.31
C GLN E 892 58.13 34.24 43.11
N MET E 893 57.59 35.43 43.35
CA MET E 893 57.46 36.41 42.30
C MET E 893 58.82 36.89 41.83
N ALA E 894 59.77 37.05 42.75
CA ALA E 894 61.10 37.50 42.34
C ALA E 894 61.73 36.48 41.39
N TYR E 895 61.56 35.20 41.70
CA TYR E 895 62.04 34.14 40.82
C TYR E 895 61.37 34.26 39.46
N ARG E 896 60.05 34.41 39.45
CA ARG E 896 59.29 34.50 38.20
C ARG E 896 59.71 35.73 37.38
N PHE E 897 60.01 36.84 38.05
CA PHE E 897 60.50 38.03 37.36
C PHE E 897 61.86 37.72 36.73
N ASN E 898 62.72 37.02 37.47
CA ASN E 898 64.01 36.65 36.90
C ASN E 898 63.78 35.73 35.72
N GLY E 899 62.76 34.88 35.82
CA GLY E 899 62.41 33.96 34.75
C GLY E 899 62.07 34.66 33.45
N ILE E 900 61.48 35.85 33.53
CA ILE E 900 61.12 36.61 32.33
C ILE E 900 62.20 37.63 31.95
N GLY E 901 63.37 37.56 32.58
CA GLY E 901 64.47 38.45 32.25
C GLY E 901 64.49 39.79 32.96
N VAL E 902 63.79 39.91 34.09
CA VAL E 902 63.75 41.13 34.88
C VAL E 902 64.37 40.81 36.23
N THR E 903 65.31 41.64 36.68
CA THR E 903 66.02 41.31 37.91
C THR E 903 65.11 41.36 39.12
N GLN E 904 65.58 40.72 40.20
CA GLN E 904 64.81 40.59 41.43
C GLN E 904 64.56 41.94 42.09
N ASN E 905 65.49 42.87 41.93
CA ASN E 905 65.33 44.15 42.58
C ASN E 905 64.16 44.93 42.01
N VAL E 906 63.73 44.62 40.78
CA VAL E 906 62.61 45.35 40.23
C VAL E 906 61.37 45.05 41.05
N LEU E 907 61.15 43.75 41.34
CA LEU E 907 60.03 43.36 42.16
C LEU E 907 60.14 43.91 43.57
N TYR E 908 61.31 43.77 44.20
CA TYR E 908 61.36 44.15 45.60
C TYR E 908 61.23 45.65 45.77
N GLU E 909 61.87 46.43 44.88
CA GLU E 909 61.78 47.88 45.00
C GLU E 909 60.36 48.37 44.72
N ASN E 910 59.64 47.70 43.82
CA ASN E 910 58.29 48.03 43.42
C ASN E 910 57.23 47.05 43.94
N GLN E 911 57.52 46.31 45.02
CA GLN E 911 56.61 45.28 45.49
C GLN E 911 55.19 45.80 45.77
N LYS E 912 55.07 47.00 46.35
CA LYS E 912 53.73 47.50 46.65
C LYS E 912 52.97 47.84 45.38
N LEU E 913 53.66 48.37 44.38
CA LEU E 913 53.00 48.71 43.12
C LEU E 913 52.51 47.46 42.44
N ILE E 914 53.34 46.42 42.44
CA ILE E 914 53.00 45.16 41.78
C ILE E 914 51.81 44.53 42.47
N ALA E 915 51.83 44.50 43.81
CA ALA E 915 50.70 43.92 44.53
C ALA E 915 49.41 44.71 44.27
N ASN E 916 49.50 46.03 44.17
CA ASN E 916 48.30 46.82 43.91
C ASN E 916 47.78 46.59 42.50
N GLN E 917 48.69 46.46 41.53
CA GLN E 917 48.26 46.21 40.16
C GLN E 917 47.62 44.84 40.05
N PHE E 918 48.16 43.86 40.76
CA PHE E 918 47.58 42.52 40.76
C PHE E 918 46.17 42.55 41.35
N ASN E 919 46.01 43.18 42.52
CA ASN E 919 44.72 43.18 43.17
C ASN E 919 43.68 43.89 42.31
N SER E 920 44.11 44.98 41.66
CA SER E 920 43.20 45.70 40.79
C SER E 920 42.78 44.83 39.62
N ALA E 921 43.76 44.16 39.01
CA ALA E 921 43.46 43.30 37.86
C ALA E 921 42.49 42.19 38.23
N ILE E 922 42.62 41.62 39.43
CA ILE E 922 41.68 40.56 39.81
C ILE E 922 40.28 41.13 39.94
N GLY E 923 40.15 42.31 40.57
CA GLY E 923 38.83 42.91 40.68
C GLY E 923 38.25 43.17 39.30
N LYS E 924 39.11 43.58 38.36
CA LYS E 924 38.67 43.79 36.98
C LYS E 924 38.19 42.49 36.37
N ILE E 925 38.80 41.36 36.73
CA ILE E 925 38.34 40.08 36.17
C ILE E 925 36.92 39.82 36.62
N GLN E 926 36.64 40.09 37.90
CA GLN E 926 35.28 39.86 38.38
C GLN E 926 34.30 40.76 37.67
N ASP E 927 34.67 42.02 37.43
CA ASP E 927 33.74 42.92 36.75
C ASP E 927 33.53 42.48 35.30
N SER E 928 34.59 42.01 34.65
CA SER E 928 34.50 41.58 33.27
C SER E 928 33.58 40.39 33.12
N LEU E 929 33.75 39.37 33.98
CA LEU E 929 32.92 38.18 33.88
C LEU E 929 31.48 38.49 34.28
N PHE E 930 31.28 39.34 35.28
CA PHE E 930 29.94 39.68 35.73
C PHE E 930 29.15 40.44 34.68
N SER E 931 29.75 41.48 34.09
CA SER E 931 29.04 42.34 33.14
C SER E 931 28.99 41.84 31.70
N THR E 932 29.90 40.98 31.24
CA THR E 932 29.88 40.57 29.83
C THR E 932 29.32 39.16 29.66
N PRO E 933 28.05 38.99 29.24
CA PRO E 933 27.47 37.62 29.18
C PRO E 933 28.10 36.72 28.14
N SER E 934 28.75 37.27 27.11
CA SER E 934 29.34 36.45 26.05
C SER E 934 30.67 35.83 26.45
N ALA E 935 31.25 36.26 27.57
CA ALA E 935 32.59 35.82 27.98
C ALA E 935 32.64 34.30 28.13
N LEU E 936 31.55 33.69 28.58
CA LEU E 936 31.51 32.26 28.88
C LEU E 936 30.86 31.47 27.76
N GLY E 937 30.69 32.08 26.57
CA GLY E 937 29.99 31.41 25.49
C GLY E 937 30.51 30.04 25.12
N LYS E 938 31.83 29.83 25.21
CA LYS E 938 32.39 28.52 24.85
C LYS E 938 31.79 27.42 25.70
N LEU E 939 31.51 27.70 26.98
CA LEU E 939 30.98 26.63 27.81
C LEU E 939 29.48 26.54 27.63
N GLN E 940 28.82 27.68 27.38
CA GLN E 940 27.38 27.67 27.21
C GLN E 940 27.01 26.93 25.93
N ASP E 941 27.85 27.07 24.90
CA ASP E 941 27.58 26.38 23.65
C ASP E 941 27.61 24.88 23.86
N VAL E 942 28.54 24.41 24.71
CA VAL E 942 28.62 22.97 24.96
C VAL E 942 27.30 22.51 25.57
N VAL E 943 26.77 23.29 26.51
CA VAL E 943 25.49 22.91 27.09
C VAL E 943 24.39 22.99 26.05
N ASN E 944 24.38 24.08 25.27
CA ASN E 944 23.29 24.29 24.33
C ASN E 944 23.32 23.29 23.20
N HIS E 945 24.51 22.92 22.75
CA HIS E 945 24.57 21.99 21.63
C HIS E 945 24.09 20.64 22.07
N ASN E 946 24.40 20.25 23.30
CA ASN E 946 23.90 18.95 23.75
C ASN E 946 22.41 19.01 23.94
N ALA E 947 21.89 20.15 24.42
CA ALA E 947 20.46 20.25 24.58
C ALA E 947 19.79 20.15 23.23
N GLN E 948 20.40 20.78 22.22
CA GLN E 948 19.81 20.73 20.89
C GLN E 948 19.84 19.32 20.37
N ALA E 949 20.94 18.61 20.63
CA ALA E 949 21.06 17.25 20.14
C ALA E 949 19.98 16.38 20.74
N LEU E 950 19.67 16.58 22.02
CA LEU E 950 18.61 15.76 22.60
C LEU E 950 17.24 16.28 22.16
N ASN E 951 17.10 17.61 22.06
CA ASN E 951 15.80 18.18 21.69
C ASN E 951 15.41 17.76 20.30
N THR E 952 16.39 17.70 19.41
CA THR E 952 16.12 17.29 18.05
C THR E 952 15.77 15.81 18.01
N LEU E 953 16.52 14.99 18.76
CA LEU E 953 16.30 13.55 18.71
C LEU E 953 14.91 13.16 19.19
N VAL E 954 14.42 13.82 20.23
CA VAL E 954 13.07 13.54 20.69
C VAL E 954 12.08 14.02 19.65
N LYS E 955 12.34 15.20 19.09
CA LYS E 955 11.46 15.74 18.07
C LYS E 955 11.34 14.76 16.90
N GLN E 956 12.43 14.04 16.59
CA GLN E 956 12.36 13.09 15.47
C GLN E 956 11.30 12.01 15.68
N LEU E 957 10.89 11.76 16.92
CA LEU E 957 9.87 10.74 17.15
C LEU E 957 8.53 11.13 16.54
N SER E 958 8.30 12.42 16.29
CA SER E 958 7.03 12.86 15.70
C SER E 958 7.00 12.75 14.18
N SER E 959 8.12 12.47 13.55
CA SER E 959 8.16 12.41 12.10
C SER E 959 7.57 11.09 11.62
N LYS E 960 7.17 11.08 10.35
CA LYS E 960 6.54 9.92 9.76
C LYS E 960 7.47 9.17 8.82
N PHE E 961 8.40 9.87 8.17
CA PHE E 961 9.36 9.26 7.26
C PHE E 961 8.65 8.47 6.17
N GLY E 962 7.48 8.93 5.74
CA GLY E 962 6.72 8.24 4.73
C GLY E 962 5.64 7.34 5.28
N ALA E 963 5.61 7.13 6.59
CA ALA E 963 4.62 6.31 7.25
C ALA E 963 3.28 7.03 7.35
N ILE E 964 2.24 6.24 7.57
CA ILE E 964 0.89 6.81 7.75
C ILE E 964 0.87 7.69 9.01
N SER E 965 1.44 7.21 10.11
CA SER E 965 1.47 8.02 11.33
C SER E 965 2.74 7.72 12.11
N SER E 966 3.09 8.66 12.99
CA SER E 966 4.26 8.54 13.85
C SER E 966 4.04 7.63 15.05
N VAL E 967 2.80 7.22 15.32
CA VAL E 967 2.46 6.43 16.50
C VAL E 967 2.29 4.98 16.10
N LEU E 968 3.10 4.10 16.72
CA LEU E 968 3.07 2.69 16.40
C LEU E 968 1.71 2.06 16.71
N ASN E 969 1.05 2.54 17.77
CA ASN E 969 -0.24 1.97 18.14
C ASN E 969 -1.31 2.30 17.12
N ASP E 970 -1.20 3.42 16.41
CA ASP E 970 -2.21 3.73 15.41
C ASP E 970 -2.00 2.87 14.18
N ILE E 971 -0.73 2.61 13.85
CA ILE E 971 -0.42 1.75 12.72
C ILE E 971 -0.95 0.35 12.97
N LEU E 972 -0.69 -0.16 14.18
CA LEU E 972 -1.14 -1.50 14.53
C LEU E 972 -2.66 -1.59 14.63
N SER E 973 -3.32 -0.55 15.13
CA SER E 973 -4.77 -0.59 15.24
C SER E 973 -5.52 -0.38 13.92
N ARG E 974 -4.97 0.40 12.98
CA ARG E 974 -5.70 0.65 11.75
C ARG E 974 -5.49 -0.36 10.63
N LEU E 975 -4.29 -0.92 10.50
CA LEU E 975 -3.89 -1.77 9.38
C LEU E 975 -3.71 -3.23 9.77
N ASP E 976 -3.79 -4.08 8.74
CA ASP E 976 -3.49 -5.51 8.86
C ASP E 976 -2.01 -5.74 9.16
N PRO E 977 -1.65 -6.89 9.74
CA PRO E 977 -0.24 -7.19 10.10
C PRO E 977 0.79 -6.86 9.03
N PRO E 978 0.76 -7.43 7.81
CA PRO E 978 1.90 -7.12 6.91
C PRO E 978 2.00 -5.69 6.43
N GLU E 979 0.89 -4.96 6.31
CA GLU E 979 1.03 -3.55 5.92
C GLU E 979 1.54 -2.77 7.12
N ALA E 980 1.08 -3.15 8.31
CA ALA E 980 1.55 -2.51 9.52
C ALA E 980 3.04 -2.73 9.66
N GLU E 981 3.52 -3.92 9.30
CA GLU E 981 4.95 -4.20 9.38
C GLU E 981 5.72 -3.32 8.42
N VAL E 982 5.17 -3.06 7.24
CA VAL E 982 5.84 -2.16 6.30
C VAL E 982 5.92 -0.76 6.89
N GLN E 983 4.82 -0.29 7.48
CA GLN E 983 4.79 1.05 8.06
C GLN E 983 5.74 1.15 9.26
N ILE E 984 5.83 0.07 10.04
CA ILE E 984 6.74 0.05 11.17
C ILE E 984 8.18 0.07 10.70
N ASP E 985 8.52 -0.71 9.67
CA ASP E 985 9.89 -0.63 9.15
C ASP E 985 10.21 0.77 8.66
N ARG E 986 9.23 1.48 8.10
CA ARG E 986 9.50 2.84 7.66
C ARG E 986 9.84 3.72 8.87
N LEU E 987 9.11 3.52 9.98
CA LEU E 987 9.41 4.29 11.20
C LEU E 987 10.72 3.84 11.85
N ILE E 988 11.02 2.54 11.79
CA ILE E 988 12.26 2.04 12.38
C ILE E 988 13.43 2.62 11.63
N THR E 989 13.36 2.63 10.29
CA THR E 989 14.45 3.19 9.52
C THR E 989 14.66 4.65 9.89
N GLY E 990 13.56 5.42 10.01
CA GLY E 990 13.72 6.82 10.36
C GLY E 990 14.31 7.04 11.75
N ARG E 991 13.82 6.29 12.74
CA ARG E 991 14.33 6.47 14.11
C ARG E 991 15.76 5.99 14.24
N LEU E 992 16.09 4.88 13.57
CA LEU E 992 17.45 4.35 13.65
C LEU E 992 18.42 5.30 12.97
N GLN E 993 18.01 5.88 11.83
CA GLN E 993 18.85 6.87 11.17
C GLN E 993 19.04 8.09 12.07
N SER E 994 18.00 8.46 12.81
CA SER E 994 18.10 9.59 13.71
C SER E 994 19.09 9.30 14.84
N LEU E 995 19.09 8.07 15.36
CA LEU E 995 20.06 7.70 16.37
C LEU E 995 21.47 7.65 15.80
N GLN E 996 21.62 7.16 14.57
CA GLN E 996 22.96 7.11 14.00
C GLN E 996 23.50 8.52 13.81
N THR E 997 22.61 9.45 13.44
CA THR E 997 23.02 10.84 13.26
C THR E 997 23.43 11.43 14.60
N TYR E 998 22.62 11.18 15.63
CA TYR E 998 22.95 11.69 16.96
C TYR E 998 24.30 11.17 17.43
N VAL E 999 24.53 9.86 17.33
CA VAL E 999 25.78 9.31 17.80
C VAL E 999 26.97 9.82 16.98
N THR E 1000 26.82 9.93 15.65
CA THR E 1000 27.95 10.42 14.85
C THR E 1000 28.34 11.83 15.28
N GLN E 1001 27.34 12.70 15.48
CA GLN E 1001 27.63 14.06 15.92
C GLN E 1001 28.21 14.06 17.32
N GLN E 1002 27.74 13.17 18.20
CA GLN E 1002 28.32 13.14 19.55
C GLN E 1002 29.76 12.66 19.51
N LEU E 1003 30.10 11.72 18.62
CA LEU E 1003 31.49 11.28 18.52
C LEU E 1003 32.38 12.41 18.01
N ILE E 1004 31.89 13.18 17.04
CA ILE E 1004 32.67 14.31 16.52
C ILE E 1004 32.84 15.38 17.60
N ARG E 1005 31.75 15.69 18.31
CA ARG E 1005 31.85 16.67 19.39
C ARG E 1005 32.75 16.16 20.49
N ALA E 1006 32.69 14.85 20.78
CA ALA E 1006 33.54 14.29 21.81
C ALA E 1006 35.00 14.44 21.44
N ALA E 1007 35.33 14.25 20.16
CA ALA E 1007 36.72 14.43 19.74
C ALA E 1007 37.13 15.88 19.91
N GLU E 1008 36.23 16.82 19.60
CA GLU E 1008 36.55 18.23 19.77
C GLU E 1008 36.77 18.57 21.25
N ILE E 1009 35.90 18.03 22.11
CA ILE E 1009 36.03 18.26 23.54
C ILE E 1009 37.30 17.63 24.06
N ARG E 1010 37.64 16.44 23.58
CA ARG E 1010 38.89 15.79 24.01
C ARG E 1010 40.07 16.68 23.67
N ALA E 1011 40.09 17.25 22.46
CA ALA E 1011 41.20 18.12 22.08
C ALA E 1011 41.25 19.34 23.00
N SER E 1012 40.08 19.88 23.34
CA SER E 1012 40.04 21.03 24.24
C SER E 1012 40.53 20.64 25.63
N ALA E 1013 40.11 19.47 26.12
CA ALA E 1013 40.54 19.00 27.42
C ALA E 1013 42.03 18.75 27.45
N ASN E 1014 42.59 18.25 26.35
CA ASN E 1014 44.02 18.01 26.31
C ASN E 1014 44.77 19.33 26.33
N LEU E 1015 44.21 20.34 25.68
CA LEU E 1015 44.83 21.67 25.73
C LEU E 1015 44.75 22.23 27.14
N ALA E 1016 43.59 22.06 27.79
CA ALA E 1016 43.42 22.56 29.14
C ALA E 1016 44.37 21.87 30.10
N ALA E 1017 44.57 20.55 29.94
CA ALA E 1017 45.50 19.84 30.81
C ALA E 1017 46.93 20.30 30.55
N THR E 1018 47.27 20.55 29.29
CA THR E 1018 48.61 21.01 28.97
C THR E 1018 48.85 22.37 29.59
N LYS E 1019 47.86 23.26 29.48
CA LYS E 1019 47.97 24.58 30.10
C LYS E 1019 48.03 24.47 31.61
N MET E 1020 47.28 23.54 32.19
CA MET E 1020 47.33 23.37 33.64
C MET E 1020 48.76 23.02 34.05
N SER E 1021 49.38 22.08 33.33
CA SER E 1021 50.73 21.67 33.69
C SER E 1021 51.75 22.77 33.42
N GLU E 1022 51.67 23.45 32.28
CA GLU E 1022 52.68 24.43 31.89
C GLU E 1022 52.46 25.84 32.39
N CYS E 1023 51.23 26.25 32.68
CA CYS E 1023 50.94 27.61 33.13
C CYS E 1023 50.72 27.70 34.63
N VAL E 1024 50.20 26.65 35.25
CA VAL E 1024 49.85 26.66 36.66
C VAL E 1024 50.91 25.97 37.49
N LEU E 1025 51.41 24.83 37.04
CA LEU E 1025 52.38 24.08 37.81
C LEU E 1025 53.81 24.50 37.45
N GLY E 1026 53.97 25.56 36.67
CA GLY E 1026 55.25 26.06 36.27
C GLY E 1026 55.12 27.45 35.71
N GLN E 1027 56.17 27.88 35.01
CA GLN E 1027 56.21 29.18 34.34
C GLN E 1027 56.61 28.86 32.91
N SER E 1028 55.84 29.36 31.96
CA SER E 1028 56.03 29.05 30.55
C SER E 1028 56.69 30.15 29.75
N LYS E 1029 57.62 29.75 28.89
CA LYS E 1029 58.32 30.63 27.97
C LYS E 1029 57.70 30.64 26.59
N ARG E 1030 56.57 29.94 26.40
CA ARG E 1030 55.91 29.86 25.11
C ARG E 1030 55.06 31.10 24.92
N VAL E 1031 55.30 31.83 23.82
CA VAL E 1031 54.63 33.09 23.56
C VAL E 1031 53.15 32.87 23.31
N ASP E 1032 52.32 33.65 24.00
CA ASP E 1032 50.85 33.64 23.94
C ASP E 1032 50.24 32.32 24.39
N PHE E 1033 51.02 31.40 24.94
CA PHE E 1033 50.44 30.14 25.41
C PHE E 1033 49.65 30.36 26.69
N CYS E 1034 50.19 31.19 27.58
CA CYS E 1034 49.61 31.45 28.89
C CYS E 1034 49.24 32.93 28.96
N GLY E 1035 48.58 33.45 27.92
CA GLY E 1035 48.13 34.82 27.89
C GLY E 1035 49.11 35.75 27.18
N LYS E 1036 48.65 36.99 26.97
CA LYS E 1036 49.47 37.99 26.30
C LYS E 1036 50.40 38.65 27.30
N GLY E 1037 51.64 38.84 26.90
CA GLY E 1037 52.67 39.43 27.74
C GLY E 1037 53.64 38.34 28.13
N TYR E 1038 54.57 38.68 29.02
CA TYR E 1038 55.54 37.69 29.47
C TYR E 1038 54.85 36.99 30.63
N HIS E 1039 54.84 35.67 30.61
CA HIS E 1039 54.08 34.94 31.61
C HIS E 1039 54.79 34.91 32.95
N LEU E 1040 54.04 35.22 34.01
CA LEU E 1040 54.51 35.13 35.37
C LEU E 1040 53.91 33.92 36.07
N MET E 1041 52.58 33.81 36.04
CA MET E 1041 51.91 32.72 36.75
C MET E 1041 50.46 32.67 36.28
N SER E 1042 49.75 31.63 36.67
CA SER E 1042 48.33 31.56 36.37
C SER E 1042 47.62 30.82 37.49
N PHE E 1043 46.30 30.99 37.54
CA PHE E 1043 45.45 30.39 38.55
C PHE E 1043 44.22 29.73 37.92
N PRO E 1044 43.95 28.44 38.19
CA PRO E 1044 42.74 27.83 37.66
C PRO E 1044 41.51 28.22 38.47
N GLN E 1045 40.36 28.21 37.79
CA GLN E 1045 39.06 28.32 38.41
C GLN E 1045 38.14 27.30 37.76
N SER E 1046 37.32 26.66 38.57
CA SER E 1046 36.35 25.69 38.08
C SER E 1046 35.19 26.39 37.38
N ALA E 1047 34.66 25.76 36.34
CA ALA E 1047 33.47 26.27 35.68
C ALA E 1047 32.65 25.06 35.23
N PRO E 1048 31.34 25.22 35.03
CA PRO E 1048 30.55 24.10 34.52
C PRO E 1048 31.12 23.59 33.22
N HIS E 1049 31.35 22.29 33.16
CA HIS E 1049 31.87 21.62 31.98
C HIS E 1049 33.21 22.20 31.51
N GLY E 1050 33.99 22.85 32.37
CA GLY E 1050 35.24 23.38 31.87
C GLY E 1050 36.06 24.07 32.93
N VAL E 1051 37.15 24.70 32.45
CA VAL E 1051 38.12 25.37 33.31
C VAL E 1051 38.40 26.76 32.78
N VAL E 1052 38.55 27.70 33.71
CA VAL E 1052 38.88 29.08 33.42
C VAL E 1052 40.26 29.36 34.01
N PHE E 1053 41.20 29.84 33.21
CA PHE E 1053 42.53 30.15 33.67
C PHE E 1053 42.69 31.65 33.73
N LEU E 1054 43.19 32.14 34.86
CA LEU E 1054 43.51 33.55 35.01
C LEU E 1054 45.02 33.62 34.84
N HIS E 1055 45.48 34.25 33.77
CA HIS E 1055 46.89 34.29 33.46
C HIS E 1055 47.44 35.66 33.85
N VAL E 1056 48.46 35.66 34.70
CA VAL E 1056 49.08 36.86 35.22
C VAL E 1056 50.39 37.01 34.44
N THR E 1057 50.50 38.12 33.72
CA THR E 1057 51.64 38.40 32.87
C THR E 1057 52.21 39.78 33.15
N TYR E 1058 53.46 39.95 32.73
CA TYR E 1058 54.21 41.19 32.80
C TYR E 1058 54.16 41.83 31.43
N VAL E 1059 53.66 43.07 31.36
CA VAL E 1059 53.54 43.78 30.10
C VAL E 1059 54.41 45.05 30.18
N PRO E 1060 55.41 45.22 29.31
CA PRO E 1060 56.21 46.46 29.35
C PRO E 1060 55.36 47.68 29.12
N ALA E 1061 55.73 48.80 29.76
CA ALA E 1061 54.96 50.03 29.58
C ALA E 1061 55.88 51.25 29.66
N GLN E 1062 55.39 52.34 29.08
CA GLN E 1062 56.03 53.65 29.10
C GLN E 1062 57.47 53.59 28.58
N GLU E 1063 57.63 53.06 27.37
CA GLU E 1063 58.96 52.97 26.81
C GLU E 1063 59.49 54.34 26.40
N LYS E 1064 60.83 54.46 26.41
CA LYS E 1064 61.53 55.64 25.92
C LYS E 1064 62.61 55.06 25.00
N ASN E 1065 63.01 55.78 23.95
CA ASN E 1065 64.09 55.27 23.10
C ASN E 1065 65.40 56.03 23.27
N PHE E 1066 66.47 55.26 23.19
CA PHE E 1066 67.84 55.64 23.44
C PHE E 1066 68.69 55.30 22.24
N THR E 1067 69.84 55.95 22.14
CA THR E 1067 70.80 55.59 21.12
C THR E 1067 71.55 54.38 21.66
N THR E 1068 71.82 53.40 20.79
CA THR E 1068 72.53 52.18 21.20
C THR E 1068 73.74 51.93 20.31
N ALA E 1069 74.47 50.88 20.67
CA ALA E 1069 75.65 50.43 19.95
C ALA E 1069 75.87 48.96 20.28
N PRO E 1070 76.35 48.15 19.32
CA PRO E 1070 76.61 46.74 19.64
C PRO E 1070 77.78 46.49 20.56
N ALA E 1071 78.73 47.42 20.67
CA ALA E 1071 79.92 47.21 21.49
C ALA E 1071 80.55 48.56 21.78
N ILE E 1072 81.37 48.59 22.83
CA ILE E 1072 82.16 49.78 23.18
C ILE E 1072 83.64 49.50 23.03
N CYS E 1073 84.33 50.43 22.37
CA CYS E 1073 85.76 50.39 22.16
C CYS E 1073 86.47 51.16 23.28
N HIS E 1074 87.37 50.48 24.02
CA HIS E 1074 88.06 51.12 25.13
C HIS E 1074 89.52 51.44 24.82
N ASP E 1075 90.38 50.42 24.85
CA ASP E 1075 91.81 50.55 24.58
C ASP E 1075 92.21 49.82 23.30
N GLY E 1076 91.27 49.60 22.39
CA GLY E 1076 91.47 48.85 21.18
C GLY E 1076 90.75 47.52 21.19
N LYS E 1077 90.32 47.08 22.37
CA LYS E 1077 89.54 45.87 22.56
C LYS E 1077 88.05 46.22 22.46
N ALA E 1078 87.25 45.26 21.97
CA ALA E 1078 85.81 45.43 21.85
C ALA E 1078 85.11 44.80 23.05
N HIS E 1079 84.28 45.60 23.73
CA HIS E 1079 83.54 45.19 24.92
C HIS E 1079 82.07 44.97 24.57
N PHE E 1080 81.54 43.78 24.89
CA PHE E 1080 80.16 43.41 24.61
C PHE E 1080 79.40 43.25 25.94
N PRO E 1081 78.09 43.51 25.97
CA PRO E 1081 77.35 43.30 27.23
C PRO E 1081 77.30 41.83 27.61
N ARG E 1082 77.38 41.55 28.92
CA ARG E 1082 77.13 40.18 29.36
C ARG E 1082 75.65 39.89 29.48
N GLU E 1083 74.90 40.82 30.11
CA GLU E 1083 73.46 40.67 30.34
C GLU E 1083 72.80 42.04 30.24
N GLY E 1084 72.48 42.46 29.02
CA GLY E 1084 71.90 43.77 28.83
C GLY E 1084 72.22 44.34 27.47
N VAL E 1085 71.87 45.62 27.32
CA VAL E 1085 72.07 46.39 26.10
C VAL E 1085 72.68 47.74 26.47
N PHE E 1086 73.62 48.21 25.64
CA PHE E 1086 74.22 49.51 25.87
C PHE E 1086 73.26 50.57 25.34
N VAL E 1087 73.00 51.59 26.14
CA VAL E 1087 72.13 52.69 25.76
C VAL E 1087 72.83 54.00 26.11
N SER E 1088 72.47 55.06 25.37
CA SER E 1088 72.97 56.39 25.65
C SER E 1088 71.82 57.36 25.87
N ASN E 1089 71.94 58.19 26.90
CA ASN E 1089 70.94 59.21 27.19
C ASN E 1089 71.26 60.52 26.47
N GLY E 1090 72.27 60.52 25.60
CA GLY E 1090 72.70 61.67 24.85
C GLY E 1090 74.03 62.24 25.31
N THR E 1091 74.44 61.96 26.55
CA THR E 1091 75.73 62.42 27.06
C THR E 1091 76.60 61.30 27.62
N HIS E 1092 75.98 60.25 28.15
CA HIS E 1092 76.71 59.14 28.77
C HIS E 1092 76.15 57.80 28.34
N TRP E 1093 77.05 56.82 28.22
CA TRP E 1093 76.68 55.44 27.91
C TRP E 1093 76.52 54.63 29.19
N PHE E 1094 75.46 53.83 29.23
CA PHE E 1094 75.12 52.97 30.36
C PHE E 1094 74.72 51.60 29.83
N LEU E 1095 74.82 50.59 30.68
CA LEU E 1095 74.30 49.26 30.37
C LEU E 1095 72.98 49.14 31.11
N THR E 1096 71.95 48.64 30.43
CA THR E 1096 70.65 48.43 31.04
C THR E 1096 70.10 47.05 30.69
N GLN E 1097 69.28 46.50 31.58
CA GLN E 1097 68.56 45.29 31.27
C GLN E 1097 67.54 45.62 30.18
N ARG E 1098 67.24 44.63 29.34
CA ARG E 1098 66.40 44.89 28.17
C ARG E 1098 64.92 45.12 28.51
N ASN E 1099 64.37 44.48 29.54
CA ASN E 1099 62.94 44.55 29.80
C ASN E 1099 62.55 45.61 30.83
N PHE E 1100 63.50 46.42 31.31
CA PHE E 1100 63.17 47.44 32.29
C PHE E 1100 64.33 48.42 32.40
N TYR E 1101 64.13 49.68 32.04
CA TYR E 1101 65.25 50.61 32.04
C TYR E 1101 65.77 50.81 33.47
N GLU E 1102 67.06 50.55 33.64
CA GLU E 1102 67.77 50.68 34.90
C GLU E 1102 69.24 50.90 34.57
N PRO E 1103 69.67 52.13 34.28
CA PRO E 1103 71.03 52.32 33.78
C PRO E 1103 72.06 52.06 34.87
N GLN E 1104 73.16 51.42 34.48
CA GLN E 1104 74.29 51.17 35.35
C GLN E 1104 75.56 51.54 34.62
N ILE E 1105 76.60 51.84 35.41
CA ILE E 1105 77.89 52.18 34.83
C ILE E 1105 78.46 50.96 34.14
N ILE E 1106 79.02 51.17 32.95
CA ILE E 1106 79.60 50.09 32.16
C ILE E 1106 80.99 49.82 32.71
N THR E 1107 81.20 48.59 33.19
CA THR E 1107 82.44 48.19 33.83
C THR E 1107 82.93 46.86 33.27
N THR E 1108 84.15 46.48 33.65
CA THR E 1108 84.73 45.22 33.23
C THR E 1108 84.04 44.02 33.86
N ASP E 1109 83.15 44.23 34.84
CA ASP E 1109 82.37 43.15 35.43
C ASP E 1109 81.08 42.94 34.67
N ASN E 1110 80.58 43.98 34.00
CA ASN E 1110 79.33 43.94 33.30
C ASN E 1110 79.48 43.51 31.84
N THR E 1111 80.65 43.70 31.26
CA THR E 1111 80.95 43.37 29.87
C THR E 1111 81.95 42.23 29.80
N PHE E 1112 82.11 41.70 28.58
CA PHE E 1112 83.14 40.72 28.28
C PHE E 1112 83.87 41.22 27.04
N VAL E 1113 85.11 40.77 26.86
CA VAL E 1113 85.97 41.25 25.78
C VAL E 1113 86.31 40.13 24.81
N SER E 1114 86.12 40.42 23.52
CA SER E 1114 86.47 39.47 22.46
C SER E 1114 86.76 40.25 21.19
N GLY E 1115 87.98 40.15 20.66
CA GLY E 1115 88.32 40.85 19.43
C GLY E 1115 88.71 42.31 19.66
N ASN E 1116 89.11 42.96 18.58
CA ASN E 1116 89.50 44.36 18.59
C ASN E 1116 88.37 45.23 18.06
N CYS E 1117 88.60 46.54 18.05
CA CYS E 1117 87.60 47.53 17.66
C CYS E 1117 87.33 47.64 16.16
N ASP E 1118 88.07 46.94 15.30
CA ASP E 1118 87.87 47.09 13.85
C ASP E 1118 86.84 46.14 13.25
N VAL E 1119 86.63 44.98 13.85
CA VAL E 1119 85.75 43.98 13.25
C VAL E 1119 84.26 44.27 13.47
N VAL E 1120 83.88 44.85 14.59
CA VAL E 1120 82.46 45.10 14.88
C VAL E 1120 81.98 46.36 14.17
N ILE E 1121 80.86 46.22 13.46
CA ILE E 1121 80.25 47.34 12.73
C ILE E 1121 79.42 48.17 13.70
N GLY E 1122 79.67 49.48 13.72
CA GLY E 1122 78.93 50.37 14.59
C GLY E 1122 79.44 50.46 16.01
N ILE E 1123 80.70 50.10 16.24
CA ILE E 1123 81.27 50.19 17.59
C ILE E 1123 81.49 51.67 17.93
N VAL E 1124 81.25 52.02 19.19
CA VAL E 1124 81.42 53.40 19.65
C VAL E 1124 82.52 53.46 20.71
N ASN E 1125 83.08 54.66 20.84
CA ASN E 1125 84.15 54.94 21.78
C ASN E 1125 83.59 55.41 23.12
N ASN E 1126 83.90 54.67 24.18
CA ASN E 1126 83.45 55.05 25.51
C ASN E 1126 84.40 54.42 26.51
N THR E 1127 84.51 55.06 27.68
CA THR E 1127 85.30 54.48 28.76
C THR E 1127 84.57 53.30 29.39
N VAL E 1128 85.32 52.22 29.62
CA VAL E 1128 84.86 51.07 30.38
C VAL E 1128 85.66 51.12 31.68
N TYR E 1129 84.95 51.13 32.81
CA TYR E 1129 85.59 51.32 34.10
C TYR E 1129 86.01 49.97 34.68
N ASP E 1130 87.23 49.90 35.19
CA ASP E 1130 87.71 48.68 35.84
C ASP E 1130 87.76 49.01 37.33
N PRO E 1131 86.98 48.40 38.22
CA PRO E 1131 87.14 48.71 39.65
C PRO E 1131 88.50 48.28 40.18
N LEU E 1132 89.02 47.12 39.82
CA LEU E 1132 90.27 46.62 40.46
C LEU E 1132 91.48 47.52 40.21
N GLN E 1133 91.68 48.00 39.00
CA GLN E 1133 92.80 48.91 38.74
C GLN E 1133 92.64 50.16 39.57
N LEU E 1134 91.44 50.70 39.68
CA LEU E 1134 91.38 51.97 40.41
C LEU E 1134 91.80 51.74 41.87
N GLU E 1135 91.33 50.68 42.54
CA GLU E 1135 91.83 50.39 43.90
C GLU E 1135 93.31 50.03 43.87
N LEU E 1136 93.69 49.03 43.08
CA LEU E 1136 95.10 48.57 43.09
C LEU E 1136 96.02 49.75 42.77
N ASP E 1137 95.65 50.60 41.82
CA ASP E 1137 96.51 51.77 41.61
C ASP E 1137 96.48 52.53 42.94
N SER E 1138 95.31 52.57 43.59
CA SER E 1138 95.23 53.18 44.95
C SER E 1138 96.09 52.38 45.96
N PHE E 1139 96.16 51.03 45.85
CA PHE E 1139 96.90 50.26 46.88
C PHE E 1139 98.36 50.68 46.88
N LYS E 1140 98.89 50.98 45.70
CA LYS E 1140 100.26 51.58 45.66
C LYS E 1140 100.13 53.05 45.22
N GLU E 1141 98.99 53.69 45.50
CA GLU E 1141 98.74 55.07 45.01
C GLU E 1141 99.71 56.13 45.55
N GLU E 1142 100.01 56.10 46.84
CA GLU E 1142 100.93 57.09 47.47
C GLU E 1142 102.38 56.58 47.39
N LEU E 1143 102.57 55.32 46.99
CA LEU E 1143 103.92 54.70 46.87
C LEU E 1143 104.67 54.75 48.22
N ASP E 1144 103.94 54.58 49.34
CA ASP E 1144 104.58 54.60 50.68
C ASP E 1144 103.87 53.63 51.62
C1 NAG F . -51.16 18.35 -30.23
C2 NAG F . -52.27 19.33 -30.55
C3 NAG F . -51.66 20.58 -31.16
C4 NAG F . -50.66 21.18 -30.18
C5 NAG F . -49.60 20.15 -29.85
C6 NAG F . -48.62 20.62 -28.80
C7 NAG F . -54.55 19.02 -31.39
C8 NAG F . -55.42 18.33 -32.40
N2 NAG F . -53.24 18.73 -31.45
O3 NAG F . -52.69 21.52 -31.45
O4 NAG F . -50.03 22.30 -30.81
O5 NAG F . -50.23 18.96 -29.32
O6 NAG F . -47.59 19.68 -28.58
O7 NAG F . -55.02 19.80 -30.57
C1 NAG F . -50.55 23.56 -30.33
C2 NAG F . -49.54 24.63 -30.73
C3 NAG F . -50.04 25.98 -30.25
C4 NAG F . -51.41 26.27 -30.86
C5 NAG F . -52.37 25.15 -30.46
C6 NAG F . -53.73 25.29 -31.09
C7 NAG F . -47.14 24.13 -30.93
C8 NAG F . -45.87 23.85 -30.17
N2 NAG F . -48.23 24.35 -30.17
O3 NAG F . -49.12 27.00 -30.65
O4 NAG F . -51.90 27.51 -30.40
O5 NAG F . -51.84 23.88 -30.89
O6 NAG F . -54.28 26.58 -30.86
O7 NAG F . -47.17 24.15 -32.15
C1 NAG G . 70.69 10.70 49.36
C2 NAG G . 71.65 10.41 50.50
C3 NAG G . 72.46 9.17 50.16
C4 NAG G . 71.52 8.01 49.92
C5 NAG G . 70.56 8.37 48.78
C6 NAG G . 69.52 7.30 48.50
C7 NAG G . 72.26 12.46 51.69
C8 NAG G . 73.27 13.56 51.82
N2 NAG G . 72.52 11.53 50.76
O3 NAG G . 73.34 8.87 51.23
O4 NAG G . 72.26 6.84 49.55
O5 NAG G . 69.84 9.56 49.14
O6 NAG G . 68.70 7.65 47.40
O7 NAG G . 71.25 12.43 52.38
C1 NAG G . 71.83 5.70 50.33
C2 NAG G . 72.27 4.43 49.60
C3 NAG G . 71.82 3.22 50.40
C4 NAG G . 72.41 3.28 51.80
C5 NAG G . 71.99 4.58 52.47
C6 NAG G . 72.62 4.77 53.84
C7 NAG G . 72.43 4.60 47.15
C8 NAG G . 71.68 4.51 45.86
N2 NAG G . 71.71 4.38 48.26
O3 NAG G . 72.24 2.03 49.75
O4 NAG G . 71.91 2.19 52.57
O5 NAG G . 72.39 5.70 51.67
O6 NAG G . 73.95 5.24 53.73
O7 NAG G . 73.63 4.85 47.19
C1 BMA G . 72.96 1.27 52.95
C2 BMA G . 72.36 0.35 54.03
C3 BMA G . 73.42 -0.67 54.43
C4 BMA G . 73.89 -1.45 53.20
C5 BMA G . 74.45 -0.48 52.16
C6 BMA G . 74.85 -1.16 50.87
O2 BMA G . 71.25 -0.37 53.53
O3 BMA G . 72.92 -1.57 55.39
O4 BMA G . 74.88 -2.39 53.58
O5 BMA G . 73.42 0.51 51.84
O6 BMA G . 75.82 -2.16 51.18
C1 NAG H . 75.33 27.13 60.72
C2 NAG H . 75.47 26.44 62.07
C3 NAG H . 76.79 26.85 62.71
C4 NAG H . 77.94 26.49 61.78
C5 NAG H . 77.73 27.19 60.44
C6 NAG H . 78.78 26.83 59.41
C7 NAG H . 73.33 25.92 63.17
C8 NAG H . 72.27 26.42 64.11
N2 NAG H . 74.35 26.75 62.94
O3 NAG H . 76.94 26.19 63.96
O4 NAG H . 79.15 26.95 62.37
O5 NAG H . 76.46 26.79 59.89
O6 NAG H . 78.88 25.42 59.24
O7 NAG H . 73.26 24.81 62.65
C1 NAG H . 80.25 26.02 62.18
C2 NAG H . 81.54 26.77 62.50
C3 NAG H . 82.72 25.83 62.27
C4 NAG H . 82.56 24.61 63.16
C5 NAG H . 81.24 23.92 62.83
C6 NAG H . 80.96 22.74 63.72
C7 NAG H . 81.34 29.18 62.13
C8 NAG H . 81.54 30.31 61.15
N2 NAG H . 81.67 27.97 61.68
O3 NAG H . 83.93 26.52 62.59
O4 NAG H . 83.64 23.70 62.92
O5 NAG H . 80.16 24.84 63.02
O6 NAG H . 79.85 21.97 63.25
O7 NAG H . 80.90 29.38 63.26
C1 NAG I . 70.83 47.33 60.42
C2 NAG I . 69.72 47.48 61.45
C3 NAG I . 69.18 48.90 61.40
C4 NAG I . 70.32 49.88 61.65
C5 NAG I . 71.40 49.66 60.61
C6 NAG I . 72.62 50.53 60.84
C7 NAG I . 68.54 45.36 61.90
C8 NAG I . 67.38 44.49 61.53
N2 NAG I . 68.65 46.52 61.24
O3 NAG I . 68.17 49.05 62.39
O4 NAG I . 69.82 51.21 61.54
O5 NAG I . 71.86 48.30 60.67
O6 NAG I . 73.53 50.44 59.75
O7 NAG I . 69.37 45.02 62.75
C1 NAG I . 69.88 51.87 62.82
C2 NAG I . 69.55 53.34 62.60
C3 NAG I . 69.60 54.07 63.93
C4 NAG I . 68.63 53.42 64.90
C5 NAG I . 68.98 51.95 65.07
C6 NAG I . 68.02 51.20 65.95
C7 NAG I . 70.18 54.08 60.34
C8 NAG I . 71.23 54.73 59.51
N2 NAG I . 70.46 53.95 61.65
O3 NAG I . 69.26 55.44 63.74
O4 NAG I . 68.69 54.07 66.17
O5 NAG I . 68.96 51.30 63.78
O6 NAG I . 67.90 51.80 67.24
O7 NAG I . 69.12 53.69 59.86
C1 NAG J . 37.64 -34.10 21.68
C2 NAG J . 37.84 -34.42 23.15
C3 NAG J . 39.13 -35.20 23.32
C4 NAG J . 39.06 -36.47 22.48
C5 NAG J . 38.84 -36.09 21.02
C6 NAG J . 38.68 -37.29 20.12
C7 NAG J . 37.08 -33.01 25.02
C8 NAG J . 37.27 -31.69 25.73
N2 NAG J . 37.87 -33.21 23.95
O3 NAG J . 39.31 -35.52 24.69
O4 NAG J . 40.19 -37.31 22.66
O5 NAG J . 37.64 -35.32 20.91
O6 NAG J . 38.20 -36.91 18.83
O7 NAG J . 36.26 -33.83 25.40
C1 NAG J . 41.48 -36.77 22.34
C2 NAG J . 42.51 -37.51 23.18
C3 NAG J . 43.91 -36.99 22.86
C4 NAG J . 44.17 -37.18 21.37
C5 NAG J . 43.10 -36.44 20.57
C6 NAG J . 43.24 -36.64 19.08
C7 NAG J . 42.55 -38.29 25.51
C8 NAG J . 42.18 -37.98 26.93
N2 NAG J . 42.23 -37.36 24.60
O3 NAG J . 44.87 -37.70 23.62
O4 NAG J . 45.46 -36.67 21.04
O5 NAG J . 41.81 -36.93 20.95
O6 NAG J . 44.54 -36.26 18.62
O7 NAG J . 43.10 -39.34 25.20
C1 NAG K . 74.08 -4.03 33.25
C2 NAG K . 75.29 -4.87 33.66
C3 NAG K . 75.05 -6.32 33.30
C4 NAG K . 73.77 -6.83 33.96
C5 NAG K . 72.62 -5.92 33.53
C6 NAG K . 71.31 -6.27 34.21
C7 NAG K . 77.40 -3.61 33.61
C8 NAG K . 78.59 -3.20 32.78
N2 NAG K . 76.50 -4.38 33.01
O3 NAG K . 76.15 -7.11 33.72
O4 NAG K . 73.46 -8.14 33.50
O5 NAG K . 72.92 -4.56 33.88
O6 NAG K . 70.44 -5.14 34.28
O7 NAG K . 77.28 -3.24 34.78
C1 NAG K . 73.72 -9.24 34.37
C2 NAG K . 72.48 -10.12 34.34
C3 NAG K . 72.73 -11.39 35.15
C4 NAG K . 73.95 -12.10 34.56
C5 NAG K . 75.14 -11.17 34.65
C6 NAG K . 76.41 -11.75 34.05
C7 NAG K . 70.08 -9.62 34.39
C8 NAG K . 68.99 -8.82 35.05
N2 NAG K . 71.32 -9.42 34.86
O3 NAG K . 71.59 -12.24 35.08
O4 NAG K . 74.18 -13.38 35.14
O5 NAG K . 74.84 -9.97 33.91
O6 NAG K . 77.34 -10.73 33.73
O7 NAG K . 69.85 -10.41 33.49
C1 BMA K . 74.49 -13.49 36.54
C2 BMA K . 73.27 -14.11 37.22
C3 BMA K . 73.62 -14.39 38.67
C4 BMA K . 74.85 -15.30 38.75
C5 BMA K . 76.01 -14.60 38.03
C6 BMA K . 77.26 -15.47 37.98
O2 BMA K . 72.94 -15.36 36.62
O3 BMA K . 72.54 -15.02 39.35
O4 BMA K . 75.18 -15.55 40.10
O5 BMA K . 75.61 -14.32 36.68
O6 BMA K . 77.66 -15.79 39.31
C1 NAG L . 82.66 29.01 7.39
C2 NAG L . 84.03 29.52 6.98
C3 NAG L . 83.87 30.67 5.99
C4 NAG L . 83.07 30.20 4.78
C5 NAG L . 81.72 29.68 5.27
C6 NAG L . 80.86 29.12 4.15
C7 NAG L . 85.65 29.13 8.79
C8 NAG L . 86.36 29.74 9.95
N2 NAG L . 84.80 29.94 8.13
O3 NAG L . 85.14 31.14 5.59
O4 NAG L . 82.89 31.29 3.89
O5 NAG L . 81.92 28.62 6.21
O6 NAG L . 79.58 28.75 4.62
O7 NAG L . 85.82 27.97 8.46
C1 NAG L . 83.17 30.89 2.52
C2 NAG L . 82.52 31.88 1.56
C3 NAG L . 82.82 31.47 0.13
C4 NAG L . 84.32 31.40 -0.08
C5 NAG L . 84.93 30.42 0.92
C6 NAG L . 86.44 30.36 0.85
C7 NAG L . 80.48 33.02 2.34
C8 NAG L . 79.00 32.91 2.49
N2 NAG L . 81.09 31.97 1.79
O3 NAG L . 82.24 32.40 -0.77
O4 NAG L . 84.59 30.94 -1.40
O5 NAG L . 84.60 30.83 2.26
O6 NAG L . 87.04 31.42 1.59
O7 NAG L . 81.11 34.01 2.73
C1 BMA L . 85.20 31.96 -2.21
C2 BMA L . 85.82 31.25 -3.43
C3 BMA L . 86.44 32.30 -4.33
C4 BMA L . 85.39 33.33 -4.74
C5 BMA L . 84.81 33.99 -3.48
C6 BMA L . 83.69 34.98 -3.78
O2 BMA L . 84.82 30.57 -4.18
O3 BMA L . 86.98 31.72 -5.51
O4 BMA L . 85.97 34.32 -5.58
O5 BMA L . 84.27 32.95 -2.62
O6 BMA L . 84.23 36.01 -4.61
C1 NAG M . 97.25 24.73 21.21
C2 NAG M . 98.38 24.47 20.22
C3 NAG M . 99.61 25.22 20.66
C4 NAG M . 99.29 26.72 20.74
C5 NAG M . 98.12 26.92 21.70
C6 NAG M . 97.65 28.36 21.74
C7 NAG M . 98.34 22.31 19.02
C8 NAG M . 98.71 20.87 19.08
N2 NAG M . 98.66 23.05 20.09
O3 NAG M . 100.66 25.00 19.74
O4 NAG M . 100.43 27.41 21.24
O5 NAG M . 96.99 26.15 21.26
O6 NAG M . 97.35 28.85 20.44
O7 NAG M . 97.78 22.80 18.04
C1 NAG M . 100.69 28.63 20.53
C2 NAG M . 101.79 29.36 21.29
C3 NAG M . 102.09 30.67 20.59
C4 NAG M . 102.52 30.38 19.16
C5 NAG M . 101.41 29.61 18.44
C6 NAG M . 101.78 29.21 17.03
C7 NAG M . 101.72 28.79 23.68
C8 NAG M . 101.22 29.20 25.03
N2 NAG M . 101.38 29.61 22.66
O3 NAG M . 103.13 31.35 21.28
O4 NAG M . 102.78 31.60 18.47
O5 NAG M . 101.12 28.41 19.16
O6 NAG M . 100.65 28.76 16.31
O7 NAG M . 102.39 27.79 23.51
C1 NAG N . 98.06 16.40 39.97
C2 NAG N . 98.37 14.93 39.74
C3 NAG N . 98.30 14.19 41.07
C4 NAG N . 99.30 14.81 42.04
C5 NAG N . 98.96 16.29 42.21
C6 NAG N . 99.95 17.01 43.09
C7 NAG N . 97.77 14.08 37.51
C8 NAG N . 96.68 13.47 36.67
N2 NAG N . 97.45 14.34 38.78
O3 NAG N . 98.61 12.82 40.86
O4 NAG N . 99.21 14.15 43.30
O5 NAG N . 99.00 16.94 40.92
O6 NAG N . 99.58 18.38 43.26
O7 NAG N . 98.88 14.33 37.05
C1 NAG N . 100.46 13.48 43.56
C2 NAG N . 100.45 13.00 45.01
C3 NAG N . 101.75 12.27 45.31
C4 NAG N . 101.91 11.10 44.34
C5 NAG N . 101.88 11.63 42.91
C6 NAG N . 101.94 10.53 41.87
C7 NAG N . 99.07 14.57 46.30
C8 NAG N . 99.07 15.72 47.25
N2 NAG N . 100.27 14.12 45.92
O3 NAG N . 101.74 11.80 46.64
O4 NAG N . 103.14 10.43 44.58
O5 NAG N . 100.65 12.34 42.68
O6 NAG N . 103.15 9.80 41.96
O7 NAG N . 98.03 14.06 45.89
C1 NAG O . 37.63 22.43 -32.90
C2 NAG O . 39.10 22.22 -33.27
C3 NAG O . 39.64 23.48 -33.93
C4 NAG O . 38.79 23.83 -35.14
C5 NAG O . 37.36 24.04 -34.69
C6 NAG O . 36.41 24.34 -35.84
C7 NAG O . 40.82 20.92 -32.07
C8 NAG O . 41.53 20.73 -30.77
N2 NAG O . 39.87 21.88 -32.09
O3 NAG O . 41.00 23.28 -34.30
O4 NAG O . 39.29 24.94 -35.88
O5 NAG O . 36.89 22.83 -34.07
O6 NAG O . 35.07 24.49 -35.38
O7 NAG O . 41.08 20.25 -33.06
C1 NAG O . 39.64 26.14 -35.16
C2 NAG O . 40.60 26.91 -36.04
C3 NAG O . 41.02 28.19 -35.33
C4 NAG O . 39.78 29.02 -35.02
C5 NAG O . 38.84 28.18 -34.15
C6 NAG O . 37.54 28.89 -33.86
C7 NAG O . 42.08 25.75 -37.64
C8 NAG O . 43.32 24.93 -37.78
N2 NAG O . 41.77 26.11 -36.39
O3 NAG O . 41.90 28.93 -36.18
O4 NAG O . 40.14 30.20 -34.32
O5 NAG O . 38.50 26.96 -34.84
O6 NAG O . 37.76 30.19 -33.34
O7 NAG O . 41.40 26.07 -38.60
C1 NAG P . 67.98 41.80 -2.57
C2 NAG P . 68.66 42.99 -3.26
C3 NAG P . 67.96 43.22 -4.59
C4 NAG P . 68.03 41.97 -5.45
C5 NAG P . 67.41 40.81 -4.68
C6 NAG P . 67.54 39.49 -5.40
C7 NAG P . 69.61 44.59 -1.67
C8 NAG P . 69.36 45.84 -0.88
N2 NAG P . 68.60 44.17 -2.43
O3 NAG P . 68.60 44.32 -5.25
O4 NAG P . 67.26 42.16 -6.63
O5 NAG P . 68.06 40.65 -3.41
O6 NAG P . 66.92 38.44 -4.67
O7 NAG P . 70.68 43.99 -1.61
C1 NAG P . 67.98 42.20 -7.86
C2 NAG P . 66.93 41.90 -8.93
C3 NAG P . 67.56 41.97 -10.31
C4 NAG P . 68.15 43.35 -10.50
C5 NAG P . 69.20 43.60 -9.42
C6 NAG P . 69.80 44.98 -9.48
C7 NAG P . 65.14 40.43 -8.10
C8 NAG P . 64.68 39.01 -7.96
N2 NAG P . 66.32 40.59 -8.70
O3 NAG P . 66.55 41.73 -11.28
O4 NAG P . 68.65 43.57 -11.82
O5 NAG P . 68.58 43.47 -8.12
O6 NAG P . 70.85 45.14 -8.53
O7 NAG P . 64.47 41.38 -7.69
C1 BMA P . 69.68 42.70 -12.33
C2 BMA P . 69.05 41.80 -13.38
C3 BMA P . 70.14 40.98 -14.03
C4 BMA P . 71.19 41.90 -14.64
C5 BMA P . 71.77 42.79 -13.53
C6 BMA P . 72.76 43.82 -14.06
O2 BMA P . 68.42 42.55 -14.40
O3 BMA P . 69.63 40.13 -15.06
O4 BMA P . 72.24 41.15 -15.24
O5 BMA P . 70.68 43.52 -12.91
O6 BMA P . 73.80 43.15 -14.73
C1 NAG Q . 54.50 53.37 36.80
C2 NAG Q . 54.76 54.71 37.51
C3 NAG Q . 53.95 54.75 38.79
C4 NAG Q . 52.48 54.56 38.47
C5 NAG Q . 52.29 53.23 37.73
C6 NAG Q . 50.87 52.99 37.30
C7 NAG Q . 57.03 55.44 36.93
C8 NAG Q . 58.45 55.53 37.40
N2 NAG Q . 56.18 54.88 37.79
O3 NAG Q . 54.15 56.00 39.44
O4 NAG Q . 51.72 54.54 39.67
O5 NAG Q . 53.10 53.23 36.54
O6 NAG Q . 50.71 51.68 36.77
O7 NAG Q . 56.69 55.84 35.84
C1 NAG Q . 50.63 55.50 39.67
C2 NAG Q . 49.61 55.06 40.72
C3 NAG Q . 48.45 56.05 40.71
C4 NAG Q . 48.98 57.45 41.01
C5 NAG Q . 50.04 57.82 39.98
C6 NAG Q . 50.69 59.15 40.26
C7 NAG Q . 49.36 52.67 41.26
C8 NAG Q . 48.78 51.36 40.82
N2 NAG Q . 49.13 53.72 40.46
O3 NAG Q . 47.50 55.66 41.70
O4 NAG Q . 47.91 58.38 40.95
O5 NAG Q . 51.09 56.84 39.97
O6 NAG Q . 51.45 59.12 41.47
O7 NAG Q . 50.00 52.78 42.29
C1 BMA Q . 47.81 59.20 42.13
C2 BMA Q . 46.90 60.39 41.77
C3 BMA Q . 46.74 61.27 42.99
C4 BMA Q . 46.18 60.45 44.16
C5 BMA Q . 47.14 59.28 44.46
C6 BMA Q . 46.62 58.36 45.55
O2 BMA Q . 45.60 59.95 41.39
O3 BMA Q . 45.86 62.35 42.75
O4 BMA Q . 46.05 61.27 45.31
O5 BMA Q . 47.29 58.49 43.24
O6 BMA Q . 46.48 59.13 46.74
C1 NAG R . 72.75 61.18 31.43
C2 NAG R . 72.34 62.64 31.59
C3 NAG R . 73.43 63.38 32.36
C4 NAG R . 73.65 62.70 33.71
C5 NAG R . 74.00 61.23 33.49
C6 NAG R . 74.14 60.44 34.77
C7 NAG R . 70.91 63.40 29.74
C8 NAG R . 70.88 64.09 28.41
N2 NAG R . 72.12 63.27 30.30
O3 NAG R . 73.03 64.72 32.57
O4 NAG R . 74.74 63.34 34.37
O5 NAG R . 72.96 60.60 32.73
O6 NAG R . 72.88 59.94 35.20
O7 NAG R . 69.90 62.97 30.28
C1 NAG R . 74.37 63.83 35.68
C2 NAG R . 75.65 64.31 36.34
C3 NAG R . 75.32 64.81 37.74
C4 NAG R . 74.29 65.92 37.63
C5 NAG R . 73.05 65.42 36.92
C6 NAG R . 72.01 66.49 36.70
C7 NAG R . 77.61 63.12 35.46
C8 NAG R . 78.55 61.98 35.67
N2 NAG R . 76.65 63.27 36.38
O3 NAG R . 76.51 65.29 38.36
O4 NAG R . 73.94 66.38 38.93
O5 NAG R . 73.41 64.90 35.63
O6 NAG R . 71.77 67.23 37.87
O7 NAG R . 77.70 63.88 34.49
C1 NAG S . 88.04 55.84 18.86
C2 NAG S . 87.64 56.30 17.47
C3 NAG S . 88.71 55.87 16.47
C4 NAG S . 90.05 56.46 16.90
C5 NAG S . 90.38 56.00 18.32
C6 NAG S . 91.65 56.61 18.86
C7 NAG S . 85.21 56.47 17.09
C8 NAG S . 83.98 55.74 16.67
N2 NAG S . 86.35 55.77 17.08
O3 NAG S . 88.37 56.34 15.18
O4 NAG S . 91.07 56.00 16.02
O5 NAG S . 89.32 56.39 19.21
O6 NAG S . 91.98 56.05 20.13
O7 NAG S . 85.19 57.65 17.44
C1 NAG S . 91.65 57.11 15.30
C2 NAG S . 92.94 56.64 14.66
C3 NAG S . 93.56 57.77 13.87
C4 NAG S . 92.57 58.27 12.83
C5 NAG S . 91.29 58.72 13.52
C6 NAG S . 90.22 59.14 12.55
C7 NAG S . 93.87 54.88 16.10
C8 NAG S . 94.89 54.54 17.14
N2 NAG S . 93.87 56.14 15.66
O3 NAG S . 94.76 57.32 13.24
O4 NAG S . 93.13 59.36 12.11
O5 NAG S . 90.75 57.62 14.28
O6 NAG S . 90.67 60.20 11.70
O7 NAG S . 93.08 54.03 15.66
C1 NAG T . -3.10 32.12 33.94
C2 NAG T . -2.82 33.61 34.06
C3 NAG T . -2.93 34.04 35.51
C4 NAG T . -4.31 33.69 36.05
C5 NAG T . -4.51 32.19 35.91
C6 NAG T . -5.89 31.73 36.36
C7 NAG T . -1.29 34.87 32.60
C8 NAG T . 0.15 35.05 32.19
N2 NAG T . -1.51 33.93 33.53
O3 NAG T . -2.70 35.45 35.62
O4 NAG T . -4.55 34.13 37.39
O5 NAG T . -4.38 31.82 34.54
O6 NAG T . -6.89 32.10 35.41
O7 NAG T . -2.19 35.54 32.11
C1 NAG T . -3.43 34.17 38.32
C2 NAG T . -3.86 35.03 39.50
C3 NAG T . -2.72 35.11 40.49
C4 NAG T . -2.33 33.71 40.93
C5 NAG T . -1.94 32.89 39.70
C6 NAG T . -1.63 31.45 40.04
C7 NAG T . -5.52 36.82 39.19
C8 NAG T . -5.75 38.22 38.69
N2 NAG T . -4.27 36.35 39.07
O3 NAG T . -3.12 35.88 41.62
O4 NAG T . -1.23 33.75 41.84
O5 NAG T . -3.04 32.86 38.77
O6 NAG T . -0.54 31.34 40.94
O7 NAG T . -6.43 36.15 39.68
C1 NAG U . 40.93 41.78 49.70
C2 NAG U . 40.88 42.53 51.02
C3 NAG U . 39.46 42.46 51.57
C4 NAG U . 38.48 43.05 50.56
C5 NAG U . 38.62 42.28 49.25
C6 NAG U . 37.76 42.83 48.14
C7 NAG U . 43.05 42.45 52.16
C8 NAG U . 43.88 41.74 53.19
N2 NAG U . 41.81 41.97 51.97
O3 NAG U . 39.39 43.19 52.80
O4 NAG U . 37.14 42.88 51.02
O5 NAG U . 39.97 42.34 48.79
O6 NAG U . 38.18 42.37 46.87
O7 NAG U . 43.48 43.41 51.53
C1 NAG U . 36.44 43.99 51.60
C2 NAG U . 35.18 44.23 50.79
C3 NAG U . 34.32 45.30 51.46
C4 NAG U . 34.01 44.86 52.87
C5 NAG U . 35.32 44.67 53.63
C6 NAG U . 35.14 44.19 55.04
C7 NAG U . 34.65 44.45 48.39
C8 NAG U . 35.13 44.92 47.06
N2 NAG U . 35.49 44.62 49.42
O3 NAG U . 33.12 45.47 50.72
O4 NAG U . 33.08 45.71 53.54
O5 NAG U . 36.11 43.68 52.94
O6 NAG U . 36.37 44.15 55.74
O7 NAG U . 33.54 43.94 48.55
C1 BMA U . 33.36 47.10 53.71
C2 BMA U . 32.39 47.86 52.83
C3 BMA U . 32.53 49.34 53.10
C4 BMA U . 32.29 49.63 54.58
C5 BMA U . 33.30 48.82 55.40
C6 BMA U . 33.09 48.96 56.89
O2 BMA U . 31.04 47.50 53.13
O3 BMA U . 31.61 50.11 52.33
O4 BMA U . 32.45 51.02 54.85
O5 BMA U . 33.15 47.42 55.06
O6 BMA U . 33.19 50.32 57.25
C1 NAG V . -40.44 12.13 -70.99
C2 NAG V . -39.67 13.45 -70.92
C3 NAG V . -38.88 13.65 -72.21
C4 NAG V . -37.95 12.47 -72.43
C5 NAG V . -38.78 11.19 -72.46
C6 NAG V . -37.93 9.94 -72.60
C7 NAG V . -40.34 15.55 -69.79
C8 NAG V . -41.33 16.66 -69.77
N2 NAG V . -40.55 14.59 -70.71
O3 NAG V . -38.13 14.86 -72.12
O4 NAG V . -37.25 12.62 -73.66
O5 NAG V . -39.52 11.06 -71.24
O6 NAG V . -37.12 9.74 -71.46
O7 NAG V . -39.37 15.53 -69.04
C1 NAG W . -79.58 20.37 -30.71
C2 NAG W . -80.71 19.37 -30.92
C3 NAG W . -82.05 20.07 -30.83
C4 NAG W . -82.16 20.73 -29.47
C5 NAG W . -81.00 21.71 -29.28
C6 NAG W . -80.98 22.35 -27.91
C7 NAG W . -80.05 17.47 -32.34
C8 NAG W . -79.98 16.94 -33.74
N2 NAG W . -80.57 18.69 -32.22
O3 NAG W . -83.09 19.13 -31.02
O4 NAG W . -83.39 21.45 -29.37
O5 NAG W . -79.75 21.00 -29.42
O6 NAG W . -79.96 23.33 -27.81
O7 NAG W . -79.65 16.82 -31.39
C1 NAG X . -39.73 15.41 -38.80
C2 NAG X . -38.94 16.24 -37.79
C3 NAG X . -39.11 17.71 -38.13
C4 NAG X . -38.62 17.96 -39.55
C5 NAG X . -39.42 17.08 -40.51
C6 NAG X . -38.95 17.19 -41.95
C7 NAG X . -38.78 15.09 -35.62
C8 NAG X . -39.37 14.94 -34.26
N2 NAG X . -39.38 15.97 -36.44
O3 NAG X . -38.36 18.49 -37.21
O4 NAG X . -38.81 19.33 -39.89
O5 NAG X . -39.28 15.70 -40.13
O6 NAG X . -38.91 18.55 -42.38
O7 NAG X . -37.80 14.45 -35.98
C1 NAG Y . -49.19 -27.05 -57.53
C2 NAG Y . -48.04 -27.76 -58.24
C3 NAG Y . -47.79 -29.10 -57.57
C4 NAG Y . -47.49 -28.89 -56.09
C5 NAG Y . -48.65 -28.13 -55.45
C6 NAG Y . -48.40 -27.80 -53.99
C7 NAG Y . -47.72 -27.19 -60.61
C8 NAG Y . -48.10 -27.51 -62.02
N2 NAG Y . -48.30 -27.93 -59.65
O3 NAG Y . -46.69 -29.75 -58.21
O4 NAG Y . -47.31 -30.13 -55.44
O5 NAG Y . -48.87 -26.89 -56.13
O6 NAG Y . -49.61 -27.51 -53.31
O7 NAG Y . -46.92 -26.29 -60.34
C1 NAG Z . -72.52 -18.96 24.21
C2 NAG Z . -71.84 -17.62 23.90
C3 NAG Z . -72.31 -16.58 24.89
C4 NAG Z . -73.82 -16.46 24.79
C5 NAG Z . -74.46 -17.83 25.06
C6 NAG Z . -75.96 -17.81 24.92
C7 NAG Z . -69.60 -17.79 22.86
C8 NAG Z . -68.14 -17.94 23.13
N2 NAG Z . -70.38 -17.76 23.95
O3 NAG Z . -71.69 -15.33 24.61
O4 NAG Z . -74.30 -15.52 25.75
O5 NAG Z . -73.95 -18.79 24.13
O6 NAG Z . -76.60 -17.52 26.15
O7 NAG Z . -70.05 -17.72 21.73
C1 NAG AA . -54.28 -71.05 17.50
C2 NAG AA . -55.20 -71.93 16.68
C3 NAG AA . -55.24 -73.33 17.29
C4 NAG AA . -53.82 -73.88 17.33
C5 NAG AA . -52.94 -72.95 18.15
C6 NAG AA . -51.48 -73.37 18.18
C7 NAG AA . -57.05 -70.79 15.52
C8 NAG AA . -58.45 -70.27 15.64
N2 NAG AA . -56.55 -71.38 16.62
O3 NAG AA . -56.07 -74.17 16.52
O4 NAG AA . -53.83 -75.17 17.95
O5 NAG AA . -52.97 -71.64 17.56
O6 NAG AA . -51.35 -74.73 18.58
O7 NAG AA . -56.40 -70.67 14.48
C1 NAG BA . 13.44 10.00 47.01
C2 NAG BA . 14.21 11.32 46.94
C3 NAG BA . 14.19 11.97 48.32
C4 NAG BA . 12.75 12.19 48.75
C5 NAG BA . 12.01 10.86 48.75
C6 NAG BA . 10.53 11.00 49.06
C7 NAG BA . 16.37 12.11 46.07
C8 NAG BA . 17.75 11.72 45.64
N2 NAG BA . 15.58 11.11 46.50
O3 NAG BA . 14.87 13.22 48.29
O4 NAG BA . 12.69 12.76 50.05
O5 NAG BA . 12.09 10.26 47.45
O6 NAG BA . 9.83 9.80 48.77
O7 NAG BA . 15.97 13.27 46.03
C1 NAG CA . 53.66 38.33 57.95
C2 NAG CA . 53.32 37.85 59.37
C3 NAG CA . 51.94 38.35 59.74
C4 NAG CA . 51.90 39.87 59.66
C5 NAG CA . 52.28 40.29 58.24
C6 NAG CA . 52.36 41.79 58.08
C7 NAG CA . 54.37 35.75 60.09
C8 NAG CA . 54.27 34.25 60.08
N2 NAG CA . 53.39 36.40 59.46
O3 NAG CA . 51.62 37.93 61.06
O4 NAG CA . 50.60 40.35 59.96
O5 NAG CA . 53.57 39.77 57.91
O6 NAG CA . 51.13 42.41 58.44
O7 NAG CA . 55.30 36.33 60.63
C1 NAG DA . 58.94 23.11 58.57
C2 NAG DA . 58.83 21.60 58.42
C3 NAG DA . 57.36 21.19 58.49
C4 NAG DA . 56.77 21.65 59.80
C5 NAG DA . 56.93 23.17 59.91
C6 NAG DA . 56.45 23.72 61.23
C7 NAG DA . 60.61 20.50 57.11
C8 NAG DA . 61.05 20.11 55.74
N2 NAG DA . 59.43 21.14 57.18
O3 NAG DA . 57.25 19.78 58.37
O4 NAG DA . 55.38 21.32 59.87
O5 NAG DA . 58.32 23.51 59.80
O6 NAG DA . 56.57 25.13 61.29
O7 NAG DA . 61.27 20.25 58.11
C1 NAG EA . -21.21 12.39 33.49
C2 NAG EA . -20.98 13.89 33.59
C3 NAG EA . -20.50 14.23 34.99
C4 NAG EA . -21.53 13.75 36.02
C5 NAG EA . -21.73 12.25 35.85
C6 NAG EA . -22.81 11.70 36.75
C7 NAG EA . -20.35 14.88 31.43
C8 NAG EA . -19.22 15.29 30.55
N2 NAG EA . -20.01 14.34 32.61
O3 NAG EA . -20.30 15.63 35.11
O4 NAG EA . -21.07 14.02 37.34
O5 NAG EA . -22.16 11.98 34.50
O6 NAG EA . -22.99 10.31 36.55
O7 NAG EA . -21.53 15.03 31.09
C1 NAG FA . -5.24 -29.06 26.62
C2 NAG FA . -5.40 -28.25 25.35
C3 NAG FA . -6.62 -27.35 25.49
C4 NAG FA . -7.85 -28.22 25.73
C5 NAG FA . -7.62 -29.07 26.98
C6 NAG FA . -8.75 -30.04 27.25
C7 NAG FA . -3.92 -26.94 23.89
C8 NAG FA . -2.64 -26.16 23.80
N2 NAG FA . -4.20 -27.46 25.09
O3 NAG FA . -6.80 -26.59 24.29
O4 NAG FA . -8.99 -27.40 25.91
O5 NAG FA . -6.43 -29.84 26.84
O6 NAG FA . -8.45 -30.90 28.34
O7 NAG FA . -4.65 -27.09 22.93
C1 NAG GA . 20.44 -26.44 44.81
C2 NAG GA . 20.30 -25.82 46.19
C3 NAG GA . 21.42 -26.31 47.08
C4 NAG GA . 21.37 -27.83 47.15
C5 NAG GA . 21.49 -28.41 45.75
C6 NAG GA . 21.37 -29.91 45.71
C7 NAG GA . 19.19 -23.62 46.13
C8 NAG GA . 19.39 -22.14 46.03
N2 NAG GA . 20.30 -24.37 46.11
O3 NAG GA . 21.27 -25.75 48.38
O4 NAG GA . 22.44 -28.32 47.95
O5 NAG GA . 20.43 -27.88 44.92
O6 NAG GA . 22.44 -30.53 46.40
O7 NAG GA . 18.07 -24.12 46.22
C1 NAG HA . 53.36 -20.98 -0.06
C2 NAG HA . 54.00 -20.87 1.33
C3 NAG HA . 55.06 -21.94 1.47
C4 NAG HA . 54.45 -23.31 1.27
C5 NAG HA . 53.81 -23.35 -0.12
C6 NAG HA . 53.08 -24.65 -0.39
C7 NAG HA . 54.09 -18.66 2.40
C8 NAG HA . 54.82 -17.35 2.46
N2 NAG HA . 54.57 -19.54 1.52
O3 NAG HA . 55.64 -21.86 2.78
O4 NAG HA . 55.43 -24.32 1.38
O5 NAG HA . 52.84 -22.31 -0.23
O6 NAG HA . 53.95 -25.77 -0.37
O7 NAG HA . 53.13 -18.90 3.12
C1 NAG IA . 86.63 4.40 29.84
C2 NAG IA . 87.72 3.70 29.05
C3 NAG IA . 87.55 2.19 29.19
C4 NAG IA . 87.62 1.82 30.67
C5 NAG IA . 86.53 2.59 31.43
C6 NAG IA . 86.59 2.35 32.91
C7 NAG IA . 88.50 4.99 27.11
C8 NAG IA . 88.32 5.25 25.64
N2 NAG IA . 87.69 4.08 27.64
O3 NAG IA . 88.57 1.53 28.47
O4 NAG IA . 87.42 0.43 30.83
O5 NAG IA . 86.71 4.00 31.22
O6 NAG IA . 86.49 0.97 33.23
O7 NAG IA . 89.35 5.57 27.77
C1 NAG JA . 87.13 12.16 15.52
C2 NAG JA . 86.78 12.48 14.07
C3 NAG JA . 86.06 11.29 13.44
C4 NAG JA . 86.97 10.08 13.53
C5 NAG JA . 87.30 9.81 15.00
C6 NAG JA . 88.25 8.65 15.20
C7 NAG JA . 86.39 14.88 13.60
C8 NAG JA . 85.39 15.98 13.58
N2 NAG JA . 85.94 13.68 13.99
O3 NAG JA . 85.77 11.58 12.09
O4 NAG JA . 86.31 8.93 12.99
O5 NAG JA . 87.93 10.97 15.56
O6 NAG JA . 87.69 7.44 14.70
O7 NAG JA . 87.57 15.06 13.28
C1 NAG KA . 22.61 -44.37 -2.59
C2 NAG KA . 22.33 -44.35 -1.09
C3 NAG KA . 23.58 -44.78 -0.35
C4 NAG KA . 24.01 -46.17 -0.82
C5 NAG KA . 24.25 -46.12 -2.32
C6 NAG KA . 24.61 -47.47 -2.91
C7 NAG KA . 20.64 -42.73 -0.35
C8 NAG KA . 20.40 -41.31 0.10
N2 NAG KA . 21.90 -43.03 -0.65
O3 NAG KA . 23.33 -44.80 1.05
O4 NAG KA . 25.21 -46.56 -0.16
O5 NAG KA . 23.05 -45.69 -2.99
O6 NAG KA . 25.79 -47.99 -2.33
O7 NAG KA . 19.72 -43.54 -0.44
C1 NAG LA . -6.73 -36.92 4.05
C2 NAG LA . -7.41 -37.68 2.91
C3 NAG LA . -7.33 -39.17 3.19
C4 NAG LA . -5.87 -39.57 3.32
C5 NAG LA . -5.22 -38.77 4.45
C6 NAG LA . -3.76 -39.04 4.62
C7 NAG LA . -9.22 -36.38 1.86
C8 NAG LA . -10.70 -36.09 1.85
N2 NAG LA . -8.80 -37.27 2.76
O3 NAG LA . -7.93 -39.89 2.12
O4 NAG LA . -5.76 -40.96 3.62
O5 NAG LA . -5.37 -37.37 4.17
O6 NAG LA . -3.01 -38.51 3.53
O7 NAG LA . -8.46 -35.84 1.07
C1 NAG MA . -7.79 -38.06 -12.22
C2 NAG MA . -7.14 -39.44 -12.27
C3 NAG MA . -7.80 -40.25 -13.36
C4 NAG MA . -9.29 -40.37 -13.06
C5 NAG MA . -9.89 -38.98 -12.97
C6 NAG MA . -11.36 -39.00 -12.59
C7 NAG MA . -4.78 -39.69 -11.61
C8 NAG MA . -3.36 -39.50 -12.02
N2 NAG MA . -5.71 -39.32 -12.51
O3 NAG MA . -7.20 -41.55 -13.42
O4 NAG MA . -9.94 -41.12 -14.10
O5 NAG MA . -9.21 -38.21 -11.97
O6 NAG MA . -12.11 -39.79 -13.50
O7 NAG MA . -5.08 -40.14 -10.51
C1 NAG NA . 18.46 -16.62 -34.15
C2 NAG NA . 17.10 -16.40 -33.49
C3 NAG NA . 16.46 -17.75 -33.20
C4 NAG NA . 16.34 -18.55 -34.48
C5 NAG NA . 17.71 -18.73 -35.12
C6 NAG NA . 17.67 -19.43 -36.45
C7 NAG NA . 16.20 -15.07 -31.62
C8 NAG NA . 16.54 -14.31 -30.38
N2 NAG NA . 17.24 -15.63 -32.27
O3 NAG NA . 15.17 -17.58 -32.62
O4 NAG NA . 15.77 -19.83 -34.22
O5 NAG NA . 18.30 -17.43 -35.34
O6 NAG NA . 17.23 -20.78 -36.32
O7 NAG NA . 15.06 -15.18 -32.03
C1 NAG OA . 49.78 -6.74 -33.10
C2 NAG OA . 50.63 -7.96 -33.45
C3 NAG OA . 52.01 -7.49 -33.88
C4 NAG OA . 51.86 -6.56 -35.08
C5 NAG OA . 50.96 -5.39 -34.69
C6 NAG OA . 50.68 -4.45 -35.85
C7 NAG OA . 50.36 -10.17 -32.39
C8 NAG OA . 50.53 -10.96 -31.12
N2 NAG OA . 50.73 -8.88 -32.33
O3 NAG OA . 52.80 -8.61 -34.23
O4 NAG OA . 53.13 -6.07 -35.49
O5 NAG OA . 49.69 -5.87 -34.24
O6 NAG OA . 51.87 -4.08 -36.52
O7 NAG OA . 49.90 -10.66 -33.41
C1 NAG PA . 27.04 42.30 -12.78
C2 NAG PA . 28.54 42.13 -12.67
C3 NAG PA . 29.23 43.28 -13.38
C4 NAG PA . 28.78 43.29 -14.84
C5 NAG PA . 27.27 43.43 -14.90
C6 NAG PA . 26.73 43.34 -16.31
C7 NAG PA . 29.40 40.97 -10.66
C8 NAG PA . 29.78 41.12 -9.22
N2 NAG PA . 28.96 42.08 -11.27
O3 NAG PA . 30.64 43.12 -13.30
O4 NAG PA . 29.39 44.38 -15.53
O5 NAG PA . 26.67 42.35 -14.16
O6 NAG PA . 25.31 43.22 -16.31
O7 NAG PA . 29.47 39.89 -11.25
C1 NAG QA . 72.08 52.69 8.12
C2 NAG QA . 71.66 54.09 7.68
C3 NAG QA . 71.50 54.11 6.17
C4 NAG QA . 72.83 53.70 5.53
C5 NAG QA . 73.22 52.32 6.03
C6 NAG QA . 74.56 51.87 5.52
C7 NAG QA . 70.36 55.46 9.28
C8 NAG QA . 69.01 55.74 9.83
N2 NAG QA . 70.43 54.50 8.33
O3 NAG QA . 71.13 55.42 5.75
O4 NAG QA . 72.68 53.67 4.11
O5 NAG QA . 73.31 52.33 7.47
O6 NAG QA . 74.53 51.63 4.11
O7 NAG QA . 71.36 56.06 9.66
C1 NAG RA . 63.62 58.82 20.43
C2 NAG RA . 62.23 59.38 20.06
C3 NAG RA . 62.40 60.49 19.04
C4 NAG RA . 63.33 61.57 19.58
C5 NAG RA . 64.67 60.94 19.93
C6 NAG RA . 65.65 61.92 20.54
C7 NAG RA . 60.02 58.44 19.55
C8 NAG RA . 59.28 57.28 18.95
N2 NAG RA . 61.36 58.34 19.54
O3 NAG RA . 61.13 61.05 18.70
O4 NAG RA . 63.53 62.58 18.59
O5 NAG RA . 64.46 59.90 20.90
O6 NAG RA . 66.90 61.31 20.80
O7 NAG RA . 59.44 59.41 20.01
C1 NAG SA . 11.91 23.62 -40.31
C2 NAG SA . 13.35 23.44 -40.76
C3 NAG SA . 14.06 24.79 -40.75
C4 NAG SA . 13.32 25.75 -41.68
C5 NAG SA . 11.87 25.87 -41.19
C6 NAG SA . 11.04 26.76 -42.08
C7 NAG SA . 14.23 21.21 -40.21
C8 NAG SA . 14.97 20.38 -39.20
N2 NAG SA . 14.05 22.49 -39.90
O3 NAG SA . 15.40 24.62 -41.20
O4 NAG SA . 13.94 27.02 -41.67
O5 NAG SA . 11.26 24.58 -41.18
O6 NAG SA . 11.62 28.04 -42.22
O7 NAG SA . 13.80 20.72 -41.25
C1 NAG TA . -17.58 23.53 -5.82
C2 NAG TA . -17.20 22.05 -5.76
C3 NAG TA . -17.07 21.51 -7.17
C4 NAG TA . -18.38 21.72 -7.92
C5 NAG TA . -18.72 23.21 -7.93
C6 NAG TA . -20.05 23.52 -8.58
C7 NAG TA . -15.49 20.68 -4.65
C8 NAG TA . -14.21 20.69 -3.87
N2 NAG TA . -15.97 21.87 -5.01
O3 NAG TA . -16.78 20.12 -7.15
O4 NAG TA . -18.26 21.26 -9.26
O5 NAG TA . -18.79 23.69 -6.58
O6 NAG TA . -20.05 23.12 -9.94
O7 NAG TA . -16.07 19.63 -4.93
C1 NAG UA . -2.42 49.79 7.44
C2 NAG UA . -2.65 50.87 6.38
C3 NAG UA . -2.47 52.24 7.03
C4 NAG UA . -3.46 52.37 8.18
C5 NAG UA . -3.22 51.24 9.18
C6 NAG UA . -4.22 51.25 10.31
C7 NAG UA . -2.14 50.32 4.04
C8 NAG UA . -1.07 50.21 3.00
N2 NAG UA . -1.74 50.72 5.26
O3 NAG UA . -2.70 53.26 6.06
O4 NAG UA . -3.27 53.63 8.83
O5 NAG UA . -3.35 49.97 8.52
O6 NAG UA . -3.95 50.23 11.26
O7 NAG UA . -3.31 50.08 3.78
#